data_8RYB
#
_entry.id   8RYB
#
_cell.length_a   1.00
_cell.length_b   1.00
_cell.length_c   1.00
_cell.angle_alpha   90.00
_cell.angle_beta   90.00
_cell.angle_gamma   90.00
#
_symmetry.space_group_name_H-M   'P 1'
#
loop_
_entity.id
_entity.type
_entity.pdbx_description
1 polymer 'GMP reductase'
2 non-polymer "GUANOSINE-5'-MONOPHOSPHATE"
#
_entity_poly.entity_id   1
_entity_poly.type   'polypeptide(L)'
_entity_poly.pdbx_seq_one_letter_code
;MVRFLDGHTPAYDLTYNDVFVVPGRSDVASRFDVDLSTVDGSGTTIPVVVANMTAVAGRRMAETVARRGGIVVLPQDLPI
TAVSETVDFVKSRDLVVDTPVTLSPEDSVSDANALLHKRAHGAAVVVFEGRPIGLVTEANCAGVDRFARVRDIALSDFVT
APVGTDPREVFDLLEHAPIDVAVMTAPDGTLAGVLTRTGAIRAGIYTPAVDAKGRLRIAAAVGINGDVGAKAQALAEAGA
DLLVIDTAHGHQAKMLDAIKAVASLDLGLPLVAGNVVSAEGTRDLIEAGASIVKVGVGPGAMCTTRMMTGVGRPQFSAVV
ECAAAARQLGGHVWADGGVRHPRDVALALAAGASNVMIGSWFAGTYESPGDLLFDRDDRPYKESYGMASKRAVAARTAGD
SSFDRARKGLFEEGISTSRMSLDPARGGVEDLLDHITSGVRSTCTYVGAANLPELHEKVVLGVQSAAGFAEGHPLPAGWT
AAAKEDLEHHHHHHHH
;
_entity_poly.pdbx_strand_id   A,B,C,D,E,F,G,H
#
loop_
_chem_comp.id
_chem_comp.type
_chem_comp.name
_chem_comp.formula
5GP non-polymer GUANOSINE-5'-MONOPHOSPHATE 'C10 H14 N5 O8 P'
#
# COMPACT_ATOMS: atom_id res chain seq x y z
N VAL A 2 5.13 54.61 -10.01
CA VAL A 2 4.47 53.70 -10.93
C VAL A 2 3.05 54.16 -11.21
N ARG A 3 2.45 53.63 -12.27
CA ARG A 3 1.09 53.98 -12.68
C ARG A 3 0.20 52.75 -12.57
N PHE A 4 -0.93 52.91 -11.90
CA PHE A 4 -1.92 51.85 -11.76
C PHE A 4 -3.14 52.16 -12.62
N LEU A 5 -3.92 51.13 -12.89
CA LEU A 5 -5.17 51.31 -13.64
C LEU A 5 -6.16 52.11 -12.81
N ASP A 6 -7.07 52.80 -13.51
CA ASP A 6 -8.06 53.63 -12.83
C ASP A 6 -8.95 52.78 -11.94
N GLY A 7 -9.14 53.22 -10.70
CA GLY A 7 -9.94 52.49 -9.74
C GLY A 7 -9.21 51.41 -8.99
N HIS A 8 -7.95 51.14 -9.32
CA HIS A 8 -7.18 50.09 -8.66
C HIS A 8 -6.42 50.69 -7.47
N THR A 9 -7.18 50.97 -6.41
CA THR A 9 -6.63 51.51 -5.17
C THR A 9 -7.11 50.62 -4.03
N PRO A 10 -6.44 49.49 -3.79
CA PRO A 10 -6.87 48.57 -2.75
C PRO A 10 -6.62 49.14 -1.36
N ALA A 11 -7.31 48.56 -0.38
CA ALA A 11 -7.18 48.96 1.02
C ALA A 11 -6.21 48.07 1.78
N TYR A 12 -5.24 47.49 1.10
CA TYR A 12 -4.25 46.62 1.73
C TYR A 12 -2.97 46.66 0.92
N ASP A 13 -1.87 46.27 1.55
CA ASP A 13 -0.60 46.21 0.85
C ASP A 13 -0.57 45.04 -0.11
N LEU A 14 0.23 45.18 -1.18
CA LEU A 14 0.24 44.25 -2.29
C LEU A 14 1.53 43.44 -2.29
N THR A 15 1.43 42.21 -2.78
CA THR A 15 2.55 41.30 -2.95
C THR A 15 2.82 41.09 -4.44
N TYR A 16 3.77 40.20 -4.73
CA TYR A 16 4.07 39.89 -6.13
C TYR A 16 2.91 39.14 -6.79
N ASN A 17 2.15 38.37 -6.03
CA ASN A 17 1.05 37.59 -6.59
C ASN A 17 -0.21 38.42 -6.81
N ASP A 18 -0.30 39.62 -6.24
CA ASP A 18 -1.48 40.45 -6.33
C ASP A 18 -1.42 41.49 -7.45
N VAL A 19 -0.35 41.51 -8.24
CA VAL A 19 -0.17 42.52 -9.27
C VAL A 19 0.15 41.87 -10.60
N PHE A 20 -0.09 42.61 -11.67
CA PHE A 20 0.21 42.17 -13.02
C PHE A 20 0.58 43.38 -13.87
N VAL A 21 1.25 43.12 -14.99
CA VAL A 21 1.74 44.16 -15.88
C VAL A 21 0.86 44.19 -17.12
N VAL A 22 0.34 45.37 -17.43
CA VAL A 22 -0.52 45.57 -18.60
C VAL A 22 0.35 45.91 -19.80
N PRO A 23 0.24 45.17 -20.91
CA PRO A 23 1.05 45.49 -22.09
C PRO A 23 0.69 46.85 -22.67
N GLY A 24 1.69 47.48 -23.27
CA GLY A 24 1.50 48.75 -23.95
C GLY A 24 2.10 48.73 -25.34
N ARG A 25 1.97 49.87 -26.02
CA ARG A 25 2.53 50.00 -27.36
C ARG A 25 4.04 49.84 -27.30
N SER A 26 4.58 49.00 -28.18
CA SER A 26 5.99 48.63 -28.15
C SER A 26 6.59 48.72 -29.55
N ASP A 27 7.89 49.01 -29.59
CA ASP A 27 8.66 49.00 -30.82
C ASP A 27 9.91 48.15 -30.72
N VAL A 28 10.09 47.42 -29.62
CA VAL A 28 11.26 46.56 -29.45
C VAL A 28 11.03 45.28 -30.23
N ALA A 29 11.92 45.00 -31.19
CA ALA A 29 11.72 43.87 -32.09
C ALA A 29 11.89 42.54 -31.36
N SER A 30 12.97 42.38 -30.60
CA SER A 30 13.30 41.11 -29.99
C SER A 30 13.86 41.33 -28.59
N ARG A 31 14.11 40.23 -27.89
CA ARG A 31 14.67 40.30 -26.54
C ARG A 31 16.07 40.89 -26.55
N PHE A 32 16.87 40.54 -27.56
CA PHE A 32 18.27 40.95 -27.60
C PHE A 32 18.46 42.46 -27.75
N ASP A 33 17.41 43.19 -28.10
CA ASP A 33 17.51 44.65 -28.20
C ASP A 33 17.41 45.34 -26.85
N VAL A 34 17.14 44.61 -25.78
CA VAL A 34 16.96 45.20 -24.46
C VAL A 34 18.30 45.22 -23.73
N ASP A 35 18.61 46.36 -23.12
CA ASP A 35 19.83 46.51 -22.33
C ASP A 35 19.46 46.37 -20.85
N LEU A 36 20.08 45.40 -20.17
CA LEU A 36 19.76 45.09 -18.78
C LEU A 36 20.77 45.66 -17.80
N SER A 37 21.63 46.57 -18.24
CA SER A 37 22.65 47.13 -17.34
C SER A 37 21.99 47.99 -16.27
N THR A 38 22.49 47.86 -15.03
CA THR A 38 21.98 48.65 -13.93
C THR A 38 22.66 50.01 -13.89
N VAL A 39 22.06 50.94 -13.12
CA VAL A 39 22.55 52.30 -13.04
C VAL A 39 22.76 52.70 -11.58
N ASP A 40 22.84 51.71 -10.70
CA ASP A 40 23.01 51.98 -9.27
C ASP A 40 24.48 52.03 -8.85
N GLY A 41 25.41 51.87 -9.78
CA GLY A 41 26.83 51.90 -9.47
C GLY A 41 27.42 50.59 -9.02
N SER A 42 26.62 49.53 -8.91
CA SER A 42 27.15 48.23 -8.50
C SER A 42 28.01 47.60 -9.59
N GLY A 43 27.88 48.05 -10.84
CA GLY A 43 28.65 47.51 -11.93
C GLY A 43 28.10 46.25 -12.55
N THR A 44 26.95 45.76 -12.09
CA THR A 44 26.35 44.56 -12.64
C THR A 44 25.66 44.87 -13.97
N THR A 45 25.92 44.05 -14.98
CA THR A 45 25.26 44.20 -16.26
C THR A 45 23.90 43.53 -16.31
N ILE A 46 23.56 42.71 -15.31
CA ILE A 46 22.23 42.12 -15.18
C ILE A 46 21.71 42.43 -13.78
N PRO A 47 20.40 42.56 -13.59
CA PRO A 47 19.84 42.88 -12.27
C PRO A 47 19.68 41.67 -11.35
N VAL A 48 20.75 40.90 -11.18
CA VAL A 48 20.74 39.72 -10.33
C VAL A 48 21.88 39.83 -9.33
N VAL A 49 21.55 39.69 -8.05
CA VAL A 49 22.53 39.71 -6.96
C VAL A 49 22.30 38.48 -6.09
N VAL A 50 23.38 37.79 -5.74
CA VAL A 50 23.31 36.60 -4.90
C VAL A 50 23.38 37.02 -3.45
N ALA A 51 22.50 36.47 -2.62
CA ALA A 51 22.42 36.85 -1.22
C ALA A 51 23.66 36.40 -0.45
N ASN A 52 23.96 37.11 0.63
CA ASN A 52 25.12 36.83 1.47
C ASN A 52 24.76 35.75 2.49
N MET A 53 24.67 34.52 1.98
CA MET A 53 24.40 33.35 2.81
C MET A 53 25.52 32.33 2.60
N THR A 54 25.91 31.66 3.69
CA THR A 54 26.93 30.63 3.59
C THR A 54 26.46 29.42 2.77
N ALA A 55 25.15 29.22 2.64
CA ALA A 55 24.63 28.13 1.84
C ALA A 55 24.54 28.46 0.35
N VAL A 56 24.73 29.72 -0.03
CA VAL A 56 24.63 30.15 -1.42
C VAL A 56 25.94 30.75 -1.91
N ALA A 57 26.50 31.70 -1.17
CA ALA A 57 27.71 32.38 -1.61
C ALA A 57 28.92 31.48 -1.47
N GLY A 58 29.73 31.42 -2.52
CA GLY A 58 30.93 30.61 -2.52
C GLY A 58 31.82 30.99 -3.68
N ARG A 59 32.99 30.36 -3.72
CA ARG A 59 33.97 30.69 -4.76
C ARG A 59 33.43 30.36 -6.15
N ARG A 60 32.95 29.13 -6.34
CA ARG A 60 32.45 28.72 -7.64
C ARG A 60 31.23 29.54 -8.04
N MET A 61 30.30 29.75 -7.09
CA MET A 61 29.12 30.56 -7.37
C MET A 61 29.51 31.99 -7.71
N ALA A 62 30.45 32.57 -6.96
CA ALA A 62 30.88 33.93 -7.23
C ALA A 62 31.47 34.05 -8.63
N GLU A 63 32.35 33.11 -9.00
CA GLU A 63 32.98 33.14 -10.31
C GLU A 63 31.93 33.00 -11.42
N THR A 64 31.03 32.03 -11.27
CA THR A 64 30.03 31.79 -12.31
C THR A 64 29.09 32.98 -12.47
N VAL A 65 28.65 33.58 -11.36
CA VAL A 65 27.74 34.71 -11.45
C VAL A 65 28.44 35.94 -11.99
N ALA A 66 29.68 36.19 -11.56
CA ALA A 66 30.40 37.36 -12.06
C ALA A 66 30.73 37.24 -13.53
N ARG A 67 30.99 36.02 -14.02
CA ARG A 67 31.28 35.85 -15.44
C ARG A 67 30.08 36.22 -16.30
N ARG A 68 28.86 35.98 -15.82
CA ARG A 68 27.65 36.25 -16.58
C ARG A 68 27.11 37.66 -16.35
N GLY A 69 27.73 38.47 -15.50
CA GLY A 69 27.35 39.85 -15.31
C GLY A 69 26.81 40.17 -13.93
N GLY A 70 26.49 39.17 -13.12
CA GLY A 70 26.00 39.42 -11.78
C GLY A 70 27.11 39.63 -10.77
N ILE A 71 26.71 39.78 -9.51
CA ILE A 71 27.65 39.94 -8.41
C ILE A 71 27.20 39.07 -7.25
N VAL A 72 28.16 38.70 -6.40
CA VAL A 72 27.91 37.86 -5.24
C VAL A 72 28.48 38.55 -4.01
N VAL A 73 27.67 38.65 -2.96
CA VAL A 73 28.09 39.25 -1.70
C VAL A 73 28.50 38.12 -0.76
N LEU A 74 29.74 38.18 -0.27
CA LEU A 74 30.22 37.16 0.65
C LEU A 74 29.53 37.29 2.00
N PRO A 75 29.30 36.17 2.69
CA PRO A 75 28.62 36.24 3.99
C PRO A 75 29.44 36.99 5.02
N GLN A 76 28.75 37.64 5.95
CA GLN A 76 29.41 38.39 7.01
C GLN A 76 30.01 37.42 8.03
N ASP A 77 30.92 37.95 8.85
CA ASP A 77 31.63 37.23 9.89
C ASP A 77 32.53 36.12 9.34
N LEU A 78 32.70 36.04 8.02
CA LEU A 78 33.61 35.06 7.45
C LEU A 78 35.05 35.47 7.77
N PRO A 79 35.94 34.50 8.02
CA PRO A 79 37.33 34.84 8.33
C PRO A 79 37.98 35.63 7.21
N ILE A 80 38.81 36.60 7.59
CA ILE A 80 39.41 37.50 6.62
C ILE A 80 40.35 36.77 5.69
N THR A 81 41.07 35.76 6.18
CA THR A 81 41.98 35.01 5.32
C THR A 81 41.21 34.30 4.21
N ALA A 82 40.11 33.64 4.57
CA ALA A 82 39.29 32.96 3.57
C ALA A 82 38.72 33.96 2.56
N VAL A 83 38.33 35.14 3.05
CA VAL A 83 37.87 36.19 2.14
C VAL A 83 38.96 36.58 1.16
N SER A 84 40.19 36.71 1.65
CA SER A 84 41.31 37.07 0.78
C SER A 84 41.54 36.01 -0.29
N GLU A 85 41.54 34.74 0.11
CA GLU A 85 41.73 33.67 -0.88
C GLU A 85 40.59 33.65 -1.90
N THR A 86 39.35 33.83 -1.43
CA THR A 86 38.21 33.83 -2.34
C THR A 86 38.30 34.99 -3.34
N VAL A 87 38.67 36.17 -2.86
CA VAL A 87 38.79 37.33 -3.75
C VAL A 87 39.90 37.11 -4.76
N ASP A 88 41.05 36.59 -4.31
CA ASP A 88 42.14 36.33 -5.24
C ASP A 88 41.75 35.30 -6.29
N PHE A 89 41.08 34.22 -5.87
CA PHE A 89 40.66 33.20 -6.81
C PHE A 89 39.66 33.76 -7.82
N VAL A 90 38.71 34.57 -7.36
CA VAL A 90 37.71 35.13 -8.26
C VAL A 90 38.37 36.08 -9.26
N LYS A 91 39.27 36.94 -8.79
CA LYS A 91 39.91 37.90 -9.67
C LYS A 91 41.01 37.29 -10.53
N SER A 92 41.40 36.05 -10.26
CA SER A 92 42.39 35.37 -11.10
C SER A 92 41.75 34.52 -12.20
N ARG A 93 40.43 34.56 -12.35
CA ARG A 93 39.76 33.75 -13.35
C ARG A 93 39.75 34.44 -14.71
N ASP A 94 39.46 33.65 -15.74
CA ASP A 94 39.35 34.16 -17.10
C ASP A 94 37.92 34.63 -17.35
N LEU A 95 37.79 35.66 -18.19
CA LEU A 95 36.50 36.27 -18.46
C LEU A 95 35.63 35.44 -19.40
N VAL A 96 36.20 34.45 -20.09
CA VAL A 96 35.47 33.67 -21.08
C VAL A 96 35.48 32.17 -20.73
N VAL A 97 36.65 31.65 -20.38
CA VAL A 97 36.82 30.22 -20.17
C VAL A 97 36.53 29.87 -18.71
N ASP A 98 35.67 28.89 -18.51
CA ASP A 98 35.30 28.45 -17.17
C ASP A 98 36.40 27.59 -16.55
N THR A 99 36.37 27.52 -15.22
CA THR A 99 37.34 26.71 -14.49
C THR A 99 36.77 25.31 -14.26
N PRO A 100 37.39 24.26 -14.80
CA PRO A 100 36.86 22.91 -14.61
C PRO A 100 37.37 22.26 -13.33
N VAL A 101 36.80 21.10 -13.03
CA VAL A 101 37.24 20.29 -11.91
C VAL A 101 38.54 19.58 -12.29
N THR A 102 39.57 19.73 -11.46
CA THR A 102 40.88 19.15 -11.72
C THR A 102 41.08 17.93 -10.82
N LEU A 103 41.72 16.91 -11.38
CA LEU A 103 42.00 15.67 -10.66
C LEU A 103 43.44 15.24 -10.92
N SER A 104 43.96 14.45 -9.99
CA SER A 104 45.27 13.83 -10.11
C SER A 104 45.13 12.34 -10.38
N PRO A 105 46.09 11.73 -11.08
CA PRO A 105 45.99 10.29 -11.34
C PRO A 105 46.00 9.43 -10.09
N GLU A 106 46.52 9.93 -8.97
CA GLU A 106 46.55 9.19 -7.72
C GLU A 106 45.27 9.36 -6.90
N ASP A 107 44.34 10.18 -7.36
CA ASP A 107 43.10 10.41 -6.62
C ASP A 107 42.21 9.17 -6.66
N SER A 108 41.34 9.07 -5.67
CA SER A 108 40.41 7.96 -5.57
C SER A 108 39.25 8.13 -6.54
N VAL A 109 38.61 7.01 -6.88
CA VAL A 109 37.45 7.05 -7.75
C VAL A 109 36.26 7.71 -7.05
N SER A 110 36.10 7.45 -5.75
CA SER A 110 35.02 8.07 -5.00
C SER A 110 35.18 9.59 -4.96
N ASP A 111 36.41 10.06 -4.77
CA ASP A 111 36.65 11.50 -4.77
C ASP A 111 36.32 12.12 -6.13
N ALA A 112 36.69 11.43 -7.22
CA ALA A 112 36.36 11.92 -8.55
C ALA A 112 34.86 11.97 -8.75
N ASN A 113 34.14 10.93 -8.33
CA ASN A 113 32.69 10.91 -8.48
C ASN A 113 32.04 12.04 -7.70
N ALA A 114 32.48 12.25 -6.45
CA ALA A 114 31.92 13.32 -5.63
C ALA A 114 32.23 14.69 -6.23
N LEU A 115 33.43 14.87 -6.78
CA LEU A 115 33.80 16.15 -7.37
C LEU A 115 33.16 16.40 -8.72
N LEU A 116 32.68 15.35 -9.38
CA LEU A 116 32.06 15.52 -10.70
C LEU A 116 30.86 16.47 -10.65
N HIS A 117 30.17 16.53 -9.51
CA HIS A 117 28.99 17.35 -9.36
C HIS A 117 29.28 18.76 -8.85
N LYS A 118 30.56 19.10 -8.66
CA LYS A 118 30.90 20.44 -8.20
C LYS A 118 30.72 21.49 -9.29
N ARG A 119 30.63 21.09 -10.55
CA ARG A 119 30.44 22.01 -11.66
C ARG A 119 29.38 21.45 -12.60
N ALA A 120 28.84 22.33 -13.43
CA ALA A 120 27.80 21.97 -14.39
C ALA A 120 28.37 21.43 -15.69
N HIS A 121 29.70 21.36 -15.83
CA HIS A 121 30.30 20.86 -17.07
C HIS A 121 30.01 19.38 -17.27
N GLY A 122 29.84 18.62 -16.20
CA GLY A 122 29.59 17.20 -16.30
C GLY A 122 30.81 16.33 -16.48
N ALA A 123 32.01 16.91 -16.49
CA ALA A 123 33.22 16.14 -16.65
C ALA A 123 34.36 16.86 -15.93
N ALA A 124 35.40 16.09 -15.60
CA ALA A 124 36.58 16.61 -14.91
C ALA A 124 37.82 16.33 -15.74
N VAL A 125 38.78 17.25 -15.67
CA VAL A 125 40.02 17.16 -16.45
C VAL A 125 41.12 16.64 -15.53
N VAL A 126 41.71 15.51 -15.92
CA VAL A 126 42.85 14.96 -15.19
C VAL A 126 44.10 15.73 -15.58
N VAL A 127 44.84 16.21 -14.59
CA VAL A 127 45.99 17.08 -14.80
C VAL A 127 47.22 16.40 -14.23
N PHE A 128 48.26 16.26 -15.05
CA PHE A 128 49.55 15.71 -14.64
C PHE A 128 50.63 16.68 -15.04
N GLU A 129 51.36 17.20 -14.05
CA GLU A 129 52.41 18.20 -14.26
C GLU A 129 51.88 19.41 -15.01
N GLY A 130 50.64 19.79 -14.72
CA GLY A 130 50.00 20.93 -15.35
C GLY A 130 49.44 20.67 -16.73
N ARG A 131 49.56 19.45 -17.25
CA ARG A 131 49.12 19.13 -18.60
C ARG A 131 47.93 18.19 -18.56
N PRO A 132 46.83 18.51 -19.26
CA PRO A 132 45.70 17.58 -19.32
C PRO A 132 46.12 16.27 -19.99
N ILE A 133 45.62 15.16 -19.45
CA ILE A 133 46.00 13.84 -19.95
C ILE A 133 44.75 13.00 -20.22
N GLY A 134 43.60 13.46 -19.76
CA GLY A 134 42.38 12.69 -19.97
C GLY A 134 41.19 13.38 -19.33
N LEU A 135 40.04 12.71 -19.46
CA LEU A 135 38.77 13.21 -18.97
C LEU A 135 38.07 12.13 -18.15
N VAL A 136 37.38 12.55 -17.09
CA VAL A 136 36.64 11.64 -16.22
C VAL A 136 35.16 12.04 -16.28
N THR A 137 34.32 11.08 -16.62
CA THR A 137 32.87 11.28 -16.68
C THR A 137 32.18 10.26 -15.79
N GLU A 138 30.88 10.48 -15.56
CA GLU A 138 30.12 9.58 -14.70
C GLU A 138 30.03 8.18 -15.29
N ALA A 139 30.07 8.05 -16.62
CA ALA A 139 30.02 6.74 -17.23
C ALA A 139 31.28 5.94 -16.97
N ASN A 140 32.44 6.61 -16.91
CA ASN A 140 33.70 5.91 -16.70
C ASN A 140 33.78 5.31 -15.30
N CYS A 141 33.34 6.07 -14.28
CA CYS A 141 33.44 5.60 -12.91
C CYS A 141 32.42 4.52 -12.58
N ALA A 142 31.36 4.41 -13.37
CA ALA A 142 30.33 3.41 -13.09
C ALA A 142 30.89 2.00 -13.31
N GLY A 143 30.66 1.12 -12.33
CA GLY A 143 31.12 -0.24 -12.41
C GLY A 143 32.54 -0.47 -11.96
N VAL A 144 33.28 0.58 -11.64
CA VAL A 144 34.67 0.48 -11.21
C VAL A 144 34.72 0.47 -9.70
N ASP A 145 35.70 -0.25 -9.15
CA ASP A 145 35.89 -0.30 -7.71
C ASP A 145 36.07 1.12 -7.17
N ARG A 146 35.38 1.40 -6.06
CA ARG A 146 35.34 2.77 -5.54
C ARG A 146 36.71 3.23 -5.07
N PHE A 147 37.58 2.32 -4.66
CA PHE A 147 38.88 2.67 -4.11
C PHE A 147 40.03 2.47 -5.09
N ALA A 148 39.72 2.30 -6.37
CA ALA A 148 40.77 2.28 -7.38
C ALA A 148 41.34 3.69 -7.57
N ARG A 149 42.31 3.81 -8.46
CA ARG A 149 42.95 5.08 -8.73
C ARG A 149 42.39 5.71 -10.00
N VAL A 150 42.63 7.01 -10.16
CA VAL A 150 42.18 7.70 -11.36
C VAL A 150 42.88 7.14 -12.59
N ARG A 151 44.17 6.80 -12.45
CA ARG A 151 44.92 6.24 -13.57
C ARG A 151 44.35 4.92 -14.05
N ASP A 152 43.62 4.20 -13.19
CA ASP A 152 42.97 2.97 -13.62
C ASP A 152 41.76 3.25 -14.51
N ILE A 153 41.11 4.40 -14.30
CA ILE A 153 39.95 4.77 -15.10
C ILE A 153 40.37 4.99 -16.54
N ALA A 154 39.58 4.44 -17.48
CA ALA A 154 39.86 4.61 -18.90
C ALA A 154 39.57 6.03 -19.32
N LEU A 155 40.60 6.88 -19.32
CA LEU A 155 40.44 8.29 -19.63
C LEU A 155 40.04 8.46 -21.10
N SER A 156 39.02 9.29 -21.34
CA SER A 156 38.48 9.48 -22.68
C SER A 156 39.17 10.66 -23.36
N ASP A 157 39.20 10.60 -24.69
CA ASP A 157 39.81 11.66 -25.49
C ASP A 157 38.99 12.95 -25.36
N PHE A 158 39.66 14.07 -25.59
CA PHE A 158 39.05 15.38 -25.40
C PHE A 158 39.42 16.30 -26.56
N VAL A 159 38.49 17.18 -26.92
CA VAL A 159 38.74 18.17 -27.96
C VAL A 159 39.53 19.32 -27.35
N THR A 160 40.64 19.67 -27.98
CA THR A 160 41.56 20.67 -27.47
C THR A 160 41.63 21.85 -28.44
N ALA A 161 41.54 23.07 -27.90
CA ALA A 161 41.65 24.29 -28.67
C ALA A 161 42.48 25.30 -27.89
N PRO A 162 43.29 26.11 -28.57
CA PRO A 162 44.09 27.10 -27.86
C PRO A 162 43.23 28.23 -27.31
N VAL A 163 43.75 28.88 -26.26
CA VAL A 163 43.06 30.04 -25.70
C VAL A 163 43.07 31.19 -26.70
N GLY A 164 42.05 32.03 -26.63
CA GLY A 164 41.87 33.12 -27.56
C GLY A 164 41.12 32.77 -28.81
N THR A 165 40.76 31.49 -29.00
CA THR A 165 39.98 31.08 -30.14
C THR A 165 38.57 31.66 -30.06
N ASP A 166 38.04 32.07 -31.21
CA ASP A 166 36.69 32.61 -31.25
C ASP A 166 35.69 31.53 -30.80
N PRO A 167 34.70 31.89 -29.97
CA PRO A 167 33.74 30.88 -29.50
C PRO A 167 33.00 30.16 -30.61
N ARG A 168 32.83 30.79 -31.78
CA ARG A 168 32.16 30.11 -32.88
C ARG A 168 32.92 28.87 -33.31
N GLU A 169 34.25 28.98 -33.44
CA GLU A 169 35.04 27.81 -33.82
C GLU A 169 34.95 26.71 -32.77
N VAL A 170 35.04 27.08 -31.49
CA VAL A 170 34.95 26.09 -30.43
C VAL A 170 33.59 25.39 -30.45
N PHE A 171 32.53 26.14 -30.70
CA PHE A 171 31.21 25.54 -30.86
C PHE A 171 31.18 24.60 -32.06
N ASP A 172 31.84 24.98 -33.15
CA ASP A 172 31.86 24.14 -34.34
C ASP A 172 32.58 22.81 -34.09
N LEU A 173 33.72 22.85 -33.39
CA LEU A 173 34.46 21.61 -33.15
C LEU A 173 33.72 20.65 -32.24
N LEU A 174 32.80 21.13 -31.42
CA LEU A 174 32.05 20.29 -30.50
C LEU A 174 30.74 19.78 -31.09
N GLU A 175 30.56 19.93 -32.41
CA GLU A 175 29.31 19.49 -33.04
C GLU A 175 29.11 17.98 -32.91
N HIS A 176 30.17 17.21 -33.14
CA HIS A 176 30.10 15.76 -33.09
C HIS A 176 30.95 15.15 -31.98
N ALA A 177 31.45 15.96 -31.07
CA ALA A 177 32.28 15.43 -29.98
C ALA A 177 31.42 14.58 -29.05
N PRO A 178 31.89 13.40 -28.64
CA PRO A 178 31.12 12.58 -27.70
C PRO A 178 30.89 13.26 -26.36
N ILE A 179 31.83 14.08 -25.91
CA ILE A 179 31.71 14.81 -24.65
C ILE A 179 31.68 16.30 -24.98
N ASP A 180 30.67 16.99 -24.47
CA ASP A 180 30.42 18.39 -24.84
C ASP A 180 31.22 19.34 -23.94
N VAL A 181 32.53 19.12 -23.90
CA VAL A 181 33.46 20.02 -23.23
C VAL A 181 34.70 20.18 -24.11
N ALA A 182 35.23 21.40 -24.15
CA ALA A 182 36.44 21.70 -24.92
C ALA A 182 37.46 22.30 -23.97
N VAL A 183 38.62 21.66 -23.86
CA VAL A 183 39.68 22.14 -22.98
C VAL A 183 40.50 23.20 -23.70
N MET A 184 40.76 24.31 -23.03
CA MET A 184 41.56 25.40 -23.57
C MET A 184 42.96 25.33 -22.97
N THR A 185 43.98 25.29 -23.83
CA THR A 185 45.36 25.15 -23.40
C THR A 185 46.15 26.41 -23.74
N ALA A 186 46.96 26.85 -22.78
CA ALA A 186 47.78 28.04 -22.96
C ALA A 186 48.87 27.77 -24.00
N PRO A 187 49.46 28.82 -24.57
CA PRO A 187 50.57 28.61 -25.52
C PRO A 187 51.71 27.80 -24.95
N ASP A 188 51.94 27.89 -23.63
CA ASP A 188 52.89 26.99 -22.99
C ASP A 188 52.43 25.54 -23.13
N GLY A 189 51.12 25.31 -22.97
CA GLY A 189 50.56 23.97 -23.00
C GLY A 189 49.89 23.53 -21.72
N THR A 190 49.83 24.37 -20.70
CA THR A 190 49.18 24.01 -19.45
C THR A 190 47.67 24.22 -19.56
N LEU A 191 46.95 23.70 -18.57
CA LEU A 191 45.50 23.85 -18.55
C LEU A 191 45.11 25.28 -18.23
N ALA A 192 44.26 25.86 -19.08
CA ALA A 192 43.73 27.20 -18.84
C ALA A 192 42.25 27.19 -18.46
N GLY A 193 41.52 26.14 -18.78
CA GLY A 193 40.12 26.06 -18.46
C GLY A 193 39.39 25.12 -19.42
N VAL A 194 38.07 25.15 -19.32
CA VAL A 194 37.21 24.33 -20.18
C VAL A 194 36.11 25.21 -20.75
N LEU A 195 35.57 24.77 -21.88
CA LEU A 195 34.48 25.48 -22.55
C LEU A 195 33.50 24.48 -23.11
N THR A 196 32.22 24.88 -23.17
CA THR A 196 31.16 24.04 -23.68
C THR A 196 30.41 24.79 -24.77
N ARG A 197 29.56 24.06 -25.50
CA ARG A 197 28.73 24.68 -26.52
C ARG A 197 27.80 25.73 -25.92
N THR A 198 27.14 25.37 -24.82
CA THR A 198 26.27 26.33 -24.14
C THR A 198 27.07 27.51 -23.60
N GLY A 199 28.26 27.24 -23.05
CA GLY A 199 29.11 28.33 -22.60
C GLY A 199 29.57 29.23 -23.74
N ALA A 200 29.90 28.62 -24.88
CA ALA A 200 30.28 29.41 -26.05
C ALA A 200 29.13 30.29 -26.53
N ILE A 201 27.90 29.76 -26.49
CA ILE A 201 26.74 30.57 -26.86
C ILE A 201 26.55 31.71 -25.86
N ARG A 202 26.67 31.41 -24.57
CA ARG A 202 26.47 32.44 -23.55
C ARG A 202 27.54 33.51 -23.60
N ALA A 203 28.74 33.17 -24.08
CA ALA A 203 29.83 34.15 -24.11
C ALA A 203 29.47 35.36 -24.96
N GLY A 204 28.72 35.17 -26.03
CA GLY A 204 28.30 36.26 -26.89
C GLY A 204 27.06 37.00 -26.46
N ILE A 205 26.43 36.59 -25.36
CA ILE A 205 25.19 37.20 -24.88
C ILE A 205 25.43 38.01 -23.61
N TYR A 206 26.14 37.43 -22.64
CA TYR A 206 26.36 38.06 -21.35
C TYR A 206 27.70 38.78 -21.35
N THR A 207 27.70 40.04 -20.92
CA THR A 207 28.93 40.80 -20.75
C THR A 207 29.37 40.70 -19.31
N PRO A 208 30.55 40.16 -19.01
CA PRO A 208 30.97 40.00 -17.62
C PRO A 208 31.10 41.35 -16.91
N ALA A 209 30.77 41.34 -15.63
CA ALA A 209 30.91 42.52 -14.78
C ALA A 209 32.33 42.58 -14.25
N VAL A 210 33.07 43.63 -14.65
CA VAL A 210 34.48 43.76 -14.33
C VAL A 210 34.72 45.11 -13.67
N ASP A 211 35.81 45.18 -12.91
CA ASP A 211 36.22 46.41 -12.25
C ASP A 211 37.05 47.25 -13.21
N ALA A 212 37.72 48.28 -12.68
CA ALA A 212 38.55 49.15 -13.51
C ALA A 212 39.76 48.42 -14.07
N LYS A 213 40.19 47.34 -13.42
CA LYS A 213 41.34 46.57 -13.88
C LYS A 213 40.97 45.41 -14.79
N GLY A 214 39.69 45.24 -15.09
CA GLY A 214 39.27 44.15 -15.96
C GLY A 214 39.16 42.80 -15.30
N ARG A 215 38.94 42.77 -13.98
CA ARG A 215 38.79 41.53 -13.24
C ARG A 215 37.37 41.42 -12.69
N LEU A 216 36.93 40.17 -12.49
CA LEU A 216 35.57 39.92 -12.04
C LEU A 216 35.29 40.59 -10.71
N ARG A 217 34.10 41.19 -10.60
CA ARG A 217 33.74 41.91 -9.39
C ARG A 217 33.25 40.97 -8.31
N ILE A 218 33.38 41.41 -7.06
CA ILE A 218 32.93 40.64 -5.90
C ILE A 218 32.63 41.61 -4.77
N ALA A 219 31.73 41.21 -3.88
CA ALA A 219 31.31 42.05 -2.76
C ALA A 219 31.37 41.24 -1.47
N ALA A 220 31.47 41.97 -0.36
CA ALA A 220 31.53 41.37 0.97
C ALA A 220 30.57 42.09 1.90
N ALA A 221 30.07 41.37 2.90
CA ALA A 221 29.09 41.88 3.83
C ALA A 221 29.71 42.01 5.23
N VAL A 222 29.25 43.01 5.97
CA VAL A 222 29.71 43.26 7.34
C VAL A 222 28.49 43.38 8.25
N GLY A 223 28.70 43.04 9.51
CA GLY A 223 27.70 43.22 10.54
C GLY A 223 27.79 44.58 11.19
N ILE A 224 26.96 44.77 12.21
CA ILE A 224 26.95 46.00 12.99
C ILE A 224 27.49 45.81 14.39
N ASN A 225 27.92 44.60 14.75
CA ASN A 225 28.51 44.33 16.05
C ASN A 225 30.01 44.53 16.01
N GLY A 226 30.57 44.91 17.15
CA GLY A 226 32.00 45.14 17.22
C GLY A 226 32.42 46.40 16.46
N ASP A 227 33.67 46.40 16.02
CA ASP A 227 34.23 47.54 15.29
C ASP A 227 33.85 47.40 13.82
N VAL A 228 32.80 48.11 13.41
CA VAL A 228 32.34 48.02 12.02
C VAL A 228 33.34 48.69 11.09
N GLY A 229 33.89 49.84 11.49
CA GLY A 229 34.80 50.56 10.62
C GLY A 229 36.07 49.78 10.31
N ALA A 230 36.65 49.14 11.33
CA ALA A 230 37.87 48.37 11.11
C ALA A 230 37.63 47.21 10.16
N LYS A 231 36.51 46.48 10.35
CA LYS A 231 36.20 45.37 9.46
C LYS A 231 35.94 45.85 8.04
N ALA A 232 35.22 46.97 7.90
CA ALA A 232 34.94 47.51 6.57
C ALA A 232 36.24 47.91 5.87
N GLN A 233 37.14 48.59 6.59
CA GLN A 233 38.42 48.98 5.99
C GLN A 233 39.25 47.77 5.61
N ALA A 234 39.27 46.74 6.48
CA ALA A 234 40.03 45.54 6.17
C ALA A 234 39.49 44.83 4.94
N LEU A 235 38.16 44.75 4.81
CA LEU A 235 37.57 44.10 3.65
C LEU A 235 37.80 44.93 2.39
N ALA A 236 37.75 46.26 2.50
CA ALA A 236 38.05 47.11 1.35
C ALA A 236 39.50 46.92 0.89
N GLU A 237 40.43 46.81 1.84
CA GLU A 237 41.82 46.55 1.47
C GLU A 237 41.99 45.15 0.87
N ALA A 238 41.10 44.21 1.20
CA ALA A 238 41.20 42.86 0.68
C ALA A 238 40.82 42.77 -0.79
N GLY A 239 40.21 43.81 -1.36
CA GLY A 239 39.85 43.82 -2.76
C GLY A 239 38.37 43.77 -3.05
N ALA A 240 37.51 43.93 -2.05
CA ALA A 240 36.07 43.94 -2.28
C ALA A 240 35.67 45.18 -3.08
N ASP A 241 34.77 44.98 -4.04
CA ASP A 241 34.32 46.07 -4.91
C ASP A 241 33.08 46.77 -4.38
N LEU A 242 32.41 46.21 -3.36
CA LEU A 242 31.20 46.82 -2.82
C LEU A 242 30.98 46.27 -1.42
N LEU A 243 30.50 47.12 -0.52
CA LEU A 243 30.30 46.76 0.88
C LEU A 243 28.82 46.77 1.22
N VAL A 244 28.39 45.74 1.94
CA VAL A 244 27.01 45.61 2.40
C VAL A 244 27.01 45.50 3.91
N ILE A 245 26.20 46.32 4.57
CA ILE A 245 26.01 46.25 6.01
C ILE A 245 24.61 45.71 6.25
N ASP A 246 24.51 44.43 6.60
CA ASP A 246 23.24 43.73 6.69
C ASP A 246 22.85 43.49 8.14
N THR A 247 21.59 43.78 8.45
CA THR A 247 21.05 43.49 9.78
C THR A 247 19.56 43.24 9.63
N ALA A 248 18.99 42.56 10.63
CA ALA A 248 17.58 42.20 10.57
C ALA A 248 16.68 43.44 10.58
N HIS A 249 16.98 44.41 11.43
CA HIS A 249 16.20 45.65 11.55
C HIS A 249 17.13 46.82 11.27
N GLY A 250 17.03 47.40 10.08
CA GLY A 250 17.92 48.46 9.67
C GLY A 250 17.54 49.85 10.14
N HIS A 251 16.35 50.02 10.73
CA HIS A 251 15.91 51.33 11.20
C HIS A 251 16.15 51.43 12.71
N GLN A 252 17.44 51.44 13.07
CA GLN A 252 17.83 51.55 14.47
C GLN A 252 19.09 52.41 14.58
N ALA A 253 19.36 52.86 15.81
CA ALA A 253 20.50 53.74 16.06
C ALA A 253 21.82 53.08 15.68
N LYS A 254 22.05 51.86 16.19
CA LYS A 254 23.26 51.10 15.88
C LYS A 254 23.57 51.10 14.39
N MET A 255 22.57 50.75 13.56
CA MET A 255 22.75 50.74 12.12
C MET A 255 23.26 52.08 11.60
N LEU A 256 22.61 53.17 12.01
CA LEU A 256 23.01 54.49 11.53
C LEU A 256 24.43 54.84 11.97
N ASP A 257 24.78 54.51 13.21
CA ASP A 257 26.13 54.77 13.69
C ASP A 257 27.16 53.98 12.89
N ALA A 258 26.85 52.72 12.57
CA ALA A 258 27.74 51.93 11.74
C ALA A 258 27.89 52.54 10.35
N ILE A 259 26.78 53.01 9.78
CA ILE A 259 26.83 53.65 8.46
C ILE A 259 27.73 54.87 8.50
N LYS A 260 27.57 55.70 9.54
CA LYS A 260 28.39 56.90 9.67
C LYS A 260 29.87 56.55 9.83
N ALA A 261 30.16 55.54 10.64
CA ALA A 261 31.55 55.13 10.84
C ALA A 261 32.17 54.62 9.55
N VAL A 262 31.42 53.83 8.77
CA VAL A 262 31.94 53.32 7.51
C VAL A 262 32.15 54.45 6.52
N ALA A 263 31.19 55.38 6.43
CA ALA A 263 31.29 56.47 5.47
C ALA A 263 32.39 57.45 5.85
N SER A 264 32.73 57.55 7.13
CA SER A 264 33.80 58.46 7.55
C SER A 264 35.17 58.03 7.03
N LEU A 265 35.33 56.76 6.68
CA LEU A 265 36.63 56.28 6.20
C LEU A 265 36.92 56.69 4.76
N ASP A 266 35.90 57.10 4.00
CA ASP A 266 36.06 57.53 2.61
C ASP A 266 36.75 56.45 1.78
N LEU A 267 36.27 55.22 1.91
CA LEU A 267 36.83 54.11 1.16
C LEU A 267 36.57 54.24 -0.33
N GLY A 268 35.50 54.95 -0.71
CA GLY A 268 35.16 55.15 -2.11
C GLY A 268 34.29 54.07 -2.72
N LEU A 269 34.03 52.98 -1.99
CA LEU A 269 33.18 51.92 -2.49
C LEU A 269 31.71 52.23 -2.23
N PRO A 270 30.80 51.72 -3.07
CA PRO A 270 29.37 51.89 -2.80
C PRO A 270 28.98 51.17 -1.51
N LEU A 271 28.00 51.74 -0.81
CA LEU A 271 27.53 51.24 0.46
C LEU A 271 26.09 50.76 0.33
N VAL A 272 25.83 49.55 0.81
CA VAL A 272 24.49 48.97 0.82
C VAL A 272 24.10 48.72 2.27
N ALA A 273 22.93 49.22 2.67
CA ALA A 273 22.46 49.12 4.04
C ALA A 273 21.01 48.66 4.06
N GLY A 274 20.65 47.93 5.10
CA GLY A 274 19.29 47.44 5.25
C GLY A 274 19.16 46.68 6.56
N ASN A 275 17.96 46.15 6.79
CA ASN A 275 16.85 46.29 5.84
C ASN A 275 15.72 47.14 6.44
N VAL A 276 15.07 47.93 5.58
CA VAL A 276 13.93 48.74 5.99
C VAL A 276 12.81 48.53 4.98
N VAL A 277 11.58 48.76 5.43
CA VAL A 277 10.41 48.60 4.58
C VAL A 277 9.54 49.85 4.65
N SER A 278 10.14 50.97 5.01
CA SER A 278 9.43 52.23 5.14
C SER A 278 10.22 53.35 4.49
N ALA A 279 9.50 54.38 4.04
CA ALA A 279 10.16 55.53 3.42
C ALA A 279 11.04 56.27 4.42
N GLU A 280 10.58 56.38 5.67
CA GLU A 280 11.37 57.05 6.70
C GLU A 280 12.69 56.32 6.93
N GLY A 281 12.66 54.99 6.93
CA GLY A 281 13.90 54.22 7.09
C GLY A 281 14.87 54.48 5.96
N THR A 282 14.39 54.52 4.72
CA THR A 282 15.27 54.81 3.59
C THR A 282 15.83 56.23 3.68
N ARG A 283 15.01 57.19 4.09
CA ARG A 283 15.50 58.56 4.24
C ARG A 283 16.58 58.62 5.31
N ASP A 284 16.38 57.91 6.43
CA ASP A 284 17.39 57.91 7.49
C ASP A 284 18.67 57.24 7.03
N LEU A 285 18.57 56.13 6.30
CA LEU A 285 19.77 55.41 5.87
C LEU A 285 20.54 56.21 4.82
N ILE A 286 19.83 56.82 3.87
CA ILE A 286 20.50 57.59 2.82
C ILE A 286 21.20 58.81 3.40
N GLU A 287 20.53 59.53 4.30
CA GLU A 287 21.15 60.69 4.93
C GLU A 287 22.35 60.29 5.76
N ALA A 288 22.35 59.08 6.32
CA ALA A 288 23.49 58.62 7.11
C ALA A 288 24.72 58.34 6.26
N GLY A 289 24.55 58.16 4.94
CA GLY A 289 25.67 57.95 4.06
C GLY A 289 25.58 56.71 3.19
N ALA A 290 24.44 56.01 3.25
CA ALA A 290 24.26 54.80 2.46
C ALA A 290 23.80 55.16 1.05
N SER A 291 24.54 54.69 0.05
CA SER A 291 24.18 54.95 -1.34
C SER A 291 23.02 54.08 -1.80
N ILE A 292 22.98 52.83 -1.34
CA ILE A 292 21.96 51.87 -1.74
C ILE A 292 21.29 51.32 -0.49
N VAL A 293 19.96 51.26 -0.50
CA VAL A 293 19.17 50.81 0.63
C VAL A 293 18.64 49.42 0.33
N LYS A 294 18.83 48.49 1.26
CA LYS A 294 18.32 47.13 1.13
C LYS A 294 16.90 47.09 1.69
N VAL A 295 15.98 46.51 0.92
CA VAL A 295 14.55 46.57 1.22
C VAL A 295 14.03 45.15 1.41
N GLY A 296 13.31 44.94 2.51
CA GLY A 296 12.62 43.69 2.76
C GLY A 296 12.82 43.14 4.14
N VAL A 297 11.72 42.94 4.88
CA VAL A 297 11.74 42.34 6.20
C VAL A 297 10.55 41.40 6.31
N GLY A 298 10.79 40.10 6.19
CA GLY A 298 9.72 39.14 6.24
C GLY A 298 9.61 38.18 5.07
N PRO A 299 9.76 38.66 3.82
CA PRO A 299 9.57 37.76 2.67
C PRO A 299 10.71 36.78 2.45
N GLY A 300 11.72 36.76 3.31
CA GLY A 300 12.77 35.76 3.16
C GLY A 300 12.20 34.36 3.31
N ALA A 301 12.71 33.43 2.49
CA ALA A 301 12.21 32.07 2.51
C ALA A 301 12.52 31.36 3.82
N MET A 302 13.55 31.81 4.54
CA MET A 302 13.92 31.24 5.83
C MET A 302 13.64 32.19 6.98
N CYS A 303 12.95 33.30 6.73
CA CYS A 303 12.64 34.27 7.76
C CYS A 303 11.34 33.90 8.46
N THR A 304 11.38 33.84 9.78
CA THR A 304 10.23 33.47 10.60
C THR A 304 9.72 34.66 11.41
N THR A 305 10.08 35.88 11.01
CA THR A 305 9.68 37.06 11.77
C THR A 305 8.16 37.21 11.79
N ARG A 306 7.49 36.92 10.67
CA ARG A 306 6.04 37.07 10.61
C ARG A 306 5.33 36.07 11.50
N MET A 307 5.93 34.90 11.72
CA MET A 307 5.33 33.89 12.58
C MET A 307 5.73 34.05 14.04
N MET A 308 6.94 34.53 14.29
CA MET A 308 7.39 34.75 15.66
C MET A 308 6.89 36.07 16.23
N THR A 309 6.72 37.09 15.38
CA THR A 309 6.44 38.44 15.85
C THR A 309 5.30 39.14 15.13
N GLY A 310 4.86 38.65 13.97
CA GLY A 310 3.87 39.37 13.20
C GLY A 310 4.37 40.65 12.57
N VAL A 311 5.67 40.91 12.65
CA VAL A 311 6.27 42.12 12.09
C VAL A 311 6.73 41.82 10.66
N GLY A 312 6.39 42.72 9.75
CA GLY A 312 6.75 42.52 8.36
C GLY A 312 5.92 43.44 7.47
N ARG A 313 6.03 43.20 6.17
CA ARG A 313 5.30 43.97 5.18
C ARG A 313 5.34 43.26 3.83
N PRO A 314 4.25 43.26 3.08
CA PRO A 314 4.28 42.70 1.73
C PRO A 314 5.33 43.39 0.87
N GLN A 315 6.01 42.60 0.04
CA GLN A 315 7.23 43.07 -0.61
C GLN A 315 6.94 44.17 -1.63
N PHE A 316 5.86 44.05 -2.40
CA PHE A 316 5.65 44.98 -3.52
C PHE A 316 5.44 46.41 -3.02
N SER A 317 4.56 46.59 -2.03
CA SER A 317 4.30 47.94 -1.52
C SER A 317 5.53 48.54 -0.87
N ALA A 318 6.25 47.73 -0.08
CA ALA A 318 7.47 48.22 0.54
C ALA A 318 8.50 48.64 -0.50
N VAL A 319 8.65 47.84 -1.55
CA VAL A 319 9.63 48.15 -2.58
C VAL A 319 9.24 49.41 -3.33
N VAL A 320 7.97 49.58 -3.68
CA VAL A 320 7.58 50.79 -4.41
C VAL A 320 7.76 52.02 -3.54
N GLU A 321 7.38 51.94 -2.26
CA GLU A 321 7.53 53.10 -1.37
C GLU A 321 9.00 53.45 -1.17
N CYS A 322 9.84 52.45 -0.92
CA CYS A 322 11.25 52.70 -0.71
C CYS A 322 11.92 53.23 -1.97
N ALA A 323 11.54 52.71 -3.14
CA ALA A 323 12.10 53.19 -4.39
C ALA A 323 11.72 54.65 -4.64
N ALA A 324 10.45 55.00 -4.39
CA ALA A 324 10.04 56.38 -4.55
C ALA A 324 10.80 57.30 -3.60
N ALA A 325 10.94 56.89 -2.33
CA ALA A 325 11.66 57.70 -1.37
C ALA A 325 13.12 57.88 -1.77
N ALA A 326 13.77 56.80 -2.21
CA ALA A 326 15.17 56.88 -2.61
C ALA A 326 15.35 57.78 -3.83
N ARG A 327 14.58 57.52 -4.89
CA ARG A 327 14.66 58.35 -6.08
C ARG A 327 14.42 59.82 -5.75
N GLN A 328 13.51 60.09 -4.80
CA GLN A 328 13.31 61.47 -4.37
C GLN A 328 14.61 62.08 -3.88
N LEU A 329 15.35 61.34 -3.06
CA LEU A 329 16.64 61.78 -2.54
C LEU A 329 17.81 61.37 -3.42
N GLY A 330 17.54 60.83 -4.60
CA GLY A 330 18.61 60.43 -5.51
C GLY A 330 19.36 59.19 -5.08
N GLY A 331 18.65 58.18 -4.57
CA GLY A 331 19.27 56.93 -4.18
C GLY A 331 18.74 55.74 -4.95
N HIS A 332 19.13 54.53 -4.53
CA HIS A 332 18.68 53.31 -5.17
C HIS A 332 18.33 52.29 -4.10
N VAL A 333 17.46 51.34 -4.47
CA VAL A 333 17.00 50.30 -3.56
C VAL A 333 17.21 48.94 -4.21
N TRP A 334 17.30 47.93 -3.36
CA TRP A 334 17.44 46.54 -3.78
C TRP A 334 16.30 45.71 -3.22
N ALA A 335 15.72 44.85 -4.05
CA ALA A 335 14.68 43.92 -3.61
C ALA A 335 15.35 42.67 -3.05
N ASP A 336 15.02 42.33 -1.80
CA ASP A 336 15.63 41.22 -1.10
C ASP A 336 14.55 40.27 -0.62
N GLY A 337 14.65 39.00 -1.01
CA GLY A 337 13.75 37.97 -0.54
C GLY A 337 12.46 37.92 -1.31
N GLY A 338 11.80 36.76 -1.22
CA GLY A 338 10.51 36.55 -1.84
C GLY A 338 10.54 36.19 -3.31
N VAL A 339 11.71 35.94 -3.88
CA VAL A 339 11.83 35.62 -5.30
C VAL A 339 11.73 34.12 -5.49
N ARG A 340 10.78 33.68 -6.30
CA ARG A 340 10.61 32.26 -6.60
C ARG A 340 10.58 32.03 -8.11
N HIS A 341 10.15 33.04 -8.85
CA HIS A 341 9.97 32.96 -10.29
C HIS A 341 10.50 34.23 -10.93
N PRO A 342 10.81 34.21 -12.22
CA PRO A 342 11.21 35.45 -12.90
C PRO A 342 10.14 36.53 -12.88
N ARG A 343 8.88 36.16 -12.67
CA ARG A 343 7.82 37.15 -12.50
C ARG A 343 8.13 38.07 -11.32
N ASP A 344 8.65 37.51 -10.22
CA ASP A 344 8.99 38.34 -9.06
C ASP A 344 10.09 39.34 -9.40
N VAL A 345 11.12 38.90 -10.13
CA VAL A 345 12.20 39.80 -10.52
C VAL A 345 11.68 40.90 -11.43
N ALA A 346 10.85 40.53 -12.41
CA ALA A 346 10.31 41.52 -13.33
C ALA A 346 9.44 42.55 -12.60
N LEU A 347 8.62 42.08 -11.66
CA LEU A 347 7.77 43.00 -10.91
C LEU A 347 8.58 43.90 -10.00
N ALA A 348 9.64 43.36 -9.38
CA ALA A 348 10.49 44.19 -8.54
C ALA A 348 11.21 45.26 -9.35
N LEU A 349 11.69 44.89 -10.55
CA LEU A 349 12.31 45.88 -11.43
C LEU A 349 11.31 46.93 -11.86
N ALA A 350 10.09 46.51 -12.22
CA ALA A 350 9.06 47.48 -12.58
C ALA A 350 8.64 48.33 -11.39
N ALA A 351 8.78 47.79 -10.17
CA ALA A 351 8.42 48.54 -8.98
C ALA A 351 9.32 49.74 -8.77
N GLY A 352 10.57 49.67 -9.22
CA GLY A 352 11.50 50.78 -9.10
C GLY A 352 12.84 50.36 -8.54
N ALA A 353 12.99 49.09 -8.20
CA ALA A 353 14.25 48.60 -7.67
C ALA A 353 15.32 48.58 -8.76
N SER A 354 16.57 48.81 -8.34
CA SER A 354 17.69 48.77 -9.25
C SER A 354 18.26 47.37 -9.42
N ASN A 355 18.23 46.57 -8.37
CA ASN A 355 18.71 45.19 -8.42
C ASN A 355 17.78 44.32 -7.59
N VAL A 356 17.80 43.02 -7.87
CA VAL A 356 16.98 42.04 -7.17
C VAL A 356 17.92 41.00 -6.58
N MET A 357 18.01 40.98 -5.25
CA MET A 357 18.86 40.03 -4.56
C MET A 357 18.12 38.71 -4.38
N ILE A 358 18.65 37.65 -4.99
CA ILE A 358 18.06 36.32 -4.93
C ILE A 358 18.83 35.50 -3.91
N GLY A 359 18.09 34.78 -3.06
CA GLY A 359 18.71 34.02 -1.98
C GLY A 359 18.64 32.52 -2.14
N SER A 360 17.69 31.89 -1.44
CA SER A 360 17.63 30.43 -1.35
C SER A 360 17.30 29.76 -2.68
N TRP A 361 16.84 30.52 -3.69
CA TRP A 361 16.55 29.91 -4.99
C TRP A 361 17.81 29.34 -5.63
N PHE A 362 18.92 30.07 -5.53
CA PHE A 362 20.18 29.62 -6.11
C PHE A 362 20.85 28.51 -5.31
N ALA A 363 20.34 28.20 -4.11
CA ALA A 363 20.95 27.15 -3.30
C ALA A 363 20.79 25.77 -3.94
N GLY A 364 19.75 25.58 -4.74
CA GLY A 364 19.54 24.31 -5.42
C GLY A 364 20.27 24.22 -6.75
N THR A 365 21.57 24.53 -6.74
CA THR A 365 22.39 24.48 -7.93
C THR A 365 23.69 23.77 -7.63
N TYR A 366 24.40 23.38 -8.69
CA TYR A 366 25.70 22.73 -8.52
C TYR A 366 26.71 23.67 -7.88
N GLU A 367 26.69 24.95 -8.26
CA GLU A 367 27.70 25.90 -7.80
C GLU A 367 27.53 26.28 -6.33
N SER A 368 26.42 25.92 -5.70
CA SER A 368 26.22 26.27 -4.30
C SER A 368 27.18 25.47 -3.43
N PRO A 369 27.69 26.08 -2.35
CA PRO A 369 28.66 25.37 -1.49
C PRO A 369 28.10 24.13 -0.82
N GLY A 370 26.79 24.01 -0.68
CA GLY A 370 26.22 22.86 0.00
C GLY A 370 26.51 21.58 -0.77
N ASP A 371 26.73 20.50 -0.01
CA ASP A 371 27.01 19.21 -0.62
C ASP A 371 25.76 18.63 -1.27
N LEU A 372 25.94 18.02 -2.44
CA LEU A 372 24.82 17.43 -3.15
C LEU A 372 24.30 16.19 -2.43
N LEU A 373 22.99 16.08 -2.30
CA LEU A 373 22.34 14.95 -1.64
C LEU A 373 21.27 14.38 -2.54
N PHE A 374 20.99 13.10 -2.37
CA PHE A 374 19.98 12.40 -3.14
C PHE A 374 18.84 11.95 -2.24
N ASP A 375 17.61 12.16 -2.71
CA ASP A 375 16.42 11.83 -1.93
C ASP A 375 16.19 10.33 -1.95
N ARG A 376 15.07 9.90 -1.36
CA ARG A 376 14.73 8.48 -1.36
C ARG A 376 14.48 7.96 -2.77
N ASP A 377 13.92 8.80 -3.64
CA ASP A 377 13.68 8.45 -5.03
C ASP A 377 14.85 8.83 -5.93
N ASP A 378 16.05 8.98 -5.37
CA ASP A 378 17.27 9.32 -6.10
C ASP A 378 17.19 10.68 -6.78
N ARG A 379 16.26 11.53 -6.35
CA ARG A 379 16.17 12.88 -6.89
C ARG A 379 17.21 13.77 -6.22
N PRO A 380 18.09 14.43 -6.97
CA PRO A 380 19.11 15.27 -6.36
C PRO A 380 18.50 16.48 -5.67
N TYR A 381 19.11 16.87 -4.55
CA TYR A 381 18.66 18.04 -3.80
C TYR A 381 19.80 18.52 -2.92
N LYS A 382 19.67 19.76 -2.46
CA LYS A 382 20.65 20.34 -1.55
C LYS A 382 19.91 21.08 -0.44
N GLU A 383 20.48 21.04 0.77
CA GLU A 383 19.90 21.70 1.92
C GLU A 383 20.35 23.14 2.00
N SER A 384 19.42 24.03 2.32
CA SER A 384 19.68 25.45 2.50
C SER A 384 19.21 25.87 3.88
N TYR A 385 19.83 26.93 4.41
CA TYR A 385 19.50 27.40 5.74
C TYR A 385 19.73 28.91 5.83
N GLY A 386 19.05 29.53 6.79
CA GLY A 386 19.12 30.96 6.96
C GLY A 386 20.26 31.41 7.86
N MET A 387 20.53 32.71 7.83
CA MET A 387 21.70 33.26 8.52
C MET A 387 21.49 33.40 10.01
N ALA A 388 20.23 33.34 10.47
CA ALA A 388 19.89 33.37 11.89
C ALA A 388 20.59 34.49 12.65
N SER A 389 21.33 34.14 13.71
CA SER A 389 21.84 35.14 14.63
C SER A 389 22.85 36.08 13.98
N LYS A 390 23.50 35.65 12.90
CA LYS A 390 24.46 36.50 12.21
C LYS A 390 23.84 37.83 11.77
N ARG A 391 22.53 37.86 11.57
CA ARG A 391 21.84 39.09 11.20
C ARG A 391 21.29 39.85 12.40
N ALA A 392 21.45 39.31 13.61
CA ALA A 392 20.91 39.92 14.82
C ALA A 392 21.97 40.75 15.53
N VAL A 393 21.49 41.62 16.42
CA VAL A 393 22.39 42.47 17.19
C VAL A 393 22.90 41.70 18.39
N ALA A 394 24.22 41.65 18.55
CA ALA A 394 24.82 40.94 19.66
C ALA A 394 24.67 41.72 20.96
N SER A 401 32.11 32.84 29.20
CA SER A 401 31.33 32.14 30.23
C SER A 401 30.19 31.33 29.60
N SER A 402 30.27 30.01 29.77
CA SER A 402 29.24 29.12 29.26
C SER A 402 27.85 29.56 29.72
N PHE A 403 27.73 30.02 30.96
CA PHE A 403 26.43 30.44 31.49
C PHE A 403 25.86 31.60 30.70
N ASP A 404 26.68 32.64 30.46
CA ASP A 404 26.22 33.78 29.68
C ASP A 404 25.91 33.39 28.25
N ARG A 405 26.72 32.51 27.66
CA ARG A 405 26.47 32.05 26.31
C ARG A 405 25.12 31.34 26.21
N ALA A 406 24.84 30.44 27.16
CA ALA A 406 23.56 29.73 27.14
C ALA A 406 22.41 30.69 27.39
N ARG A 407 22.58 31.65 28.29
CA ARG A 407 21.51 32.62 28.56
C ARG A 407 21.21 33.44 27.31
N LYS A 408 22.24 33.87 26.59
CA LYS A 408 22.02 34.62 25.36
C LYS A 408 21.38 33.75 24.28
N GLY A 409 21.81 32.48 24.18
CA GLY A 409 21.26 31.60 23.17
C GLY A 409 19.90 31.02 23.48
N LEU A 410 19.40 31.21 24.69
CA LEU A 410 18.06 30.73 25.02
C LEU A 410 17.00 31.42 24.18
N PHE A 411 17.13 32.73 23.99
CA PHE A 411 16.16 33.51 23.22
C PHE A 411 16.53 33.64 21.76
N GLU A 412 17.68 33.10 21.34
CA GLU A 412 18.09 33.22 19.96
C GLU A 412 17.18 32.40 19.05
N GLU A 413 16.93 32.93 17.85
CA GLU A 413 16.06 32.25 16.91
C GLU A 413 16.75 31.01 16.34
N GLY A 414 15.98 29.96 16.12
CA GLY A 414 16.52 28.74 15.56
C GLY A 414 16.86 28.88 14.08
N ILE A 415 17.70 27.97 13.61
CA ILE A 415 18.13 27.96 12.22
C ILE A 415 17.11 27.17 11.41
N SER A 416 16.43 27.86 10.50
CA SER A 416 15.48 27.20 9.63
C SER A 416 16.19 26.44 8.52
N THR A 417 15.56 25.37 8.05
CA THR A 417 16.13 24.55 6.98
C THR A 417 15.02 24.05 6.07
N SER A 418 15.37 23.80 4.81
CA SER A 418 14.44 23.28 3.83
C SER A 418 15.23 22.63 2.71
N ARG A 419 14.55 21.79 1.94
CA ARG A 419 15.15 21.06 0.83
C ARG A 419 14.87 21.78 -0.47
N MET A 420 15.92 22.01 -1.27
CA MET A 420 15.80 22.66 -2.56
C MET A 420 16.16 21.64 -3.63
N SER A 421 15.15 21.21 -4.39
CA SER A 421 15.38 20.21 -5.43
C SER A 421 16.10 20.82 -6.62
N LEU A 422 16.91 20.00 -7.29
CA LEU A 422 17.65 20.42 -8.47
C LEU A 422 16.88 20.05 -9.73
N ASP A 423 16.63 21.04 -10.57
CA ASP A 423 15.95 20.77 -11.84
C ASP A 423 16.88 20.01 -12.77
N PRO A 424 16.45 18.88 -13.32
CA PRO A 424 17.34 18.12 -14.23
C PRO A 424 17.80 18.92 -15.43
N ALA A 425 16.94 19.79 -15.97
CA ALA A 425 17.31 20.62 -17.10
C ALA A 425 17.94 21.95 -16.70
N ARG A 426 17.90 22.30 -15.41
CA ARG A 426 18.45 23.55 -14.90
C ARG A 426 19.29 23.29 -13.66
N GLY A 427 20.18 22.29 -13.75
CA GLY A 427 21.03 21.97 -12.61
C GLY A 427 21.99 23.08 -12.26
N GLY A 428 22.58 23.73 -13.27
CA GLY A 428 23.51 24.80 -13.02
C GLY A 428 22.82 26.13 -12.80
N VAL A 429 23.56 27.05 -12.16
CA VAL A 429 23.02 28.38 -11.90
C VAL A 429 22.92 29.20 -13.18
N GLU A 430 23.72 28.86 -14.20
CA GLU A 430 23.64 29.56 -15.47
C GLU A 430 22.28 29.36 -16.14
N ASP A 431 21.70 28.17 -16.00
CA ASP A 431 20.37 27.94 -16.54
C ASP A 431 19.33 28.82 -15.87
N LEU A 432 19.42 28.97 -14.54
CA LEU A 432 18.51 29.87 -13.83
C LEU A 432 18.73 31.32 -14.25
N LEU A 433 19.99 31.70 -14.46
CA LEU A 433 20.27 33.05 -14.95
C LEU A 433 19.65 33.28 -16.33
N ASP A 434 19.75 32.28 -17.21
CA ASP A 434 19.12 32.38 -18.52
C ASP A 434 17.61 32.50 -18.39
N HIS A 435 17.02 31.71 -17.50
CA HIS A 435 15.58 31.79 -17.26
C HIS A 435 15.17 33.19 -16.84
N ILE A 436 15.85 33.74 -15.84
CA ILE A 436 15.49 35.05 -15.30
C ILE A 436 15.71 36.14 -16.34
N THR A 437 16.83 36.09 -17.06
CA THR A 437 17.10 37.11 -18.06
C THR A 437 16.10 37.05 -19.20
N SER A 438 15.70 35.85 -19.63
CA SER A 438 14.68 35.72 -20.65
C SER A 438 13.36 36.30 -20.17
N GLY A 439 12.99 36.01 -18.92
CA GLY A 439 11.76 36.57 -18.38
C GLY A 439 11.78 38.09 -18.35
N VAL A 440 12.90 38.67 -17.89
CA VAL A 440 13.00 40.12 -17.80
C VAL A 440 12.98 40.76 -19.19
N ARG A 441 13.67 40.14 -20.15
CA ARG A 441 13.68 40.67 -21.51
C ARG A 441 12.29 40.62 -22.14
N SER A 442 11.56 39.52 -21.91
CA SER A 442 10.20 39.43 -22.42
C SER A 442 9.31 40.48 -21.76
N THR A 443 9.49 40.71 -20.46
CA THR A 443 8.73 41.77 -19.79
C THR A 443 9.02 43.12 -20.41
N CYS A 444 10.29 43.41 -20.69
CA CYS A 444 10.65 44.69 -21.29
C CYS A 444 10.06 44.83 -22.69
N THR A 445 10.08 43.76 -23.48
CA THR A 445 9.48 43.82 -24.80
C THR A 445 7.97 44.04 -24.72
N TYR A 446 7.31 43.37 -23.78
CA TYR A 446 5.86 43.58 -23.62
C TYR A 446 5.56 45.01 -23.20
N VAL A 447 6.33 45.57 -22.28
CA VAL A 447 6.10 46.95 -21.85
C VAL A 447 6.46 47.90 -22.98
N GLY A 448 7.53 47.63 -23.71
CA GLY A 448 7.98 48.52 -24.76
C GLY A 448 9.15 49.38 -24.34
N ALA A 449 10.05 48.81 -23.55
CA ALA A 449 11.18 49.53 -22.99
C ALA A 449 12.48 48.88 -23.44
N ALA A 450 13.45 49.73 -23.79
CA ALA A 450 14.77 49.25 -24.20
C ALA A 450 15.75 49.12 -23.04
N ASN A 451 15.39 49.61 -21.85
CA ASN A 451 16.29 49.55 -20.71
C ASN A 451 15.45 49.60 -19.43
N LEU A 452 16.11 49.29 -18.31
CA LEU A 452 15.41 49.26 -17.03
C LEU A 452 14.79 50.61 -16.63
N PRO A 453 15.47 51.75 -16.77
CA PRO A 453 14.79 53.02 -16.47
C PRO A 453 13.54 53.24 -17.29
N GLU A 454 13.56 52.88 -18.57
CA GLU A 454 12.36 52.97 -19.39
C GLU A 454 11.31 51.97 -18.93
N LEU A 455 11.74 50.80 -18.44
CA LEU A 455 10.79 49.83 -17.89
C LEU A 455 10.08 50.40 -16.68
N HIS A 456 10.80 51.10 -15.80
CA HIS A 456 10.18 51.72 -14.64
C HIS A 456 9.27 52.88 -15.05
N GLU A 457 9.67 53.62 -16.09
CA GLU A 457 8.91 54.81 -16.47
C GLU A 457 7.61 54.44 -17.18
N LYS A 458 7.65 53.47 -18.08
CA LYS A 458 6.53 53.18 -18.96
C LYS A 458 5.60 52.08 -18.44
N VAL A 459 5.93 51.44 -17.33
CA VAL A 459 5.14 50.29 -16.86
C VAL A 459 3.80 50.77 -16.31
N VAL A 460 2.76 49.97 -16.55
CA VAL A 460 1.44 50.20 -15.99
C VAL A 460 1.03 48.95 -15.21
N LEU A 461 0.66 49.13 -13.96
CA LEU A 461 0.38 48.01 -13.06
C LEU A 461 -1.12 47.84 -12.85
N GLY A 462 -1.50 46.63 -12.45
CA GLY A 462 -2.88 46.33 -12.16
C GLY A 462 -2.98 45.45 -10.92
N VAL A 463 -4.20 45.32 -10.41
CA VAL A 463 -4.48 44.54 -9.22
C VAL A 463 -5.43 43.40 -9.60
N GLN A 464 -5.12 42.20 -9.13
CA GLN A 464 -5.93 41.02 -9.41
C GLN A 464 -6.25 40.31 -8.11
N SER A 465 -7.33 39.54 -8.14
CA SER A 465 -7.77 38.78 -6.97
C SER A 465 -7.05 37.43 -6.93
N ALA A 466 -7.48 36.56 -6.01
CA ALA A 466 -6.86 35.24 -5.89
C ALA A 466 -7.10 34.40 -7.15
N ALA A 467 -8.30 34.49 -7.72
CA ALA A 467 -8.59 33.72 -8.93
C ALA A 467 -7.79 34.20 -10.12
N GLY A 468 -7.42 35.49 -10.14
CA GLY A 468 -6.63 36.00 -11.25
C GLY A 468 -5.24 35.39 -11.32
N PHE A 469 -4.64 35.13 -10.15
CA PHE A 469 -3.30 34.54 -10.12
C PHE A 469 -3.30 33.13 -10.71
N ALA A 470 -4.33 32.34 -10.41
CA ALA A 470 -4.42 30.98 -10.91
C ALA A 470 -4.67 30.92 -12.42
N GLU A 471 -5.01 32.05 -13.04
CA GLU A 471 -5.24 32.08 -14.47
C GLU A 471 -3.95 31.80 -15.23
N GLY A 472 -4.05 31.02 -16.30
CA GLY A 472 -2.89 30.64 -17.08
C GLY A 472 -2.47 29.22 -16.82
N HIS A 473 -1.28 28.89 -17.35
CA HIS A 473 -0.76 27.54 -17.21
C HIS A 473 -0.44 27.23 -15.75
N PRO A 474 -0.80 26.04 -15.27
CA PRO A 474 -0.49 25.64 -13.89
C PRO A 474 0.94 25.96 -13.50
N LEU A 475 1.10 26.62 -12.36
CA LEU A 475 2.43 26.93 -11.85
C LEU A 475 3.18 25.64 -11.51
N PRO A 476 4.51 25.63 -11.67
CA PRO A 476 5.30 24.42 -11.40
C PRO A 476 5.18 23.94 -9.95
N VAL B 2 -21.84 47.12 -20.32
CA VAL B 2 -22.56 46.24 -19.42
C VAL B 2 -23.04 46.99 -18.19
N ARG B 3 -23.99 46.40 -17.47
CA ARG B 3 -24.56 47.01 -16.27
C ARG B 3 -24.23 46.13 -15.07
N PHE B 4 -23.68 46.74 -14.02
CA PHE B 4 -23.38 46.06 -12.77
C PHE B 4 -24.37 46.48 -11.70
N LEU B 5 -24.45 45.66 -10.65
CA LEU B 5 -25.29 46.00 -9.51
C LEU B 5 -24.75 47.21 -8.78
N ASP B 6 -25.64 47.94 -8.10
CA ASP B 6 -25.24 49.14 -7.38
C ASP B 6 -24.24 48.80 -6.29
N GLY B 7 -23.15 49.57 -6.24
CA GLY B 7 -22.11 49.33 -5.26
C GLY B 7 -21.08 48.30 -5.66
N HIS B 8 -21.26 47.63 -6.79
CA HIS B 8 -20.32 46.60 -7.23
C HIS B 8 -19.25 47.22 -8.12
N THR B 9 -18.34 47.94 -7.48
CA THR B 9 -17.21 48.59 -8.15
C THR B 9 -15.94 48.16 -7.45
N PRO B 10 -15.41 46.99 -7.77
CA PRO B 10 -14.21 46.50 -7.10
C PRO B 10 -12.98 47.29 -7.50
N ALA B 11 -11.93 47.18 -6.67
CA ALA B 11 -10.66 47.85 -6.91
C ALA B 11 -9.65 46.93 -7.58
N TYR B 12 -10.12 45.96 -8.36
CA TYR B 12 -9.24 45.04 -9.06
C TYR B 12 -9.95 44.53 -10.30
N ASP B 13 -9.17 44.00 -11.23
CA ASP B 13 -9.75 43.45 -12.45
C ASP B 13 -10.43 42.11 -12.15
N LEU B 14 -11.43 41.78 -12.95
CA LEU B 14 -12.30 40.64 -12.71
C LEU B 14 -12.03 39.53 -13.71
N THR B 15 -12.23 38.29 -13.27
CA THR B 15 -12.11 37.11 -14.09
C THR B 15 -13.49 36.48 -14.29
N TYR B 16 -13.51 35.32 -14.96
CA TYR B 16 -14.77 34.62 -15.14
C TYR B 16 -15.32 34.08 -13.83
N ASN B 17 -14.46 33.75 -12.88
CA ASN B 17 -14.91 33.19 -11.61
C ASN B 17 -15.39 34.25 -10.63
N ASP B 18 -15.12 35.53 -10.89
CA ASP B 18 -15.47 36.61 -9.98
C ASP B 18 -16.79 37.29 -10.34
N VAL B 19 -17.49 36.83 -11.37
CA VAL B 19 -18.71 37.49 -11.83
C VAL B 19 -19.84 36.46 -11.95
N PHE B 20 -21.06 36.98 -11.93
CA PHE B 20 -22.25 36.15 -12.08
C PHE B 20 -23.32 36.99 -12.79
N VAL B 21 -24.30 36.29 -13.36
CA VAL B 21 -25.37 36.91 -14.13
C VAL B 21 -26.65 36.89 -13.29
N VAL B 22 -27.26 38.07 -13.12
CA VAL B 22 -28.49 38.20 -12.36
C VAL B 22 -29.68 37.99 -13.28
N PRO B 23 -30.59 37.08 -12.97
CA PRO B 23 -31.76 36.87 -13.84
C PRO B 23 -32.65 38.10 -13.87
N GLY B 24 -33.32 38.27 -15.02
CA GLY B 24 -34.28 39.35 -15.19
C GLY B 24 -35.59 38.83 -15.76
N ARG B 25 -36.52 39.75 -15.95
CA ARG B 25 -37.81 39.41 -16.54
C ARG B 25 -37.62 38.86 -17.94
N SER B 26 -38.24 37.72 -18.22
CA SER B 26 -38.03 37.01 -19.46
C SER B 26 -39.36 36.58 -20.07
N ASP B 27 -39.38 36.48 -21.40
CA ASP B 27 -40.53 35.97 -22.13
C ASP B 27 -40.15 34.86 -23.10
N VAL B 28 -38.90 34.40 -23.07
CA VAL B 28 -38.46 33.32 -23.94
C VAL B 28 -38.95 31.99 -23.36
N ALA B 29 -39.75 31.27 -24.14
CA ALA B 29 -40.38 30.06 -23.63
C ALA B 29 -39.36 28.94 -23.41
N SER B 30 -38.52 28.69 -24.40
CA SER B 30 -37.61 27.55 -24.36
C SER B 30 -36.27 27.95 -24.96
N ARG B 31 -35.32 27.01 -24.89
CA ARG B 31 -33.98 27.25 -25.45
C ARG B 31 -34.02 27.41 -26.96
N PHE B 32 -34.88 26.63 -27.63
CA PHE B 32 -34.92 26.62 -29.08
C PHE B 32 -35.39 27.93 -29.69
N ASP B 33 -35.97 28.83 -28.90
CA ASP B 33 -36.39 30.12 -29.40
C ASP B 33 -35.25 31.13 -29.49
N VAL B 34 -34.06 30.77 -29.03
CA VAL B 34 -32.92 31.67 -29.02
C VAL B 34 -32.13 31.50 -30.31
N ASP B 35 -31.77 32.62 -30.94
CA ASP B 35 -30.95 32.63 -32.14
C ASP B 35 -29.51 32.94 -31.75
N LEU B 36 -28.59 32.04 -32.08
CA LEU B 36 -27.20 32.16 -31.68
C LEU B 36 -26.30 32.65 -32.81
N SER B 37 -26.87 33.16 -33.89
CA SER B 37 -26.07 33.62 -35.02
C SER B 37 -25.26 34.86 -34.64
N THR B 38 -24.01 34.89 -35.07
CA THR B 38 -23.14 36.03 -34.81
C THR B 38 -23.37 37.13 -35.85
N VAL B 39 -22.88 38.33 -35.52
CA VAL B 39 -23.08 39.49 -36.38
C VAL B 39 -21.74 40.15 -36.69
N ASP B 40 -20.64 39.41 -36.50
CA ASP B 40 -19.31 39.95 -36.73
C ASP B 40 -18.81 39.70 -38.15
N GLY B 41 -19.62 39.07 -39.00
CA GLY B 41 -19.22 38.80 -40.37
C GLY B 41 -18.45 37.52 -40.57
N SER B 42 -18.15 36.77 -39.50
CA SER B 42 -17.43 35.51 -39.65
C SER B 42 -18.28 34.43 -40.29
N GLY B 43 -19.61 34.59 -40.31
CA GLY B 43 -20.49 33.61 -40.89
C GLY B 43 -20.85 32.44 -40.00
N THR B 44 -20.37 32.42 -38.76
CA THR B 44 -20.67 31.33 -37.84
C THR B 44 -22.07 31.50 -37.28
N THR B 45 -22.85 30.41 -37.30
CA THR B 45 -24.18 30.43 -36.70
C THR B 45 -24.16 30.16 -35.21
N ILE B 46 -23.02 29.73 -34.66
CA ILE B 46 -22.85 29.58 -33.21
C ILE B 46 -21.59 30.34 -32.80
N PRO B 47 -21.52 30.86 -31.58
CA PRO B 47 -20.35 31.63 -31.13
C PRO B 47 -19.20 30.77 -30.63
N VAL B 48 -18.79 29.80 -31.44
CA VAL B 48 -17.70 28.90 -31.10
C VAL B 48 -16.67 28.93 -32.22
N VAL B 49 -15.41 29.19 -31.87
CA VAL B 49 -14.30 29.20 -32.81
C VAL B 49 -13.19 28.32 -32.25
N VAL B 50 -12.61 27.47 -33.09
CA VAL B 50 -11.54 26.58 -32.68
C VAL B 50 -10.21 27.30 -32.89
N ALA B 51 -9.35 27.22 -31.87
CA ALA B 51 -8.08 27.94 -31.90
C ALA B 51 -7.15 27.35 -32.96
N ASN B 52 -6.23 28.20 -33.45
CA ASN B 52 -5.28 27.82 -34.49
C ASN B 52 -4.06 27.15 -33.84
N MET B 53 -4.28 25.91 -33.40
CA MET B 53 -3.23 25.09 -32.82
C MET B 53 -3.13 23.78 -33.59
N THR B 54 -1.89 23.31 -33.78
CA THR B 54 -1.68 22.03 -34.48
C THR B 54 -2.24 20.86 -33.69
N ALA B 55 -2.40 21.00 -32.37
CA ALA B 55 -2.96 19.94 -31.56
C ALA B 55 -4.48 19.91 -31.57
N VAL B 56 -5.14 20.94 -32.11
CA VAL B 56 -6.59 21.04 -32.14
C VAL B 56 -7.12 21.12 -33.56
N ALA B 57 -6.57 22.03 -34.37
CA ALA B 57 -7.08 22.23 -35.72
C ALA B 57 -6.66 21.09 -36.63
N GLY B 58 -7.62 20.57 -37.39
CA GLY B 58 -7.35 19.48 -38.31
C GLY B 58 -8.49 19.32 -39.27
N ARG B 59 -8.32 18.40 -40.23
CA ARG B 59 -9.33 18.19 -41.25
C ARG B 59 -10.64 17.70 -40.64
N ARG B 60 -10.58 16.64 -39.84
CA ARG B 60 -11.79 16.09 -39.23
C ARG B 60 -12.43 17.10 -38.30
N MET B 61 -11.62 17.77 -37.47
CA MET B 61 -12.16 18.77 -36.57
C MET B 61 -12.79 19.92 -37.33
N ALA B 62 -12.14 20.38 -38.40
CA ALA B 62 -12.69 21.47 -39.20
C ALA B 62 -14.02 21.09 -39.81
N GLU B 63 -14.10 19.88 -40.38
CA GLU B 63 -15.36 19.44 -40.99
C GLU B 63 -16.46 19.32 -39.95
N THR B 64 -16.17 18.70 -38.81
CA THR B 64 -17.19 18.50 -37.79
C THR B 64 -17.67 19.83 -37.22
N VAL B 65 -16.76 20.77 -36.97
CA VAL B 65 -17.16 22.05 -36.40
C VAL B 65 -17.93 22.88 -37.42
N ALA B 66 -17.49 22.87 -38.69
CA ALA B 66 -18.17 23.65 -39.71
C ALA B 66 -19.56 23.09 -40.00
N ARG B 67 -19.74 21.77 -39.89
CA ARG B 67 -21.06 21.20 -40.13
C ARG B 67 -22.07 21.66 -39.08
N ARG B 68 -21.62 21.89 -37.85
CA ARG B 68 -22.51 22.30 -36.76
C ARG B 68 -22.65 23.81 -36.63
N GLY B 69 -21.95 24.59 -37.46
CA GLY B 69 -22.11 26.03 -37.48
C GLY B 69 -20.89 26.81 -37.06
N GLY B 70 -19.88 26.16 -36.47
CA GLY B 70 -18.68 26.85 -36.06
C GLY B 70 -17.67 26.97 -37.19
N ILE B 71 -16.51 27.52 -36.85
CA ILE B 71 -15.41 27.69 -37.79
C ILE B 71 -14.12 27.26 -37.12
N VAL B 72 -13.15 26.85 -37.93
CA VAL B 72 -11.84 26.42 -37.46
C VAL B 72 -10.77 27.20 -38.20
N VAL B 73 -9.82 27.76 -37.45
CA VAL B 73 -8.70 28.51 -38.01
C VAL B 73 -7.50 27.56 -38.09
N LEU B 74 -6.96 27.40 -39.29
CA LEU B 74 -5.81 26.54 -39.47
C LEU B 74 -4.57 27.16 -38.84
N PRO B 75 -3.66 26.36 -38.31
CA PRO B 75 -2.45 26.90 -37.68
C PRO B 75 -1.58 27.63 -38.68
N GLN B 76 -0.88 28.65 -38.19
CA GLN B 76 0.03 29.40 -39.04
C GLN B 76 1.28 28.59 -39.34
N ASP B 77 2.01 29.03 -40.37
CA ASP B 77 3.25 28.41 -40.85
C ASP B 77 3.03 27.00 -41.39
N LEU B 78 1.78 26.57 -41.53
CA LEU B 78 1.51 25.27 -42.14
C LEU B 78 1.82 25.32 -43.63
N PRO B 79 2.35 24.24 -44.20
CA PRO B 79 2.67 24.25 -45.64
C PRO B 79 1.44 24.55 -46.48
N ILE B 80 1.65 25.31 -47.56
CA ILE B 80 0.54 25.77 -48.38
C ILE B 80 -0.14 24.61 -49.10
N THR B 81 0.62 23.58 -49.49
CA THR B 81 0.01 22.43 -50.15
C THR B 81 -0.96 21.71 -49.22
N ALA B 82 -0.53 21.48 -47.97
CA ALA B 82 -1.41 20.83 -47.00
C ALA B 82 -2.65 21.69 -46.72
N VAL B 83 -2.48 23.01 -46.69
CA VAL B 83 -3.62 23.89 -46.53
C VAL B 83 -4.59 23.73 -47.69
N SER B 84 -4.06 23.63 -48.92
CA SER B 84 -4.92 23.45 -50.09
C SER B 84 -5.70 22.15 -50.01
N GLU B 85 -5.02 21.05 -49.66
CA GLU B 85 -5.72 19.77 -49.53
C GLU B 85 -6.77 19.82 -48.43
N THR B 86 -6.45 20.44 -47.30
CA THR B 86 -7.42 20.54 -46.20
C THR B 86 -8.64 21.35 -46.62
N VAL B 87 -8.42 22.47 -47.31
CA VAL B 87 -9.55 23.31 -47.74
C VAL B 87 -10.40 22.56 -48.75
N ASP B 88 -9.77 21.86 -49.70
CA ASP B 88 -10.53 21.11 -50.68
C ASP B 88 -11.34 19.99 -50.03
N PHE B 89 -10.74 19.28 -49.08
CA PHE B 89 -11.45 18.21 -48.38
C PHE B 89 -12.62 18.76 -47.59
N VAL B 90 -12.42 19.89 -46.90
CA VAL B 90 -13.49 20.47 -46.10
C VAL B 90 -14.63 20.94 -47.00
N LYS B 91 -14.31 21.61 -48.11
CA LYS B 91 -15.34 22.12 -49.00
C LYS B 91 -15.97 21.05 -49.86
N SER B 92 -15.41 19.85 -49.90
CA SER B 92 -15.98 18.74 -50.65
C SER B 92 -16.91 17.87 -49.81
N ARG B 93 -17.15 18.23 -48.55
CA ARG B 93 -17.98 17.41 -47.67
C ARG B 93 -19.46 17.74 -47.87
N ASP B 94 -20.31 16.83 -47.37
CA ASP B 94 -21.74 17.02 -47.39
C ASP B 94 -22.20 17.79 -46.15
N LEU B 95 -23.25 18.58 -46.33
CA LEU B 95 -23.74 19.44 -45.25
C LEU B 95 -24.53 18.69 -44.20
N VAL B 96 -24.93 17.44 -44.45
CA VAL B 96 -25.75 16.67 -43.54
C VAL B 96 -25.08 15.37 -43.14
N VAL B 97 -24.53 14.63 -44.10
CA VAL B 97 -24.00 13.30 -43.86
C VAL B 97 -22.53 13.41 -43.49
N ASP B 98 -22.16 12.78 -42.37
CA ASP B 98 -20.78 12.79 -41.90
C ASP B 98 -19.92 11.84 -42.71
N THR B 99 -18.60 12.09 -42.68
CA THR B 99 -17.64 11.24 -43.37
C THR B 99 -17.15 10.16 -42.43
N PRO B 100 -17.38 8.88 -42.73
CA PRO B 100 -16.93 7.80 -41.84
C PRO B 100 -15.51 7.37 -42.14
N VAL B 101 -14.99 6.51 -41.27
CA VAL B 101 -13.68 5.91 -41.48
C VAL B 101 -13.80 4.80 -42.51
N THR B 102 -12.96 4.85 -43.54
CA THR B 102 -12.99 3.89 -44.63
C THR B 102 -11.83 2.91 -44.49
N LEU B 103 -12.10 1.65 -44.82
CA LEU B 103 -11.09 0.60 -44.73
C LEU B 103 -11.15 -0.27 -45.98
N SER B 104 -10.03 -0.93 -46.27
CA SER B 104 -9.93 -1.88 -47.36
C SER B 104 -9.85 -3.29 -46.79
N PRO B 105 -10.33 -4.30 -47.54
CA PRO B 105 -10.26 -5.68 -47.05
C PRO B 105 -8.85 -6.17 -46.81
N GLU B 106 -7.84 -5.58 -47.46
CA GLU B 106 -6.45 -5.98 -47.27
C GLU B 106 -5.79 -5.28 -46.09
N ASP B 107 -6.48 -4.37 -45.42
CA ASP B 107 -5.89 -3.65 -44.31
C ASP B 107 -5.71 -4.57 -43.10
N SER B 108 -4.78 -4.18 -42.23
CA SER B 108 -4.50 -4.95 -41.03
C SER B 108 -5.55 -4.70 -39.96
N VAL B 109 -5.67 -5.65 -39.03
CA VAL B 109 -6.61 -5.51 -37.94
C VAL B 109 -6.16 -4.40 -36.98
N SER B 110 -4.85 -4.29 -36.76
CA SER B 110 -4.33 -3.23 -35.90
C SER B 110 -4.63 -1.85 -36.47
N ASP B 111 -4.47 -1.70 -37.79
CA ASP B 111 -4.79 -0.43 -38.43
C ASP B 111 -6.26 -0.09 -38.28
N ALA B 112 -7.14 -1.08 -38.44
CA ALA B 112 -8.57 -0.85 -38.27
C ALA B 112 -8.89 -0.44 -36.84
N ASN B 113 -8.28 -1.12 -35.85
CA ASN B 113 -8.52 -0.78 -34.46
C ASN B 113 -8.06 0.64 -34.16
N ALA B 114 -6.87 1.01 -34.62
CA ALA B 114 -6.36 2.35 -34.40
C ALA B 114 -7.23 3.41 -35.08
N LEU B 115 -7.72 3.11 -36.28
CA LEU B 115 -8.56 4.07 -37.00
C LEU B 115 -9.97 4.16 -36.45
N LEU B 116 -10.41 3.14 -35.70
CA LEU B 116 -11.78 3.17 -35.16
C LEU B 116 -12.02 4.38 -34.27
N HIS B 117 -10.97 4.90 -33.63
CA HIS B 117 -11.09 6.02 -32.71
C HIS B 117 -10.89 7.38 -33.39
N LYS B 118 -10.70 7.40 -34.72
CA LYS B 118 -10.54 8.66 -35.43
C LYS B 118 -11.85 9.43 -35.54
N ARG B 119 -12.99 8.78 -35.34
CA ARG B 119 -14.29 9.42 -35.42
C ARG B 119 -15.15 8.97 -34.25
N ALA B 120 -16.19 9.74 -33.97
CA ALA B 120 -17.12 9.45 -32.89
C ALA B 120 -18.22 8.49 -33.28
N HIS B 121 -18.25 8.03 -34.53
CA HIS B 121 -19.29 7.11 -34.97
C HIS B 121 -19.17 5.76 -34.27
N GLY B 122 -17.97 5.35 -33.90
CA GLY B 122 -17.75 4.07 -33.25
C GLY B 122 -17.66 2.89 -34.18
N ALA B 123 -17.72 3.10 -35.49
CA ALA B 123 -17.62 2.01 -36.45
C ALA B 123 -17.00 2.53 -37.74
N ALA B 124 -16.44 1.62 -38.52
CA ALA B 124 -15.81 1.95 -39.79
C ALA B 124 -16.46 1.14 -40.90
N VAL B 125 -16.54 1.75 -42.09
CA VAL B 125 -17.19 1.15 -43.24
C VAL B 125 -16.11 0.58 -44.16
N VAL B 126 -16.19 -0.73 -44.42
CA VAL B 126 -15.28 -1.37 -45.35
C VAL B 126 -15.75 -1.10 -46.77
N VAL B 127 -14.84 -0.60 -47.60
CA VAL B 127 -15.17 -0.16 -48.96
C VAL B 127 -14.38 -1.01 -49.95
N PHE B 128 -15.08 -1.60 -50.91
CA PHE B 128 -14.46 -2.37 -51.98
C PHE B 128 -14.99 -1.87 -53.30
N GLU B 129 -14.10 -1.34 -54.15
CA GLU B 129 -14.47 -0.75 -55.43
C GLU B 129 -15.51 0.35 -55.27
N GLY B 130 -15.39 1.11 -54.18
CA GLY B 130 -16.31 2.19 -53.90
C GLY B 130 -17.63 1.79 -53.29
N ARG B 131 -17.84 0.49 -53.04
CA ARG B 131 -19.11 0.00 -52.54
C ARG B 131 -18.94 -0.56 -51.14
N PRO B 132 -19.77 -0.13 -50.18
CA PRO B 132 -19.69 -0.71 -48.83
C PRO B 132 -20.01 -2.19 -48.85
N ILE B 133 -19.28 -2.96 -48.07
CA ILE B 133 -19.43 -4.41 -48.05
C ILE B 133 -19.59 -4.92 -46.63
N GLY B 134 -19.32 -4.06 -45.64
CA GLY B 134 -19.43 -4.50 -44.26
C GLY B 134 -19.04 -3.38 -43.31
N LEU B 135 -19.10 -3.72 -42.02
CA LEU B 135 -18.83 -2.78 -40.94
C LEU B 135 -17.83 -3.41 -39.98
N VAL B 136 -16.94 -2.59 -39.42
CA VAL B 136 -15.94 -3.01 -38.46
C VAL B 136 -16.19 -2.26 -37.16
N THR B 137 -16.35 -2.99 -36.06
CA THR B 137 -16.55 -2.43 -34.73
C THR B 137 -15.50 -2.99 -33.79
N GLU B 138 -15.42 -2.37 -32.60
CA GLU B 138 -14.43 -2.79 -31.61
C GLU B 138 -14.68 -4.22 -31.13
N ALA B 139 -15.95 -4.65 -31.14
CA ALA B 139 -16.25 -6.02 -30.72
C ALA B 139 -15.73 -7.05 -31.71
N ASN B 140 -15.75 -6.72 -33.01
CA ASN B 140 -15.29 -7.67 -34.02
C ASN B 140 -13.79 -7.91 -33.93
N CYS B 141 -13.01 -6.84 -33.72
CA CYS B 141 -11.56 -6.98 -33.69
C CYS B 141 -11.07 -7.62 -32.40
N ALA B 142 -11.88 -7.64 -31.34
CA ALA B 142 -11.44 -8.22 -30.08
C ALA B 142 -11.30 -9.73 -30.21
N GLY B 143 -10.17 -10.25 -29.75
CA GLY B 143 -9.91 -11.67 -29.81
C GLY B 143 -9.32 -12.17 -31.12
N VAL B 144 -9.20 -11.31 -32.12
CA VAL B 144 -8.67 -11.68 -33.42
C VAL B 144 -7.18 -11.36 -33.46
N ASP B 145 -6.43 -12.17 -34.20
CA ASP B 145 -5.00 -11.91 -34.37
C ASP B 145 -4.78 -10.52 -34.93
N ARG B 146 -3.81 -9.80 -34.36
CA ARG B 146 -3.63 -8.39 -34.71
C ARG B 146 -3.19 -8.22 -36.15
N PHE B 147 -2.51 -9.21 -36.73
CA PHE B 147 -1.98 -9.10 -38.08
C PHE B 147 -2.80 -9.84 -39.11
N ALA B 148 -4.03 -10.23 -38.78
CA ALA B 148 -4.94 -10.77 -39.77
C ALA B 148 -5.40 -9.66 -40.71
N ARG B 149 -6.24 -10.02 -41.68
CA ARG B 149 -6.74 -9.07 -42.66
C ARG B 149 -8.16 -8.65 -42.30
N VAL B 150 -8.59 -7.53 -42.90
CA VAL B 150 -9.94 -7.04 -42.66
C VAL B 150 -10.96 -8.05 -43.18
N ARG B 151 -10.67 -8.68 -44.32
CA ARG B 151 -11.58 -9.68 -44.88
C ARG B 151 -11.77 -10.87 -43.95
N ASP B 152 -10.83 -11.14 -43.06
CA ASP B 152 -11.01 -12.22 -42.09
C ASP B 152 -12.02 -11.82 -41.00
N ILE B 153 -12.12 -10.52 -40.70
CA ILE B 153 -13.06 -10.06 -39.70
C ILE B 153 -14.49 -10.32 -40.15
N ALA B 154 -15.32 -10.83 -39.25
CA ALA B 154 -16.71 -11.09 -39.56
C ALA B 154 -17.47 -9.78 -39.69
N LEU B 155 -17.60 -9.28 -40.92
CA LEU B 155 -18.24 -8.00 -41.15
C LEU B 155 -19.72 -8.07 -40.82
N SER B 156 -20.21 -7.08 -40.08
CA SER B 156 -21.59 -7.06 -39.62
C SER B 156 -22.48 -6.32 -40.61
N ASP B 157 -23.75 -6.70 -40.63
CA ASP B 157 -24.73 -6.06 -41.50
C ASP B 157 -24.95 -4.61 -41.09
N PHE B 158 -25.38 -3.80 -42.04
CA PHE B 158 -25.54 -2.37 -41.82
C PHE B 158 -26.86 -1.89 -42.45
N VAL B 159 -27.47 -0.92 -41.80
CA VAL B 159 -28.69 -0.29 -42.31
C VAL B 159 -28.30 0.71 -43.39
N THR B 160 -28.92 0.58 -44.57
CA THR B 160 -28.59 1.38 -45.73
C THR B 160 -29.80 2.23 -46.12
N ALA B 161 -29.55 3.51 -46.37
CA ALA B 161 -30.58 4.44 -46.84
C ALA B 161 -29.99 5.34 -47.91
N PRO B 162 -30.79 5.71 -48.92
CA PRO B 162 -30.26 6.60 -49.96
C PRO B 162 -30.05 8.01 -49.45
N VAL B 163 -29.15 8.72 -50.13
CA VAL B 163 -28.91 10.12 -49.80
C VAL B 163 -30.15 10.95 -50.13
N GLY B 164 -30.33 12.04 -49.39
CA GLY B 164 -31.50 12.88 -49.53
C GLY B 164 -32.69 12.45 -48.70
N THR B 165 -32.59 11.32 -48.00
CA THR B 165 -33.68 10.88 -47.14
C THR B 165 -33.82 11.82 -45.95
N ASP B 166 -35.06 12.07 -45.55
CA ASP B 166 -35.31 12.93 -44.41
C ASP B 166 -34.70 12.31 -43.14
N PRO B 167 -34.05 13.12 -42.29
CA PRO B 167 -33.41 12.55 -41.09
C PRO B 167 -34.37 11.82 -40.18
N ARG B 168 -35.66 12.17 -40.20
CA ARG B 168 -36.64 11.47 -39.36
C ARG B 168 -36.72 9.99 -39.75
N GLU B 169 -36.78 9.70 -41.04
CA GLU B 169 -36.83 8.31 -41.48
C GLU B 169 -35.57 7.55 -41.09
N VAL B 170 -34.40 8.18 -41.27
CA VAL B 170 -33.14 7.53 -40.91
C VAL B 170 -33.10 7.24 -39.41
N PHE B 171 -33.59 8.18 -38.60
CA PHE B 171 -33.70 7.95 -37.16
C PHE B 171 -34.64 6.79 -36.87
N ASP B 172 -35.74 6.69 -37.62
CA ASP B 172 -36.71 5.63 -37.39
C ASP B 172 -36.12 4.26 -37.71
N LEU B 173 -35.37 4.13 -38.81
CA LEU B 173 -34.80 2.84 -39.18
C LEU B 173 -33.74 2.36 -38.21
N LEU B 174 -33.12 3.27 -37.45
CA LEU B 174 -32.09 2.90 -36.49
C LEU B 174 -32.64 2.64 -35.10
N GLU B 175 -33.96 2.51 -34.96
CA GLU B 175 -34.56 2.30 -33.64
C GLU B 175 -34.11 0.98 -33.03
N HIS B 176 -34.08 -0.09 -33.83
CA HIS B 176 -33.71 -1.41 -33.34
C HIS B 176 -32.43 -1.95 -33.99
N ALA B 177 -31.69 -1.11 -34.70
CA ALA B 177 -30.47 -1.56 -35.35
C ALA B 177 -29.42 -1.90 -34.29
N PRO B 178 -28.73 -3.04 -34.41
CA PRO B 178 -27.68 -3.36 -33.42
C PRO B 178 -26.55 -2.36 -33.40
N ILE B 179 -26.23 -1.74 -34.53
CA ILE B 179 -25.18 -0.72 -34.62
C ILE B 179 -25.84 0.59 -35.01
N ASP B 180 -25.57 1.65 -34.23
CA ASP B 180 -26.27 2.93 -34.39
C ASP B 180 -25.56 3.81 -35.42
N VAL B 181 -25.39 3.26 -36.62
CA VAL B 181 -24.88 4.00 -37.77
C VAL B 181 -25.68 3.60 -39.00
N ALA B 182 -25.96 4.57 -39.85
CA ALA B 182 -26.68 4.35 -41.10
C ALA B 182 -25.84 4.86 -42.26
N VAL B 183 -25.51 3.97 -43.19
CA VAL B 183 -24.70 4.33 -44.33
C VAL B 183 -25.58 4.93 -45.41
N MET B 184 -25.15 6.05 -45.98
CA MET B 184 -25.88 6.70 -47.06
C MET B 184 -25.18 6.41 -48.38
N THR B 185 -25.95 5.90 -49.34
CA THR B 185 -25.41 5.48 -50.63
C THR B 185 -25.96 6.35 -51.74
N ALA B 186 -25.08 6.78 -52.65
CA ALA B 186 -25.47 7.62 -53.76
C ALA B 186 -26.35 6.82 -54.74
N PRO B 187 -27.11 7.51 -55.60
CA PRO B 187 -27.90 6.78 -56.60
C PRO B 187 -27.09 5.85 -57.48
N ASP B 188 -25.82 6.18 -57.72
CA ASP B 188 -24.91 5.24 -58.37
C ASP B 188 -24.75 3.99 -57.52
N GLY B 189 -24.63 4.15 -56.20
CA GLY B 189 -24.40 3.05 -55.29
C GLY B 189 -23.10 3.13 -54.52
N THR B 190 -22.30 4.17 -54.69
CA THR B 190 -21.05 4.31 -53.97
C THR B 190 -21.31 4.90 -52.58
N LEU B 191 -20.28 4.85 -51.74
CA LEU B 191 -20.39 5.38 -50.39
C LEU B 191 -20.43 6.90 -50.43
N ALA B 192 -21.45 7.48 -49.78
CA ALA B 192 -21.55 8.92 -49.63
C ALA B 192 -21.29 9.40 -48.22
N GLY B 193 -21.41 8.54 -47.22
CA GLY B 193 -21.17 8.93 -45.85
C GLY B 193 -21.93 8.03 -44.90
N VAL B 194 -21.94 8.44 -43.64
CA VAL B 194 -22.64 7.71 -42.59
C VAL B 194 -23.47 8.70 -41.78
N LEU B 195 -24.51 8.17 -41.12
CA LEU B 195 -25.39 8.97 -40.29
C LEU B 195 -25.78 8.17 -39.06
N THR B 196 -26.01 8.88 -37.95
CA THR B 196 -26.38 8.27 -36.69
C THR B 196 -27.67 8.91 -36.18
N ARG B 197 -28.26 8.29 -35.16
CA ARG B 197 -29.45 8.85 -34.54
C ARG B 197 -29.17 10.22 -33.95
N THR B 198 -28.06 10.33 -33.21
CA THR B 198 -27.68 11.62 -32.64
C THR B 198 -27.37 12.63 -33.74
N GLY B 199 -26.70 12.20 -34.81
CA GLY B 199 -26.45 13.09 -35.94
C GLY B 199 -27.72 13.51 -36.63
N ALA B 200 -28.68 12.59 -36.77
CA ALA B 200 -29.97 12.95 -37.36
C ALA B 200 -30.70 13.97 -36.51
N ILE B 201 -30.64 13.81 -35.18
CA ILE B 201 -31.25 14.80 -34.29
C ILE B 201 -30.56 16.15 -34.43
N ARG B 202 -29.22 16.15 -34.46
CA ARG B 202 -28.48 17.40 -34.56
C ARG B 202 -28.70 18.11 -35.89
N ALA B 203 -29.01 17.35 -36.95
CA ALA B 203 -29.20 17.94 -38.27
C ALA B 203 -30.32 18.97 -38.27
N GLY B 204 -31.37 18.74 -37.48
CA GLY B 204 -32.48 19.66 -37.38
C GLY B 204 -32.31 20.80 -36.41
N ILE B 205 -31.19 20.85 -35.68
CA ILE B 205 -30.95 21.87 -34.67
C ILE B 205 -29.89 22.86 -35.12
N TYR B 206 -28.77 22.36 -35.64
CA TYR B 206 -27.64 23.19 -36.03
C TYR B 206 -27.72 23.49 -37.53
N THR B 207 -27.59 24.77 -37.87
CA THR B 207 -27.51 25.18 -39.27
C THR B 207 -26.05 25.33 -39.67
N PRO B 208 -25.57 24.56 -40.64
CA PRO B 208 -24.15 24.63 -41.00
C PRO B 208 -23.76 26.02 -41.50
N ALA B 209 -22.53 26.41 -41.19
CA ALA B 209 -21.97 27.67 -41.65
C ALA B 209 -21.38 27.47 -43.03
N VAL B 210 -21.96 28.14 -44.03
CA VAL B 210 -21.57 27.96 -45.42
C VAL B 210 -21.23 29.31 -46.03
N ASP B 211 -20.43 29.26 -47.10
CA ASP B 211 -20.04 30.44 -47.84
C ASP B 211 -21.11 30.78 -48.88
N ALA B 212 -20.79 31.69 -49.80
CA ALA B 212 -21.73 32.06 -50.85
C ALA B 212 -22.02 30.92 -51.81
N LYS B 213 -21.12 29.94 -51.91
CA LYS B 213 -21.31 28.81 -52.81
C LYS B 213 -21.96 27.61 -52.12
N GLY B 214 -22.30 27.73 -50.84
CA GLY B 214 -22.93 26.62 -50.13
C GLY B 214 -21.97 25.55 -49.65
N ARG B 215 -20.71 25.90 -49.42
CA ARG B 215 -19.71 24.95 -48.93
C ARG B 215 -19.25 25.37 -47.54
N LEU B 216 -18.80 24.38 -46.77
CA LEU B 216 -18.41 24.62 -45.38
C LEU B 216 -17.28 25.64 -45.31
N ARG B 217 -17.38 26.55 -44.34
CA ARG B 217 -16.41 27.62 -44.19
C ARG B 217 -15.16 27.13 -43.45
N ILE B 218 -14.04 27.79 -43.71
CA ILE B 218 -12.78 27.48 -43.05
C ILE B 218 -11.92 28.73 -43.05
N ALA B 219 -11.03 28.82 -42.07
CA ALA B 219 -10.16 29.98 -41.90
C ALA B 219 -8.72 29.52 -41.73
N ALA B 220 -7.80 30.44 -42.03
CA ALA B 220 -6.37 30.17 -41.91
C ALA B 220 -5.70 31.33 -41.19
N ALA B 221 -4.60 31.02 -40.52
CA ALA B 221 -3.86 32.01 -39.72
C ALA B 221 -2.50 32.29 -40.34
N VAL B 222 -2.04 33.52 -40.18
CA VAL B 222 -0.74 33.95 -40.69
C VAL B 222 0.03 34.60 -39.57
N GLY B 223 1.36 34.54 -39.67
CA GLY B 223 2.24 35.22 -38.75
C GLY B 223 2.58 36.62 -39.22
N ILE B 224 3.47 37.27 -38.48
CA ILE B 224 3.94 38.61 -38.82
C ILE B 224 5.39 38.62 -39.28
N ASN B 225 6.03 37.45 -39.35
CA ASN B 225 7.39 37.35 -39.83
C ASN B 225 7.41 37.12 -41.34
N GLY B 226 8.47 37.59 -41.99
CA GLY B 226 8.58 37.42 -43.43
C GLY B 226 7.60 38.30 -44.17
N ASP B 227 7.25 37.87 -45.38
CA ASP B 227 6.31 38.60 -46.23
C ASP B 227 4.90 38.22 -45.83
N VAL B 228 4.26 39.07 -45.02
CA VAL B 228 2.91 38.78 -44.56
C VAL B 228 1.91 38.91 -45.71
N GLY B 229 2.09 39.92 -46.56
CA GLY B 229 1.13 40.15 -47.64
C GLY B 229 1.10 39.01 -48.63
N ALA B 230 2.27 38.48 -49.01
CA ALA B 230 2.31 37.38 -49.96
C ALA B 230 1.63 36.14 -49.40
N LYS B 231 1.90 35.81 -48.13
CA LYS B 231 1.28 34.65 -47.51
C LYS B 231 -0.23 34.83 -47.40
N ALA B 232 -0.67 36.03 -47.02
CA ALA B 232 -2.10 36.29 -46.93
C ALA B 232 -2.79 36.15 -48.28
N GLN B 233 -2.18 36.70 -49.32
CA GLN B 233 -2.76 36.59 -50.66
C GLN B 233 -2.80 35.13 -51.12
N ALA B 234 -1.73 34.38 -50.85
CA ALA B 234 -1.69 32.97 -51.24
C ALA B 234 -2.76 32.16 -50.52
N LEU B 235 -2.96 32.43 -49.23
CA LEU B 235 -3.98 31.71 -48.49
C LEU B 235 -5.38 32.12 -48.93
N ALA B 236 -5.57 33.39 -49.27
CA ALA B 236 -6.86 33.83 -49.79
C ALA B 236 -7.17 33.15 -51.12
N GLU B 237 -6.17 33.02 -51.98
CA GLU B 237 -6.37 32.31 -53.24
C GLU B 237 -6.62 30.82 -53.02
N ALA B 238 -6.14 30.27 -51.90
CA ALA B 238 -6.34 28.85 -51.61
C ALA B 238 -7.77 28.52 -51.22
N GLY B 239 -8.60 29.52 -50.95
CA GLY B 239 -9.99 29.29 -50.59
C GLY B 239 -10.37 29.60 -49.15
N ALA B 240 -9.47 30.21 -48.37
CA ALA B 240 -9.81 30.56 -47.00
C ALA B 240 -10.90 31.63 -46.97
N ASP B 241 -11.84 31.46 -46.05
CA ASP B 241 -12.95 32.40 -45.91
C ASP B 241 -12.68 33.52 -44.93
N LEU B 242 -11.62 33.42 -44.12
CA LEU B 242 -11.31 34.45 -43.14
C LEU B 242 -9.85 34.32 -42.76
N LEU B 243 -9.19 35.47 -42.55
CA LEU B 243 -7.76 35.52 -42.26
C LEU B 243 -7.53 36.02 -40.84
N VAL B 244 -6.63 35.34 -40.13
CA VAL B 244 -6.26 35.70 -38.77
C VAL B 244 -4.75 35.96 -38.74
N ILE B 245 -4.36 37.11 -38.19
CA ILE B 245 -2.95 37.44 -37.99
C ILE B 245 -2.70 37.38 -36.49
N ASP B 246 -2.07 36.29 -36.05
CA ASP B 246 -1.91 35.99 -34.62
C ASP B 246 -0.48 36.24 -34.19
N THR B 247 -0.31 36.92 -33.06
CA THR B 247 0.99 37.12 -32.45
C THR B 247 0.81 37.25 -30.95
N ALA B 248 1.90 37.02 -30.21
CA ALA B 248 1.83 37.06 -28.75
C ALA B 248 1.50 38.45 -28.24
N HIS B 249 2.12 39.48 -28.81
CA HIS B 249 1.90 40.87 -28.40
C HIS B 249 1.43 41.64 -29.63
N GLY B 250 0.13 41.92 -29.69
CA GLY B 250 -0.45 42.58 -30.85
C GLY B 250 -0.33 44.09 -30.87
N HIS B 251 0.12 44.70 -29.78
CA HIS B 251 0.25 46.16 -29.73
C HIS B 251 1.70 46.55 -29.99
N GLN B 252 2.14 46.29 -31.23
CA GLN B 252 3.50 46.63 -31.63
C GLN B 252 3.50 47.11 -33.08
N ALA B 253 4.60 47.74 -33.46
CA ALA B 253 4.73 48.31 -34.81
C ALA B 253 4.60 47.24 -35.89
N LYS B 254 5.39 46.17 -35.77
CA LYS B 254 5.34 45.06 -36.72
C LYS B 254 3.91 44.61 -37.01
N MET B 255 3.12 44.36 -35.96
CA MET B 255 1.74 43.96 -36.13
C MET B 255 0.96 44.95 -36.99
N LEU B 256 1.06 46.24 -36.67
CA LEU B 256 0.32 47.25 -37.43
C LEU B 256 0.77 47.30 -38.89
N ASP B 257 2.07 47.18 -39.14
CA ASP B 257 2.57 47.16 -40.50
C ASP B 257 2.04 45.96 -41.27
N ALA B 258 2.00 44.80 -40.62
CA ALA B 258 1.42 43.61 -41.26
C ALA B 258 -0.05 43.80 -41.57
N ILE B 259 -0.79 44.42 -40.63
CA ILE B 259 -2.21 44.69 -40.86
C ILE B 259 -2.39 45.60 -42.07
N LYS B 260 -1.58 46.66 -42.15
CA LYS B 260 -1.68 47.58 -43.27
C LYS B 260 -1.34 46.89 -44.59
N ALA B 261 -0.30 46.06 -44.59
CA ALA B 261 0.09 45.35 -45.80
C ALA B 261 -1.02 44.40 -46.26
N VAL B 262 -1.64 43.68 -45.32
CA VAL B 262 -2.71 42.75 -45.68
C VAL B 262 -3.92 43.52 -46.19
N ALA B 263 -4.28 44.62 -45.53
CA ALA B 263 -5.45 45.39 -45.94
C ALA B 263 -5.24 46.09 -47.27
N SER B 264 -3.99 46.40 -47.62
CA SER B 264 -3.72 47.06 -48.90
C SER B 264 -4.03 46.16 -50.09
N LEU B 265 -4.09 44.84 -49.89
CA LEU B 265 -4.35 43.92 -51.00
C LEU B 265 -5.81 43.89 -51.40
N ASP B 266 -6.71 44.37 -50.54
CA ASP B 266 -8.15 44.39 -50.81
C ASP B 266 -8.67 43.00 -51.17
N LEU B 267 -8.29 42.01 -50.36
CA LEU B 267 -8.73 40.63 -50.59
C LEU B 267 -10.24 40.48 -50.37
N GLY B 268 -10.83 41.35 -49.55
CA GLY B 268 -12.25 41.29 -49.28
C GLY B 268 -12.66 40.38 -48.14
N LEU B 269 -11.72 39.61 -47.58
CA LEU B 269 -12.03 38.73 -46.47
C LEU B 269 -11.94 39.49 -45.14
N PRO B 270 -12.70 39.06 -44.13
CA PRO B 270 -12.57 39.68 -42.81
C PRO B 270 -11.19 39.42 -42.22
N LEU B 271 -10.70 40.39 -41.45
CA LEU B 271 -9.38 40.34 -40.86
C LEU B 271 -9.49 40.27 -39.34
N VAL B 272 -8.77 39.33 -38.75
CA VAL B 272 -8.72 39.16 -37.30
C VAL B 272 -7.28 39.37 -36.85
N ALA B 273 -7.09 40.25 -35.87
CA ALA B 273 -5.77 40.61 -35.40
C ALA B 273 -5.74 40.59 -33.87
N GLY B 274 -4.58 40.25 -33.32
CA GLY B 274 -4.41 40.20 -31.88
C GLY B 274 -2.98 39.84 -31.54
N ASN B 275 -2.73 39.73 -30.23
CA ASN B 275 -3.74 39.94 -29.21
C ASN B 275 -3.44 41.17 -28.37
N VAL B 276 -4.49 41.89 -27.97
CA VAL B 276 -4.36 43.04 -27.10
C VAL B 276 -5.38 42.92 -25.96
N VAL B 277 -5.06 43.58 -24.85
CA VAL B 277 -5.93 43.55 -23.68
C VAL B 277 -6.21 44.97 -23.20
N SER B 278 -6.08 45.93 -24.10
CA SER B 278 -6.28 47.34 -23.76
C SER B 278 -7.12 48.01 -24.84
N ALA B 279 -7.84 49.06 -24.44
CA ALA B 279 -8.66 49.80 -25.40
C ALA B 279 -7.79 50.49 -26.44
N GLU B 280 -6.64 51.01 -26.04
CA GLU B 280 -5.74 51.66 -26.99
C GLU B 280 -5.25 50.67 -28.04
N GLY B 281 -4.96 49.45 -27.64
CA GLY B 281 -4.56 48.43 -28.61
C GLY B 281 -5.64 48.13 -29.62
N THR B 282 -6.88 48.01 -29.17
CA THR B 282 -7.99 47.78 -30.09
C THR B 282 -8.18 48.96 -31.03
N ARG B 283 -8.06 50.18 -30.51
CA ARG B 283 -8.19 51.36 -31.37
C ARG B 283 -7.09 51.38 -32.42
N ASP B 284 -5.86 51.04 -32.03
CA ASP B 284 -4.76 51.01 -33.00
C ASP B 284 -4.97 49.93 -34.04
N LEU B 285 -5.43 48.75 -33.63
CA LEU B 285 -5.61 47.65 -34.58
C LEU B 285 -6.75 47.93 -35.54
N ILE B 286 -7.87 48.47 -35.04
CA ILE B 286 -9.02 48.75 -35.90
C ILE B 286 -8.68 49.83 -36.91
N GLU B 287 -8.01 50.91 -36.47
CA GLU B 287 -7.63 51.97 -37.38
C GLU B 287 -6.65 51.46 -38.44
N ALA B 288 -5.83 50.47 -38.09
CA ALA B 288 -4.88 49.92 -39.05
C ALA B 288 -5.57 49.11 -40.15
N GLY B 289 -6.81 48.68 -39.93
CA GLY B 289 -7.54 47.96 -40.95
C GLY B 289 -8.11 46.63 -40.51
N ALA B 290 -7.97 46.31 -39.23
CA ALA B 290 -8.47 45.04 -38.71
C ALA B 290 -9.96 45.17 -38.38
N SER B 291 -10.77 44.28 -38.96
CA SER B 291 -12.21 44.30 -38.69
C SER B 291 -12.53 43.69 -37.33
N ILE B 292 -11.81 42.64 -36.93
CA ILE B 292 -12.05 41.93 -35.69
C ILE B 292 -10.74 41.91 -34.89
N VAL B 293 -10.83 42.21 -33.60
CA VAL B 293 -9.68 42.27 -32.72
C VAL B 293 -9.69 41.05 -31.81
N LYS B 294 -8.56 40.35 -31.74
CA LYS B 294 -8.41 39.20 -30.86
C LYS B 294 -7.96 39.68 -29.48
N VAL B 295 -8.64 39.21 -28.44
CA VAL B 295 -8.46 39.72 -27.08
C VAL B 295 -7.98 38.59 -26.19
N GLY B 296 -6.91 38.85 -25.44
CA GLY B 296 -6.44 37.94 -24.42
C GLY B 296 -4.94 37.69 -24.46
N VAL B 297 -4.27 37.98 -23.35
CA VAL B 297 -2.84 37.74 -23.20
C VAL B 297 -2.60 37.22 -21.79
N GLY B 298 -2.40 35.91 -21.66
CA GLY B 298 -2.21 35.31 -20.36
C GLY B 298 -3.14 34.17 -19.97
N PRO B 299 -4.45 34.28 -20.26
CA PRO B 299 -5.37 33.21 -19.83
C PRO B 299 -5.29 31.94 -20.64
N GLY B 300 -4.39 31.85 -21.62
CA GLY B 300 -4.23 30.59 -22.33
C GLY B 300 -3.80 29.48 -21.40
N ALA B 301 -4.35 28.29 -21.62
CA ALA B 301 -4.05 27.16 -20.75
C ALA B 301 -2.59 26.72 -20.87
N MET B 302 -1.93 27.04 -21.97
CA MET B 302 -0.52 26.71 -22.16
C MET B 302 0.37 27.95 -22.16
N CYS B 303 -0.18 29.11 -21.81
CA CYS B 303 0.57 30.34 -21.79
C CYS B 303 1.24 30.52 -20.44
N THR B 304 2.56 30.76 -20.45
CA THR B 304 3.35 30.94 -19.25
C THR B 304 3.83 32.36 -19.09
N THR B 305 3.20 33.32 -19.78
CA THR B 305 3.63 34.71 -19.73
C THR B 305 3.51 35.27 -18.31
N ARG B 306 2.45 34.91 -17.60
CA ARG B 306 2.26 35.43 -16.25
C ARG B 306 3.31 34.90 -15.28
N MET B 307 3.83 33.70 -15.52
CA MET B 307 4.85 33.12 -14.66
C MET B 307 6.25 33.51 -15.08
N MET B 308 6.48 33.69 -16.39
CA MET B 308 7.79 34.11 -16.88
C MET B 308 8.00 35.61 -16.76
N THR B 309 6.94 36.40 -16.89
CA THR B 309 7.06 37.85 -17.01
C THR B 309 6.13 38.63 -16.11
N GLY B 310 5.09 38.02 -15.55
CA GLY B 310 4.11 38.78 -14.80
C GLY B 310 3.24 39.69 -15.65
N VAL B 311 3.34 39.59 -16.97
CA VAL B 311 2.56 40.43 -17.88
C VAL B 311 1.27 39.69 -18.25
N GLY B 312 0.16 40.39 -18.17
CA GLY B 312 -1.13 39.79 -18.46
C GLY B 312 -2.25 40.65 -17.92
N ARG B 313 -3.45 40.08 -17.96
CA ARG B 313 -4.64 40.78 -17.47
C ARG B 313 -5.78 39.78 -17.32
N PRO B 314 -6.59 39.90 -16.27
CA PRO B 314 -7.77 39.04 -16.14
C PRO B 314 -8.69 39.19 -17.34
N GLN B 315 -9.28 38.07 -17.77
CA GLN B 315 -9.94 38.03 -19.07
C GLN B 315 -11.19 38.88 -19.11
N PHE B 316 -11.98 38.89 -18.04
CA PHE B 316 -13.29 39.54 -18.10
C PHE B 316 -13.15 41.06 -18.30
N SER B 317 -12.29 41.70 -17.51
CA SER B 317 -12.12 43.15 -17.64
C SER B 317 -11.54 43.53 -18.99
N ALA B 318 -10.54 42.77 -19.45
CA ALA B 318 -9.96 43.04 -20.76
C ALA B 318 -11.00 42.90 -21.86
N VAL B 319 -11.83 41.85 -21.79
CA VAL B 319 -12.84 41.64 -22.81
C VAL B 319 -13.88 42.75 -22.80
N VAL B 320 -14.34 43.17 -21.63
CA VAL B 320 -15.36 44.22 -21.59
C VAL B 320 -14.78 45.53 -22.11
N GLU B 321 -13.54 45.87 -21.72
CA GLU B 321 -12.94 47.11 -22.19
C GLU B 321 -12.73 47.09 -23.69
N CYS B 322 -12.20 45.98 -24.22
CA CYS B 322 -11.95 45.88 -25.65
C CYS B 322 -13.25 45.90 -26.44
N ALA B 323 -14.30 45.23 -25.93
CA ALA B 323 -15.58 45.23 -26.61
C ALA B 323 -16.18 46.64 -26.64
N ALA B 324 -16.10 47.37 -25.53
CA ALA B 324 -16.60 48.74 -25.52
C ALA B 324 -15.83 49.60 -26.51
N ALA B 325 -14.51 49.48 -26.53
CA ALA B 325 -13.70 50.28 -27.45
C ALA B 325 -14.04 49.95 -28.90
N ALA B 326 -14.17 48.66 -29.22
CA ALA B 326 -14.48 48.25 -30.58
C ALA B 326 -15.86 48.75 -31.01
N ARG B 327 -16.89 48.46 -30.20
CA ARG B 327 -18.23 48.94 -30.51
C ARG B 327 -18.25 50.45 -30.70
N GLN B 328 -17.46 51.18 -29.90
CA GLN B 328 -17.36 52.63 -30.08
C GLN B 328 -16.94 52.96 -31.50
N LEU B 329 -15.93 52.26 -32.02
CA LEU B 329 -15.43 52.44 -33.37
C LEU B 329 -16.12 51.53 -34.38
N GLY B 330 -17.16 50.81 -33.97
CA GLY B 330 -17.88 49.93 -34.88
C GLY B 330 -17.13 48.68 -35.25
N GLY B 331 -16.46 48.05 -34.29
CA GLY B 331 -15.75 46.81 -34.54
C GLY B 331 -16.26 45.65 -33.70
N HIS B 332 -15.55 44.53 -33.72
CA HIS B 332 -15.92 43.36 -32.95
C HIS B 332 -14.67 42.76 -32.32
N VAL B 333 -14.88 42.02 -31.22
CA VAL B 333 -13.79 41.40 -30.49
C VAL B 333 -14.09 39.91 -30.31
N TRP B 334 -13.02 39.15 -30.11
CA TRP B 334 -13.11 37.71 -29.86
C TRP B 334 -12.45 37.39 -28.52
N ALA B 335 -13.10 36.55 -27.73
CA ALA B 335 -12.54 36.07 -26.47
C ALA B 335 -11.65 34.86 -26.75
N ASP B 336 -10.39 34.93 -26.34
CA ASP B 336 -9.41 33.89 -26.62
C ASP B 336 -8.80 33.42 -25.31
N GLY B 337 -8.89 32.11 -25.05
CA GLY B 337 -8.26 31.51 -23.91
C GLY B 337 -9.08 31.62 -22.64
N GLY B 338 -8.77 30.74 -21.69
CA GLY B 338 -9.41 30.77 -20.39
C GLY B 338 -10.76 30.07 -20.32
N VAL B 339 -11.18 29.38 -21.36
CA VAL B 339 -12.48 28.72 -21.39
C VAL B 339 -12.32 27.30 -20.88
N ARG B 340 -13.07 26.95 -19.84
CA ARG B 340 -13.05 25.61 -19.28
C ARG B 340 -14.46 25.04 -19.19
N HIS B 341 -15.45 25.92 -19.07
CA HIS B 341 -16.83 25.55 -18.87
C HIS B 341 -17.71 26.44 -19.73
N PRO B 342 -18.94 26.03 -20.03
CA PRO B 342 -19.86 26.92 -20.76
C PRO B 342 -20.16 28.21 -20.03
N ARG B 343 -19.95 28.27 -18.72
CA ARG B 343 -20.08 29.53 -17.99
C ARG B 343 -19.13 30.57 -18.54
N ASP B 344 -17.90 30.17 -18.88
CA ASP B 344 -16.94 31.12 -19.44
C ASP B 344 -17.43 31.68 -20.77
N VAL B 345 -17.96 30.82 -21.64
CA VAL B 345 -18.46 31.26 -22.93
C VAL B 345 -19.65 32.21 -22.74
N ALA B 346 -20.57 31.86 -21.85
CA ALA B 346 -21.72 32.72 -21.61
C ALA B 346 -21.31 34.08 -21.06
N LEU B 347 -20.34 34.11 -20.14
CA LEU B 347 -19.88 35.36 -19.58
C LEU B 347 -19.15 36.20 -20.61
N ALA B 348 -18.35 35.55 -21.47
CA ALA B 348 -17.66 36.30 -22.53
C ALA B 348 -18.65 36.90 -23.52
N LEU B 349 -19.69 36.14 -23.87
CA LEU B 349 -20.73 36.68 -24.75
C LEU B 349 -21.46 37.84 -24.09
N ALA B 350 -21.80 37.69 -22.80
CA ALA B 350 -22.43 38.79 -22.07
C ALA B 350 -21.50 39.98 -21.91
N ALA B 351 -20.19 39.73 -21.90
CA ALA B 351 -19.22 40.81 -21.76
C ALA B 351 -19.23 41.74 -22.97
N GLY B 352 -19.58 41.21 -24.15
CA GLY B 352 -19.64 42.03 -25.35
C GLY B 352 -18.92 41.41 -26.52
N ALA B 353 -18.28 40.27 -26.30
CA ALA B 353 -17.58 39.58 -27.38
C ALA B 353 -18.55 39.02 -28.40
N SER B 354 -18.12 38.99 -29.66
CA SER B 354 -18.92 38.43 -30.73
C SER B 354 -18.72 36.92 -30.88
N ASN B 355 -17.52 36.44 -30.63
CA ASN B 355 -17.22 35.01 -30.70
C ASN B 355 -16.27 34.65 -29.56
N VAL B 356 -16.25 33.37 -29.21
CA VAL B 356 -15.41 32.84 -28.15
C VAL B 356 -14.53 31.76 -28.76
N MET B 357 -13.23 32.03 -28.84
CA MET B 357 -12.28 31.08 -29.39
C MET B 357 -11.86 30.09 -28.31
N ILE B 358 -12.18 28.82 -28.51
CA ILE B 358 -11.85 27.75 -27.57
C ILE B 358 -10.62 27.02 -28.08
N GLY B 359 -9.68 26.76 -27.17
CA GLY B 359 -8.42 26.13 -27.54
C GLY B 359 -8.24 24.71 -27.05
N SER B 360 -7.48 24.55 -25.96
CA SER B 360 -7.07 23.23 -25.50
C SER B 360 -8.23 22.38 -24.99
N TRP B 361 -9.40 22.96 -24.77
CA TRP B 361 -10.54 22.18 -24.32
C TRP B 361 -10.95 21.14 -25.37
N PHE B 362 -10.95 21.54 -26.64
CA PHE B 362 -11.32 20.64 -27.72
C PHE B 362 -10.25 19.62 -28.05
N ALA B 363 -9.05 19.75 -27.47
CA ALA B 363 -7.98 18.80 -27.76
C ALA B 363 -8.30 17.41 -27.22
N GLY B 364 -9.11 17.32 -26.17
CA GLY B 364 -9.49 16.04 -25.61
C GLY B 364 -10.71 15.44 -26.28
N THR B 365 -10.69 15.37 -27.61
CA THR B 365 -11.78 14.82 -28.40
C THR B 365 -11.23 13.88 -29.45
N TYR B 366 -12.12 13.06 -30.02
CA TYR B 366 -11.73 12.14 -31.08
C TYR B 366 -11.26 12.89 -32.31
N GLU B 367 -11.92 14.00 -32.65
CA GLU B 367 -11.61 14.71 -33.88
C GLU B 367 -10.29 15.47 -33.83
N SER B 368 -9.67 15.59 -32.66
CA SER B 368 -8.40 16.30 -32.57
C SER B 368 -7.30 15.51 -33.28
N PRO B 369 -6.36 16.19 -33.93
CA PRO B 369 -5.30 15.46 -34.65
C PRO B 369 -4.40 14.62 -33.78
N GLY B 370 -4.33 14.91 -32.47
CA GLY B 370 -3.45 14.14 -31.61
C GLY B 370 -3.87 12.69 -31.53
N ASP B 371 -2.89 11.81 -31.43
CA ASP B 371 -3.16 10.38 -31.34
C ASP B 371 -3.75 10.02 -29.97
N LEU B 372 -4.73 9.13 -29.98
CA LEU B 372 -5.36 8.72 -28.73
C LEU B 372 -4.41 7.86 -27.90
N LEU B 373 -4.36 8.17 -26.60
CA LEU B 373 -3.49 7.45 -25.67
C LEU B 373 -4.31 7.00 -24.47
N PHE B 374 -3.87 5.92 -23.85
CA PHE B 374 -4.53 5.35 -22.67
C PHE B 374 -3.63 5.47 -21.45
N ASP B 375 -4.21 5.89 -20.33
CA ASP B 375 -3.47 6.08 -19.10
C ASP B 375 -3.16 4.73 -18.45
N ARG B 376 -2.55 4.79 -17.27
CA ARG B 376 -2.25 3.56 -16.54
C ARG B 376 -3.53 2.81 -16.16
N ASP B 377 -4.60 3.54 -15.85
CA ASP B 377 -5.88 2.95 -15.52
C ASP B 377 -6.78 2.76 -16.75
N ASP B 378 -6.18 2.71 -17.95
CA ASP B 378 -6.89 2.52 -19.21
C ASP B 378 -7.86 3.65 -19.52
N ARG B 379 -7.71 4.80 -18.86
CA ARG B 379 -8.54 5.95 -19.16
C ARG B 379 -8.02 6.65 -20.41
N PRO B 380 -8.85 6.85 -21.44
CA PRO B 380 -8.36 7.50 -22.65
C PRO B 380 -8.02 8.96 -22.41
N TYR B 381 -6.98 9.43 -23.09
CA TYR B 381 -6.55 10.82 -23.00
C TYR B 381 -5.73 11.16 -24.23
N LYS B 382 -5.56 12.46 -24.45
CA LYS B 382 -4.75 12.96 -25.55
C LYS B 382 -3.88 14.11 -25.05
N GLU B 383 -2.67 14.20 -25.59
CA GLU B 383 -1.74 15.24 -25.21
C GLU B 383 -1.97 16.49 -26.05
N SER B 384 -1.91 17.65 -25.41
CA SER B 384 -2.04 18.93 -26.06
C SER B 384 -0.83 19.80 -25.73
N TYR B 385 -0.52 20.74 -26.62
CA TYR B 385 0.64 21.59 -26.43
C TYR B 385 0.41 22.94 -27.09
N GLY B 386 1.14 23.94 -26.60
CA GLY B 386 0.99 25.30 -27.08
C GLY B 386 1.85 25.61 -28.29
N MET B 387 1.54 26.74 -28.93
CA MET B 387 2.15 27.09 -30.19
C MET B 387 3.56 27.65 -30.03
N ALA B 388 3.94 28.04 -28.81
CA ALA B 388 5.29 28.50 -28.49
C ALA B 388 5.80 29.53 -29.48
N SER B 389 6.96 29.25 -30.08
CA SER B 389 7.68 30.26 -30.86
C SER B 389 6.90 30.72 -32.09
N LYS B 390 5.98 29.88 -32.60
CA LYS B 390 5.18 30.25 -33.76
C LYS B 390 4.42 31.54 -33.54
N ARG B 391 4.13 31.88 -32.29
CA ARG B 391 3.44 33.14 -31.97
C ARG B 391 4.40 34.27 -31.65
N ALA B 392 5.70 34.02 -31.66
CA ALA B 392 6.70 35.02 -31.31
C ALA B 392 7.28 35.68 -32.56
N VAL B 393 7.90 36.83 -32.36
CA VAL B 393 8.52 37.57 -33.45
C VAL B 393 9.90 36.99 -33.72
N ALA B 394 10.15 36.61 -34.96
CA ALA B 394 11.44 36.05 -35.36
C ALA B 394 12.51 37.14 -35.42
N SER B 401 23.05 28.78 -40.05
CA SER B 401 24.14 28.60 -39.12
C SER B 401 23.64 28.00 -37.80
N SER B 402 24.11 26.78 -37.51
CA SER B 402 23.76 26.12 -36.25
C SER B 402 24.01 27.01 -35.04
N PHE B 403 25.11 27.77 -35.05
CA PHE B 403 25.43 28.64 -33.93
C PHE B 403 24.35 29.69 -33.71
N ASP B 404 23.94 30.38 -34.78
CA ASP B 404 22.90 31.39 -34.66
C ASP B 404 21.57 30.76 -34.26
N ARG B 405 21.26 29.58 -34.79
CA ARG B 405 20.03 28.90 -34.43
C ARG B 405 20.00 28.58 -32.94
N ALA B 406 21.10 28.05 -32.41
CA ALA B 406 21.17 27.74 -30.98
C ALA B 406 21.11 29.00 -30.13
N ARG B 407 21.79 30.07 -30.58
CA ARG B 407 21.75 31.32 -29.83
C ARG B 407 20.33 31.88 -29.77
N LYS B 408 19.60 31.83 -30.88
CA LYS B 408 18.22 32.29 -30.88
C LYS B 408 17.33 31.39 -30.03
N GLY B 409 17.55 30.08 -30.07
CA GLY B 409 16.74 29.16 -29.31
C GLY B 409 17.07 29.06 -27.84
N LEU B 410 18.18 29.67 -27.40
CA LEU B 410 18.52 29.66 -25.98
C LEU B 410 17.47 30.40 -25.15
N PHE B 411 17.00 31.54 -25.65
CA PHE B 411 16.01 32.34 -24.94
C PHE B 411 14.58 32.02 -25.33
N GLU B 412 14.38 31.11 -26.28
CA GLU B 412 13.03 30.77 -26.71
C GLU B 412 12.28 30.04 -25.61
N GLU B 413 10.98 30.31 -25.52
CA GLU B 413 10.14 29.69 -24.50
C GLU B 413 9.93 28.22 -24.81
N GLY B 414 9.89 27.40 -23.76
CA GLY B 414 9.66 25.98 -23.95
C GLY B 414 8.23 25.67 -24.32
N ILE B 415 8.04 24.47 -24.86
CA ILE B 415 6.71 24.01 -25.28
C ILE B 415 6.04 23.37 -24.08
N SER B 416 4.95 23.97 -23.62
CA SER B 416 4.19 23.42 -22.51
C SER B 416 3.34 22.25 -22.99
N THR B 417 3.08 21.32 -22.08
CA THR B 417 2.27 20.14 -22.39
C THR B 417 1.43 19.77 -21.19
N SER B 418 0.29 19.13 -21.47
CA SER B 418 -0.61 18.66 -20.43
C SER B 418 -1.51 17.58 -21.00
N ARG B 419 -2.10 16.80 -20.10
CA ARG B 419 -2.97 15.69 -20.49
C ARG B 419 -4.42 16.14 -20.41
N MET B 420 -5.17 15.87 -21.48
CA MET B 420 -6.58 16.20 -21.56
C MET B 420 -7.38 14.90 -21.61
N SER B 421 -8.08 14.59 -20.54
CA SER B 421 -8.84 13.35 -20.46
C SER B 421 -10.10 13.44 -21.33
N LEU B 422 -10.50 12.29 -21.86
CA LEU B 422 -11.69 12.20 -22.71
C LEU B 422 -12.88 11.78 -21.86
N ASP B 423 -13.94 12.55 -21.89
CA ASP B 423 -15.15 12.19 -21.17
C ASP B 423 -15.83 11.01 -21.86
N PRO B 424 -16.14 9.94 -21.11
CA PRO B 424 -16.78 8.78 -21.76
C PRO B 424 -18.10 9.10 -22.42
N ALA B 425 -18.88 10.02 -21.85
CA ALA B 425 -20.15 10.44 -22.44
C ALA B 425 -20.01 11.59 -23.42
N ARG B 426 -18.85 12.23 -23.47
CA ARG B 426 -18.59 13.37 -24.35
C ARG B 426 -17.27 13.19 -25.09
N GLY B 427 -17.07 12.00 -25.66
CA GLY B 427 -15.84 11.73 -26.38
C GLY B 427 -15.68 12.60 -27.62
N GLY B 428 -16.77 12.79 -28.37
CA GLY B 428 -16.71 13.60 -29.56
C GLY B 428 -16.85 15.08 -29.28
N VAL B 429 -16.38 15.89 -30.24
CA VAL B 429 -16.48 17.34 -30.10
C VAL B 429 -17.91 17.82 -30.24
N GLU B 430 -18.77 17.04 -30.90
CA GLU B 430 -20.18 17.42 -31.02
C GLU B 430 -20.88 17.44 -29.67
N ASP B 431 -20.49 16.52 -28.77
CA ASP B 431 -21.07 16.55 -27.43
C ASP B 431 -20.67 17.82 -26.68
N LEU B 432 -19.42 18.25 -26.81
CA LEU B 432 -18.99 19.49 -26.19
C LEU B 432 -19.71 20.69 -26.81
N LEU B 433 -19.93 20.66 -28.13
CA LEU B 433 -20.70 21.71 -28.77
C LEU B 433 -22.12 21.76 -28.25
N ASP B 434 -22.75 20.60 -28.06
CA ASP B 434 -24.09 20.55 -27.48
C ASP B 434 -24.09 21.11 -26.07
N HIS B 435 -23.08 20.75 -25.28
CA HIS B 435 -22.95 21.27 -23.92
C HIS B 435 -22.90 22.79 -23.92
N ILE B 436 -22.00 23.35 -24.73
CA ILE B 436 -21.80 24.80 -24.75
C ILE B 436 -23.05 25.51 -25.27
N THR B 437 -23.66 24.98 -26.33
CA THR B 437 -24.85 25.62 -26.88
C THR B 437 -26.02 25.58 -25.90
N SER B 438 -26.18 24.45 -25.18
CA SER B 438 -27.22 24.37 -24.17
C SER B 438 -26.97 25.39 -23.06
N GLY B 439 -25.72 25.52 -22.62
CA GLY B 439 -25.40 26.52 -21.60
C GLY B 439 -25.71 27.92 -22.05
N VAL B 440 -25.33 28.27 -23.29
CA VAL B 440 -25.57 29.62 -23.79
C VAL B 440 -27.06 29.88 -23.95
N ARG B 441 -27.81 28.89 -24.44
CA ARG B 441 -29.25 29.06 -24.59
C ARG B 441 -29.93 29.24 -23.25
N SER B 442 -29.52 28.46 -22.24
CA SER B 442 -30.08 28.63 -20.91
C SER B 442 -29.73 30.01 -20.34
N THR B 443 -28.51 30.49 -20.59
CA THR B 443 -28.16 31.84 -20.16
C THR B 443 -29.06 32.87 -20.81
N CYS B 444 -29.30 32.73 -22.12
CA CYS B 444 -30.15 33.68 -22.83
C CYS B 444 -31.58 33.65 -22.29
N THR B 445 -32.10 32.45 -22.01
CA THR B 445 -33.45 32.36 -21.46
C THR B 445 -33.52 33.00 -20.08
N TYR B 446 -32.49 32.78 -19.25
CA TYR B 446 -32.49 33.40 -17.92
C TYR B 446 -32.43 34.92 -18.02
N VAL B 447 -31.60 35.44 -18.93
CA VAL B 447 -31.52 36.89 -19.10
C VAL B 447 -32.81 37.43 -19.71
N GLY B 448 -33.39 36.69 -20.66
CA GLY B 448 -34.57 37.16 -21.33
C GLY B 448 -34.29 37.74 -22.69
N ALA B 449 -33.33 37.15 -23.40
CA ALA B 449 -32.87 37.65 -24.69
C ALA B 449 -33.07 36.59 -25.77
N ALA B 450 -33.54 37.01 -26.93
CA ALA B 450 -33.75 36.12 -28.06
C ALA B 450 -32.52 36.01 -28.97
N ASN B 451 -31.51 36.84 -28.76
CA ASN B 451 -30.31 36.81 -29.60
C ASN B 451 -29.15 37.40 -28.81
N LEU B 452 -27.94 37.18 -29.34
CA LEU B 452 -26.74 37.66 -28.67
C LEU B 452 -26.69 39.17 -28.47
N PRO B 453 -27.05 40.03 -29.44
CA PRO B 453 -27.09 41.47 -29.13
C PRO B 453 -28.02 41.81 -27.99
N GLU B 454 -29.19 41.17 -27.92
CA GLU B 454 -30.07 41.38 -26.79
C GLU B 454 -29.47 40.85 -25.50
N LEU B 455 -28.71 39.76 -25.59
CA LEU B 455 -28.01 39.25 -24.41
C LEU B 455 -27.02 40.27 -23.88
N HIS B 456 -26.28 40.92 -24.78
CA HIS B 456 -25.33 41.95 -24.34
C HIS B 456 -26.06 43.17 -23.81
N GLU B 457 -27.21 43.52 -24.40
CA GLU B 457 -27.90 44.75 -24.00
C GLU B 457 -28.58 44.58 -22.65
N LYS B 458 -29.24 43.45 -22.41
CA LYS B 458 -30.11 43.27 -21.25
C LYS B 458 -29.42 42.63 -20.06
N VAL B 459 -28.16 42.21 -20.19
CA VAL B 459 -27.50 41.46 -19.11
C VAL B 459 -27.18 42.41 -17.96
N VAL B 460 -27.28 41.89 -16.73
CA VAL B 460 -26.88 42.60 -15.53
C VAL B 460 -25.87 41.73 -14.80
N LEU B 461 -24.72 42.30 -14.49
CA LEU B 461 -23.61 41.55 -13.91
C LEU B 461 -23.47 41.85 -12.42
N GLY B 462 -22.83 40.92 -11.71
CA GLY B 462 -22.57 41.08 -10.30
C GLY B 462 -21.17 40.59 -9.96
N VAL B 463 -20.74 40.92 -8.75
CA VAL B 463 -19.41 40.55 -8.26
C VAL B 463 -19.59 39.66 -7.03
N GLN B 464 -18.84 38.57 -6.99
CA GLN B 464 -18.89 37.63 -5.88
C GLN B 464 -17.49 37.35 -5.37
N SER B 465 -17.41 36.93 -4.12
CA SER B 465 -16.14 36.62 -3.48
C SER B 465 -15.74 35.18 -3.79
N ALA B 466 -14.68 34.70 -3.13
CA ALA B 466 -14.23 33.33 -3.35
C ALA B 466 -15.26 32.31 -2.89
N ALA B 467 -15.93 32.58 -1.76
CA ALA B 467 -16.95 31.66 -1.26
C ALA B 467 -18.15 31.60 -2.18
N GLY B 468 -18.44 32.70 -2.89
CA GLY B 468 -19.58 32.70 -3.79
C GLY B 468 -19.41 31.74 -4.95
N PHE B 469 -18.18 31.60 -5.46
CA PHE B 469 -17.93 30.69 -6.57
C PHE B 469 -18.19 29.24 -6.18
N ALA B 470 -17.77 28.86 -4.97
CA ALA B 470 -17.97 27.49 -4.50
C ALA B 470 -19.43 27.15 -4.25
N GLU B 471 -20.31 28.15 -4.23
CA GLU B 471 -21.73 27.89 -4.02
C GLU B 471 -22.31 27.10 -5.18
N GLY B 472 -23.18 26.16 -4.87
CA GLY B 472 -23.78 25.30 -5.87
C GLY B 472 -23.16 23.91 -5.88
N HIS B 473 -23.53 23.16 -6.92
CA HIS B 473 -23.05 21.79 -7.04
C HIS B 473 -21.54 21.76 -7.26
N PRO B 474 -20.83 20.86 -6.59
CA PRO B 474 -19.37 20.74 -6.77
C PRO B 474 -18.96 20.73 -8.24
N LEU B 475 -17.99 21.57 -8.57
CA LEU B 475 -17.49 21.63 -9.93
C LEU B 475 -16.82 20.30 -10.28
N PRO B 476 -16.87 19.89 -11.57
CA PRO B 476 -16.27 18.61 -11.98
C PRO B 476 -14.77 18.53 -11.73
N VAL C 2 -31.95 45.05 7.69
CA VAL C 2 -30.93 44.63 8.63
C VAL C 2 -29.94 45.75 8.88
N ARG C 3 -29.17 45.64 9.95
CA ARG C 3 -28.18 46.64 10.33
C ARG C 3 -26.79 46.02 10.26
N PHE C 4 -25.88 46.69 9.57
CA PHE C 4 -24.49 46.28 9.47
C PHE C 4 -23.60 47.20 10.29
N LEU C 5 -22.40 46.71 10.60
CA LEU C 5 -21.43 47.52 11.32
C LEU C 5 -20.95 48.67 10.45
N ASP C 6 -20.53 49.75 11.11
CA ASP C 6 -20.08 50.94 10.39
C ASP C 6 -18.87 50.61 9.52
N GLY C 7 -18.91 51.03 8.26
CA GLY C 7 -17.85 50.77 7.33
C GLY C 7 -17.92 49.43 6.63
N HIS C 8 -18.89 48.58 6.98
CA HIS C 8 -19.02 47.25 6.38
C HIS C 8 -19.96 47.34 5.18
N THR C 9 -19.44 47.92 4.10
CA THR C 9 -20.16 48.06 2.83
C THR C 9 -19.30 47.47 1.73
N PRO C 10 -19.31 46.15 1.56
CA PRO C 10 -18.45 45.53 0.55
C PRO C 10 -18.95 45.83 -0.87
N ALA C 11 -18.04 45.64 -1.83
CA ALA C 11 -18.34 45.86 -3.24
C ALA C 11 -18.72 44.58 -3.95
N TYR C 12 -19.28 43.61 -3.23
CA TYR C 12 -19.69 42.34 -3.81
C TYR C 12 -20.83 41.76 -2.98
N ASP C 13 -21.56 40.85 -3.59
CA ASP C 13 -22.66 40.18 -2.88
C ASP C 13 -22.10 39.20 -1.86
N LEU C 14 -22.88 38.98 -0.81
CA LEU C 14 -22.44 38.22 0.36
C LEU C 14 -23.14 36.86 0.41
N THR C 15 -22.43 35.87 0.95
CA THR C 15 -22.96 34.53 1.17
C THR C 15 -23.10 34.28 2.67
N TYR C 16 -23.49 33.05 3.02
CA TYR C 16 -23.59 32.69 4.43
C TYR C 16 -22.23 32.65 5.11
N ASN C 17 -21.18 32.33 4.37
CA ASN C 17 -19.84 32.24 4.95
C ASN C 17 -19.17 33.59 5.12
N ASP C 18 -19.70 34.65 4.50
CA ASP C 18 -19.07 35.97 4.54
C ASP C 18 -19.66 36.88 5.61
N VAL C 19 -20.61 36.39 6.42
CA VAL C 19 -21.30 37.23 7.39
C VAL C 19 -21.25 36.56 8.76
N PHE C 20 -21.43 37.37 9.80
CA PHE C 20 -21.48 36.89 11.17
C PHE C 20 -22.42 37.80 11.96
N VAL C 21 -22.88 37.28 13.10
CA VAL C 21 -23.85 37.97 13.96
C VAL C 21 -23.11 38.50 15.18
N VAL C 22 -23.25 39.79 15.43
CA VAL C 22 -22.62 40.44 16.58
C VAL C 22 -23.56 40.35 17.78
N PRO C 23 -23.10 39.82 18.91
CA PRO C 23 -23.98 39.73 20.09
C PRO C 23 -24.36 41.11 20.61
N GLY C 24 -25.55 41.19 21.20
CA GLY C 24 -26.03 42.41 21.82
C GLY C 24 -26.55 42.15 23.21
N ARG C 25 -27.01 43.23 23.84
CA ARG C 25 -27.58 43.12 25.18
C ARG C 25 -28.81 42.22 25.15
N SER C 26 -28.86 41.26 26.08
CA SER C 26 -29.89 40.24 26.07
C SER C 26 -30.48 40.07 27.47
N ASP C 27 -31.75 39.67 27.51
CA ASP C 27 -32.41 39.33 28.76
C ASP C 27 -33.09 37.96 28.71
N VAL C 28 -32.87 37.20 27.64
CA VAL C 28 -33.43 35.86 27.52
C VAL C 28 -32.60 34.90 28.37
N ALA C 29 -33.25 34.25 29.33
CA ALA C 29 -32.52 33.41 30.28
C ALA C 29 -31.99 32.15 29.62
N SER C 30 -32.84 31.44 28.87
CA SER C 30 -32.47 30.15 28.32
C SER C 30 -33.05 30.00 26.93
N ARG C 31 -32.70 28.89 26.26
CA ARG C 31 -33.21 28.62 24.93
C ARG C 31 -34.71 28.42 24.92
N PHE C 32 -35.24 27.76 25.96
CA PHE C 32 -36.66 27.41 26.01
C PHE C 32 -37.58 28.63 26.08
N ASP C 33 -37.06 29.81 26.39
CA ASP C 33 -37.87 31.01 26.43
C ASP C 33 -38.11 31.61 25.06
N VAL C 34 -37.50 31.07 24.01
CA VAL C 34 -37.62 31.61 22.66
C VAL C 34 -38.78 30.92 21.96
N ASP C 35 -39.63 31.72 21.30
CA ASP C 35 -40.74 31.21 20.50
C ASP C 35 -40.33 31.20 19.03
N LEU C 36 -40.39 30.04 18.41
CA LEU C 36 -39.93 29.86 17.04
C LEU C 36 -41.07 29.81 16.03
N SER C 37 -42.29 30.17 16.44
CA SER C 37 -43.43 30.11 15.54
C SER C 37 -43.29 31.14 14.42
N THR C 38 -43.64 30.73 13.20
CA THR C 38 -43.58 31.61 12.05
C THR C 38 -44.86 32.45 11.96
N VAL C 39 -44.78 33.51 11.16
CA VAL C 39 -45.89 34.44 11.02
C VAL C 39 -46.25 34.62 9.55
N ASP C 40 -45.83 33.69 8.70
CA ASP C 40 -46.09 33.76 7.27
C ASP C 40 -47.38 33.06 6.86
N GLY C 41 -48.11 32.48 7.82
CA GLY C 41 -49.34 31.80 7.51
C GLY C 41 -49.20 30.34 7.13
N SER C 42 -47.97 29.83 7.06
CA SER C 42 -47.78 28.43 6.72
C SER C 42 -48.21 27.49 7.84
N GLY C 43 -48.35 27.99 9.06
CA GLY C 43 -48.75 27.19 10.19
C GLY C 43 -47.65 26.40 10.86
N THR C 44 -46.41 26.55 10.40
CA THR C 44 -45.29 25.84 11.00
C THR C 44 -44.87 26.51 12.30
N THR C 45 -44.70 25.70 13.35
CA THR C 45 -44.21 26.22 14.63
C THR C 45 -42.69 26.33 14.68
N ILE C 46 -41.99 25.76 13.71
CA ILE C 46 -40.54 25.90 13.59
C ILE C 46 -40.23 26.36 12.17
N PRO C 47 -39.15 27.12 11.96
CA PRO C 47 -38.81 27.63 10.62
C PRO C 47 -38.05 26.63 9.75
N VAL C 48 -38.60 25.42 9.62
CA VAL C 48 -37.99 24.36 8.83
C VAL C 48 -39.01 23.84 7.84
N VAL C 49 -38.64 23.83 6.56
CA VAL C 49 -39.49 23.32 5.49
C VAL C 49 -38.66 22.33 4.68
N VAL C 50 -39.25 21.18 4.36
CA VAL C 50 -38.58 20.15 3.57
C VAL C 50 -38.84 20.41 2.10
N ALA C 51 -37.79 20.34 1.29
CA ALA C 51 -37.90 20.65 -0.13
C ALA C 51 -38.73 19.60 -0.86
N ASN C 52 -39.33 20.02 -1.96
CA ASN C 52 -40.19 19.15 -2.78
C ASN C 52 -39.32 18.35 -3.76
N MET C 53 -38.63 17.37 -3.20
CA MET C 53 -37.80 16.44 -3.97
C MET C 53 -38.26 15.01 -3.71
N THR C 54 -38.24 14.19 -4.76
CA THR C 54 -38.62 12.79 -4.61
C THR C 54 -37.62 12.03 -3.74
N ALA C 55 -36.39 12.52 -3.61
CA ALA C 55 -35.39 11.88 -2.78
C ALA C 55 -35.50 12.27 -1.31
N VAL C 56 -36.30 13.27 -0.98
CA VAL C 56 -36.45 13.76 0.39
C VAL C 56 -37.89 13.64 0.87
N ALA C 57 -38.84 14.14 0.09
CA ALA C 57 -40.23 14.15 0.52
C ALA C 57 -40.82 12.75 0.44
N GLY C 58 -41.51 12.34 1.50
CA GLY C 58 -42.14 11.03 1.55
C GLY C 58 -43.11 10.97 2.70
N ARG C 59 -43.82 9.84 2.78
CA ARG C 59 -44.84 9.68 3.81
C ARG C 59 -44.22 9.73 5.21
N ARG C 60 -43.19 8.90 5.45
CA ARG C 60 -42.56 8.87 6.76
C ARG C 60 -41.92 10.21 7.10
N MET C 61 -41.21 10.81 6.14
CA MET C 61 -40.60 12.12 6.37
C MET C 61 -41.66 13.18 6.65
N ALA C 62 -42.76 13.16 5.89
CA ALA C 62 -43.82 14.15 6.11
C ALA C 62 -44.41 14.00 7.51
N GLU C 63 -44.69 12.76 7.92
CA GLU C 63 -45.26 12.55 9.25
C GLU C 63 -44.31 12.99 10.34
N THR C 64 -43.03 12.60 10.22
CA THR C 64 -42.06 12.94 11.26
C THR C 64 -41.85 14.45 11.37
N VAL C 65 -41.76 15.13 10.22
CA VAL C 65 -41.53 16.57 10.24
C VAL C 65 -42.76 17.30 10.76
N ALA C 66 -43.96 16.88 10.32
CA ALA C 66 -45.18 17.55 10.77
C ALA C 66 -45.42 17.34 12.26
N ARG C 67 -45.03 16.18 12.80
CA ARG C 67 -45.22 15.96 14.23
C ARG C 67 -44.37 16.91 15.07
N ARG C 68 -43.20 17.30 14.57
CA ARG C 68 -42.30 18.18 15.31
C ARG C 68 -42.53 19.65 15.02
N GLY C 69 -43.47 19.99 14.13
CA GLY C 69 -43.82 21.37 13.87
C GLY C 69 -43.51 21.87 12.48
N GLY C 70 -42.72 21.13 11.70
CA GLY C 70 -42.39 21.54 10.35
C GLY C 70 -43.46 21.11 9.35
N ILE C 71 -43.17 21.38 8.08
CA ILE C 71 -44.05 21.01 6.99
C ILE C 71 -43.21 20.43 5.85
N VAL C 72 -43.85 19.59 5.04
CA VAL C 72 -43.20 18.93 3.91
C VAL C 72 -44.02 19.19 2.67
N VAL C 73 -43.36 19.64 1.60
CA VAL C 73 -44.00 19.89 0.31
C VAL C 73 -43.78 18.67 -0.57
N LEU C 74 -44.88 18.08 -1.05
CA LEU C 74 -44.77 16.91 -1.91
C LEU C 74 -44.23 17.32 -3.28
N PRO C 75 -43.46 16.43 -3.92
CA PRO C 75 -42.89 16.77 -5.23
C PRO C 75 -43.97 16.96 -6.28
N GLN C 76 -43.69 17.85 -7.24
CA GLN C 76 -44.61 18.10 -8.32
C GLN C 76 -44.64 16.93 -9.30
N ASP C 77 -45.69 16.90 -10.13
CA ASP C 77 -45.93 15.87 -11.13
C ASP C 77 -46.15 14.49 -10.53
N LEU C 78 -46.27 14.39 -9.20
CA LEU C 78 -46.58 13.11 -8.57
C LEU C 78 -48.02 12.72 -8.90
N PRO C 79 -48.29 11.43 -9.10
CA PRO C 79 -49.67 11.01 -9.40
C PRO C 79 -50.64 11.41 -8.31
N ILE C 80 -51.84 11.82 -8.73
CA ILE C 80 -52.83 12.35 -7.79
C ILE C 80 -53.30 11.28 -6.81
N THR C 81 -53.40 10.02 -7.25
CA THR C 81 -53.82 8.96 -6.34
C THR C 81 -52.81 8.78 -5.22
N ALA C 82 -51.52 8.75 -5.55
CA ALA C 82 -50.48 8.61 -4.53
C ALA C 82 -50.50 9.80 -3.59
N VAL C 83 -50.76 11.00 -4.12
CA VAL C 83 -50.88 12.18 -3.27
C VAL C 83 -52.04 12.01 -2.30
N SER C 84 -53.17 11.47 -2.78
CA SER C 84 -54.32 11.28 -1.90
C SER C 84 -54.00 10.28 -0.79
N GLU C 85 -53.36 9.16 -1.13
CA GLU C 85 -52.99 8.20 -0.09
C GLU C 85 -52.01 8.80 0.90
N THR C 86 -51.02 9.56 0.42
CA THR C 86 -50.05 10.17 1.31
C THR C 86 -50.73 11.15 2.26
N VAL C 87 -51.64 11.98 1.74
CA VAL C 87 -52.32 12.96 2.57
C VAL C 87 -53.18 12.26 3.62
N ASP C 88 -53.91 11.21 3.20
CA ASP C 88 -54.74 10.48 4.15
C ASP C 88 -53.91 9.83 5.24
N PHE C 89 -52.78 9.21 4.85
CA PHE C 89 -51.91 8.57 5.84
C PHE C 89 -51.33 9.60 6.81
N VAL C 90 -50.91 10.76 6.30
CA VAL C 90 -50.34 11.79 7.17
C VAL C 90 -51.40 12.32 8.13
N LYS C 91 -52.60 12.60 7.63
CA LYS C 91 -53.65 13.15 8.47
C LYS C 91 -54.29 12.11 9.38
N SER C 92 -54.02 10.82 9.18
CA SER C 92 -54.53 9.78 10.05
C SER C 92 -53.57 9.41 11.17
N ARG C 93 -52.45 10.12 11.31
CA ARG C 93 -51.47 9.80 12.33
C ARG C 93 -51.83 10.46 13.66
N ASP C 94 -51.20 9.96 14.72
CA ASP C 94 -51.37 10.51 16.06
C ASP C 94 -50.37 11.66 16.28
N LEU C 95 -50.79 12.64 17.05
CA LEU C 95 -49.98 13.83 17.29
C LEU C 95 -48.83 13.60 18.26
N VAL C 96 -48.81 12.48 18.99
CA VAL C 96 -47.82 12.20 20.01
C VAL C 96 -47.07 10.91 19.72
N VAL C 97 -47.80 9.84 19.40
CA VAL C 97 -47.23 8.51 19.26
C VAL C 97 -46.80 8.29 17.83
N ASP C 98 -45.56 7.87 17.64
CA ASP C 98 -45.00 7.62 16.33
C ASP C 98 -45.52 6.30 15.76
N THR C 99 -45.44 6.19 14.43
CA THR C 99 -45.86 4.97 13.75
C THR C 99 -44.66 4.05 13.58
N PRO C 100 -44.68 2.85 14.16
CA PRO C 100 -43.54 1.94 14.04
C PRO C 100 -43.65 1.07 12.78
N VAL C 101 -42.57 0.34 12.53
CA VAL C 101 -42.53 -0.63 11.45
C VAL C 101 -43.31 -1.88 11.87
N THR C 102 -44.26 -2.30 11.05
CA THR C 102 -45.09 -3.46 11.35
C THR C 102 -44.65 -4.65 10.51
N LEU C 103 -44.71 -5.83 11.12
CA LEU C 103 -44.31 -7.06 10.45
C LEU C 103 -45.34 -8.15 10.75
N SER C 104 -45.39 -9.13 9.86
CA SER C 104 -46.22 -10.32 10.03
C SER C 104 -45.35 -11.52 10.36
N PRO C 105 -45.88 -12.50 11.10
CA PRO C 105 -45.08 -13.69 11.42
C PRO C 105 -44.63 -14.48 10.20
N GLU C 106 -45.33 -14.37 9.07
CA GLU C 106 -44.96 -15.07 7.85
C GLU C 106 -43.94 -14.32 7.02
N ASP C 107 -43.54 -13.12 7.43
CA ASP C 107 -42.58 -12.34 6.66
C ASP C 107 -41.18 -12.95 6.74
N SER C 108 -40.37 -12.65 5.75
CA SER C 108 -39.01 -13.16 5.69
C SER C 108 -38.10 -12.37 6.63
N VAL C 109 -36.99 -13.01 7.01
CA VAL C 109 -36.01 -12.35 7.87
C VAL C 109 -35.31 -11.23 7.12
N SER C 110 -35.04 -11.43 5.84
CA SER C 110 -34.40 -10.38 5.05
C SER C 110 -35.29 -9.15 4.94
N ASP C 111 -36.61 -9.36 4.74
CA ASP C 111 -37.53 -8.24 4.69
C ASP C 111 -37.56 -7.49 6.01
N ALA C 112 -37.56 -8.22 7.13
CA ALA C 112 -37.53 -7.57 8.44
C ALA C 112 -36.26 -6.76 8.63
N ASN C 113 -35.12 -7.32 8.23
CA ASN C 113 -33.84 -6.60 8.38
C ASN C 113 -33.84 -5.33 7.54
N ALA C 114 -34.31 -5.44 6.29
CA ALA C 114 -34.35 -4.27 5.42
C ALA C 114 -35.31 -3.21 5.96
N LEU C 115 -36.45 -3.62 6.52
CA LEU C 115 -37.43 -2.68 7.05
C LEU C 115 -37.01 -2.09 8.38
N LEU C 116 -36.07 -2.72 9.09
CA LEU C 116 -35.65 -2.20 10.38
C LEU C 116 -35.08 -0.79 10.28
N HIS C 117 -34.50 -0.45 9.13
CA HIS C 117 -33.89 0.86 8.94
C HIS C 117 -34.84 1.90 8.36
N LYS C 118 -36.12 1.55 8.17
CA LYS C 118 -37.08 2.52 7.66
C LYS C 118 -37.46 3.56 8.70
N ARG C 119 -37.20 3.31 9.98
CA ARG C 119 -37.51 4.25 11.04
C ARG C 119 -36.32 4.34 11.99
N ALA C 120 -36.31 5.42 12.78
CA ALA C 120 -35.24 5.65 13.74
C ALA C 120 -35.47 4.96 15.07
N HIS C 121 -36.59 4.25 15.23
CA HIS C 121 -36.87 3.57 16.49
C HIS C 121 -35.88 2.44 16.76
N GLY C 122 -35.34 1.82 15.72
CA GLY C 122 -34.41 0.73 15.87
C GLY C 122 -35.03 -0.63 16.11
N ALA C 123 -36.36 -0.72 16.11
CA ALA C 123 -37.03 -2.00 16.32
C ALA C 123 -38.36 -1.98 15.58
N ALA C 124 -38.87 -3.17 15.29
CA ALA C 124 -40.14 -3.34 14.60
C ALA C 124 -41.09 -4.18 15.46
N VAL C 125 -42.37 -3.87 15.36
CA VAL C 125 -43.40 -4.53 16.15
C VAL C 125 -44.09 -5.58 15.27
N VAL C 126 -44.04 -6.83 15.71
CA VAL C 126 -44.74 -7.91 15.02
C VAL C 126 -46.21 -7.86 15.40
N VAL C 127 -47.08 -7.85 14.39
CA VAL C 127 -48.52 -7.67 14.57
C VAL C 127 -49.23 -8.91 14.05
N PHE C 128 -50.07 -9.50 14.90
CA PHE C 128 -50.90 -10.64 14.52
C PHE C 128 -52.35 -10.33 14.89
N GLU C 129 -53.21 -10.29 13.88
CA GLU C 129 -54.63 -9.95 14.07
C GLU C 129 -54.78 -8.59 14.76
N GLY C 130 -53.90 -7.66 14.43
CA GLY C 130 -53.94 -6.33 15.01
C GLY C 130 -53.33 -6.21 16.39
N ARG C 131 -52.82 -7.30 16.97
CA ARG C 131 -52.30 -7.30 18.32
C ARG C 131 -50.79 -7.52 18.31
N PRO C 132 -50.02 -6.66 18.98
CA PRO C 132 -48.57 -6.90 19.07
C PRO C 132 -48.28 -8.21 19.81
N ILE C 133 -47.29 -8.94 19.30
CA ILE C 133 -46.96 -10.24 19.87
C ILE C 133 -45.46 -10.34 20.16
N GLY C 134 -44.68 -9.38 19.66
CA GLY C 134 -43.25 -9.42 19.89
C GLY C 134 -42.56 -8.27 19.20
N LEU C 135 -41.23 -8.26 19.35
CA LEU C 135 -40.38 -7.20 18.83
C LEU C 135 -39.23 -7.82 18.05
N VAL C 136 -38.82 -7.17 16.97
CA VAL C 136 -37.72 -7.61 16.12
C VAL C 136 -36.65 -6.53 16.14
N THR C 137 -35.43 -6.91 16.52
CA THR C 137 -34.29 -6.02 16.55
C THR C 137 -33.16 -6.60 15.70
N GLU C 138 -32.15 -5.76 15.45
CA GLU C 138 -31.03 -6.19 14.62
C GLU C 138 -30.25 -7.34 15.26
N ALA C 139 -30.25 -7.40 16.59
CA ALA C 139 -29.55 -8.49 17.27
C ALA C 139 -30.23 -9.83 17.06
N ASN C 140 -31.57 -9.82 16.98
CA ASN C 140 -32.30 -11.07 16.82
C ASN C 140 -32.06 -11.68 15.44
N CYS C 141 -32.05 -10.85 14.39
CA CYS C 141 -31.89 -11.37 13.04
C CYS C 141 -30.46 -11.80 12.74
N ALA C 142 -29.49 -11.34 13.53
CA ALA C 142 -28.10 -11.70 13.27
C ALA C 142 -27.87 -13.18 13.57
N GLY C 143 -27.22 -13.86 12.62
CA GLY C 143 -26.94 -15.28 12.77
C GLY C 143 -28.05 -16.21 12.35
N VAL C 144 -29.22 -15.68 11.98
CA VAL C 144 -30.36 -16.48 11.58
C VAL C 144 -30.38 -16.60 10.06
N ASP C 145 -30.86 -17.73 9.56
CA ASP C 145 -30.98 -17.92 8.13
C ASP C 145 -31.84 -16.81 7.53
N ARG C 146 -31.37 -16.27 6.40
CA ARG C 146 -32.02 -15.10 5.82
C ARG C 146 -33.44 -15.40 5.34
N PHE C 147 -33.73 -16.64 4.98
CA PHE C 147 -35.02 -17.01 4.44
C PHE C 147 -35.91 -17.73 5.44
N ALA C 148 -35.58 -17.67 6.72
CA ALA C 148 -36.49 -18.16 7.75
C ALA C 148 -37.69 -17.22 7.88
N ARG C 149 -38.60 -17.56 8.78
CA ARG C 149 -39.81 -16.78 8.99
C ARG C 149 -39.64 -15.91 10.23
N VAL C 150 -40.51 -14.89 10.34
CA VAL C 150 -40.48 -14.01 11.50
C VAL C 150 -40.83 -14.79 12.77
N ARG C 151 -41.76 -15.74 12.66
CA ARG C 151 -42.14 -16.55 13.80
C ARG C 151 -40.99 -17.38 14.34
N ASP C 152 -39.98 -17.68 13.50
CA ASP C 152 -38.81 -18.40 13.98
C ASP C 152 -37.92 -17.50 14.83
N ILE C 153 -37.93 -16.19 14.58
CA ILE C 153 -37.12 -15.26 15.34
C ILE C 153 -37.61 -15.22 16.78
N ALA C 154 -36.66 -15.26 17.73
CA ALA C 154 -37.01 -15.20 19.14
C ALA C 154 -37.48 -13.79 19.50
N LEU C 155 -38.79 -13.59 19.48
CA LEU C 155 -39.36 -12.27 19.72
C LEU C 155 -39.12 -11.85 21.17
N SER C 156 -38.65 -10.62 21.37
CA SER C 156 -38.31 -10.12 22.69
C SER C 156 -39.50 -9.43 23.33
N ASP C 157 -39.51 -9.43 24.66
CA ASP C 157 -40.58 -8.78 25.42
C ASP C 157 -40.51 -7.27 25.22
N PHE C 158 -41.66 -6.62 25.41
CA PHE C 158 -41.78 -5.20 25.17
C PHE C 158 -42.58 -4.54 26.29
N VAL C 159 -42.22 -3.30 26.60
CA VAL C 159 -42.94 -2.51 27.59
C VAL C 159 -44.19 -1.94 26.95
N THR C 160 -45.34 -2.18 27.57
CA THR C 160 -46.64 -1.79 27.02
C THR C 160 -47.30 -0.77 27.94
N ALA C 161 -47.83 0.30 27.35
CA ALA C 161 -48.54 1.33 28.08
C ALA C 161 -49.76 1.76 27.25
N PRO C 162 -50.87 2.08 27.90
CA PRO C 162 -52.06 2.52 27.16
C PRO C 162 -51.87 3.90 26.56
N VAL C 163 -52.63 4.16 25.50
CA VAL C 163 -52.62 5.47 24.87
C VAL C 163 -53.20 6.50 25.82
N GLY C 164 -52.75 7.75 25.69
CA GLY C 164 -53.16 8.81 26.58
C GLY C 164 -52.32 8.94 27.84
N THR C 165 -51.39 8.02 28.07
CA THR C 165 -50.52 8.12 29.23
C THR C 165 -49.59 9.32 29.10
N ASP C 166 -49.34 9.98 30.23
CA ASP C 166 -48.44 11.12 30.23
C ASP C 166 -47.05 10.68 29.81
N PRO C 167 -46.35 11.45 28.97
CA PRO C 167 -45.02 11.03 28.52
C PRO C 167 -44.02 10.84 29.64
N ARG C 168 -44.20 11.51 30.78
CA ARG C 168 -43.30 11.31 31.91
C ARG C 168 -43.34 9.88 32.41
N GLU C 169 -44.53 9.31 32.54
CA GLU C 169 -44.65 7.92 32.99
C GLU C 169 -44.01 6.96 31.98
N VAL C 170 -44.24 7.19 30.69
CA VAL C 170 -43.66 6.33 29.66
C VAL C 170 -42.14 6.41 29.71
N PHE C 171 -41.60 7.61 29.91
CA PHE C 171 -40.16 7.76 30.08
C PHE C 171 -39.68 7.01 31.31
N ASP C 172 -40.46 7.05 32.40
CA ASP C 172 -40.07 6.36 33.63
C ASP C 172 -40.01 4.85 33.43
N LEU C 173 -41.01 4.27 32.76
CA LEU C 173 -41.04 2.82 32.58
C LEU C 173 -39.90 2.32 31.70
N LEU C 174 -39.34 3.17 30.85
CA LEU C 174 -38.25 2.78 29.96
C LEU C 174 -36.88 3.02 30.56
N GLU C 175 -36.80 3.30 31.87
CA GLU C 175 -35.51 3.57 32.49
C GLU C 175 -34.59 2.36 32.44
N HIS C 176 -35.12 1.17 32.71
CA HIS C 176 -34.32 -0.05 32.72
C HIS C 176 -34.74 -1.04 31.65
N ALA C 177 -35.57 -0.64 30.71
CA ALA C 177 -36.01 -1.56 29.66
C ALA C 177 -34.83 -1.90 28.75
N PRO C 178 -34.64 -3.18 28.40
CA PRO C 178 -33.54 -3.52 27.48
C PRO C 178 -33.67 -2.90 26.12
N ILE C 179 -34.89 -2.68 25.64
CA ILE C 179 -35.15 -2.04 24.35
C ILE C 179 -35.87 -0.73 24.61
N ASP C 180 -35.33 0.36 24.06
CA ASP C 180 -35.83 1.70 24.37
C ASP C 180 -36.98 2.10 23.44
N VAL C 181 -38.01 1.24 23.43
CA VAL C 181 -39.25 1.53 22.72
C VAL C 181 -40.41 1.08 23.60
N ALA C 182 -41.48 1.86 23.60
CA ALA C 182 -42.68 1.56 24.37
C ALA C 182 -43.87 1.53 23.41
N VAL C 183 -44.55 0.38 23.35
CA VAL C 183 -45.69 0.23 22.46
C VAL C 183 -46.95 0.75 23.14
N MET C 184 -47.72 1.57 22.42
CA MET C 184 -48.96 2.11 22.92
C MET C 184 -50.13 1.33 22.34
N THR C 185 -51.01 0.83 23.21
CA THR C 185 -52.12 -0.01 22.82
C THR C 185 -53.44 0.69 23.10
N ALA C 186 -54.35 0.63 22.13
CA ALA C 186 -55.65 1.25 22.28
C ALA C 186 -56.48 0.52 23.34
N PRO C 187 -57.53 1.16 23.86
CA PRO C 187 -58.39 0.47 24.85
C PRO C 187 -58.97 -0.83 24.31
N ASP C 188 -59.19 -0.93 23.00
CA ASP C 188 -59.55 -2.21 22.41
C ASP C 188 -58.43 -3.22 22.61
N GLY C 189 -57.18 -2.78 22.44
CA GLY C 189 -56.02 -3.65 22.54
C GLY C 189 -55.21 -3.75 21.26
N THR C 190 -55.57 -3.04 20.20
CA THR C 190 -54.80 -3.09 18.97
C THR C 190 -53.62 -2.13 19.04
N LEU C 191 -52.71 -2.26 18.07
CA LEU C 191 -51.53 -1.42 18.02
C LEU C 191 -51.91 0.00 17.63
N ALA C 192 -51.48 0.98 18.45
CA ALA C 192 -51.68 2.38 18.15
C ALA C 192 -50.40 3.10 17.75
N GLY C 193 -49.24 2.57 18.12
CA GLY C 193 -47.98 3.19 17.78
C GLY C 193 -46.90 2.79 18.76
N VAL C 194 -45.76 3.47 18.66
CA VAL C 194 -44.63 3.23 19.53
C VAL C 194 -44.12 4.57 20.05
N LEU C 195 -43.45 4.51 21.20
CA LEU C 195 -42.87 5.70 21.82
C LEU C 195 -41.51 5.35 22.41
N THR C 196 -40.62 6.33 22.43
CA THR C 196 -39.28 6.18 22.96
C THR C 196 -39.03 7.24 24.02
N ARG C 197 -37.93 7.06 24.76
CA ARG C 197 -37.54 8.06 25.76
C ARG C 197 -37.26 9.41 25.09
N THR C 198 -36.49 9.39 24.00
CA THR C 198 -36.21 10.62 23.27
C THR C 198 -37.49 11.21 22.69
N GLY C 199 -38.38 10.36 22.17
CA GLY C 199 -39.65 10.86 21.68
C GLY C 199 -40.51 11.45 22.78
N ALA C 200 -40.50 10.82 23.96
CA ALA C 200 -41.24 11.35 25.10
C ALA C 200 -40.69 12.71 25.51
N ILE C 201 -39.37 12.87 25.50
CA ILE C 201 -38.77 14.16 25.81
C ILE C 201 -39.17 15.20 24.76
N ARG C 202 -39.11 14.83 23.48
CA ARG C 202 -39.44 15.77 22.42
C ARG C 202 -40.91 16.16 22.43
N ALA C 203 -41.78 15.28 22.94
CA ALA C 203 -43.21 15.58 22.95
C ALA C 203 -43.52 16.85 23.74
N GLY C 204 -42.77 17.11 24.81
CA GLY C 204 -42.97 18.30 25.62
C GLY C 204 -42.27 19.55 25.13
N ILE C 205 -41.50 19.46 24.05
CA ILE C 205 -40.73 20.58 23.52
C ILE C 205 -41.33 21.11 22.22
N TYR C 206 -41.64 20.22 21.30
CA TYR C 206 -42.14 20.59 19.99
C TYR C 206 -43.66 20.53 19.96
N THR C 207 -44.29 21.60 19.49
CA THR C 207 -45.73 21.64 19.30
C THR C 207 -46.05 21.28 17.86
N PRO C 208 -46.79 20.19 17.61
CA PRO C 208 -47.06 19.79 16.22
C PRO C 208 -47.83 20.86 15.46
N ALA C 209 -47.54 20.96 14.17
CA ALA C 209 -48.23 21.88 13.27
C ALA C 209 -49.49 21.20 12.77
N VAL C 210 -50.65 21.74 13.13
CA VAL C 210 -51.93 21.13 12.81
C VAL C 210 -52.82 22.15 12.11
N ASP C 211 -53.79 21.63 11.35
CA ASP C 211 -54.75 22.45 10.64
C ASP C 211 -55.91 22.82 11.57
N ALA C 212 -56.99 23.35 11.01
CA ALA C 212 -58.15 23.71 11.81
C ALA C 212 -58.85 22.50 12.41
N LYS C 213 -58.66 21.32 11.82
CA LYS C 213 -59.29 20.10 12.33
C LYS C 213 -58.39 19.32 13.28
N GLY C 214 -57.19 19.83 13.57
CA GLY C 214 -56.30 19.13 14.49
C GLY C 214 -55.52 18.00 13.87
N ARG C 215 -55.29 18.02 12.57
CA ARG C 215 -54.54 17.00 11.87
C ARG C 215 -53.24 17.58 11.32
N LEU C 216 -52.24 16.72 11.16
CA LEU C 216 -50.93 17.17 10.72
C LEU C 216 -51.01 17.83 9.34
N ARG C 217 -50.28 18.93 9.19
CA ARG C 217 -50.32 19.70 7.95
C ARG C 217 -49.40 19.07 6.90
N ILE C 218 -49.73 19.34 5.64
CA ILE C 218 -48.94 18.85 4.51
C ILE C 218 -49.17 19.79 3.34
N ALA C 219 -48.17 19.85 2.45
CA ALA C 219 -48.21 20.73 1.30
C ALA C 219 -47.84 19.96 0.04
N ALA C 220 -48.28 20.48 -1.10
CA ALA C 220 -48.01 19.88 -2.40
C ALA C 220 -47.53 20.95 -3.37
N ALA C 221 -46.74 20.52 -4.34
CA ALA C 221 -46.13 21.43 -5.32
C ALA C 221 -46.72 21.17 -6.70
N VAL C 222 -46.81 22.23 -7.50
CA VAL C 222 -47.32 22.16 -8.85
C VAL C 222 -46.32 22.82 -9.80
N GLY C 223 -46.31 22.38 -11.04
CA GLY C 223 -45.52 22.99 -12.09
C GLY C 223 -46.28 24.09 -12.80
N ILE C 224 -45.64 24.63 -13.83
CA ILE C 224 -46.25 25.67 -14.66
C ILE C 224 -46.59 25.17 -16.05
N ASN C 225 -46.35 23.89 -16.35
CA ASN C 225 -46.71 23.31 -17.63
C ASN C 225 -48.11 22.72 -17.57
N GLY C 226 -48.78 22.72 -18.73
CA GLY C 226 -50.13 22.19 -18.79
C GLY C 226 -51.13 23.11 -18.09
N ASP C 227 -52.23 22.51 -17.63
CA ASP C 227 -53.28 23.24 -16.94
C ASP C 227 -52.89 23.37 -15.48
N VAL C 228 -52.36 24.53 -15.10
CA VAL C 228 -51.93 24.75 -13.72
C VAL C 228 -53.13 24.86 -12.80
N GLY C 229 -54.19 25.56 -13.25
CA GLY C 229 -55.34 25.77 -12.40
C GLY C 229 -56.06 24.47 -12.05
N ALA C 230 -56.22 23.58 -13.03
CA ALA C 230 -56.89 22.31 -12.76
C ALA C 230 -56.11 21.47 -11.76
N LYS C 231 -54.79 21.39 -11.93
CA LYS C 231 -53.97 20.63 -11.00
C LYS C 231 -53.99 21.23 -9.60
N ALA C 232 -53.94 22.57 -9.52
CA ALA C 232 -53.99 23.22 -8.22
C ALA C 232 -55.32 22.97 -7.52
N GLN C 233 -56.43 23.05 -8.25
CA GLN C 233 -57.73 22.79 -7.67
C GLN C 233 -57.84 21.34 -7.22
N ALA C 234 -57.34 20.41 -8.03
CA ALA C 234 -57.41 18.99 -7.68
C ALA C 234 -56.59 18.70 -6.42
N LEU C 235 -55.41 19.31 -6.31
CA LEU C 235 -54.59 19.10 -5.12
C LEU C 235 -55.20 19.76 -3.89
N ALA C 236 -55.84 20.92 -4.07
CA ALA C 236 -56.54 21.55 -2.95
C ALA C 236 -57.69 20.68 -2.47
N GLU C 237 -58.43 20.08 -3.39
CA GLU C 237 -59.50 19.17 -3.00
C GLU C 237 -58.97 17.91 -2.34
N ALA C 238 -57.72 17.53 -2.65
CA ALA C 238 -57.12 16.34 -2.06
C ALA C 238 -56.77 16.51 -0.59
N GLY C 239 -56.79 17.73 -0.07
CA GLY C 239 -56.48 17.99 1.32
C GLY C 239 -55.18 18.71 1.60
N ALA C 240 -54.51 19.23 0.57
CA ALA C 240 -53.27 19.97 0.79
C ALA C 240 -53.56 21.27 1.53
N ASP C 241 -52.70 21.60 2.49
CA ASP C 241 -52.85 22.80 3.29
C ASP C 241 -52.12 24.00 2.73
N LEU C 242 -51.26 23.82 1.73
CA LEU C 242 -50.52 24.92 1.14
C LEU C 242 -50.01 24.49 -0.23
N LEU C 243 -50.03 25.43 -1.18
CA LEU C 243 -49.66 25.16 -2.56
C LEU C 243 -48.38 25.89 -2.92
N VAL C 244 -47.48 25.20 -3.60
CA VAL C 244 -46.21 25.76 -4.06
C VAL C 244 -46.15 25.59 -5.58
N ILE C 245 -45.84 26.68 -6.27
CA ILE C 245 -45.64 26.66 -7.72
C ILE C 245 -44.15 26.89 -7.95
N ASP C 246 -43.42 25.81 -8.24
CA ASP C 246 -41.97 25.83 -8.31
C ASP C 246 -41.50 25.76 -9.76
N THR C 247 -40.54 26.62 -10.10
CA THR C 247 -39.92 26.60 -11.42
C THR C 247 -38.50 27.13 -11.28
N ALA C 248 -37.66 26.79 -12.26
CA ALA C 248 -36.25 27.19 -12.19
C ALA C 248 -36.10 28.70 -12.26
N HIS C 249 -36.84 29.36 -13.15
CA HIS C 249 -36.78 30.81 -13.34
C HIS C 249 -38.18 31.37 -13.10
N GLY C 250 -38.39 31.97 -11.94
CA GLY C 250 -39.70 32.46 -11.56
C GLY C 250 -40.06 33.83 -12.10
N HIS C 251 -39.12 34.54 -12.70
CA HIS C 251 -39.39 35.87 -13.24
C HIS C 251 -39.64 35.78 -14.74
N GLN C 252 -40.74 35.12 -15.10
CA GLN C 252 -41.13 34.97 -16.49
C GLN C 252 -42.64 35.07 -16.63
N ALA C 253 -43.08 35.27 -17.87
CA ALA C 253 -44.51 35.45 -18.14
C ALA C 253 -45.31 34.23 -17.72
N LYS C 254 -44.90 33.04 -18.18
CA LYS C 254 -45.57 31.79 -17.82
C LYS C 254 -45.86 31.70 -16.32
N MET C 255 -44.83 31.93 -15.49
CA MET C 255 -45.00 31.89 -14.05
C MET C 255 -46.12 32.82 -13.58
N LEU C 256 -46.10 34.07 -14.04
CA LEU C 256 -47.10 35.04 -13.62
C LEU C 256 -48.50 34.61 -14.06
N ASP C 257 -48.63 34.08 -15.28
CA ASP C 257 -49.93 33.62 -15.75
C ASP C 257 -50.43 32.45 -14.91
N ALA C 258 -49.54 31.54 -14.54
CA ALA C 258 -49.92 30.44 -13.66
C ALA C 258 -50.36 30.94 -12.30
N ILE C 259 -49.65 31.94 -11.76
CA ILE C 259 -50.03 32.53 -10.48
C ILE C 259 -51.42 33.13 -10.56
N LYS C 260 -51.68 33.89 -11.64
CA LYS C 260 -52.99 34.50 -11.80
C LYS C 260 -54.09 33.45 -11.93
N ALA C 261 -53.83 32.39 -12.70
CA ALA C 261 -54.83 31.33 -12.86
C ALA C 261 -55.12 30.64 -11.54
N VAL C 262 -54.08 30.37 -10.74
CA VAL C 262 -54.29 29.71 -9.45
C VAL C 262 -55.06 30.64 -8.51
N ALA C 263 -54.69 31.92 -8.48
CA ALA C 263 -55.34 32.85 -7.56
C ALA C 263 -56.78 33.14 -7.96
N SER C 264 -57.11 33.00 -9.24
CA SER C 264 -58.48 33.23 -9.68
C SER C 264 -59.45 32.20 -9.14
N LEU C 265 -58.96 31.03 -8.72
CA LEU C 265 -59.84 29.98 -8.21
C LEU C 265 -60.32 30.26 -6.79
N ASP C 266 -59.66 31.16 -6.05
CA ASP C 266 -60.03 31.50 -4.68
C ASP C 266 -60.08 30.25 -3.80
N LEU C 267 -59.05 29.42 -3.89
CA LEU C 267 -58.99 28.21 -3.08
C LEU C 267 -58.85 28.54 -1.59
N GLY C 268 -58.29 29.70 -1.26
CA GLY C 268 -58.11 30.10 0.12
C GLY C 268 -56.83 29.63 0.76
N LEU C 269 -56.04 28.79 0.08
CA LEU C 269 -54.77 28.32 0.62
C LEU C 269 -53.65 29.32 0.33
N PRO C 270 -52.62 29.36 1.17
CA PRO C 270 -51.47 30.22 0.88
C PRO C 270 -50.75 29.75 -0.37
N LEU C 271 -50.18 30.70 -1.11
CA LEU C 271 -49.52 30.44 -2.37
C LEU C 271 -48.03 30.76 -2.24
N VAL C 272 -47.19 29.83 -2.67
CA VAL C 272 -45.74 29.99 -2.67
C VAL C 272 -45.26 29.91 -4.11
N ALA C 273 -44.50 30.91 -4.54
CA ALA C 273 -44.02 30.99 -5.91
C ALA C 273 -42.54 31.33 -5.93
N GLY C 274 -41.85 30.83 -6.95
CA GLY C 274 -40.43 31.09 -7.09
C GLY C 274 -39.92 30.44 -8.36
N ASN C 275 -38.61 30.58 -8.58
CA ASN C 275 -37.73 31.28 -7.66
C ASN C 275 -37.18 32.55 -8.30
N VAL C 276 -37.02 33.60 -7.49
CA VAL C 276 -36.43 34.86 -7.94
C VAL C 276 -35.37 35.29 -6.94
N VAL C 277 -34.41 36.09 -7.42
CA VAL C 277 -33.33 36.56 -6.57
C VAL C 277 -33.21 38.08 -6.71
N SER C 278 -34.29 38.74 -7.11
CA SER C 278 -34.30 40.18 -7.30
C SER C 278 -35.56 40.77 -6.69
N ALA C 279 -35.46 42.05 -6.29
CA ALA C 279 -36.61 42.73 -5.72
C ALA C 279 -37.73 42.88 -6.74
N GLU C 280 -37.37 43.16 -8.00
CA GLU C 280 -38.39 43.30 -9.04
C GLU C 280 -39.15 41.99 -9.23
N GLY C 281 -38.46 40.85 -9.17
CA GLY C 281 -39.14 39.58 -9.27
C GLY C 281 -40.13 39.35 -8.15
N THR C 282 -39.74 39.69 -6.92
CA THR C 282 -40.66 39.55 -5.79
C THR C 282 -41.85 40.48 -5.94
N ARG C 283 -41.62 41.71 -6.39
CA ARG C 283 -42.73 42.63 -6.61
C ARG C 283 -43.69 42.11 -7.67
N ASP C 284 -43.16 41.54 -8.75
CA ASP C 284 -44.00 40.99 -9.80
C ASP C 284 -44.79 39.78 -9.30
N LEU C 285 -44.15 38.90 -8.52
CA LEU C 285 -44.83 37.71 -8.04
C LEU C 285 -45.91 38.06 -7.01
N ILE C 286 -45.62 38.98 -6.11
CA ILE C 286 -46.59 39.35 -5.08
C ILE C 286 -47.80 40.03 -5.71
N GLU C 287 -47.57 40.95 -6.64
CA GLU C 287 -48.68 41.61 -7.32
C GLU C 287 -49.52 40.63 -8.12
N ALA C 288 -48.91 39.56 -8.62
CA ALA C 288 -49.65 38.56 -9.38
C ALA C 288 -50.57 37.74 -8.49
N GLY C 289 -50.35 37.73 -7.18
CA GLY C 289 -51.23 37.01 -6.28
C GLY C 289 -50.53 36.03 -5.35
N ALA C 290 -49.21 35.99 -5.40
CA ALA C 290 -48.45 35.08 -4.56
C ALA C 290 -48.25 35.68 -3.17
N SER C 291 -48.66 34.94 -2.14
CA SER C 291 -48.50 35.41 -0.77
C SER C 291 -47.06 35.25 -0.28
N ILE C 292 -46.39 34.18 -0.69
CA ILE C 292 -45.03 33.87 -0.25
C ILE C 292 -44.17 33.69 -1.50
N VAL C 293 -42.99 34.30 -1.50
CA VAL C 293 -42.07 34.25 -2.62
C VAL C 293 -40.91 33.34 -2.26
N LYS C 294 -40.60 32.40 -3.15
CA LYS C 294 -39.48 31.49 -2.97
C LYS C 294 -38.22 32.14 -3.54
N VAL C 295 -37.14 32.12 -2.76
CA VAL C 295 -35.93 32.88 -3.08
C VAL C 295 -34.77 31.91 -3.21
N GLY C 296 -34.03 32.04 -4.31
CA GLY C 296 -32.80 31.29 -4.51
C GLY C 296 -32.68 30.65 -5.87
N VAL C 297 -31.63 31.01 -6.61
CA VAL C 297 -31.33 30.43 -7.91
C VAL C 297 -29.83 30.21 -7.99
N GLY C 298 -29.38 28.97 -7.81
CA GLY C 298 -27.97 28.66 -7.83
C GLY C 298 -27.41 27.95 -6.61
N PRO C 299 -27.79 28.34 -5.39
CA PRO C 299 -27.19 27.71 -4.20
C PRO C 299 -27.69 26.30 -3.92
N GLY C 300 -28.55 25.73 -4.76
CA GLY C 300 -28.95 24.35 -4.57
C GLY C 300 -27.76 23.42 -4.67
N ALA C 301 -27.74 22.41 -3.79
CA ALA C 301 -26.62 21.48 -3.77
C ALA C 301 -26.53 20.64 -5.03
N MET C 302 -27.63 20.49 -5.77
CA MET C 302 -27.64 19.76 -7.02
C MET C 302 -27.86 20.67 -8.22
N CYS C 303 -27.83 21.98 -8.03
CA CYS C 303 -28.05 22.94 -9.10
C CYS C 303 -26.72 23.24 -9.80
N THR C 304 -26.71 23.10 -11.13
CA THR C 304 -25.52 23.33 -11.94
C THR C 304 -25.66 24.57 -12.80
N THR C 305 -26.59 25.47 -12.45
CA THR C 305 -26.83 26.66 -13.27
C THR C 305 -25.59 27.55 -13.31
N ARG C 306 -24.88 27.67 -12.19
CA ARG C 306 -23.71 28.54 -12.15
C ARG C 306 -22.58 27.98 -13.01
N MET C 307 -22.50 26.67 -13.17
CA MET C 307 -21.46 26.06 -13.98
C MET C 307 -21.88 25.93 -15.44
N MET C 308 -23.17 25.72 -15.70
CA MET C 308 -23.66 25.64 -17.08
C MET C 308 -23.87 27.01 -17.70
N THR C 309 -24.24 28.01 -16.90
CA THR C 309 -24.67 29.30 -17.44
C THR C 309 -24.04 30.51 -16.76
N GLY C 310 -23.43 30.35 -15.59
CA GLY C 310 -22.95 31.50 -14.87
C GLY C 310 -24.03 32.38 -14.29
N VAL C 311 -25.28 31.95 -14.35
CA VAL C 311 -26.42 32.72 -13.83
C VAL C 311 -26.69 32.30 -12.41
N GLY C 312 -26.84 33.27 -11.52
CA GLY C 312 -27.08 32.99 -10.12
C GLY C 312 -26.82 34.23 -9.29
N ARG C 313 -26.82 34.02 -7.98
CA ARG C 313 -26.58 35.11 -7.03
C ARG C 313 -26.28 34.54 -5.65
N PRO C 314 -25.34 35.11 -4.91
CA PRO C 314 -25.10 34.66 -3.54
C PRO C 314 -26.37 34.78 -2.71
N GLN C 315 -26.57 33.79 -1.83
CA GLN C 315 -27.87 33.62 -1.18
C GLN C 315 -28.19 34.75 -0.22
N PHE C 316 -27.20 35.23 0.55
CA PHE C 316 -27.49 36.18 1.61
C PHE C 316 -28.02 37.50 1.06
N SER C 317 -27.35 38.06 0.05
CA SER C 317 -27.78 39.33 -0.52
C SER C 317 -29.15 39.19 -1.18
N ALA C 318 -29.35 38.11 -1.93
CA ALA C 318 -30.65 37.89 -2.56
C ALA C 318 -31.76 37.78 -1.52
N VAL C 319 -31.50 37.05 -0.44
CA VAL C 319 -32.51 36.88 0.60
C VAL C 319 -32.83 38.21 1.28
N VAL C 320 -31.81 39.00 1.61
CA VAL C 320 -32.09 40.26 2.28
C VAL C 320 -32.85 41.21 1.36
N GLU C 321 -32.47 41.28 0.08
CA GLU C 321 -33.17 42.16 -0.85
C GLU C 321 -34.61 41.72 -1.05
N CYS C 322 -34.83 40.42 -1.25
CA CYS C 322 -36.18 39.91 -1.46
C CYS C 322 -37.04 40.10 -0.21
N ALA C 323 -36.46 39.88 0.98
CA ALA C 323 -37.21 40.08 2.21
C ALA C 323 -37.60 41.54 2.39
N ALA C 324 -36.68 42.46 2.12
CA ALA C 324 -37.01 43.88 2.21
C ALA C 324 -38.12 44.24 1.23
N ALA C 325 -38.03 43.76 -0.02
CA ALA C 325 -39.05 44.06 -1.00
C ALA C 325 -40.40 43.50 -0.60
N ALA C 326 -40.43 42.26 -0.11
CA ALA C 326 -41.68 41.64 0.30
C ALA C 326 -42.31 42.38 1.49
N ARG C 327 -41.52 42.59 2.55
CA ARG C 327 -42.02 43.33 3.71
C ARG C 327 -42.55 44.70 3.31
N GLN C 328 -41.89 45.35 2.35
CA GLN C 328 -42.39 46.63 1.85
C GLN C 328 -43.83 46.49 1.34
N LEU C 329 -44.09 45.44 0.57
CA LEU C 329 -45.42 45.15 0.04
C LEU C 329 -46.23 44.23 0.95
N GLY C 330 -45.74 43.96 2.15
CA GLY C 330 -46.48 43.12 3.09
C GLY C 330 -46.49 41.65 2.74
N GLY C 331 -45.37 41.12 2.25
CA GLY C 331 -45.28 39.71 1.93
C GLY C 331 -44.23 38.97 2.74
N HIS C 332 -43.96 37.72 2.37
CA HIS C 332 -42.96 36.91 3.06
C HIS C 332 -42.13 36.16 2.03
N VAL C 333 -40.91 35.80 2.44
CA VAL C 333 -39.98 35.09 1.57
C VAL C 333 -39.49 33.84 2.27
N TRP C 334 -39.04 32.87 1.47
CA TRP C 334 -38.48 31.63 1.96
C TRP C 334 -37.07 31.45 1.41
N ALA C 335 -36.14 31.04 2.27
CA ALA C 335 -34.78 30.74 1.87
C ALA C 335 -34.72 29.30 1.36
N ASP C 336 -34.25 29.13 0.13
CA ASP C 336 -34.21 27.82 -0.52
C ASP C 336 -32.79 27.52 -0.97
N GLY C 337 -32.25 26.40 -0.52
CA GLY C 337 -30.96 25.93 -0.96
C GLY C 337 -29.81 26.56 -0.19
N GLY C 338 -28.66 25.89 -0.24
CA GLY C 338 -27.45 26.39 0.36
C GLY C 338 -27.30 26.13 1.84
N VAL C 339 -28.20 25.35 2.44
CA VAL C 339 -28.17 25.08 3.88
C VAL C 339 -27.33 23.83 4.12
N ARG C 340 -26.28 23.97 4.95
CA ARG C 340 -25.44 22.85 5.31
C ARG C 340 -25.32 22.73 6.82
N HIS C 341 -25.46 23.84 7.51
CA HIS C 341 -25.28 23.92 8.96
C HIS C 341 -26.39 24.79 9.54
N PRO C 342 -26.66 24.67 10.85
CA PRO C 342 -27.63 25.57 11.47
C PRO C 342 -27.25 27.03 11.39
N ARG C 343 -25.97 27.34 11.18
CA ARG C 343 -25.55 28.72 10.95
C ARG C 343 -26.27 29.30 9.74
N ASP C 344 -26.41 28.52 8.67
CA ASP C 344 -27.11 29.00 7.49
C ASP C 344 -28.57 29.34 7.80
N VAL C 345 -29.24 28.48 8.55
CA VAL C 345 -30.64 28.73 8.91
C VAL C 345 -30.76 29.97 9.77
N ALA C 346 -29.86 30.11 10.76
CA ALA C 346 -29.90 31.29 11.63
C ALA C 346 -29.66 32.57 10.84
N LEU C 347 -28.70 32.55 9.92
CA LEU C 347 -28.42 33.73 9.11
C LEU C 347 -29.56 34.07 8.18
N ALA C 348 -30.20 33.04 7.59
CA ALA C 348 -31.34 33.28 6.72
C ALA C 348 -32.51 33.88 7.50
N LEU C 349 -32.75 33.38 8.72
CA LEU C 349 -33.79 33.97 9.55
C LEU C 349 -33.47 35.40 9.94
N ALA C 350 -32.21 35.65 10.30
CA ALA C 350 -31.80 37.02 10.60
C ALA C 350 -31.84 37.91 9.37
N ALA C 351 -31.68 37.33 8.18
CA ALA C 351 -31.73 38.12 6.95
C ALA C 351 -33.12 38.69 6.70
N GLY C 352 -34.17 38.01 7.18
CA GLY C 352 -35.52 38.50 7.01
C GLY C 352 -36.47 37.45 6.49
N ALA C 353 -35.95 36.26 6.20
CA ALA C 353 -36.80 35.17 5.71
C ALA C 353 -37.73 34.67 6.81
N SER C 354 -38.91 34.22 6.40
CA SER C 354 -39.88 33.66 7.33
C SER C 354 -39.67 32.18 7.56
N ASN C 355 -39.23 31.45 6.54
CA ASN C 355 -38.95 30.02 6.65
C ASN C 355 -37.70 29.71 5.85
N VAL C 356 -37.07 28.58 6.20
CA VAL C 356 -35.86 28.13 5.53
C VAL C 356 -36.15 26.73 4.99
N MET C 357 -36.20 26.60 3.67
CA MET C 357 -36.45 25.32 3.03
C MET C 357 -35.14 24.54 2.90
N ILE C 358 -35.08 23.39 3.56
CA ILE C 358 -33.90 22.54 3.56
C ILE C 358 -34.14 21.39 2.58
N GLY C 359 -33.13 21.11 1.75
CA GLY C 359 -33.27 20.10 0.72
C GLY C 359 -32.46 18.84 0.94
N SER C 360 -31.32 18.74 0.26
CA SER C 360 -30.53 17.50 0.23
C SER C 360 -29.93 17.15 1.58
N TRP C 361 -29.92 18.08 2.55
CA TRP C 361 -29.38 17.75 3.86
C TRP C 361 -30.19 16.66 4.55
N PHE C 362 -31.51 16.73 4.43
CA PHE C 362 -32.38 15.73 5.05
C PHE C 362 -32.40 14.40 4.30
N ALA C 363 -31.79 14.33 3.11
CA ALA C 363 -31.77 13.09 2.36
C ALA C 363 -30.96 12.02 3.05
N GLY C 364 -29.97 12.40 3.85
CA GLY C 364 -29.16 11.44 4.58
C GLY C 364 -29.76 11.05 5.92
N THR C 365 -31.04 10.66 5.92
CA THR C 365 -31.74 10.26 7.12
C THR C 365 -32.51 8.98 6.86
N TYR C 366 -32.94 8.34 7.95
CA TYR C 366 -33.73 7.12 7.82
C TYR C 366 -35.07 7.39 7.15
N GLU C 367 -35.70 8.52 7.48
CA GLU C 367 -37.04 8.82 6.98
C GLU C 367 -37.07 9.18 5.50
N SER C 368 -35.92 9.40 4.88
CA SER C 368 -35.91 9.73 3.46
C SER C 368 -36.33 8.53 2.63
N PRO C 369 -37.06 8.74 1.52
CA PRO C 369 -37.53 7.61 0.72
C PRO C 369 -36.42 6.79 0.09
N GLY C 370 -35.23 7.35 -0.06
CA GLY C 370 -34.15 6.59 -0.68
C GLY C 370 -33.77 5.37 0.13
N ASP C 371 -33.40 4.30 -0.57
CA ASP C 371 -33.01 3.07 0.10
C ASP C 371 -31.64 3.23 0.76
N LEU C 372 -31.50 2.66 1.94
CA LEU C 372 -30.25 2.74 2.68
C LEU C 372 -29.18 1.89 2.00
N LEU C 373 -27.98 2.46 1.87
CA LEU C 373 -26.86 1.79 1.24
C LEU C 373 -25.64 1.88 2.16
N PHE C 374 -24.75 0.89 2.03
CA PHE C 374 -23.54 0.83 2.83
C PHE C 374 -22.32 0.98 1.92
N ASP C 375 -21.37 1.80 2.37
CA ASP C 375 -20.16 2.07 1.60
C ASP C 375 -19.21 0.88 1.68
N ARG C 376 -18.02 1.04 1.09
CA ARG C 376 -17.01 -0.01 1.15
C ARG C 376 -16.56 -0.27 2.57
N ASP C 377 -16.50 0.78 3.40
CA ASP C 377 -16.13 0.66 4.81
C ASP C 377 -17.34 0.43 5.70
N ASP C 378 -18.45 -0.06 5.15
CA ASP C 378 -19.68 -0.35 5.89
C ASP C 378 -20.31 0.90 6.50
N ARG C 379 -19.92 2.08 6.02
CA ARG C 379 -20.52 3.31 6.51
C ARG C 379 -21.87 3.53 5.80
N PRO C 380 -22.96 3.69 6.55
CA PRO C 380 -24.27 3.88 5.90
C PRO C 380 -24.34 5.21 5.16
N TYR C 381 -25.04 5.19 4.03
CA TYR C 381 -25.23 6.39 3.23
C TYR C 381 -26.45 6.20 2.34
N LYS C 382 -26.96 7.31 1.81
CA LYS C 382 -28.08 7.29 0.90
C LYS C 382 -27.80 8.24 -0.26
N GLU C 383 -28.27 7.87 -1.44
CA GLU C 383 -28.07 8.68 -2.63
C GLU C 383 -29.19 9.70 -2.77
N SER C 384 -28.82 10.92 -3.15
CA SER C 384 -29.76 12.00 -3.39
C SER C 384 -29.55 12.55 -4.78
N TYR C 385 -30.61 13.14 -5.35
CA TYR C 385 -30.55 13.65 -6.71
C TYR C 385 -31.50 14.82 -6.86
N GLY C 386 -31.21 15.66 -7.85
CA GLY C 386 -32.00 16.86 -8.09
C GLY C 386 -33.19 16.62 -8.99
N MET C 387 -34.08 17.62 -9.01
CA MET C 387 -35.35 17.47 -9.70
C MET C 387 -35.23 17.65 -11.21
N ALA C 388 -34.10 18.20 -11.68
CA ALA C 388 -33.80 18.33 -13.10
C ALA C 388 -34.97 18.92 -13.90
N SER C 389 -35.42 18.21 -14.93
CA SER C 389 -36.36 18.76 -15.89
C SER C 389 -37.70 19.11 -15.27
N LYS C 390 -38.07 18.45 -14.16
CA LYS C 390 -39.34 18.74 -13.50
C LYS C 390 -39.47 20.21 -13.12
N ARG C 391 -38.35 20.90 -12.94
CA ARG C 391 -38.37 22.33 -12.64
C ARG C 391 -38.26 23.21 -13.88
N ALA C 392 -38.12 22.61 -15.06
CA ALA C 392 -37.94 23.36 -16.30
C ALA C 392 -39.27 23.51 -17.03
N VAL C 393 -39.29 24.46 -17.96
CA VAL C 393 -40.47 24.72 -18.76
C VAL C 393 -40.51 23.74 -19.93
N ALA C 394 -41.63 23.02 -20.06
CA ALA C 394 -41.79 22.06 -21.14
C ALA C 394 -42.03 22.76 -22.47
N SER C 401 -43.92 10.99 -30.23
CA SER C 401 -42.88 10.74 -31.23
C SER C 401 -41.50 10.64 -30.59
N SER C 402 -40.91 9.45 -30.70
CA SER C 402 -39.57 9.22 -30.17
C SER C 402 -38.57 10.28 -30.66
N PHE C 403 -38.69 10.68 -31.92
CA PHE C 403 -37.77 11.66 -32.48
C PHE C 403 -37.87 13.00 -31.74
N ASP C 404 -39.10 13.49 -31.54
CA ASP C 404 -39.29 14.74 -30.83
C ASP C 404 -38.84 14.63 -29.37
N ARG C 405 -39.10 13.47 -28.75
CA ARG C 405 -38.67 13.27 -27.36
C ARG C 405 -37.16 13.34 -27.26
N ALA C 406 -36.45 12.66 -28.16
CA ALA C 406 -34.99 12.69 -28.13
C ALA C 406 -34.45 14.09 -28.44
N ARG C 407 -35.08 14.79 -29.39
CA ARG C 407 -34.65 16.15 -29.70
C ARG C 407 -34.81 17.07 -28.50
N LYS C 408 -35.93 16.95 -27.78
CA LYS C 408 -36.13 17.76 -26.58
C LYS C 408 -35.15 17.38 -25.48
N GLY C 409 -34.88 16.08 -25.33
CA GLY C 409 -33.98 15.62 -24.29
C GLY C 409 -32.51 15.79 -24.57
N LEU C 410 -32.15 16.17 -25.81
CA LEU C 410 -30.75 16.40 -26.14
C LEU C 410 -30.19 17.57 -25.33
N PHE C 411 -30.96 18.65 -25.20
CA PHE C 411 -30.52 19.84 -24.48
C PHE C 411 -30.93 19.83 -23.01
N GLU C 412 -31.65 18.81 -22.56
CA GLU C 412 -32.09 18.75 -21.17
C GLU C 412 -30.90 18.54 -20.24
N GLU C 413 -30.96 19.19 -19.08
CA GLU C 413 -29.88 19.07 -18.10
C GLU C 413 -29.87 17.67 -17.48
N GLY C 414 -28.66 17.18 -17.22
CA GLY C 414 -28.53 15.87 -16.60
C GLY C 414 -28.91 15.89 -15.14
N ILE C 415 -29.19 14.70 -14.62
CA ILE C 415 -29.58 14.53 -13.22
C ILE C 415 -28.31 14.40 -12.39
N SER C 416 -28.07 15.37 -11.51
CA SER C 416 -26.92 15.32 -10.62
C SER C 416 -27.17 14.35 -9.47
N THR C 417 -26.09 13.76 -8.96
CA THR C 417 -26.19 12.82 -7.86
C THR C 417 -24.98 12.98 -6.95
N SER C 418 -25.18 12.64 -5.68
CA SER C 418 -24.12 12.70 -4.68
C SER C 418 -24.50 11.79 -3.51
N ARG C 419 -23.49 11.44 -2.72
CA ARG C 419 -23.66 10.56 -1.58
C ARG C 419 -23.79 11.38 -0.31
N MET C 420 -24.83 11.09 0.48
CA MET C 420 -25.07 11.77 1.75
C MET C 420 -24.88 10.75 2.87
N SER C 421 -23.80 10.91 3.63
CA SER C 421 -23.50 9.98 4.72
C SER C 421 -24.44 10.20 5.89
N LEU C 422 -24.74 9.12 6.61
CA LEU C 422 -25.62 9.15 7.77
C LEU C 422 -24.76 9.29 9.03
N ASP C 423 -25.06 10.29 9.83
CA ASP C 423 -24.35 10.47 11.10
C ASP C 423 -24.79 9.38 12.08
N PRO C 424 -23.85 8.64 12.68
CA PRO C 424 -24.25 7.58 13.61
C PRO C 424 -25.06 8.09 14.79
N ALA C 425 -24.77 9.30 15.29
CA ALA C 425 -25.52 9.89 16.39
C ALA C 425 -26.73 10.69 15.92
N ARG C 426 -26.85 10.96 14.63
CA ARG C 426 -27.95 11.74 14.06
C ARG C 426 -28.53 11.03 12.85
N GLY C 427 -28.79 9.73 12.99
CA GLY C 427 -29.35 8.98 11.88
C GLY C 427 -30.75 9.45 11.49
N GLY C 428 -31.58 9.75 12.48
CA GLY C 428 -32.93 10.20 12.19
C GLY C 428 -33.00 11.68 11.90
N VAL C 429 -34.08 12.08 11.24
CA VAL C 429 -34.29 13.49 10.92
C VAL C 429 -34.63 14.30 12.16
N GLU C 430 -35.16 13.65 13.20
CA GLU C 430 -35.46 14.36 14.44
C GLU C 430 -34.19 14.89 15.11
N ASP C 431 -33.08 14.15 15.00
CA ASP C 431 -31.82 14.65 15.54
C ASP C 431 -31.36 15.90 14.81
N LEU C 432 -31.51 15.92 13.48
CA LEU C 432 -31.16 17.12 12.73
C LEU C 432 -32.08 18.28 13.09
N LEU C 433 -33.37 18.00 13.30
CA LEU C 433 -34.29 19.03 13.73
C LEU C 433 -33.88 19.60 15.09
N ASP C 434 -33.48 18.73 16.02
CA ASP C 434 -33.00 19.18 17.32
C ASP C 434 -31.75 20.05 17.16
N HIS C 435 -30.82 19.62 16.30
CA HIS C 435 -29.62 20.40 16.03
C HIS C 435 -29.95 21.80 15.55
N ILE C 436 -30.82 21.88 14.52
CA ILE C 436 -31.16 23.18 13.93
C ILE C 436 -31.90 24.06 14.92
N THR C 437 -32.86 23.47 15.67
CA THR C 437 -33.62 24.26 16.62
C THR C 437 -32.72 24.77 17.75
N SER C 438 -31.79 23.94 18.23
CA SER C 438 -30.86 24.40 19.24
C SER C 438 -29.99 25.54 18.72
N GLY C 439 -29.52 25.42 17.48
CA GLY C 439 -28.73 26.50 16.91
C GLY C 439 -29.51 27.80 16.81
N VAL C 440 -30.76 27.72 16.34
CA VAL C 440 -31.58 28.93 16.18
C VAL C 440 -31.90 29.53 17.55
N ARG C 441 -32.20 28.70 18.54
CA ARG C 441 -32.48 29.21 19.88
C ARG C 441 -31.26 29.89 20.48
N SER C 442 -30.07 29.29 20.30
CA SER C 442 -28.86 29.92 20.79
C SER C 442 -28.60 31.25 20.08
N THR C 443 -28.87 31.30 18.77
CA THR C 443 -28.73 32.56 18.05
C THR C 443 -29.67 33.62 18.62
N CYS C 444 -30.91 33.24 18.89
CA CYS C 444 -31.88 34.19 19.44
C CYS C 444 -31.45 34.68 20.83
N THR C 445 -30.94 33.77 21.66
CA THR C 445 -30.46 34.18 22.98
C THR C 445 -29.27 35.12 22.87
N TYR C 446 -28.35 34.85 21.94
CA TYR C 446 -27.20 35.74 21.77
C TYR C 446 -27.65 37.11 21.28
N VAL C 447 -28.59 37.16 20.34
CA VAL C 447 -29.08 38.45 19.85
C VAL C 447 -29.88 39.15 20.94
N GLY C 448 -30.67 38.40 21.70
CA GLY C 448 -31.52 39.00 22.71
C GLY C 448 -32.96 39.14 22.27
N ALA C 449 -33.44 38.15 21.52
CA ALA C 449 -34.78 38.19 20.94
C ALA C 449 -35.60 37.00 21.43
N ALA C 450 -36.86 37.25 21.76
CA ALA C 450 -37.77 36.21 22.21
C ALA C 450 -38.53 35.55 21.07
N ASN C 451 -38.46 36.09 19.85
CA ASN C 451 -39.18 35.54 18.71
C ASN C 451 -38.47 35.95 17.43
N LEU C 452 -38.86 35.30 16.34
CA LEU C 452 -38.23 35.57 15.05
C LEU C 452 -38.38 37.02 14.58
N PRO C 453 -39.54 37.69 14.68
CA PRO C 453 -39.58 39.11 14.31
C PRO C 453 -38.61 39.96 15.12
N GLU C 454 -38.48 39.69 16.42
CA GLU C 454 -37.48 40.40 17.21
C GLU C 454 -36.06 40.05 16.78
N LEU C 455 -35.85 38.80 16.35
CA LEU C 455 -34.55 38.42 15.83
C LEU C 455 -34.19 39.23 14.58
N HIS C 456 -35.16 39.41 13.69
CA HIS C 456 -34.91 40.22 12.49
C HIS C 456 -34.72 41.68 12.84
N GLU C 457 -35.46 42.19 13.85
CA GLU C 457 -35.39 43.61 14.16
C GLU C 457 -34.09 43.97 14.88
N LYS C 458 -33.65 43.14 15.82
CA LYS C 458 -32.53 43.49 16.70
C LYS C 458 -31.18 42.99 16.22
N VAL C 459 -31.13 42.22 15.13
CA VAL C 459 -29.87 41.61 14.72
C VAL C 459 -28.94 42.67 14.14
N VAL C 460 -27.64 42.51 14.38
CA VAL C 460 -26.60 43.34 13.80
C VAL C 460 -25.63 42.43 13.07
N LEU C 461 -25.38 42.73 11.81
CA LEU C 461 -24.57 41.87 10.95
C LEU C 461 -23.18 42.45 10.74
N GLY C 462 -22.24 41.58 10.39
CA GLY C 462 -20.88 42.00 10.09
C GLY C 462 -20.35 41.24 8.89
N VAL C 463 -19.22 41.71 8.37
CA VAL C 463 -18.57 41.14 7.20
C VAL C 463 -17.19 40.65 7.62
N GLN C 464 -16.85 39.43 7.22
CA GLN C 464 -15.56 38.83 7.54
C GLN C 464 -14.91 38.31 6.26
N SER C 465 -13.59 38.19 6.31
CA SER C 465 -12.81 37.71 5.18
C SER C 465 -12.75 36.18 5.20
N ALA C 466 -11.94 35.60 4.32
CA ALA C 466 -11.81 34.15 4.27
C ALA C 466 -11.20 33.59 5.54
N ALA C 467 -10.21 34.30 6.11
CA ALA C 467 -9.58 33.83 7.34
C ALA C 467 -10.55 33.90 8.52
N GLY C 468 -11.50 34.83 8.49
CA GLY C 468 -12.46 34.92 9.59
C GLY C 468 -13.35 33.70 9.69
N PHE C 469 -13.72 33.12 8.54
CA PHE C 469 -14.59 31.93 8.56
C PHE C 469 -13.88 30.75 9.21
N ALA C 470 -12.60 30.56 8.93
CA ALA C 470 -11.85 29.45 9.50
C ALA C 470 -11.62 29.60 11.00
N GLU C 471 -11.90 30.77 11.56
CA GLU C 471 -11.72 30.98 12.99
C GLU C 471 -12.72 30.11 13.77
N GLY C 472 -12.24 29.55 14.87
CA GLY C 472 -13.07 28.67 15.69
C GLY C 472 -12.72 27.21 15.50
N HIS C 473 -13.58 26.36 16.05
CA HIS C 473 -13.36 24.93 15.98
C HIS C 473 -13.45 24.43 14.53
N PRO C 474 -12.54 23.56 14.11
CA PRO C 474 -12.61 23.00 12.75
C PRO C 474 -14.00 22.54 12.35
N LEU C 475 -14.45 22.98 11.19
CA LEU C 475 -15.75 22.57 10.69
C LEU C 475 -15.75 21.07 10.42
N PRO C 476 -16.90 20.39 10.58
CA PRO C 476 -16.97 18.94 10.37
C PRO C 476 -16.61 18.51 8.95
N VAL D 2 -4.99 52.55 17.99
CA VAL D 2 -3.90 52.11 17.13
C VAL D 2 -3.85 52.94 15.86
N ARG D 3 -2.73 52.89 15.15
CA ARG D 3 -2.53 53.64 13.92
C ARG D 3 -2.36 52.66 12.76
N PHE D 4 -3.12 52.88 11.70
CA PHE D 4 -3.03 52.08 10.49
C PHE D 4 -2.38 52.89 9.37
N LEU D 5 -1.88 52.18 8.36
CA LEU D 5 -1.31 52.85 7.21
C LEU D 5 -2.38 53.59 6.42
N ASP D 6 -1.96 54.64 5.71
CA ASP D 6 -2.91 55.44 4.95
C ASP D 6 -3.59 54.60 3.87
N GLY D 7 -4.91 54.71 3.80
CA GLY D 7 -5.69 53.94 2.85
C GLY D 7 -6.06 52.56 3.30
N HIS D 8 -5.59 52.11 4.47
CA HIS D 8 -5.88 50.77 4.97
C HIS D 8 -7.13 50.80 5.84
N THR D 9 -8.28 50.95 5.18
CA THR D 9 -9.59 50.97 5.83
C THR D 9 -10.47 49.93 5.16
N PRO D 10 -10.34 48.67 5.55
CA PRO D 10 -11.12 47.62 4.90
C PRO D 10 -12.59 47.69 5.29
N ALA D 11 -13.42 47.04 4.48
CA ALA D 11 -14.86 46.99 4.69
C ALA D 11 -15.29 45.72 5.42
N TYR D 12 -14.40 45.15 6.24
CA TYR D 12 -14.71 43.94 6.99
C TYR D 12 -13.84 43.90 8.24
N ASP D 13 -14.27 43.11 9.21
CA ASP D 13 -13.50 42.97 10.43
C ASP D 13 -12.25 42.14 10.19
N LEU D 14 -11.22 42.40 10.99
CA LEU D 14 -9.90 41.84 10.79
C LEU D 14 -9.58 40.78 11.84
N THR D 15 -8.78 39.80 11.44
CA THR D 15 -8.30 38.75 12.33
C THR D 15 -6.80 38.91 12.53
N TYR D 16 -6.21 37.94 13.24
CA TYR D 16 -4.76 37.98 13.45
C TYR D 16 -4.01 37.74 12.15
N ASN D 17 -4.58 36.97 11.23
CA ASN D 17 -3.89 36.66 9.97
C ASN D 17 -4.00 37.78 8.95
N ASP D 18 -4.87 38.76 9.16
CA ASP D 18 -5.10 39.83 8.19
C ASP D 18 -4.31 41.08 8.50
N VAL D 19 -3.48 41.09 9.54
CA VAL D 19 -2.76 42.29 9.96
C VAL D 19 -1.27 41.98 10.11
N PHE D 20 -0.47 43.03 10.06
CA PHE D 20 0.97 42.93 10.24
C PHE D 20 1.47 44.21 10.89
N VAL D 21 2.66 44.12 11.48
CA VAL D 21 3.26 45.24 12.21
C VAL D 21 4.39 45.82 11.35
N VAL D 22 4.33 47.12 11.13
CA VAL D 22 5.34 47.83 10.34
C VAL D 22 6.46 48.29 11.27
N PRO D 23 7.71 47.95 10.98
CA PRO D 23 8.81 48.39 11.84
C PRO D 23 8.97 49.90 11.83
N GLY D 24 9.45 50.44 12.95
CA GLY D 24 9.74 51.86 13.07
C GLY D 24 11.12 52.09 13.63
N ARG D 25 11.46 53.36 13.78
CA ARG D 25 12.73 53.74 14.36
C ARG D 25 12.83 53.23 15.79
N SER D 26 13.94 52.57 16.11
CA SER D 26 14.10 51.90 17.39
C SER D 26 15.46 52.23 17.99
N ASP D 27 15.51 52.21 19.32
CA ASP D 27 16.75 52.37 20.06
C ASP D 27 16.97 51.27 21.09
N VAL D 28 16.13 50.24 21.10
CA VAL D 28 16.27 49.12 22.01
C VAL D 28 17.37 48.20 21.49
N ALA D 29 18.42 48.02 22.29
CA ALA D 29 19.57 47.26 21.83
C ALA D 29 19.26 45.77 21.67
N SER D 30 18.64 45.18 22.68
CA SER D 30 18.43 43.73 22.69
C SER D 30 17.06 43.43 23.30
N ARG D 31 16.70 42.14 23.27
CA ARG D 31 15.43 41.70 23.83
C ARG D 31 15.37 41.92 25.34
N PHE D 32 16.49 41.71 26.03
CA PHE D 32 16.52 41.78 27.49
C PHE D 32 16.25 43.18 28.03
N ASP D 33 16.31 44.21 27.19
CA ASP D 33 16.03 45.56 27.64
C ASP D 33 14.54 45.87 27.70
N VAL D 34 13.69 44.93 27.26
CA VAL D 34 12.24 45.14 27.23
C VAL D 34 11.64 44.66 28.54
N ASP D 35 10.76 45.47 29.12
CA ASP D 35 10.03 45.12 30.33
C ASP D 35 8.63 44.65 29.94
N LEU D 36 8.29 43.43 30.32
CA LEU D 36 7.03 42.81 29.93
C LEU D 36 5.98 42.83 31.04
N SER D 37 6.22 43.61 32.11
CA SER D 37 5.27 43.65 33.21
C SER D 37 3.96 44.30 32.80
N THR D 38 2.86 43.71 33.24
CA THR D 38 1.54 44.25 32.95
C THR D 38 1.17 45.36 33.93
N VAL D 39 0.15 46.14 33.56
CA VAL D 39 -0.27 47.28 34.36
C VAL D 39 -1.76 47.19 34.65
N ASP D 40 -2.34 46.00 34.50
CA ASP D 40 -3.77 45.81 34.74
C ASP D 40 -4.09 45.40 36.16
N GLY D 41 -3.08 45.30 37.04
CA GLY D 41 -3.31 44.92 38.42
C GLY D 41 -3.33 43.44 38.69
N SER D 42 -3.20 42.60 37.66
CA SER D 42 -3.20 41.15 37.86
C SER D 42 -1.92 40.67 38.54
N GLY D 43 -0.87 41.48 38.53
CA GLY D 43 0.39 41.10 39.15
C GLY D 43 1.29 40.23 38.30
N THR D 44 0.90 39.91 37.07
CA THR D 44 1.72 39.08 36.20
C THR D 44 2.86 39.90 35.62
N THR D 45 4.07 39.36 35.67
CA THR D 45 5.22 40.02 35.05
C THR D 45 5.36 39.71 33.57
N ILE D 46 4.60 38.75 33.06
CA ILE D 46 4.54 38.46 31.63
C ILE D 46 3.08 38.47 31.20
N PRO D 47 2.77 38.83 29.95
CA PRO D 47 1.38 38.90 29.49
C PRO D 47 0.81 37.54 29.03
N VAL D 48 0.94 36.54 29.89
CA VAL D 48 0.45 35.20 29.61
C VAL D 48 -0.47 34.76 30.74
N VAL D 49 -1.69 34.34 30.38
CA VAL D 49 -2.67 33.83 31.34
C VAL D 49 -3.17 32.49 30.82
N VAL D 50 -3.25 31.51 31.72
CA VAL D 50 -3.73 30.18 31.36
C VAL D 50 -5.25 30.14 31.54
N ALA D 51 -5.94 29.59 30.54
CA ALA D 51 -7.39 29.58 30.57
C ALA D 51 -7.92 28.65 31.65
N ASN D 52 -9.14 28.95 32.12
CA ASN D 52 -9.79 28.17 33.18
C ASN D 52 -10.49 26.96 32.58
N MET D 53 -9.69 25.98 32.19
CA MET D 53 -10.17 24.72 31.66
C MET D 53 -9.61 23.58 32.49
N THR D 54 -10.45 22.55 32.72
CA THR D 54 -10.00 21.38 33.46
C THR D 54 -8.92 20.61 32.72
N ALA D 55 -8.83 20.76 31.41
CA ALA D 55 -7.80 20.09 30.62
C ALA D 55 -6.47 20.83 30.63
N VAL D 56 -6.42 22.06 31.11
CA VAL D 56 -5.22 22.88 31.12
C VAL D 56 -4.82 23.28 32.53
N ALA D 57 -5.76 23.82 33.30
CA ALA D 57 -5.45 24.31 34.63
C ALA D 57 -5.24 23.15 35.59
N GLY D 58 -4.16 23.22 36.37
CA GLY D 58 -3.86 22.17 37.33
C GLY D 58 -2.80 22.66 38.30
N ARG D 59 -2.51 21.82 39.28
CA ARG D 59 -1.53 22.19 40.31
C ARG D 59 -0.14 22.40 39.70
N ARG D 60 0.34 21.41 38.95
CA ARG D 60 1.67 21.52 38.36
C ARG D 60 1.74 22.67 37.36
N MET D 61 0.71 22.81 36.52
CA MET D 61 0.68 23.91 35.57
C MET D 61 0.64 25.26 36.28
N ALA D 62 -0.17 25.37 37.33
CA ALA D 62 -0.25 26.62 38.08
C ALA D 62 1.09 26.99 38.69
N GLU D 63 1.76 26.01 39.32
CA GLU D 63 3.06 26.27 39.92
C GLU D 63 4.08 26.69 38.87
N THR D 64 4.15 25.95 37.76
CA THR D 64 5.15 26.25 36.74
C THR D 64 4.91 27.61 36.12
N VAL D 65 3.65 27.96 35.83
CA VAL D 65 3.36 29.25 35.21
C VAL D 65 3.60 30.39 36.19
N ALA D 66 3.20 30.22 37.45
CA ALA D 66 3.40 31.28 38.43
C ALA D 66 4.87 31.51 38.73
N ARG D 67 5.69 30.45 38.68
CA ARG D 67 7.13 30.63 38.92
C ARG D 67 7.77 31.49 37.84
N ARG D 68 7.28 31.41 36.60
CA ARG D 68 7.86 32.15 35.50
C ARG D 68 7.22 33.53 35.29
N GLY D 69 6.22 33.89 36.10
CA GLY D 69 5.63 35.21 36.06
C GLY D 69 4.19 35.25 35.60
N GLY D 70 3.66 34.16 35.07
CA GLY D 70 2.27 34.13 34.64
C GLY D 70 1.33 33.79 35.77
N ILE D 71 0.04 33.66 35.43
CA ILE D 71 -0.99 33.29 36.38
C ILE D 71 -1.89 32.26 35.73
N VAL D 72 -2.54 31.45 36.58
CA VAL D 72 -3.45 30.40 36.14
C VAL D 72 -4.77 30.56 36.85
N VAL D 73 -5.87 30.54 36.09
CA VAL D 73 -7.21 30.65 36.64
C VAL D 73 -7.77 29.24 36.77
N LEU D 74 -8.17 28.87 37.98
CA LEU D 74 -8.74 27.56 38.21
C LEU D 74 -10.12 27.45 37.56
N PRO D 75 -10.50 26.26 37.09
CA PRO D 75 -11.80 26.11 36.44
C PRO D 75 -12.94 26.34 37.42
N GLN D 76 -14.06 26.85 36.90
CA GLN D 76 -15.23 27.09 37.72
C GLN D 76 -15.91 25.76 38.07
N ASP D 77 -16.77 25.82 39.08
CA ASP D 77 -17.53 24.69 39.61
C ASP D 77 -16.64 23.61 40.21
N LEU D 78 -15.35 23.86 40.36
CA LEU D 78 -14.48 22.91 41.01
C LEU D 78 -14.79 22.86 42.50
N PRO D 79 -14.71 21.69 43.13
CA PRO D 79 -15.01 21.60 44.56
C PRO D 79 -14.10 22.50 45.39
N ILE D 80 -14.68 23.11 46.43
CA ILE D 80 -13.96 24.10 47.22
C ILE D 80 -12.79 23.46 47.97
N THR D 81 -12.94 22.21 48.42
CA THR D 81 -11.84 21.55 49.12
C THR D 81 -10.64 21.38 48.21
N ALA D 82 -10.88 20.91 46.98
CA ALA D 82 -9.78 20.75 46.02
C ALA D 82 -9.13 22.09 45.70
N VAL D 83 -9.94 23.15 45.61
CA VAL D 83 -9.39 24.49 45.41
C VAL D 83 -8.48 24.87 46.57
N SER D 84 -8.91 24.57 47.79
CA SER D 84 -8.10 24.91 48.96
C SER D 84 -6.76 24.16 48.93
N GLU D 85 -6.79 22.86 48.63
CA GLU D 85 -5.54 22.10 48.56
C GLU D 85 -4.65 22.63 47.44
N THR D 86 -5.23 22.95 46.28
CA THR D 86 -4.42 23.48 45.18
C THR D 86 -3.78 24.81 45.54
N VAL D 87 -4.53 25.70 46.18
CA VAL D 87 -3.99 27.00 46.57
C VAL D 87 -2.88 26.83 47.60
N ASP D 88 -3.10 25.95 48.58
CA ASP D 88 -2.07 25.72 49.60
C ASP D 88 -0.80 25.14 48.97
N PHE D 89 -0.95 24.18 48.06
CA PHE D 89 0.20 23.58 47.40
C PHE D 89 0.96 24.61 46.57
N VAL D 90 0.22 25.46 45.84
CA VAL D 90 0.86 26.46 45.01
C VAL D 90 1.61 27.48 45.87
N LYS D 91 0.97 27.94 46.95
CA LYS D 91 1.60 28.94 47.80
C LYS D 91 2.68 28.36 48.71
N SER D 92 2.79 27.05 48.80
CA SER D 92 3.85 26.42 49.59
C SER D 92 5.08 26.09 48.78
N ARG D 93 5.12 26.46 47.50
CA ARG D 93 6.26 26.14 46.65
C ARG D 93 7.38 27.17 46.81
N ASP D 94 8.57 26.79 46.35
CA ASP D 94 9.71 27.67 46.35
C ASP D 94 9.74 28.51 45.08
N LEU D 95 10.25 29.74 45.20
CA LEU D 95 10.26 30.68 44.08
C LEU D 95 11.33 30.38 43.04
N VAL D 96 12.29 29.51 43.35
CA VAL D 96 13.41 29.22 42.46
C VAL D 96 13.48 27.74 42.13
N VAL D 97 13.37 26.87 43.13
CA VAL D 97 13.58 25.44 42.95
C VAL D 97 12.25 24.78 42.59
N ASP D 98 12.26 24.00 41.51
CA ASP D 98 11.07 23.31 41.06
C ASP D 98 10.79 22.08 41.92
N THR D 99 9.53 21.64 41.89
CA THR D 99 9.11 20.45 42.63
C THR D 99 9.24 19.22 41.74
N PRO D 100 10.09 18.26 42.09
CA PRO D 100 10.25 17.06 41.26
C PRO D 100 9.23 15.99 41.60
N VAL D 101 9.22 14.94 40.77
CA VAL D 101 8.40 13.77 41.01
C VAL D 101 9.04 12.92 42.10
N THR D 102 8.27 12.59 43.14
CA THR D 102 8.77 11.82 44.26
C THR D 102 8.26 10.39 44.18
N LEU D 103 9.12 9.45 44.55
CA LEU D 103 8.78 8.03 44.53
C LEU D 103 9.25 7.37 45.82
N SER D 104 8.60 6.25 46.14
CA SER D 104 8.98 5.41 47.27
C SER D 104 9.64 4.13 46.78
N PRO D 105 10.54 3.54 47.56
CA PRO D 105 11.17 2.29 47.12
C PRO D 105 10.21 1.14 46.93
N GLU D 106 9.04 1.17 47.55
CA GLU D 106 8.04 0.12 47.40
C GLU D 106 7.12 0.34 46.20
N ASP D 107 7.28 1.45 45.49
CA ASP D 107 6.42 1.73 44.34
C ASP D 107 6.74 0.80 43.18
N SER D 108 5.75 0.63 42.32
CA SER D 108 5.91 -0.23 41.15
C SER D 108 6.71 0.47 40.06
N VAL D 109 7.29 -0.34 39.18
CA VAL D 109 8.05 0.21 38.05
C VAL D 109 7.11 0.90 37.06
N SER D 110 5.92 0.33 36.84
CA SER D 110 4.95 0.94 35.95
C SER D 110 4.51 2.30 36.46
N ASP D 111 4.29 2.42 37.78
CA ASP D 111 3.91 3.70 38.35
C ASP D 111 5.02 4.73 38.17
N ALA D 112 6.28 4.31 38.36
CA ALA D 112 7.40 5.22 38.16
C ALA D 112 7.48 5.67 36.71
N ASN D 113 7.31 4.75 35.77
CA ASN D 113 7.36 5.10 34.35
C ASN D 113 6.26 6.08 34.00
N ALA D 114 5.04 5.81 34.47
CA ALA D 114 3.92 6.72 34.18
C ALA D 114 4.14 8.10 34.80
N LEU D 115 4.70 8.14 36.01
CA LEU D 115 4.93 9.42 36.69
C LEU D 115 6.12 10.17 36.12
N LEU D 116 7.02 9.50 35.40
CA LEU D 116 8.19 10.17 34.84
C LEU D 116 7.80 11.31 33.90
N HIS D 117 6.64 11.20 33.25
CA HIS D 117 6.19 12.20 32.28
C HIS D 117 5.33 13.28 32.92
N LYS D 118 5.15 13.28 34.23
CA LYS D 118 4.36 14.31 34.89
C LYS D 118 5.11 15.64 34.96
N ARG D 119 6.43 15.64 34.78
CA ARG D 119 7.22 16.85 34.82
C ARG D 119 8.20 16.84 33.65
N ALA D 120 8.73 18.02 33.33
CA ALA D 120 9.68 18.19 32.24
C ALA D 120 11.12 17.92 32.66
N HIS D 121 11.36 17.60 33.93
CA HIS D 121 12.72 17.34 34.39
C HIS D 121 13.30 16.08 33.76
N GLY D 122 12.47 15.11 33.42
CA GLY D 122 12.93 13.88 32.84
C GLY D 122 13.43 12.84 33.81
N ALA D 123 13.36 13.11 35.11
CA ALA D 123 13.81 12.16 36.12
C ALA D 123 13.00 12.36 37.39
N ALA D 124 12.96 11.32 38.22
CA ALA D 124 12.24 11.35 39.48
C ALA D 124 13.20 11.02 40.62
N VAL D 125 12.94 11.64 41.77
CA VAL D 125 13.79 11.50 42.95
C VAL D 125 13.14 10.50 43.89
N VAL D 126 13.85 9.43 44.21
CA VAL D 126 13.38 8.45 45.18
C VAL D 126 13.63 8.99 46.58
N VAL D 127 12.59 9.00 47.41
CA VAL D 127 12.64 9.59 48.73
C VAL D 127 12.36 8.52 49.77
N PHE D 128 13.26 8.39 50.74
CA PHE D 128 13.10 7.47 51.86
C PHE D 128 13.29 8.23 53.15
N GLU D 129 12.24 8.28 53.98
CA GLU D 129 12.25 9.02 55.24
C GLU D 129 12.60 10.49 55.01
N GLY D 130 12.13 11.03 53.89
CA GLY D 130 12.38 12.42 53.55
C GLY D 130 13.74 12.70 52.95
N ARG D 131 14.57 11.69 52.77
CA ARG D 131 15.93 11.87 52.26
C ARG D 131 16.08 11.25 50.88
N PRO D 132 16.58 11.99 49.90
CA PRO D 132 16.82 11.40 48.57
C PRO D 132 17.85 10.28 48.66
N ILE D 133 17.60 9.20 47.92
CA ILE D 133 18.47 8.04 47.97
C ILE D 133 18.87 7.60 46.56
N GLY D 134 18.23 8.17 45.55
CA GLY D 134 18.55 7.79 44.18
C GLY D 134 17.68 8.52 43.19
N LEU D 135 17.90 8.20 41.92
CA LEU D 135 17.20 8.82 40.80
C LEU D 135 16.67 7.73 39.87
N VAL D 136 15.50 7.99 39.30
CA VAL D 136 14.86 7.07 38.35
C VAL D 136 14.71 7.79 37.02
N THR D 137 15.24 7.20 35.97
CA THR D 137 15.14 7.72 34.62
C THR D 137 14.52 6.67 33.70
N GLU D 138 14.15 7.11 32.49
CA GLU D 138 13.52 6.21 31.54
C GLU D 138 14.46 5.08 31.12
N ALA D 139 15.77 5.33 31.12
CA ALA D 139 16.73 4.30 30.76
C ALA D 139 16.78 3.18 31.80
N ASN D 140 16.61 3.53 33.08
CA ASN D 140 16.69 2.53 34.13
C ASN D 140 15.50 1.57 34.08
N CYS D 141 14.31 2.08 33.84
CA CYS D 141 13.11 1.23 33.82
C CYS D 141 13.02 0.37 32.57
N ALA D 142 13.75 0.72 31.51
CA ALA D 142 13.68 -0.05 30.28
C ALA D 142 14.31 -1.42 30.47
N GLY D 143 13.60 -2.47 30.04
CA GLY D 143 14.08 -3.83 30.17
C GLY D 143 13.81 -4.49 31.50
N VAL D 144 13.26 -3.77 32.47
CA VAL D 144 12.98 -4.30 33.79
C VAL D 144 11.52 -4.75 33.84
N ASP D 145 11.27 -5.80 34.62
CA ASP D 145 9.91 -6.29 34.79
C ASP D 145 9.01 -5.16 35.30
N ARG D 146 7.83 -5.05 34.70
CA ARG D 146 6.94 -3.92 34.99
C ARG D 146 6.46 -3.93 36.43
N PHE D 147 6.38 -5.10 37.07
CA PHE D 147 5.84 -5.22 38.41
C PHE D 147 6.91 -5.39 39.47
N ALA D 148 8.17 -5.13 39.13
CA ALA D 148 9.22 -5.10 40.15
C ALA D 148 9.05 -3.86 41.03
N ARG D 149 9.94 -3.71 42.00
CA ARG D 149 9.89 -2.61 42.94
C ARG D 149 10.91 -1.53 42.54
N VAL D 150 10.72 -0.33 43.08
CA VAL D 150 11.64 0.75 42.81
C VAL D 150 13.03 0.43 43.36
N ARG D 151 13.08 -0.23 44.52
CA ARG D 151 14.35 -0.61 45.12
C ARG D 151 15.14 -1.57 44.24
N ASP D 152 14.45 -2.32 43.37
CA ASP D 152 15.17 -3.20 42.44
C ASP D 152 15.85 -2.41 41.34
N ILE D 153 15.29 -1.24 40.98
CA ILE D 153 15.89 -0.41 39.93
C ILE D 153 17.25 0.10 40.39
N ALA D 154 18.23 0.03 39.50
CA ALA D 154 19.56 0.53 39.81
C ALA D 154 19.56 2.05 39.87
N LEU D 155 19.40 2.59 41.07
CA LEU D 155 19.31 4.03 41.24
C LEU D 155 20.64 4.70 40.89
N SER D 156 20.57 5.77 40.11
CA SER D 156 21.76 6.46 39.63
C SER D 156 22.15 7.58 40.58
N ASP D 157 23.45 7.90 40.59
CA ASP D 157 23.95 8.98 41.44
C ASP D 157 23.42 10.32 40.95
N PHE D 158 23.38 11.29 41.87
CA PHE D 158 22.81 12.60 41.59
C PHE D 158 23.69 13.69 42.16
N VAL D 159 23.74 14.81 41.47
CA VAL D 159 24.47 15.98 41.94
C VAL D 159 23.63 16.70 42.98
N THR D 160 24.22 16.94 44.15
CA THR D 160 23.51 17.53 45.29
C THR D 160 24.12 18.88 45.63
N ALA D 161 23.26 19.88 45.83
CA ALA D 161 23.68 21.22 46.23
C ALA D 161 22.71 21.75 47.28
N PRO D 162 23.19 22.50 48.26
CA PRO D 162 22.30 23.06 49.27
C PRO D 162 21.40 24.15 48.70
N VAL D 163 20.26 24.35 49.36
CA VAL D 163 19.35 25.42 48.97
C VAL D 163 20.00 26.77 49.25
N GLY D 164 19.63 27.77 48.46
CA GLY D 164 20.22 29.08 48.55
C GLY D 164 21.46 29.27 47.72
N THR D 165 21.96 28.22 47.08
CA THR D 165 23.12 28.35 46.22
C THR D 165 22.79 29.18 44.99
N ASP D 166 23.74 30.00 44.56
CA ASP D 166 23.54 30.82 43.38
C ASP D 166 23.34 29.93 42.16
N PRO D 167 22.38 30.26 41.29
CA PRO D 167 22.13 29.39 40.12
C PRO D 167 23.34 29.21 39.22
N ARG D 168 24.27 30.16 39.20
CA ARG D 168 25.48 30.00 38.40
C ARG D 168 26.29 28.79 38.84
N GLU D 169 26.47 28.61 40.15
CA GLU D 169 27.20 27.46 40.64
C GLU D 169 26.50 26.16 40.30
N VAL D 170 25.17 26.12 40.46
CA VAL D 170 24.42 24.92 40.14
C VAL D 170 24.54 24.58 38.67
N PHE D 171 24.50 25.60 37.80
CA PHE D 171 24.73 25.39 36.39
C PHE D 171 26.13 24.85 36.13
N ASP D 172 27.13 25.35 36.87
CA ASP D 172 28.50 24.91 36.69
C ASP D 172 28.66 23.44 37.06
N LEU D 173 28.07 23.01 38.18
CA LEU D 173 28.23 21.62 38.61
C LEU D 173 27.57 20.63 37.66
N LEU D 174 26.58 21.08 36.88
CA LEU D 174 25.88 20.20 35.96
C LEU D 174 26.50 20.18 34.56
N GLU D 175 27.71 20.73 34.42
CA GLU D 175 28.35 20.79 33.10
C GLU D 175 28.63 19.40 32.55
N HIS D 176 29.13 18.50 33.40
CA HIS D 176 29.48 17.14 32.97
C HIS D 176 28.64 16.07 33.66
N ALA D 177 27.57 16.46 34.34
CA ALA D 177 26.73 15.48 35.02
C ALA D 177 26.00 14.62 33.99
N PRO D 178 25.97 13.29 34.16
CA PRO D 178 25.24 12.45 33.20
C PRO D 178 23.76 12.74 33.15
N ILE D 179 23.16 13.16 34.26
CA ILE D 179 21.74 13.52 34.33
C ILE D 179 21.65 15.00 34.65
N ASP D 180 20.90 15.75 33.83
CA ASP D 180 20.86 17.20 33.92
C ASP D 180 19.79 17.66 34.92
N VAL D 181 19.90 17.15 36.15
CA VAL D 181 19.07 17.58 37.26
C VAL D 181 19.95 17.69 38.50
N ALA D 182 19.71 18.71 39.31
CA ALA D 182 20.43 18.94 40.55
C ALA D 182 19.42 19.00 41.70
N VAL D 183 19.57 18.11 42.67
CA VAL D 183 18.67 18.06 43.81
C VAL D 183 19.13 19.06 44.86
N MET D 184 18.20 19.86 45.37
CA MET D 184 18.48 20.82 46.41
C MET D 184 18.01 20.28 47.76
N THR D 185 18.91 20.26 48.74
CA THR D 185 18.64 19.68 50.04
C THR D 185 18.68 20.77 51.11
N ALA D 186 17.68 20.73 52.00
CA ALA D 186 17.59 21.70 53.08
C ALA D 186 18.73 21.50 54.07
N PRO D 187 19.03 22.51 54.90
CA PRO D 187 20.08 22.33 55.92
C PRO D 187 19.83 21.15 56.84
N ASP D 188 18.56 20.81 57.08
CA ASP D 188 18.25 19.57 57.79
C ASP D 188 18.75 18.36 56.99
N GLY D 189 18.57 18.39 55.68
CA GLY D 189 18.94 17.29 54.81
C GLY D 189 17.78 16.66 54.05
N THR D 190 16.56 17.18 54.20
CA THR D 190 15.42 16.63 53.48
C THR D 190 15.36 17.22 52.06
N LEU D 191 14.51 16.61 51.24
CA LEU D 191 14.35 17.07 49.87
C LEU D 191 13.62 18.41 49.83
N ALA D 192 14.22 19.38 49.15
CA ALA D 192 13.59 20.68 48.95
C ALA D 192 13.14 20.90 47.51
N GLY D 193 13.68 20.18 46.55
CA GLY D 193 13.30 20.33 45.16
C GLY D 193 14.42 19.89 44.24
N VAL D 194 14.23 20.20 42.96
CA VAL D 194 15.22 19.87 41.94
C VAL D 194 15.46 21.11 41.07
N LEU D 195 16.63 21.14 40.44
CA LEU D 195 16.99 22.24 39.56
C LEU D 195 17.74 21.68 38.36
N THR D 196 17.60 22.36 37.22
CA THR D 196 18.24 21.98 35.98
C THR D 196 19.04 23.16 35.44
N ARG D 197 19.89 22.86 34.44
CA ARG D 197 20.64 23.92 33.78
C ARG D 197 19.71 24.94 33.13
N THR D 198 18.70 24.45 32.39
CA THR D 198 17.74 25.35 31.79
C THR D 198 16.95 26.12 32.84
N GLY D 199 16.57 25.45 33.93
CA GLY D 199 15.90 26.13 35.02
C GLY D 199 16.78 27.18 35.67
N ALA D 200 18.06 26.87 35.85
CA ALA D 200 18.99 27.84 36.40
C ALA D 200 19.13 29.05 35.50
N ILE D 201 19.16 28.83 34.18
CA ILE D 201 19.21 29.95 33.24
C ILE D 201 17.94 30.78 33.33
N ARG D 202 16.78 30.11 33.38
CA ARG D 202 15.50 30.83 33.44
C ARG D 202 15.34 31.61 34.73
N ALA D 203 15.97 31.14 35.82
CA ALA D 203 15.82 31.81 37.10
C ALA D 203 16.27 33.27 37.04
N GLY D 204 17.30 33.56 36.25
CA GLY D 204 17.79 34.91 36.11
C GLY D 204 17.09 35.77 35.08
N ILE D 205 16.11 35.22 34.37
CA ILE D 205 15.40 35.93 33.31
C ILE D 205 13.97 36.27 33.74
N TYR D 206 13.25 35.30 34.29
CA TYR D 206 11.86 35.48 34.67
C TYR D 206 11.75 35.84 36.14
N THR D 207 11.00 36.89 36.44
CA THR D 207 10.71 37.27 37.81
C THR D 207 9.37 36.68 38.23
N PRO D 208 9.33 35.81 39.24
CA PRO D 208 8.06 35.18 39.60
C PRO D 208 7.02 36.21 40.05
N ALA D 209 5.76 35.91 39.73
CA ALA D 209 4.64 36.74 40.14
C ALA D 209 4.21 36.33 41.55
N VAL D 210 4.36 37.25 42.50
CA VAL D 210 4.10 36.95 43.91
C VAL D 210 3.13 37.98 44.47
N ASP D 211 2.45 37.57 45.55
CA ASP D 211 1.50 38.44 46.23
C ASP D 211 2.25 39.31 47.24
N ALA D 212 1.50 39.98 48.12
CA ALA D 212 2.11 40.82 49.14
C ALA D 212 2.93 40.01 50.15
N LYS D 213 2.65 38.73 50.31
CA LYS D 213 3.37 37.88 51.25
C LYS D 213 4.53 37.14 50.60
N GLY D 214 4.79 37.36 49.32
CA GLY D 214 5.89 36.68 48.66
C GLY D 214 5.61 35.26 48.22
N ARG D 215 4.35 34.92 48.00
CA ARG D 215 3.96 33.58 47.57
C ARG D 215 3.38 33.65 46.16
N LEU D 216 3.49 32.53 45.44
CA LEU D 216 3.04 32.48 44.05
C LEU D 216 1.56 32.80 43.95
N ARG D 217 1.20 33.59 42.94
CA ARG D 217 -0.17 34.01 42.75
C ARG D 217 -1.00 32.94 42.06
N ILE D 218 -2.31 32.96 42.29
CA ILE D 218 -3.23 32.02 41.67
C ILE D 218 -4.61 32.68 41.62
N ALA D 219 -5.40 32.26 40.64
CA ALA D 219 -6.73 32.81 40.43
C ALA D 219 -7.75 31.70 40.30
N ALA D 220 -9.01 32.03 40.58
CA ALA D 220 -10.12 31.09 40.49
C ALA D 220 -11.27 31.72 39.72
N ALA D 221 -12.06 30.87 39.07
CA ALA D 221 -13.18 31.32 38.25
C ALA D 221 -14.50 30.89 38.87
N VAL D 222 -15.52 31.73 38.66
CA VAL D 222 -16.86 31.48 39.17
C VAL D 222 -17.85 31.60 38.02
N GLY D 223 -18.97 30.88 38.15
CA GLY D 223 -20.06 30.98 37.20
C GLY D 223 -21.06 32.05 37.62
N ILE D 224 -22.15 32.13 36.87
CA ILE D 224 -23.23 33.06 37.15
C ILE D 224 -24.49 32.36 37.62
N ASN D 225 -24.47 31.04 37.74
CA ASN D 225 -25.60 30.29 38.25
C ASN D 225 -25.51 30.15 39.77
N GLY D 226 -26.68 30.04 40.41
CA GLY D 226 -26.71 29.91 41.85
C GLY D 226 -26.30 31.20 42.56
N ASP D 227 -25.79 31.04 43.78
CA ASP D 227 -25.35 32.19 44.59
C ASP D 227 -23.94 32.55 44.18
N VAL D 228 -23.80 33.57 43.33
CA VAL D 228 -22.49 33.98 42.87
C VAL D 228 -21.70 34.65 43.99
N GLY D 229 -22.37 35.47 44.80
CA GLY D 229 -21.67 36.18 45.85
C GLY D 229 -21.08 35.26 46.90
N ALA D 230 -21.84 34.24 47.31
CA ALA D 230 -21.33 33.30 48.32
C ALA D 230 -20.11 32.54 47.79
N LYS D 231 -20.17 32.07 46.55
CA LYS D 231 -19.04 31.36 45.98
C LYS D 231 -17.83 32.26 45.83
N ALA D 232 -18.04 33.51 45.40
CA ALA D 232 -16.94 34.45 45.27
C ALA D 232 -16.29 34.74 46.62
N GLN D 233 -17.10 34.95 47.66
CA GLN D 233 -16.56 35.19 48.98
C GLN D 233 -15.80 33.98 49.50
N ALA D 234 -16.34 32.78 49.28
CA ALA D 234 -15.68 31.57 49.74
C ALA D 234 -14.33 31.37 49.05
N LEU D 235 -14.29 31.64 47.73
CA LEU D 235 -13.03 31.50 47.01
C LEU D 235 -12.03 32.58 47.41
N ALA D 236 -12.51 33.79 47.70
CA ALA D 236 -11.62 34.84 48.19
C ALA D 236 -11.02 34.46 49.54
N GLU D 237 -11.84 33.88 50.42
CA GLU D 237 -11.32 33.42 51.71
C GLU D 237 -10.35 32.25 51.54
N ALA D 238 -10.48 31.49 50.46
CA ALA D 238 -9.59 30.36 50.22
C ALA D 238 -8.18 30.77 49.85
N GLY D 239 -7.95 32.03 49.50
CA GLY D 239 -6.64 32.52 49.14
C GLY D 239 -6.45 32.90 47.70
N ALA D 240 -7.52 32.96 46.90
CA ALA D 240 -7.39 33.37 45.51
C ALA D 240 -6.99 34.83 45.41
N ASP D 241 -6.08 35.13 44.49
CA ASP D 241 -5.58 36.49 44.31
C ASP D 241 -6.36 37.28 43.27
N LEU D 242 -7.23 36.62 42.49
CA LEU D 242 -8.00 37.31 41.47
C LEU D 242 -9.20 36.45 41.10
N LEU D 243 -10.33 37.10 40.86
CA LEU D 243 -11.59 36.42 40.58
C LEU D 243 -12.02 36.66 39.15
N VAL D 244 -12.46 35.61 38.47
CA VAL D 244 -12.95 35.67 37.10
C VAL D 244 -14.38 35.14 37.09
N ILE D 245 -15.28 35.90 36.49
CA ILE D 245 -16.67 35.48 36.29
C ILE D 245 -16.84 35.23 34.79
N ASP D 246 -16.84 33.96 34.40
CA ASP D 246 -16.80 33.57 33.00
C ASP D 246 -18.16 33.03 32.57
N THR D 247 -18.63 33.49 31.42
CA THR D 247 -19.86 32.98 30.81
C THR D 247 -19.75 33.12 29.30
N ALA D 248 -20.56 32.35 28.59
CA ALA D 248 -20.51 32.35 27.13
C ALA D 248 -20.91 33.70 26.56
N HIS D 249 -21.97 34.30 27.09
CA HIS D 249 -22.48 35.59 26.62
C HIS D 249 -22.47 36.55 27.80
N GLY D 250 -21.49 37.45 27.84
CA GLY D 250 -21.33 38.35 28.96
C GLY D 250 -22.19 39.59 28.92
N HIS D 251 -22.87 39.86 27.81
CA HIS D 251 -23.72 41.05 27.70
C HIS D 251 -25.17 40.67 27.96
N GLN D 252 -25.44 40.28 29.20
CA GLN D 252 -26.79 39.90 29.62
C GLN D 252 -27.04 40.38 31.04
N ALA D 253 -28.33 40.39 31.42
CA ALA D 253 -28.73 40.88 32.73
C ALA D 253 -28.09 40.07 33.84
N LYS D 254 -28.24 38.74 33.78
CA LYS D 254 -27.65 37.85 34.79
C LYS D 254 -26.19 38.19 35.08
N MET D 255 -25.37 38.33 34.03
CA MET D 255 -23.97 38.68 34.20
C MET D 255 -23.81 39.96 35.02
N LEU D 256 -24.54 41.01 34.64
CA LEU D 256 -24.42 42.29 35.33
C LEU D 256 -24.84 42.17 36.80
N ASP D 257 -25.92 41.42 37.07
CA ASP D 257 -26.35 41.22 38.45
C ASP D 257 -25.30 40.48 39.25
N ALA D 258 -24.67 39.46 38.66
CA ALA D 258 -23.59 38.75 39.33
C ALA D 258 -22.42 39.68 39.61
N ILE D 259 -22.08 40.54 38.65
CA ILE D 259 -20.98 41.50 38.86
C ILE D 259 -21.30 42.42 40.02
N LYS D 260 -22.53 42.93 40.05
CA LYS D 260 -22.93 43.83 41.14
C LYS D 260 -22.88 43.12 42.48
N ALA D 261 -23.37 41.87 42.53
CA ALA D 261 -23.36 41.13 43.79
C ALA D 261 -21.93 40.88 44.27
N VAL D 262 -21.02 40.52 43.36
CA VAL D 262 -19.64 40.28 43.73
C VAL D 262 -18.98 41.58 44.21
N ALA D 263 -19.22 42.68 43.50
CA ALA D 263 -18.59 43.95 43.86
C ALA D 263 -19.14 44.50 45.16
N SER D 264 -20.38 44.17 45.51
CA SER D 264 -20.96 44.65 46.76
C SER D 264 -20.25 44.08 47.98
N LEU D 265 -19.54 42.95 47.84
CA LEU D 265 -18.86 42.34 48.98
C LEU D 265 -17.58 43.07 49.37
N ASP D 266 -17.04 43.89 48.48
CA ASP D 266 -15.81 44.65 48.74
C ASP D 266 -14.67 43.72 49.15
N LEU D 267 -14.50 42.64 48.38
CA LEU D 267 -13.42 41.69 48.67
C LEU D 267 -12.04 42.30 48.44
N GLY D 268 -11.95 43.31 47.58
CA GLY D 268 -10.69 43.97 47.30
C GLY D 268 -9.87 43.33 46.19
N LEU D 269 -10.29 42.17 45.68
CA LEU D 269 -9.56 41.52 44.60
C LEU D 269 -10.01 42.07 43.25
N PRO D 270 -9.12 42.04 42.25
CA PRO D 270 -9.53 42.45 40.90
C PRO D 270 -10.59 41.51 40.33
N LEU D 271 -11.49 42.07 39.53
CA LEU D 271 -12.60 41.34 38.95
C LEU D 271 -12.45 41.26 37.44
N VAL D 272 -12.60 40.06 36.89
CA VAL D 272 -12.53 39.82 35.46
C VAL D 272 -13.88 39.27 35.02
N ALA D 273 -14.48 39.89 34.00
CA ALA D 273 -15.79 39.50 33.52
C ALA D 273 -15.79 39.42 32.00
N GLY D 274 -16.62 38.52 31.49
CA GLY D 274 -16.72 38.33 30.05
C GLY D 274 -17.77 37.29 29.74
N ASN D 275 -17.92 37.01 28.45
CA ASN D 275 -17.14 37.64 27.40
C ASN D 275 -18.01 38.53 26.51
N VAL D 276 -17.46 39.65 26.06
CA VAL D 276 -18.14 40.55 25.15
C VAL D 276 -17.19 40.91 24.01
N VAL D 277 -17.77 41.27 22.87
CA VAL D 277 -16.99 41.62 21.69
C VAL D 277 -17.46 42.97 21.15
N SER D 278 -18.07 43.78 22.01
CA SER D 278 -18.59 45.08 21.60
C SER D 278 -18.22 46.12 22.64
N ALA D 279 -18.11 47.38 22.19
CA ALA D 279 -17.79 48.47 23.10
C ALA D 279 -18.90 48.69 24.13
N GLU D 280 -20.15 48.53 23.72
CA GLU D 280 -21.26 48.69 24.65
C GLU D 280 -21.20 47.64 25.75
N GLY D 281 -20.83 46.40 25.41
CA GLY D 281 -20.70 45.37 26.42
C GLY D 281 -19.61 45.70 27.44
N THR D 282 -18.48 46.20 26.97
CA THR D 282 -17.41 46.59 27.89
C THR D 282 -17.84 47.75 28.78
N ARG D 283 -18.56 48.73 28.21
CA ARG D 283 -19.05 49.84 29.00
C ARG D 283 -20.02 49.36 30.07
N ASP D 284 -20.91 48.43 29.72
CA ASP D 284 -21.86 47.89 30.69
C ASP D 284 -21.15 47.11 31.78
N LEU D 285 -20.15 46.29 31.41
CA LEU D 285 -19.45 45.49 32.41
C LEU D 285 -18.62 46.34 33.35
N ILE D 286 -17.92 47.35 32.80
CA ILE D 286 -17.07 48.20 33.63
C ILE D 286 -17.92 49.02 34.61
N GLU D 287 -19.03 49.59 34.13
CA GLU D 287 -19.90 50.35 35.00
C GLU D 287 -20.52 49.47 36.08
N ALA D 288 -20.72 48.19 35.79
CA ALA D 288 -21.27 47.27 36.79
C ALA D 288 -20.29 46.98 37.91
N GLY D 289 -19.00 47.21 37.70
CA GLY D 289 -18.01 47.01 38.74
C GLY D 289 -16.85 46.12 38.35
N ALA D 290 -16.79 45.71 37.09
CA ALA D 290 -15.72 44.85 36.62
C ALA D 290 -14.49 45.69 36.27
N SER D 291 -13.35 45.36 36.87
CA SER D 291 -12.11 46.08 36.58
C SER D 291 -11.52 45.65 35.25
N ILE D 292 -11.61 44.37 34.91
CA ILE D 292 -11.03 43.83 33.68
C ILE D 292 -12.13 43.12 32.91
N VAL D 293 -12.19 43.36 31.61
CA VAL D 293 -13.21 42.80 30.74
C VAL D 293 -12.58 41.71 29.87
N LYS D 294 -13.21 40.54 29.85
CA LYS D 294 -12.74 39.43 29.03
C LYS D 294 -13.36 39.56 27.64
N VAL D 295 -12.53 39.45 26.61
CA VAL D 295 -12.92 39.73 25.24
C VAL D 295 -12.76 38.48 24.39
N GLY D 296 -13.81 38.14 23.65
CA GLY D 296 -13.74 37.06 22.67
C GLY D 296 -14.91 36.10 22.74
N VAL D 297 -15.63 35.98 21.62
CA VAL D 297 -16.74 35.04 21.50
C VAL D 297 -16.68 34.41 20.12
N GLY D 298 -16.19 33.17 20.05
CA GLY D 298 -16.04 32.50 18.78
C GLY D 298 -14.65 31.97 18.44
N PRO D 299 -13.59 32.73 18.69
CA PRO D 299 -12.25 32.25 18.29
C PRO D 299 -11.68 31.15 19.17
N GLY D 300 -12.43 30.66 20.15
CA GLY D 300 -11.95 29.52 20.93
C GLY D 300 -11.75 28.30 20.04
N ALA D 301 -10.68 27.56 20.33
CA ALA D 301 -10.36 26.40 19.51
C ALA D 301 -11.40 25.29 19.65
N MET D 302 -12.15 25.27 20.75
CA MET D 302 -13.20 24.30 20.97
C MET D 302 -14.59 24.92 20.92
N CYS D 303 -14.69 26.19 20.52
CA CYS D 303 -15.97 26.88 20.45
C CYS D 303 -16.62 26.63 19.10
N THR D 304 -17.88 26.18 19.13
CA THR D 304 -18.64 25.88 17.93
C THR D 304 -19.77 26.87 17.71
N THR D 305 -19.71 28.04 18.35
CA THR D 305 -20.78 29.01 18.25
C THR D 305 -20.94 29.50 16.81
N ARG D 306 -19.83 29.69 16.09
CA ARG D 306 -19.92 30.19 14.72
C ARG D 306 -20.55 29.16 13.79
N MET D 307 -20.39 27.87 14.09
CA MET D 307 -20.98 26.82 13.26
C MET D 307 -22.40 26.47 13.69
N MET D 308 -22.69 26.57 14.99
CA MET D 308 -24.04 26.29 15.48
C MET D 308 -24.97 27.48 15.30
N THR D 309 -24.46 28.70 15.37
CA THR D 309 -25.29 29.90 15.42
C THR D 309 -24.87 31.00 14.49
N GLY D 310 -23.66 30.98 13.94
CA GLY D 310 -23.18 32.09 13.16
C GLY D 310 -22.89 33.35 13.94
N VAL D 311 -22.94 33.27 15.27
CA VAL D 311 -22.70 34.42 16.14
C VAL D 311 -21.23 34.45 16.51
N GLY D 312 -20.61 35.60 16.39
CA GLY D 312 -19.20 35.74 16.70
C GLY D 312 -18.65 37.02 16.11
N ARG D 313 -17.33 37.14 16.16
CA ARG D 313 -16.65 38.31 15.62
C ARG D 313 -15.16 38.02 15.50
N PRO D 314 -14.51 38.47 14.43
CA PRO D 314 -13.05 38.33 14.34
C PRO D 314 -12.35 38.98 15.52
N GLN D 315 -11.28 38.32 15.99
CA GLN D 315 -10.71 38.67 17.28
C GLN D 315 -10.04 40.04 17.27
N PHE D 316 -9.35 40.40 16.20
CA PHE D 316 -8.55 41.62 16.20
C PHE D 316 -9.43 42.87 16.35
N SER D 317 -10.49 42.96 15.54
CA SER D 317 -11.37 44.13 15.59
C SER D 317 -12.08 44.22 16.94
N ALA D 318 -12.56 43.09 17.45
CA ALA D 318 -13.22 43.09 18.75
C ALA D 318 -12.26 43.53 19.84
N VAL D 319 -11.02 43.04 19.81
CA VAL D 319 -10.04 43.41 20.83
C VAL D 319 -9.70 44.89 20.76
N VAL D 320 -9.50 45.43 19.55
CA VAL D 320 -9.15 46.85 19.46
C VAL D 320 -10.31 47.72 19.93
N GLU D 321 -11.55 47.36 19.54
CA GLU D 321 -12.70 48.15 19.96
C GLU D 321 -12.89 48.10 21.48
N CYS D 322 -12.80 46.90 22.05
CA CYS D 322 -12.97 46.74 23.49
C CYS D 322 -11.87 47.45 24.26
N ALA D 323 -10.63 47.38 23.77
CA ALA D 323 -9.52 48.06 24.44
C ALA D 323 -9.71 49.57 24.40
N ALA D 324 -10.13 50.10 23.25
CA ALA D 324 -10.39 51.54 23.18
C ALA D 324 -11.50 51.95 24.14
N ALA D 325 -12.58 51.17 24.18
CA ALA D 325 -13.69 51.51 25.07
C ALA D 325 -13.26 51.44 26.54
N ALA D 326 -12.49 50.41 26.90
CA ALA D 326 -12.04 50.29 28.29
C ALA D 326 -11.10 51.42 28.67
N ARG D 327 -10.05 51.66 27.87
CA ARG D 327 -9.14 52.75 28.13
C ARG D 327 -9.88 54.08 28.26
N GLN D 328 -10.92 54.28 27.44
CA GLN D 328 -11.73 55.49 27.57
C GLN D 328 -12.28 55.62 28.97
N LEU D 329 -12.82 54.53 29.52
CA LEU D 329 -13.35 54.50 30.88
C LEU D 329 -12.31 54.10 31.92
N GLY D 330 -11.04 53.99 31.53
CA GLY D 330 -9.99 53.63 32.47
C GLY D 330 -10.01 52.17 32.90
N GLY D 331 -10.28 51.26 31.97
CA GLY D 331 -10.26 49.84 32.28
C GLY D 331 -9.23 49.07 31.49
N HIS D 332 -9.28 47.74 31.57
CA HIS D 332 -8.37 46.88 30.85
C HIS D 332 -9.14 45.71 30.25
N VAL D 333 -8.58 45.13 29.19
CA VAL D 333 -9.19 44.01 28.50
C VAL D 333 -8.19 42.87 28.37
N TRP D 334 -8.72 41.66 28.23
CA TRP D 334 -7.93 40.46 28.03
C TRP D 334 -8.32 39.79 26.72
N ALA D 335 -7.33 39.35 25.96
CA ALA D 335 -7.56 38.60 24.73
C ALA D 335 -7.72 37.13 25.08
N ASP D 336 -8.84 36.54 24.67
CA ASP D 336 -9.17 35.15 25.01
C ASP D 336 -9.44 34.39 23.73
N GLY D 337 -8.71 33.30 23.53
CA GLY D 337 -8.94 32.40 22.42
C GLY D 337 -8.27 32.86 21.13
N GLY D 338 -8.09 31.90 20.22
CA GLY D 338 -7.53 32.19 18.92
C GLY D 338 -6.02 32.26 18.86
N VAL D 339 -5.31 31.92 19.94
CA VAL D 339 -3.86 32.00 19.97
C VAL D 339 -3.29 30.67 19.53
N ARG D 340 -2.44 30.71 18.49
CA ARG D 340 -1.78 29.51 17.99
C ARG D 340 -0.28 29.73 17.91
N HIS D 341 0.14 30.97 17.74
CA HIS D 341 1.53 31.34 17.55
C HIS D 341 1.82 32.59 18.35
N PRO D 342 3.09 32.86 18.65
CA PRO D 342 3.44 34.13 19.34
C PRO D 342 3.05 35.36 18.55
N ARG D 343 2.86 35.25 17.24
CA ARG D 343 2.35 36.37 16.45
C ARG D 343 1.00 36.82 16.96
N ASP D 344 0.13 35.87 17.33
CA ASP D 344 -1.19 36.24 17.87
C ASP D 344 -1.05 37.02 19.17
N VAL D 345 -0.18 36.58 20.07
CA VAL D 345 0.02 37.27 21.34
C VAL D 345 0.57 38.68 21.09
N ALA D 346 1.55 38.80 20.19
CA ALA D 346 2.12 40.11 19.90
C ALA D 346 1.09 41.06 19.31
N LEU D 347 0.26 40.54 18.40
CA LEU D 347 -0.77 41.38 17.78
C LEU D 347 -1.83 41.78 18.80
N ALA D 348 -2.22 40.86 19.70
CA ALA D 348 -3.19 41.19 20.72
C ALA D 348 -2.65 42.26 21.67
N LEU D 349 -1.38 42.14 22.04
CA LEU D 349 -0.76 43.17 22.88
C LEU D 349 -0.69 44.51 22.17
N ALA D 350 -0.32 44.49 20.88
CA ALA D 350 -0.31 45.73 20.11
C ALA D 350 -1.71 46.28 19.90
N ALA D 351 -2.72 45.41 19.90
CA ALA D 351 -4.10 45.85 19.74
C ALA D 351 -4.56 46.71 20.91
N GLY D 352 -4.02 46.48 22.09
CA GLY D 352 -4.39 47.27 23.26
C GLY D 352 -4.72 46.42 24.47
N ALA D 353 -4.69 45.10 24.31
CA ALA D 353 -4.98 44.21 25.42
C ALA D 353 -3.86 44.25 26.45
N SER D 354 -4.23 44.07 27.72
CA SER D 354 -3.27 44.03 28.81
C SER D 354 -2.69 42.64 29.03
N ASN D 355 -3.48 41.60 28.81
CA ASN D 355 -3.03 40.22 28.94
C ASN D 355 -3.65 39.39 27.82
N VAL D 356 -3.02 38.26 27.54
CA VAL D 356 -3.48 37.33 26.50
C VAL D 356 -3.70 35.98 27.17
N MET D 357 -4.95 35.56 27.25
CA MET D 357 -5.31 34.29 27.87
C MET D 357 -5.17 33.18 26.83
N ILE D 358 -4.25 32.24 27.09
CA ILE D 358 -3.98 31.12 26.20
C ILE D 358 -4.69 29.88 26.74
N GLY D 359 -5.36 29.15 25.87
CA GLY D 359 -6.14 28.00 26.28
C GLY D 359 -5.58 26.66 25.86
N SER D 360 -6.14 26.09 24.79
CA SER D 360 -5.83 24.73 24.38
C SER D 360 -4.40 24.55 23.90
N TRP D 361 -3.67 25.63 23.64
CA TRP D 361 -2.28 25.50 23.21
C TRP D 361 -1.43 24.86 24.30
N PHE D 362 -1.64 25.26 25.55
CA PHE D 362 -0.87 24.73 26.66
C PHE D 362 -1.31 23.31 27.04
N ALA D 363 -2.40 22.80 26.47
CA ALA D 363 -2.84 21.46 26.82
C ALA D 363 -1.86 20.39 26.34
N GLY D 364 -1.11 20.67 25.29
CA GLY D 364 -0.13 19.73 24.78
C GLY D 364 1.22 19.85 25.46
N THR D 365 1.21 19.84 26.79
CA THR D 365 2.43 19.95 27.58
C THR D 365 2.42 18.90 28.68
N TYR D 366 3.59 18.68 29.27
CA TYR D 366 3.70 17.73 30.38
C TYR D 366 2.89 18.19 31.59
N GLU D 367 2.90 19.49 31.87
CA GLU D 367 2.27 20.01 33.07
C GLU D 367 0.75 20.00 33.00
N SER D 368 0.17 19.74 31.84
CA SER D 368 -1.29 19.72 31.73
C SER D 368 -1.85 18.51 32.48
N PRO D 369 -3.02 18.65 33.11
CA PRO D 369 -3.57 17.53 33.89
C PRO D 369 -3.91 16.31 33.05
N GLY D 370 -4.11 16.46 31.74
CA GLY D 370 -4.47 15.32 30.92
C GLY D 370 -3.38 14.28 30.89
N ASP D 371 -3.78 13.01 30.85
CA ASP D 371 -2.83 11.92 30.82
C ASP D 371 -2.13 11.85 29.47
N LEU D 372 -0.83 11.56 29.49
CA LEU D 372 -0.07 11.47 28.27
C LEU D 372 -0.45 10.22 27.47
N LEU D 373 -0.63 10.39 26.17
CA LEU D 373 -1.00 9.31 25.27
C LEU D 373 -0.06 9.28 24.09
N PHE D 374 0.11 8.09 23.51
CA PHE D 374 0.97 7.89 22.37
C PHE D 374 0.15 7.48 21.15
N ASP D 375 0.46 8.09 20.01
CA ASP D 375 -0.27 7.83 18.77
C ASP D 375 0.15 6.48 18.19
N ARG D 376 -0.40 6.17 17.01
CA ARG D 376 -0.02 4.93 16.33
C ARG D 376 1.46 4.90 15.97
N ASP D 377 2.02 6.05 15.62
CA ASP D 377 3.44 6.17 15.31
C ASP D 377 4.28 6.52 16.53
N ASP D 378 3.78 6.22 17.73
CA ASP D 378 4.48 6.46 19.00
C ASP D 378 4.74 7.95 19.25
N ARG D 379 4.04 8.83 18.54
CA ARG D 379 4.18 10.26 18.78
C ARG D 379 3.37 10.66 20.00
N PRO D 380 3.97 11.29 21.01
CA PRO D 380 3.21 11.66 22.21
C PRO D 380 2.18 12.74 21.90
N TYR D 381 1.04 12.65 22.58
CA TYR D 381 -0.02 13.64 22.43
C TYR D 381 -0.92 13.57 23.65
N LYS D 382 -1.72 14.62 23.82
CA LYS D 382 -2.68 14.69 24.91
C LYS D 382 -4.00 15.22 24.37
N GLU D 383 -5.11 14.72 24.92
CA GLU D 383 -6.43 15.14 24.50
C GLU D 383 -6.87 16.37 25.29
N SER D 384 -7.49 17.31 24.60
CA SER D 384 -8.03 18.52 25.19
C SER D 384 -9.50 18.64 24.83
N TYR D 385 -10.26 19.34 25.68
CA TYR D 385 -11.69 19.48 25.47
C TYR D 385 -12.16 20.79 26.06
N GLY D 386 -13.30 21.26 25.55
CA GLY D 386 -13.86 22.54 25.96
C GLY D 386 -14.77 22.43 27.18
N MET D 387 -15.08 23.59 27.75
CA MET D 387 -15.80 23.64 29.01
C MET D 387 -17.30 23.41 28.84
N ALA D 388 -17.81 23.50 27.61
CA ALA D 388 -19.20 23.21 27.28
C ALA D 388 -20.18 23.89 28.23
N SER D 389 -21.04 23.09 28.87
CA SER D 389 -22.18 23.64 29.61
C SER D 389 -21.74 24.47 30.80
N LYS D 390 -20.54 24.22 31.33
CA LYS D 390 -20.05 25.00 32.47
C LYS D 390 -20.03 26.49 32.19
N ARG D 391 -19.94 26.88 30.92
CA ARG D 391 -19.96 28.29 30.53
C ARG D 391 -21.36 28.78 30.19
N ALA D 392 -22.36 27.91 30.22
CA ALA D 392 -23.73 28.26 29.84
C ALA D 392 -24.57 28.59 31.06
N VAL D 393 -25.69 29.26 30.81
CA VAL D 393 -26.61 29.64 31.88
C VAL D 393 -27.52 28.46 32.19
N ALA D 394 -27.55 28.06 33.46
CA ALA D 394 -28.39 26.94 33.88
C ALA D 394 -29.86 27.35 33.92
N SER D 401 -34.83 15.04 39.03
CA SER D 401 -35.68 14.29 38.11
C SER D 401 -34.93 13.97 36.82
N SER D 402 -34.73 12.67 36.58
CA SER D 402 -34.07 12.22 35.36
C SER D 402 -34.72 12.82 34.11
N PHE D 403 -36.05 12.92 34.11
CA PHE D 403 -36.76 13.45 32.95
C PHE D 403 -36.35 14.90 32.67
N ASP D 404 -36.35 15.75 33.71
CA ASP D 404 -35.95 17.13 33.54
C ASP D 404 -34.48 17.25 33.15
N ARG D 405 -33.63 16.39 33.73
CA ARG D 405 -32.22 16.41 33.37
C ARG D 405 -32.02 16.09 31.89
N ALA D 406 -32.70 15.05 31.40
CA ALA D 406 -32.58 14.68 29.99
C ALA D 406 -33.16 15.77 29.09
N ARG D 407 -34.28 16.37 29.50
CA ARG D 407 -34.87 17.44 28.69
C ARG D 407 -33.92 18.63 28.59
N LYS D 408 -33.28 19.00 29.70
CA LYS D 408 -32.32 20.09 29.66
C LYS D 408 -31.09 19.73 28.83
N GLY D 409 -30.62 18.48 28.94
CA GLY D 409 -29.45 18.06 28.20
C GLY D 409 -29.67 17.75 26.74
N LEU D 410 -30.93 17.70 26.29
CA LEU D 410 -31.20 17.46 24.89
C LEU D 410 -30.65 18.60 24.02
N PHE D 411 -30.82 19.83 24.45
CA PHE D 411 -30.36 21.00 23.70
C PHE D 411 -28.96 21.44 24.09
N GLU D 412 -28.35 20.81 25.08
CA GLU D 412 -27.01 21.21 25.51
C GLU D 412 -25.98 20.91 24.42
N GLU D 413 -24.99 21.79 24.31
CA GLU D 413 -23.95 21.63 23.30
C GLU D 413 -23.03 20.47 23.68
N GLY D 414 -22.57 19.73 22.67
CA GLY D 414 -21.67 18.64 22.90
C GLY D 414 -20.28 19.10 23.28
N ILE D 415 -19.52 18.19 23.87
CA ILE D 415 -18.15 18.48 24.29
C ILE D 415 -17.22 18.20 23.11
N SER D 416 -16.58 19.25 22.60
CA SER D 416 -15.63 19.11 21.51
C SER D 416 -14.31 18.55 22.03
N THR D 417 -13.60 17.83 21.17
CA THR D 417 -12.32 17.24 21.53
C THR D 417 -11.39 17.28 20.33
N SER D 418 -10.09 17.32 20.62
CA SER D 418 -9.07 17.32 19.58
C SER D 418 -7.76 16.86 20.19
N ARG D 419 -6.84 16.43 19.33
CA ARG D 419 -5.54 15.93 19.75
C ARG D 419 -4.51 17.05 19.64
N MET D 420 -3.74 17.24 20.71
CA MET D 420 -2.67 18.24 20.75
C MET D 420 -1.34 17.51 20.86
N SER D 421 -0.56 17.55 19.78
CA SER D 421 0.72 16.86 19.76
C SER D 421 1.75 17.60 20.60
N LEU D 422 2.67 16.84 21.19
CA LEU D 422 3.73 17.39 22.01
C LEU D 422 4.99 17.58 21.16
N ASP D 423 5.51 18.80 21.17
CA ASP D 423 6.75 19.06 20.44
C ASP D 423 7.92 18.40 21.17
N PRO D 424 8.73 17.61 20.48
CA PRO D 424 9.86 16.95 21.16
C PRO D 424 10.83 17.92 21.79
N ALA D 425 11.05 19.09 21.17
CA ALA D 425 11.94 20.09 21.73
C ALA D 425 11.22 21.07 22.66
N ARG D 426 9.90 21.05 22.70
CA ARG D 426 9.10 21.94 23.54
C ARG D 426 8.04 21.15 24.29
N GLY D 427 8.45 20.05 24.91
CA GLY D 427 7.51 19.23 25.66
C GLY D 427 6.93 19.95 26.86
N GLY D 428 7.76 20.70 27.58
CA GLY D 428 7.29 21.42 28.75
C GLY D 428 6.66 22.76 28.39
N VAL D 429 5.86 23.26 29.32
CA VAL D 429 5.21 24.56 29.12
C VAL D 429 6.20 25.70 29.22
N GLU D 430 7.33 25.49 29.91
CA GLU D 430 8.36 26.52 30.00
C GLU D 430 8.97 26.83 28.64
N ASP D 431 9.10 25.81 27.78
CA ASP D 431 9.60 26.06 26.43
C ASP D 431 8.63 26.93 25.64
N LEU D 432 7.33 26.68 25.77
CA LEU D 432 6.35 27.51 25.10
C LEU D 432 6.37 28.93 25.65
N LEU D 433 6.55 29.07 26.96
CA LEU D 433 6.68 30.39 27.55
C LEU D 433 7.89 31.13 27.01
N ASP D 434 9.02 30.43 26.87
CA ASP D 434 10.21 31.04 26.28
C ASP D 434 9.95 31.46 24.85
N HIS D 435 9.27 30.61 24.07
CA HIS D 435 8.91 30.93 22.70
C HIS D 435 8.10 32.22 22.63
N ILE D 436 7.03 32.29 23.43
CA ILE D 436 6.13 33.44 23.40
C ILE D 436 6.84 34.70 23.86
N THR D 437 7.63 34.60 24.94
CA THR D 437 8.34 35.77 25.45
C THR D 437 9.37 36.27 24.45
N SER D 438 10.08 35.36 23.79
CA SER D 438 11.04 35.77 22.76
C SER D 438 10.32 36.47 21.61
N GLY D 439 9.18 35.93 21.19
CA GLY D 439 8.42 36.59 20.13
C GLY D 439 7.98 37.99 20.52
N VAL D 440 7.45 38.14 21.74
CA VAL D 440 6.98 39.46 22.18
C VAL D 440 8.13 40.43 22.31
N ARG D 441 9.28 39.98 22.83
CA ARG D 441 10.44 40.85 22.97
C ARG D 441 10.95 41.29 21.60
N SER D 442 11.00 40.37 20.63
CA SER D 442 11.41 40.74 19.29
C SER D 442 10.44 41.73 18.67
N THR D 443 9.13 41.54 18.92
CA THR D 443 8.15 42.51 18.43
C THR D 443 8.40 43.89 19.03
N CYS D 444 8.67 43.94 20.33
CA CYS D 444 8.91 45.22 20.98
C CYS D 444 10.18 45.89 20.44
N THR D 445 11.24 45.10 20.20
CA THR D 445 12.44 45.67 19.63
C THR D 445 12.21 46.20 18.22
N TYR D 446 11.44 45.46 17.42
CA TYR D 446 11.14 45.93 16.07
C TYR D 446 10.32 47.23 16.11
N VAL D 447 9.33 47.30 16.99
CA VAL D 447 8.53 48.52 17.10
C VAL D 447 9.37 49.66 17.67
N GLY D 448 10.23 49.35 18.64
CA GLY D 448 11.02 50.38 19.30
C GLY D 448 10.46 50.80 20.63
N ALA D 449 9.92 49.84 21.38
CA ALA D 449 9.26 50.10 22.65
C ALA D 449 9.95 49.33 23.77
N ALA D 450 10.13 49.98 24.91
CA ALA D 450 10.74 49.37 26.07
C ALA D 450 9.73 48.69 26.99
N ASN D 451 8.44 48.89 26.77
CA ASN D 451 7.41 48.30 27.61
C ASN D 451 6.12 48.18 26.82
N LEU D 452 5.18 47.42 27.38
CA LEU D 452 3.90 47.20 26.69
C LEU D 452 3.11 48.48 26.43
N PRO D 453 2.98 49.43 27.36
CA PRO D 453 2.29 50.68 26.99
C PRO D 453 2.94 51.40 25.82
N GLU D 454 4.27 51.43 25.76
CA GLU D 454 4.94 52.01 24.61
C GLU D 454 4.70 51.19 23.36
N LEU D 455 4.58 49.86 23.49
CA LEU D 455 4.26 49.02 22.35
C LEU D 455 2.89 49.38 21.79
N HIS D 456 1.91 49.61 22.67
CA HIS D 456 0.58 50.01 22.20
C HIS D 456 0.60 51.41 21.60
N GLU D 457 1.42 52.32 22.17
CA GLU D 457 1.41 53.69 21.70
C GLU D 457 2.10 53.84 20.36
N LYS D 458 3.23 53.18 20.15
CA LYS D 458 4.08 53.41 19.00
C LYS D 458 3.82 52.46 17.84
N VAL D 459 2.95 51.47 18.00
CA VAL D 459 2.77 50.46 16.97
C VAL D 459 2.02 51.05 15.79
N VAL D 460 2.39 50.61 14.58
CA VAL D 460 1.70 50.96 13.35
C VAL D 460 1.27 49.67 12.67
N LEU D 461 -0.01 49.58 12.34
CA LEU D 461 -0.59 48.34 11.81
C LEU D 461 -0.84 48.47 10.30
N GLY D 462 -0.91 47.32 9.65
CA GLY D 462 -1.21 47.26 8.23
C GLY D 462 -2.16 46.12 7.94
N VAL D 463 -2.70 46.13 6.72
CA VAL D 463 -3.65 45.13 6.25
C VAL D 463 -3.03 44.40 5.07
N GLN D 464 -3.13 43.08 5.09
CA GLN D 464 -2.60 42.24 4.02
C GLN D 464 -3.67 41.28 3.53
N SER D 465 -3.51 40.82 2.30
CA SER D 465 -4.45 39.89 1.70
C SER D 465 -4.08 38.45 2.07
N ALA D 466 -4.75 37.48 1.44
CA ALA D 466 -4.45 36.08 1.73
C ALA D 466 -3.04 35.70 1.30
N ALA D 467 -2.60 36.22 0.16
CA ALA D 467 -1.24 35.91 -0.32
C ALA D 467 -0.17 36.51 0.59
N GLY D 468 -0.48 37.63 1.25
CA GLY D 468 0.49 38.24 2.14
C GLY D 468 0.81 37.38 3.34
N PHE D 469 -0.19 36.66 3.86
CA PHE D 469 0.04 35.80 5.02
C PHE D 469 0.99 34.66 4.68
N ALA D 470 0.84 34.06 3.49
CA ALA D 470 1.70 32.96 3.09
C ALA D 470 3.13 33.39 2.83
N GLU D 471 3.40 34.69 2.77
CA GLU D 471 4.76 35.18 2.55
C GLU D 471 5.64 34.83 3.74
N GLY D 472 6.87 34.44 3.45
CA GLY D 472 7.81 34.05 4.49
C GLY D 472 7.97 32.54 4.57
N HIS D 473 8.65 32.11 5.63
CA HIS D 473 8.93 30.70 5.82
C HIS D 473 7.63 29.92 6.05
N PRO D 474 7.48 28.76 5.42
CA PRO D 474 6.28 27.93 5.64
C PRO D 474 5.91 27.78 7.11
N LEU D 475 4.64 28.04 7.42
CA LEU D 475 4.17 27.89 8.78
C LEU D 475 4.25 26.42 9.20
N PRO D 476 4.48 26.15 10.50
CA PRO D 476 4.60 24.77 10.97
C PRO D 476 3.35 23.94 10.74
N VAL E 2 6.06 -51.37 20.89
CA VAL E 2 4.93 -50.98 20.07
C VAL E 2 4.81 -51.89 18.86
N ARG E 3 3.65 -51.87 18.21
CA ARG E 3 3.38 -52.69 17.03
C ARG E 3 3.15 -51.80 15.83
N PHE E 4 3.86 -52.07 14.74
CA PHE E 4 3.70 -51.36 13.48
C PHE E 4 2.99 -52.23 12.46
N LEU E 5 2.45 -51.59 11.44
CA LEU E 5 1.81 -52.31 10.35
C LEU E 5 2.84 -53.11 9.56
N ASP E 6 2.39 -54.20 8.94
CA ASP E 6 3.28 -55.05 8.18
C ASP E 6 3.90 -54.28 7.02
N GLY E 7 5.22 -54.40 6.89
CA GLY E 7 5.94 -53.69 5.85
C GLY E 7 6.34 -52.27 6.18
N HIS E 8 5.93 -51.76 7.35
CA HIS E 8 6.25 -50.39 7.75
C HIS E 8 7.54 -50.37 8.56
N THR E 9 8.65 -50.56 7.84
CA THR E 9 9.99 -50.55 8.42
C THR E 9 10.84 -49.55 7.64
N PRO E 10 10.72 -48.26 7.95
CA PRO E 10 11.47 -47.26 7.20
C PRO E 10 12.96 -47.30 7.52
N ALA E 11 13.74 -46.71 6.63
CA ALA E 11 15.19 -46.65 6.77
C ALA E 11 15.65 -45.34 7.38
N TYR E 12 14.81 -44.72 8.21
CA TYR E 12 15.15 -43.46 8.86
C TYR E 12 14.36 -43.35 10.16
N ASP E 13 14.84 -42.50 11.06
CA ASP E 13 14.14 -42.27 12.31
C ASP E 13 12.87 -41.46 12.08
N LEU E 14 11.89 -41.67 12.95
CA LEU E 14 10.55 -41.13 12.78
C LEU E 14 10.30 -40.00 13.78
N THR E 15 9.47 -39.04 13.37
CA THR E 15 9.04 -37.94 14.21
C THR E 15 7.54 -38.09 14.51
N TYR E 16 6.99 -37.09 15.19
CA TYR E 16 5.56 -37.09 15.48
C TYR E 16 4.73 -36.93 14.22
N ASN E 17 5.25 -36.23 13.21
CA ASN E 17 4.51 -36.00 11.98
C ASN E 17 4.55 -37.18 11.03
N ASP E 18 5.45 -38.14 11.25
CA ASP E 18 5.62 -39.26 10.33
C ASP E 18 4.84 -40.50 10.76
N VAL E 19 4.07 -40.44 11.85
CA VAL E 19 3.38 -41.61 12.38
C VAL E 19 1.91 -41.28 12.59
N PHE E 20 1.11 -42.35 12.64
CA PHE E 20 -0.32 -42.23 12.90
C PHE E 20 -0.79 -43.47 13.65
N VAL E 21 -1.94 -43.35 14.29
CA VAL E 21 -2.51 -44.40 15.12
C VAL E 21 -3.67 -45.04 14.37
N VAL E 22 -3.63 -46.36 14.22
CA VAL E 22 -4.67 -47.11 13.53
C VAL E 22 -5.74 -47.51 14.54
N PRO E 23 -7.00 -47.17 14.31
CA PRO E 23 -8.06 -47.56 15.26
C PRO E 23 -8.22 -49.07 15.33
N GLY E 24 -8.64 -49.54 16.51
CA GLY E 24 -8.91 -50.95 16.73
C GLY E 24 -10.26 -51.14 17.39
N ARG E 25 -10.59 -52.41 17.63
CA ARG E 25 -11.84 -52.74 18.30
C ARG E 25 -11.85 -52.14 19.70
N SER E 26 -12.95 -51.47 20.03
CA SER E 26 -13.04 -50.72 21.28
C SER E 26 -14.36 -51.02 21.97
N ASP E 27 -14.33 -50.92 23.31
CA ASP E 27 -15.54 -51.03 24.12
C ASP E 27 -15.70 -49.87 25.08
N VAL E 28 -14.86 -48.84 24.98
CA VAL E 28 -14.96 -47.67 25.83
C VAL E 28 -16.09 -46.78 25.31
N ALA E 29 -17.09 -46.54 26.16
CA ALA E 29 -18.27 -45.81 25.71
C ALA E 29 -17.96 -44.34 25.44
N SER E 30 -17.29 -43.68 26.38
CA SER E 30 -17.08 -42.23 26.30
C SER E 30 -15.69 -41.90 26.80
N ARG E 31 -15.34 -40.61 26.68
CA ARG E 31 -14.02 -40.15 27.14
C ARG E 31 -13.89 -40.27 28.66
N PHE E 32 -14.97 -40.02 29.40
CA PHE E 32 -14.92 -40.00 30.85
C PHE E 32 -14.63 -41.36 31.46
N ASP E 33 -14.73 -42.44 30.69
CA ASP E 33 -14.41 -43.77 31.20
C ASP E 33 -12.92 -44.06 31.21
N VAL E 34 -12.11 -43.16 30.67
CA VAL E 34 -10.66 -43.38 30.57
C VAL E 34 -9.99 -42.82 31.81
N ASP E 35 -9.08 -43.59 32.40
CA ASP E 35 -8.28 -43.16 33.53
C ASP E 35 -6.91 -42.72 33.04
N LEU E 36 -6.55 -41.48 33.34
CA LEU E 36 -5.31 -40.89 32.84
C LEU E 36 -4.21 -40.85 33.89
N SER E 37 -4.38 -41.55 35.01
CA SER E 37 -3.38 -41.53 36.07
C SER E 37 -2.10 -42.20 35.61
N THR E 38 -0.96 -41.59 35.97
CA THR E 38 0.33 -42.15 35.63
C THR E 38 0.76 -43.20 36.66
N VAL E 39 1.76 -43.99 36.28
CA VAL E 39 2.22 -45.09 37.13
C VAL E 39 3.73 -44.98 37.34
N ASP E 40 4.30 -43.81 37.09
CA ASP E 40 5.73 -43.59 37.22
C ASP E 40 6.13 -43.11 38.61
N GLY E 41 5.17 -42.95 39.53
CA GLY E 41 5.47 -42.49 40.87
C GLY E 41 5.51 -40.99 41.04
N SER E 42 5.32 -40.21 39.97
CA SER E 42 5.32 -38.77 40.09
C SER E 42 4.09 -38.24 40.81
N GLY E 43 3.03 -39.04 40.90
CA GLY E 43 1.81 -38.62 41.56
C GLY E 43 0.86 -37.80 40.71
N THR E 44 1.19 -37.57 39.44
CA THR E 44 0.32 -36.80 38.57
C THR E 44 -0.85 -37.65 38.10
N THR E 45 -2.06 -37.10 38.19
CA THR E 45 -3.23 -37.79 37.68
C THR E 45 -3.45 -37.58 36.18
N ILE E 46 -2.72 -36.65 35.57
CA ILE E 46 -2.75 -36.45 34.13
C ILE E 46 -1.32 -36.48 33.62
N PRO E 47 -1.07 -36.93 32.38
CA PRO E 47 0.30 -37.02 31.85
C PRO E 47 0.83 -35.70 31.29
N VAL E 48 0.75 -34.64 32.09
CA VAL E 48 1.22 -33.32 31.69
C VAL E 48 2.20 -32.81 32.74
N VAL E 49 3.39 -32.43 32.30
CA VAL E 49 4.42 -31.86 33.16
C VAL E 49 4.90 -30.56 32.54
N VAL E 50 5.03 -29.52 33.36
CA VAL E 50 5.49 -28.21 32.90
C VAL E 50 7.00 -28.15 33.00
N ALA E 51 7.65 -27.68 31.94
CA ALA E 51 9.10 -27.67 31.88
C ALA E 51 9.69 -26.68 32.88
N ASN E 52 10.93 -26.95 33.29
CA ASN E 52 11.63 -26.11 34.27
C ASN E 52 12.30 -24.93 33.56
N MET E 53 11.46 -23.98 33.15
CA MET E 53 11.92 -22.75 32.51
C MET E 53 11.41 -21.55 33.30
N THR E 54 12.25 -20.53 33.42
CA THR E 54 11.84 -19.32 34.12
C THR E 54 10.72 -18.58 33.39
N ALA E 55 10.56 -18.82 32.09
CA ALA E 55 9.49 -18.18 31.32
C ALA E 55 8.16 -18.92 31.44
N VAL E 56 8.15 -20.13 32.01
CA VAL E 56 6.95 -20.95 32.13
C VAL E 56 6.62 -21.25 33.58
N ALA E 57 7.60 -21.76 34.33
CA ALA E 57 7.36 -22.16 35.71
C ALA E 57 7.21 -20.94 36.61
N GLY E 58 6.18 -20.95 37.44
CA GLY E 58 5.93 -19.86 38.36
C GLY E 58 4.91 -20.28 39.40
N ARG E 59 4.67 -19.37 40.35
CA ARG E 59 3.76 -19.68 41.45
C ARG E 59 2.34 -19.92 40.93
N ARG E 60 1.81 -18.98 40.15
CA ARG E 60 0.46 -19.12 39.63
C ARG E 60 0.33 -20.34 38.73
N MET E 61 1.31 -20.53 37.83
CA MET E 61 1.30 -21.70 36.95
C MET E 61 1.38 -22.99 37.74
N ALA E 62 2.25 -23.03 38.76
CA ALA E 62 2.37 -24.25 39.57
C ALA E 62 1.05 -24.56 40.27
N GLU E 63 0.42 -23.55 40.86
CA GLU E 63 -0.83 -23.78 41.56
C GLU E 63 -1.92 -24.26 40.60
N THR E 64 -2.05 -23.58 39.45
CA THR E 64 -3.10 -23.94 38.51
C THR E 64 -2.89 -25.35 37.95
N VAL E 65 -1.65 -25.70 37.62
CA VAL E 65 -1.39 -27.03 37.06
C VAL E 65 -1.57 -28.12 38.12
N ALA E 66 -1.11 -27.86 39.35
CA ALA E 66 -1.25 -28.86 40.40
C ALA E 66 -2.70 -29.07 40.79
N ARG E 67 -3.53 -28.02 40.72
CA ARG E 67 -4.95 -28.18 41.05
C ARG E 67 -5.64 -29.11 40.06
N ARG E 68 -5.23 -29.10 38.80
CA ARG E 68 -5.86 -29.91 37.77
C ARG E 68 -5.24 -31.29 37.62
N GLY E 69 -4.20 -31.60 38.39
CA GLY E 69 -3.61 -32.93 38.39
C GLY E 69 -2.19 -33.00 37.87
N GLY E 70 -1.68 -31.95 37.24
CA GLY E 70 -0.33 -31.95 36.74
C GLY E 70 0.68 -31.54 37.80
N ILE E 71 1.93 -31.43 37.37
CA ILE E 71 3.03 -31.01 38.24
C ILE E 71 3.89 -30.01 37.48
N VAL E 72 4.58 -29.15 38.24
CA VAL E 72 5.46 -28.13 37.69
C VAL E 72 6.83 -28.25 38.35
N VAL E 73 7.87 -28.28 37.53
CA VAL E 73 9.25 -28.36 38.01
C VAL E 73 9.82 -26.94 38.02
N LEU E 74 10.28 -26.51 39.18
CA LEU E 74 10.86 -25.18 39.30
C LEU E 74 12.20 -25.11 38.58
N PRO E 75 12.55 -23.97 38.00
CA PRO E 75 13.81 -23.85 37.29
C PRO E 75 15.00 -24.03 38.21
N GLN E 76 16.08 -24.57 37.66
CA GLN E 76 17.31 -24.75 38.44
C GLN E 76 18.00 -23.41 38.67
N ASP E 77 18.92 -23.41 39.63
CA ASP E 77 19.70 -22.24 40.05
C ASP E 77 18.84 -21.12 40.62
N LEU E 78 17.56 -21.37 40.85
CA LEU E 78 16.71 -20.38 41.50
C LEU E 78 17.11 -20.24 42.96
N PRO E 79 17.07 -19.03 43.52
CA PRO E 79 17.43 -18.85 44.93
C PRO E 79 16.58 -19.70 45.85
N ILE E 80 17.22 -20.24 46.89
CA ILE E 80 16.54 -21.18 47.78
C ILE E 80 15.42 -20.49 48.55
N THR E 81 15.58 -19.23 48.92
CA THR E 81 14.53 -18.52 49.64
C THR E 81 13.27 -18.39 48.78
N ALA E 82 13.44 -18.01 47.52
CA ALA E 82 12.30 -17.91 46.62
C ALA E 82 11.64 -19.26 46.41
N VAL E 83 12.44 -20.33 46.34
CA VAL E 83 11.89 -21.67 46.25
C VAL E 83 11.04 -21.99 47.47
N SER E 84 11.53 -21.61 48.66
CA SER E 84 10.78 -21.87 49.88
C SER E 84 9.45 -21.13 49.88
N GLU E 85 9.46 -19.85 49.50
CA GLU E 85 8.21 -19.10 49.44
C GLU E 85 7.25 -19.69 48.41
N THR E 86 7.77 -20.09 47.25
CA THR E 86 6.91 -20.67 46.23
C THR E 86 6.29 -21.98 46.70
N VAL E 87 7.08 -22.83 47.35
CA VAL E 87 6.56 -24.11 47.85
C VAL E 87 5.51 -23.87 48.92
N ASP E 88 5.77 -22.93 49.84
CA ASP E 88 4.80 -22.63 50.89
C ASP E 88 3.50 -22.09 50.30
N PHE E 89 3.61 -21.19 49.32
CA PHE E 89 2.41 -20.63 48.70
C PHE E 89 1.62 -21.71 47.97
N VAL E 90 2.31 -22.60 47.25
CA VAL E 90 1.63 -23.65 46.52
C VAL E 90 0.93 -24.61 47.48
N LYS E 91 1.62 -25.01 48.55
CA LYS E 91 1.05 -25.95 49.50
C LYS E 91 0.02 -25.32 50.43
N SER E 92 -0.10 -24.00 50.44
CA SER E 92 -1.10 -23.32 51.25
C SER E 92 -2.38 -23.04 50.49
N ARG E 93 -2.50 -23.50 49.24
CA ARG E 93 -3.68 -23.22 48.43
C ARG E 93 -4.78 -24.24 48.72
N ASP E 94 -5.99 -23.89 48.29
CA ASP E 94 -7.14 -24.77 48.41
C ASP E 94 -7.23 -25.69 47.20
N LEU E 95 -7.73 -26.90 47.42
CA LEU E 95 -7.80 -27.90 46.38
C LEU E 95 -8.92 -27.67 45.38
N VAL E 96 -9.87 -26.79 45.69
CA VAL E 96 -11.04 -26.54 44.84
C VAL E 96 -11.14 -25.09 44.41
N VAL E 97 -10.96 -24.17 45.35
CA VAL E 97 -11.18 -22.74 45.10
C VAL E 97 -9.88 -22.10 44.63
N ASP E 98 -9.95 -21.39 43.51
CA ASP E 98 -8.79 -20.73 42.94
C ASP E 98 -8.46 -19.45 43.71
N THR E 99 -7.21 -19.01 43.58
CA THR E 99 -6.76 -17.79 44.23
C THR E 99 -6.94 -16.62 43.27
N PRO E 100 -7.75 -15.63 43.61
CA PRO E 100 -7.97 -14.49 42.71
C PRO E 100 -6.93 -13.39 42.93
N VAL E 101 -6.97 -12.41 42.04
CA VAL E 101 -6.13 -11.22 42.17
C VAL E 101 -6.72 -10.31 43.23
N THR E 102 -5.90 -9.91 44.20
CA THR E 102 -6.34 -9.07 45.30
C THR E 102 -5.83 -7.65 45.10
N LEU E 103 -6.68 -6.69 45.47
CA LEU E 103 -6.34 -5.27 45.34
C LEU E 103 -6.74 -4.53 46.60
N SER E 104 -6.09 -3.40 46.83
CA SER E 104 -6.39 -2.49 47.92
C SER E 104 -7.08 -1.24 47.39
N PRO E 105 -7.95 -0.60 48.18
CA PRO E 105 -8.61 0.62 47.70
C PRO E 105 -7.65 1.76 47.37
N GLU E 106 -6.45 1.75 47.95
CA GLU E 106 -5.46 2.80 47.68
C GLU E 106 -4.61 2.50 46.45
N ASP E 107 -4.80 1.35 45.81
CA ASP E 107 -4.00 1.00 44.64
C ASP E 107 -4.38 1.86 43.45
N SER E 108 -3.45 1.98 42.51
CA SER E 108 -3.66 2.76 41.31
C SER E 108 -4.52 1.99 40.31
N VAL E 109 -5.16 2.75 39.41
CA VAL E 109 -5.97 2.13 38.36
C VAL E 109 -5.09 1.38 37.37
N SER E 110 -3.92 1.94 37.06
CA SER E 110 -3.00 1.27 36.14
C SER E 110 -2.52 -0.06 36.72
N ASP E 111 -2.22 -0.10 38.02
CA ASP E 111 -1.82 -1.34 38.65
C ASP E 111 -2.94 -2.38 38.59
N ALA E 112 -4.18 -1.95 38.83
CA ALA E 112 -5.31 -2.87 38.75
C ALA E 112 -5.47 -3.41 37.34
N ASN E 113 -5.34 -2.54 36.33
CA ASN E 113 -5.48 -2.98 34.95
C ASN E 113 -4.39 -3.98 34.59
N ALA E 114 -3.15 -3.69 34.97
CA ALA E 114 -2.05 -4.60 34.68
C ALA E 114 -2.23 -5.94 35.40
N LEU E 115 -2.72 -5.92 36.65
CA LEU E 115 -2.92 -7.15 37.40
C LEU E 115 -4.13 -7.94 36.95
N LEU E 116 -5.07 -7.31 36.24
CA LEU E 116 -6.26 -8.01 35.79
C LEU E 116 -5.92 -9.20 34.90
N HIS E 117 -4.80 -9.14 34.18
CA HIS E 117 -4.41 -10.19 33.25
C HIS E 117 -3.52 -11.24 33.90
N LYS E 118 -3.26 -11.14 35.21
CA LYS E 118 -2.44 -12.15 35.88
C LYS E 118 -3.17 -13.47 36.07
N ARG E 119 -4.50 -13.47 35.96
CA ARG E 119 -5.29 -14.68 36.11
C ARG E 119 -6.33 -14.74 35.00
N ALA E 120 -6.87 -15.94 34.79
CA ALA E 120 -7.88 -16.16 33.77
C ALA E 120 -9.30 -15.88 34.25
N HIS E 121 -9.47 -15.47 35.51
CA HIS E 121 -10.80 -15.18 36.02
C HIS E 121 -11.42 -13.97 35.34
N GLY E 122 -10.60 -13.02 34.91
CA GLY E 122 -11.10 -11.83 34.27
C GLY E 122 -11.55 -10.72 35.20
N ALA E 123 -11.41 -10.91 36.52
CA ALA E 123 -11.80 -9.90 37.48
C ALA E 123 -10.93 -10.03 38.72
N ALA E 124 -10.84 -8.94 39.48
CA ALA E 124 -10.06 -8.89 40.70
C ALA E 124 -10.95 -8.50 41.87
N VAL E 125 -10.63 -9.04 43.04
CA VAL E 125 -11.42 -8.83 44.25
C VAL E 125 -10.72 -7.77 45.10
N VAL E 126 -11.42 -6.68 45.38
CA VAL E 126 -10.89 -5.65 46.26
C VAL E 126 -11.07 -6.10 47.71
N VAL E 127 -9.99 -6.06 48.47
CA VAL E 127 -9.96 -6.57 49.83
C VAL E 127 -9.63 -5.43 50.79
N PHE E 128 -10.48 -5.24 51.79
CA PHE E 128 -10.26 -4.25 52.85
C PHE E 128 -10.38 -4.94 54.19
N GLU E 129 -9.29 -4.93 54.96
CA GLU E 129 -9.23 -5.60 56.27
C GLU E 129 -9.58 -7.07 56.14
N GLY E 130 -9.18 -7.69 55.04
CA GLY E 130 -9.44 -9.10 54.80
C GLY E 130 -10.83 -9.41 54.28
N ARG E 131 -11.68 -8.41 54.08
CA ARG E 131 -13.05 -8.63 53.67
C ARG E 131 -13.27 -8.09 52.26
N PRO E 132 -13.83 -8.89 51.35
CA PRO E 132 -14.14 -8.37 50.01
C PRO E 132 -15.16 -7.25 50.08
N ILE E 133 -14.96 -6.23 49.26
CA ILE E 133 -15.83 -5.05 49.29
C ILE E 133 -16.31 -4.72 47.88
N GLY E 134 -15.71 -5.34 46.87
CA GLY E 134 -16.11 -5.04 45.50
C GLY E 134 -15.29 -5.82 44.52
N LEU E 135 -15.59 -5.58 43.23
CA LEU E 135 -14.95 -6.28 42.12
C LEU E 135 -14.47 -5.26 41.10
N VAL E 136 -13.33 -5.55 40.48
CA VAL E 136 -12.74 -4.69 39.46
C VAL E 136 -12.66 -5.48 38.16
N THR E 137 -13.25 -4.95 37.10
CA THR E 137 -13.22 -5.57 35.78
C THR E 137 -12.65 -4.58 34.77
N GLU E 138 -12.35 -5.08 33.58
CA GLU E 138 -11.77 -4.25 32.53
C GLU E 138 -12.74 -3.15 32.10
N ALA E 139 -14.05 -3.40 32.19
CA ALA E 139 -15.02 -2.38 31.82
C ALA E 139 -15.02 -1.21 32.79
N ASN E 140 -14.79 -1.48 34.08
CA ASN E 140 -14.80 -0.40 35.07
C ASN E 140 -13.63 0.55 34.89
N CYS E 141 -12.44 0.01 34.61
CA CYS E 141 -11.26 0.86 34.48
C CYS E 141 -11.24 1.64 33.18
N ALA E 142 -12.01 1.22 32.17
CA ALA E 142 -12.01 1.92 30.90
C ALA E 142 -12.64 3.31 31.05
N GLY E 143 -11.95 4.32 30.52
CA GLY E 143 -12.43 5.68 30.58
C GLY E 143 -12.08 6.43 31.86
N VAL E 144 -11.49 5.76 32.83
CA VAL E 144 -11.13 6.37 34.11
C VAL E 144 -9.69 6.83 34.04
N ASP E 145 -9.37 7.92 34.75
CA ASP E 145 -8.01 8.42 34.82
C ASP E 145 -7.09 7.32 35.34
N ARG E 146 -5.94 7.17 34.69
CA ARG E 146 -5.05 6.06 35.00
C ARG E 146 -4.48 6.15 36.42
N PHE E 147 -4.37 7.37 36.96
CA PHE E 147 -3.75 7.57 38.26
C PHE E 147 -4.78 7.81 39.37
N ALA E 148 -6.05 7.53 39.12
CA ALA E 148 -7.03 7.56 40.19
C ALA E 148 -6.81 6.38 41.13
N ARG E 149 -7.66 6.29 42.15
CA ARG E 149 -7.55 5.24 43.15
C ARG E 149 -8.59 4.15 42.88
N VAL E 150 -8.37 2.99 43.49
CA VAL E 150 -9.30 1.88 43.33
C VAL E 150 -10.66 2.25 43.93
N ARG E 151 -10.64 2.97 45.06
CA ARG E 151 -11.88 3.39 45.70
C ARG E 151 -12.71 4.30 44.81
N ASP E 152 -12.09 5.00 43.85
CA ASP E 152 -12.85 5.82 42.91
C ASP E 152 -13.59 4.95 41.89
N ILE E 153 -13.05 3.77 41.58
CA ILE E 153 -13.70 2.88 40.63
C ILE E 153 -15.02 2.39 41.18
N ALA E 154 -16.06 2.41 40.35
CA ALA E 154 -17.38 1.95 40.75
C ALA E 154 -17.37 0.43 40.91
N LEU E 155 -17.14 -0.04 42.13
CA LEU E 155 -17.04 -1.48 42.38
C LEU E 155 -18.38 -2.15 42.15
N SER E 156 -18.36 -3.27 41.43
CA SER E 156 -19.57 -3.98 41.07
C SER E 156 -19.90 -5.05 42.10
N ASP E 157 -21.19 -5.37 42.20
CA ASP E 157 -21.65 -6.38 43.13
C ASP E 157 -21.15 -7.76 42.70
N PHE E 158 -21.05 -8.66 43.68
CA PHE E 158 -20.50 -9.99 43.44
C PHE E 158 -21.35 -11.04 44.14
N VAL E 159 -21.42 -12.21 43.51
CA VAL E 159 -22.13 -13.34 44.09
C VAL E 159 -21.24 -14.00 45.13
N THR E 160 -21.76 -14.17 46.35
CA THR E 160 -20.99 -14.69 47.47
C THR E 160 -21.57 -16.01 47.93
N ALA E 161 -20.71 -17.00 48.15
CA ALA E 161 -21.11 -18.31 48.66
C ALA E 161 -20.07 -18.77 49.67
N PRO E 162 -20.50 -19.47 50.72
CA PRO E 162 -19.55 -19.96 51.72
C PRO E 162 -18.69 -21.09 51.17
N VAL E 163 -17.51 -21.24 51.78
CA VAL E 163 -16.62 -22.34 51.41
C VAL E 163 -17.25 -23.67 51.80
N GLY E 164 -16.91 -24.71 51.06
CA GLY E 164 -17.50 -26.03 51.26
C GLY E 164 -18.79 -26.27 50.51
N THR E 165 -19.32 -25.26 49.83
CA THR E 165 -20.53 -25.42 49.05
C THR E 165 -20.26 -26.33 47.86
N ASP E 166 -21.23 -27.18 47.54
CA ASP E 166 -21.10 -28.07 46.40
C ASP E 166 -20.96 -27.25 45.12
N PRO E 167 -20.06 -27.64 44.21
CA PRO E 167 -19.86 -26.85 42.98
C PRO E 167 -21.13 -26.72 42.14
N ARG E 168 -22.06 -27.66 42.23
CA ARG E 168 -23.30 -27.56 41.47
C ARG E 168 -24.09 -26.31 41.89
N GLU E 169 -24.20 -26.06 43.20
CA GLU E 169 -24.91 -24.88 43.66
C GLU E 169 -24.22 -23.60 43.20
N VAL E 170 -22.90 -23.55 43.29
CA VAL E 170 -22.16 -22.37 42.85
C VAL E 170 -22.36 -22.13 41.36
N PHE E 171 -22.36 -23.20 40.57
CA PHE E 171 -22.67 -23.08 39.15
C PHE E 171 -24.09 -22.56 38.94
N ASP E 172 -25.04 -23.01 39.76
CA ASP E 172 -26.42 -22.57 39.62
C ASP E 172 -26.57 -21.08 39.91
N LEU E 173 -25.92 -20.59 40.97
CA LEU E 173 -26.05 -19.18 41.33
C LEU E 173 -25.44 -18.25 40.29
N LEU E 174 -24.50 -18.74 39.48
CA LEU E 174 -23.86 -17.92 38.46
C LEU E 174 -24.55 -17.99 37.11
N GLU E 175 -25.76 -18.54 37.06
CA GLU E 175 -26.47 -18.68 35.79
C GLU E 175 -26.78 -17.33 35.18
N HIS E 176 -27.24 -16.38 35.99
CA HIS E 176 -27.62 -15.05 35.50
C HIS E 176 -26.74 -13.94 36.07
N ALA E 177 -25.63 -14.28 36.72
CA ALA E 177 -24.76 -13.27 37.28
C ALA E 177 -24.10 -12.46 36.16
N PRO E 178 -24.06 -11.13 36.26
CA PRO E 178 -23.38 -10.35 35.22
C PRO E 178 -21.89 -10.65 35.10
N ILE E 179 -21.23 -11.01 36.20
CA ILE E 179 -19.82 -11.36 36.21
C ILE E 179 -19.70 -12.82 36.61
N ASP E 180 -19.01 -13.61 35.80
CA ASP E 180 -18.96 -15.06 35.99
C ASP E 180 -17.84 -15.46 36.95
N VAL E 181 -17.88 -14.87 38.14
CA VAL E 181 -16.99 -15.23 39.24
C VAL E 181 -17.80 -15.26 40.53
N ALA E 182 -17.51 -16.24 41.38
CA ALA E 182 -18.16 -16.38 42.68
C ALA E 182 -17.10 -16.38 43.76
N VAL E 183 -17.21 -15.43 44.68
CA VAL E 183 -16.24 -15.31 45.78
C VAL E 183 -16.64 -16.25 46.91
N MET E 184 -15.67 -17.01 47.41
CA MET E 184 -15.89 -17.91 48.53
C MET E 184 -15.36 -17.28 49.81
N THR E 185 -16.20 -17.20 50.83
CA THR E 185 -15.88 -16.55 52.08
C THR E 185 -15.83 -17.57 53.21
N ALA E 186 -14.80 -17.48 54.05
CA ALA E 186 -14.65 -18.37 55.17
C ALA E 186 -15.74 -18.11 56.22
N PRO E 187 -15.98 -19.07 57.12
CA PRO E 187 -16.98 -18.83 58.18
C PRO E 187 -16.67 -17.60 59.01
N ASP E 188 -15.40 -17.24 59.17
CA ASP E 188 -15.06 -15.95 59.78
C ASP E 188 -15.60 -14.80 58.93
N GLY E 189 -15.49 -14.92 57.61
CA GLY E 189 -15.91 -13.87 56.70
C GLY E 189 -14.80 -13.29 55.85
N THR E 190 -13.57 -13.80 55.96
CA THR E 190 -12.47 -13.30 55.15
C THR E 190 -12.49 -13.97 53.77
N LEU E 191 -11.68 -13.41 52.87
CA LEU E 191 -11.59 -13.96 51.52
C LEU E 191 -10.86 -15.30 51.52
N ALA E 192 -11.50 -16.31 50.93
CA ALA E 192 -10.88 -17.62 50.77
C ALA E 192 -10.50 -17.93 49.34
N GLY E 193 -11.11 -17.27 48.36
CA GLY E 193 -10.79 -17.51 46.98
C GLY E 193 -11.96 -17.13 46.09
N VAL E 194 -11.85 -17.51 44.82
CA VAL E 194 -12.89 -17.25 43.84
C VAL E 194 -13.17 -18.53 43.07
N LEU E 195 -14.37 -18.60 42.50
CA LEU E 195 -14.79 -19.75 41.70
C LEU E 195 -15.59 -19.27 40.51
N THR E 196 -15.51 -20.02 39.42
CA THR E 196 -16.22 -19.70 38.19
C THR E 196 -17.05 -20.91 37.76
N ARG E 197 -17.94 -20.68 36.79
CA ARG E 197 -18.74 -21.78 36.24
C ARG E 197 -17.84 -22.84 35.61
N THR E 198 -16.87 -22.40 34.80
CA THR E 198 -15.93 -23.33 34.19
C THR E 198 -15.09 -24.03 35.24
N GLY E 199 -14.66 -23.29 36.27
CA GLY E 199 -13.93 -23.92 37.36
C GLY E 199 -14.77 -24.93 38.13
N ALA E 200 -16.04 -24.60 38.35
CA ALA E 200 -16.94 -25.53 39.02
C ALA E 200 -17.12 -26.80 38.19
N ILE E 201 -17.23 -26.66 36.86
CA ILE E 201 -17.33 -27.84 36.01
C ILE E 201 -16.04 -28.66 36.07
N ARG E 202 -14.89 -27.99 36.02
CA ARG E 202 -13.62 -28.70 36.04
C ARG E 202 -13.37 -29.39 37.38
N ALA E 203 -13.94 -28.87 38.47
CA ALA E 203 -13.72 -29.46 39.79
C ALA E 203 -14.18 -30.91 39.84
N GLY E 204 -15.24 -31.26 39.13
CA GLY E 204 -15.74 -32.61 39.09
C GLY E 204 -15.10 -33.53 38.08
N ILE E 205 -14.15 -33.02 37.29
CA ILE E 205 -13.50 -33.81 36.24
C ILE E 205 -12.05 -34.12 36.61
N TYR E 206 -11.31 -33.12 37.06
CA TYR E 206 -9.89 -33.27 37.36
C TYR E 206 -9.70 -33.54 38.86
N THR E 207 -8.93 -34.58 39.18
CA THR E 207 -8.58 -34.88 40.55
C THR E 207 -7.21 -34.25 40.85
N PRO E 208 -7.12 -33.34 41.80
CA PRO E 208 -5.82 -32.68 42.07
C PRO E 208 -4.77 -33.67 42.51
N ALA E 209 -3.53 -33.40 42.11
CA ALA E 209 -2.38 -34.21 42.51
C ALA E 209 -1.88 -33.71 43.87
N VAL E 210 -1.98 -34.56 44.88
CA VAL E 210 -1.65 -34.18 46.25
C VAL E 210 -0.64 -35.17 46.82
N ASP E 211 0.09 -34.71 47.82
CA ASP E 211 1.07 -35.53 48.52
C ASP E 211 0.38 -36.33 49.62
N ALA E 212 1.18 -36.95 50.50
CA ALA E 212 0.62 -37.73 51.60
C ALA E 212 -0.14 -36.86 52.59
N LYS E 213 0.16 -35.57 52.66
CA LYS E 213 -0.52 -34.66 53.59
C LYS E 213 -1.72 -33.96 52.96
N GLY E 214 -2.04 -34.25 51.71
CA GLY E 214 -3.18 -33.62 51.06
C GLY E 214 -2.93 -32.23 50.53
N ARG E 215 -1.68 -31.90 50.22
CA ARG E 215 -1.32 -30.60 49.68
C ARG E 215 -0.81 -30.75 48.25
N LEU E 216 -0.97 -29.68 47.47
CA LEU E 216 -0.59 -29.72 46.06
C LEU E 216 0.89 -30.04 45.90
N ARG E 217 1.19 -30.89 44.92
CA ARG E 217 2.56 -31.34 44.69
C ARG E 217 3.33 -30.30 43.87
N ILE E 218 4.66 -30.31 44.05
CA ILE E 218 5.55 -29.41 43.32
C ILE E 218 6.91 -30.07 43.23
N ALA E 219 7.67 -29.72 42.19
CA ALA E 219 8.97 -30.30 41.94
C ALA E 219 9.98 -29.18 41.70
N ALA E 220 11.26 -29.50 41.91
CA ALA E 220 12.35 -28.56 41.71
C ALA E 220 13.47 -29.24 40.92
N ALA E 221 14.22 -28.44 40.18
CA ALA E 221 15.29 -28.94 39.33
C ALA E 221 16.65 -28.49 39.85
N VAL E 222 17.65 -29.33 39.64
CA VAL E 222 19.02 -29.04 40.06
C VAL E 222 19.95 -29.24 38.86
N GLY E 223 21.06 -28.51 38.88
CA GLY E 223 22.11 -28.69 37.89
C GLY E 223 23.13 -29.72 38.33
N ILE E 224 24.18 -29.85 37.52
CA ILE E 224 25.28 -30.77 37.80
C ILE E 224 26.56 -30.03 38.15
N ASN E 225 26.54 -28.71 38.21
CA ASN E 225 27.70 -27.93 38.61
C ASN E 225 27.69 -27.69 40.11
N GLY E 226 28.88 -27.56 40.68
CA GLY E 226 28.99 -27.34 42.11
C GLY E 226 28.63 -28.58 42.90
N ASP E 227 28.18 -28.35 44.14
CA ASP E 227 27.80 -29.43 45.04
C ASP E 227 26.36 -29.82 44.73
N VAL E 228 26.18 -30.89 43.96
CA VAL E 228 24.85 -31.33 43.60
C VAL E 228 24.12 -31.92 44.80
N GLY E 229 24.84 -32.69 45.62
CA GLY E 229 24.19 -33.34 46.75
C GLY E 229 23.65 -32.35 47.78
N ALA E 230 24.43 -31.32 48.08
CA ALA E 230 23.99 -30.31 49.04
C ALA E 230 22.74 -29.59 48.54
N LYS E 231 22.73 -29.19 47.27
CA LYS E 231 21.56 -28.50 46.71
C LYS E 231 20.35 -29.42 46.70
N ALA E 232 20.54 -30.69 46.34
CA ALA E 232 19.43 -31.64 46.32
C ALA E 232 18.86 -31.84 47.72
N GLN E 233 19.73 -31.99 48.72
CA GLN E 233 19.25 -32.15 50.09
C GLN E 233 18.52 -30.90 50.57
N ALA E 234 19.05 -29.72 50.25
CA ALA E 234 18.41 -28.48 50.66
C ALA E 234 17.03 -28.33 50.03
N LEU E 235 16.91 -28.67 48.74
CA LEU E 235 15.61 -28.58 48.07
C LEU E 235 14.64 -29.63 48.61
N ALA E 236 15.13 -30.83 48.94
CA ALA E 236 14.27 -31.83 49.54
C ALA E 236 13.76 -31.38 50.90
N GLU E 237 14.61 -30.74 51.69
CA GLU E 237 14.17 -30.20 52.98
C GLU E 237 13.19 -29.05 52.79
N ALA E 238 13.25 -28.36 51.65
CA ALA E 238 12.36 -27.24 51.40
C ALA E 238 10.93 -27.67 51.12
N GLY E 239 10.69 -28.95 50.87
CA GLY E 239 9.36 -29.46 50.61
C GLY E 239 9.09 -29.93 49.21
N ALA E 240 10.11 -30.04 48.35
CA ALA E 240 9.91 -30.53 47.00
C ALA E 240 9.51 -31.99 47.02
N ASP E 241 8.54 -32.34 46.17
CA ASP E 241 8.04 -33.71 46.10
C ASP E 241 8.77 -34.57 45.06
N LEU E 242 9.59 -33.96 44.21
CA LEU E 242 10.31 -34.71 43.19
C LEU E 242 11.48 -33.88 42.71
N LEU E 243 12.60 -34.55 42.44
CA LEU E 243 13.84 -33.88 42.05
C LEU E 243 14.19 -34.23 40.61
N VAL E 244 14.60 -33.20 39.85
CA VAL E 244 15.01 -33.35 38.46
C VAL E 244 16.44 -32.82 38.33
N ILE E 245 17.31 -33.63 37.74
CA ILE E 245 18.67 -33.22 37.44
C ILE E 245 18.77 -33.06 35.94
N ASP E 246 18.74 -31.82 35.47
CA ASP E 246 18.63 -31.52 34.04
C ASP E 246 19.97 -31.00 33.51
N THR E 247 20.37 -31.54 32.36
CA THR E 247 21.57 -31.06 31.66
C THR E 247 21.37 -31.30 30.17
N ALA E 248 22.15 -30.56 29.37
CA ALA E 248 22.01 -30.66 27.92
C ALA E 248 22.38 -32.05 27.41
N HIS E 249 23.47 -32.61 27.91
CA HIS E 249 23.96 -33.93 27.51
C HIS E 249 24.02 -34.82 28.74
N GLY E 250 23.04 -35.71 28.89
CA GLY E 250 22.94 -36.54 30.06
C GLY E 250 23.80 -37.79 30.05
N HIS E 251 24.42 -38.12 28.93
CA HIS E 251 25.27 -39.32 28.85
C HIS E 251 26.73 -38.92 29.00
N GLN E 252 27.07 -38.46 30.21
CA GLN E 252 28.43 -38.06 30.53
C GLN E 252 28.76 -38.45 31.95
N ALA E 253 30.06 -38.44 32.25
CA ALA E 253 30.54 -38.85 33.58
C ALA E 253 29.96 -37.96 34.67
N LYS E 254 30.10 -36.64 34.52
CA LYS E 254 29.56 -35.69 35.50
C LYS E 254 28.12 -36.01 35.89
N MET E 255 27.26 -36.21 34.90
CA MET E 255 25.86 -36.55 35.16
C MET E 255 25.74 -37.78 36.06
N LEU E 256 26.46 -38.85 35.71
CA LEU E 256 26.38 -40.08 36.50
C LEU E 256 26.88 -39.87 37.92
N ASP E 257 27.97 -39.11 38.08
CA ASP E 257 28.48 -38.83 39.42
C ASP E 257 27.46 -38.04 40.24
N ALA E 258 26.80 -37.06 39.61
CA ALA E 258 25.76 -36.31 40.30
C ALA E 258 24.60 -37.21 40.71
N ILE E 259 24.21 -38.13 39.82
CA ILE E 259 23.14 -39.07 40.14
C ILE E 259 23.52 -39.92 41.33
N LYS E 260 24.76 -40.43 41.34
CA LYS E 260 25.21 -41.26 42.45
C LYS E 260 25.23 -40.47 43.76
N ALA E 261 25.72 -39.22 43.71
CA ALA E 261 25.77 -38.40 44.91
C ALA E 261 24.37 -38.11 45.45
N VAL E 262 23.42 -37.82 44.56
CA VAL E 262 22.06 -37.56 45.00
C VAL E 262 21.43 -38.82 45.58
N ALA E 263 21.62 -39.97 44.93
CA ALA E 263 21.02 -41.21 45.41
C ALA E 263 21.64 -41.68 46.70
N SER E 264 22.90 -41.32 46.97
CA SER E 264 23.54 -41.73 48.22
C SER E 264 22.90 -41.08 49.44
N LEU E 265 22.18 -39.97 49.27
CA LEU E 265 21.57 -39.29 50.40
C LEU E 265 20.32 -39.99 50.90
N ASP E 266 19.72 -40.86 50.09
CA ASP E 266 18.51 -41.60 50.46
C ASP E 266 17.38 -40.65 50.87
N LEU E 267 17.17 -39.62 50.06
CA LEU E 267 16.12 -38.65 50.34
C LEU E 267 14.73 -39.27 50.23
N GLY E 268 14.59 -40.34 49.44
CA GLY E 268 13.32 -41.00 49.26
C GLY E 268 12.44 -40.44 48.17
N LEU E 269 12.83 -39.31 47.55
CA LEU E 269 12.05 -38.73 46.48
C LEU E 269 12.41 -39.35 45.14
N PRO E 270 11.48 -39.39 44.19
CA PRO E 270 11.81 -39.88 42.85
C PRO E 270 12.84 -38.98 42.18
N LEU E 271 13.68 -39.59 41.35
CA LEU E 271 14.78 -38.89 40.68
C LEU E 271 14.54 -38.91 39.17
N VAL E 272 14.65 -37.74 38.55
CA VAL E 272 14.52 -37.60 37.11
C VAL E 272 15.83 -37.07 36.56
N ALA E 273 16.37 -37.76 35.56
CA ALA E 273 17.66 -37.41 34.98
C ALA E 273 17.57 -37.41 33.46
N GLY E 274 18.37 -36.54 32.84
CA GLY E 274 18.40 -36.45 31.40
C GLY E 274 19.42 -35.42 30.97
N ASN E 275 19.51 -35.22 29.65
CA ASN E 275 18.67 -35.93 28.69
C ASN E 275 19.50 -36.87 27.82
N VAL E 276 18.92 -38.01 27.47
CA VAL E 276 19.56 -38.97 26.57
C VAL E 276 18.55 -39.39 25.51
N VAL E 277 19.06 -39.83 24.37
CA VAL E 277 18.22 -40.25 23.26
C VAL E 277 18.67 -41.63 22.77
N SER E 278 19.32 -42.39 23.65
CA SER E 278 19.82 -43.71 23.30
C SER E 278 19.50 -44.68 24.42
N ALA E 279 19.39 -45.96 24.05
CA ALA E 279 19.11 -47.00 25.04
C ALA E 279 20.27 -47.14 26.02
N GLU E 280 21.51 -47.03 25.53
CA GLU E 280 22.66 -47.12 26.41
C GLU E 280 22.66 -46.01 27.45
N GLY E 281 22.28 -44.80 27.04
CA GLY E 281 22.18 -43.71 28.00
C GLY E 281 21.17 -43.97 29.09
N THR E 282 20.00 -44.50 28.72
CA THR E 282 18.98 -44.83 29.72
C THR E 282 19.47 -45.93 30.65
N ARG E 283 20.15 -46.94 30.10
CA ARG E 283 20.68 -48.00 30.95
C ARG E 283 21.72 -47.45 31.93
N ASP E 284 22.58 -46.55 31.46
CA ASP E 284 23.58 -45.96 32.35
C ASP E 284 22.93 -45.10 33.43
N LEU E 285 21.91 -44.32 33.06
CA LEU E 285 21.27 -43.44 34.04
C LEU E 285 20.48 -44.24 35.07
N ILE E 286 19.76 -45.28 34.63
CA ILE E 286 18.97 -46.08 35.56
C ILE E 286 19.86 -46.83 36.53
N GLU E 287 20.95 -47.43 36.02
CA GLU E 287 21.87 -48.14 36.90
C GLU E 287 22.54 -47.20 37.89
N ALA E 288 22.72 -45.93 37.51
CA ALA E 288 23.33 -44.96 38.42
C ALA E 288 22.41 -44.59 39.57
N GLY E 289 21.10 -44.84 39.44
CA GLY E 289 20.18 -44.57 40.53
C GLY E 289 18.99 -43.71 40.14
N ALA E 290 18.87 -43.38 38.87
CA ALA E 290 17.76 -42.55 38.40
C ALA E 290 16.53 -43.40 38.17
N SER E 291 15.42 -43.03 38.81
CA SER E 291 14.17 -43.77 38.63
C SER E 291 13.50 -43.43 37.31
N ILE E 292 13.57 -42.17 36.89
CA ILE E 292 12.92 -41.69 35.67
C ILE E 292 13.98 -41.05 34.79
N VAL E 293 13.98 -41.37 33.50
CA VAL E 293 14.94 -40.86 32.55
C VAL E 293 14.26 -39.83 31.66
N LYS E 294 14.89 -38.66 31.52
CA LYS E 294 14.38 -37.61 30.66
C LYS E 294 14.92 -37.82 29.25
N VAL E 295 14.03 -37.76 28.27
CA VAL E 295 14.35 -38.14 26.89
C VAL E 295 14.14 -36.94 25.99
N GLY E 296 15.14 -36.65 25.16
CA GLY E 296 15.03 -35.63 24.13
C GLY E 296 16.19 -34.67 24.07
N VAL E 297 16.85 -34.62 22.92
CA VAL E 297 17.96 -33.69 22.67
C VAL E 297 17.81 -33.14 21.26
N GLY E 298 17.32 -31.91 21.14
CA GLY E 298 17.10 -31.32 19.84
C GLY E 298 15.70 -30.81 19.55
N PRO E 299 14.64 -31.55 19.91
CA PRO E 299 13.29 -31.10 19.55
C PRO E 299 12.77 -29.94 20.39
N GLY E 300 13.57 -29.39 21.30
CA GLY E 300 13.14 -28.21 22.03
C GLY E 300 12.88 -27.05 21.07
N ALA E 301 11.82 -26.29 21.37
CA ALA E 301 11.46 -25.18 20.50
C ALA E 301 12.50 -24.07 20.51
N MET E 302 13.31 -23.98 21.57
CA MET E 302 14.38 -23.00 21.67
C MET E 302 15.75 -23.62 21.59
N CYS E 303 15.83 -24.91 21.26
CA CYS E 303 17.11 -25.61 21.17
C CYS E 303 17.70 -25.44 19.78
N THR E 304 18.94 -24.99 19.70
CA THR E 304 19.64 -24.77 18.45
C THR E 304 20.76 -25.77 18.22
N THR E 305 20.73 -26.90 18.94
CA THR E 305 21.80 -27.88 18.83
C THR E 305 21.89 -28.46 17.42
N ARG E 306 20.74 -28.69 16.78
CA ARG E 306 20.75 -29.27 15.44
C ARG E 306 21.32 -28.30 14.42
N MET E 307 21.19 -26.99 14.64
CA MET E 307 21.73 -26.00 13.73
C MET E 307 23.16 -25.63 14.06
N MET E 308 23.52 -25.64 15.34
CA MET E 308 24.89 -25.34 15.74
C MET E 308 25.82 -26.54 15.58
N THR E 309 25.31 -27.75 15.76
CA THR E 309 26.16 -28.94 15.84
C THR E 309 25.68 -30.10 15.00
N GLY E 310 24.44 -30.11 14.52
CA GLY E 310 23.93 -31.27 13.83
C GLY E 310 23.68 -32.47 14.70
N VAL E 311 23.81 -32.31 16.02
CA VAL E 311 23.62 -33.41 16.97
C VAL E 311 22.16 -33.41 17.42
N GLY E 312 21.54 -34.57 17.41
CA GLY E 312 20.14 -34.69 17.80
C GLY E 312 19.58 -36.00 17.31
N ARG E 313 18.26 -36.12 17.46
CA ARG E 313 17.55 -37.32 17.02
C ARG E 313 16.05 -37.03 16.97
N PRO E 314 15.34 -37.56 15.96
CA PRO E 314 13.89 -37.41 15.94
C PRO E 314 13.26 -37.99 17.19
N GLN E 315 12.21 -37.30 17.68
CA GLN E 315 11.71 -37.56 19.02
C GLN E 315 11.05 -38.94 19.14
N PHE E 316 10.30 -39.35 18.11
CA PHE E 316 9.51 -40.58 18.24
C PHE E 316 10.39 -41.81 18.42
N SER E 317 11.40 -41.95 17.56
CA SER E 317 12.28 -43.12 17.64
C SER E 317 13.07 -43.12 18.95
N ALA E 318 13.58 -41.96 19.36
CA ALA E 318 14.30 -41.88 20.61
C ALA E 318 13.41 -42.26 21.79
N VAL E 319 12.16 -41.77 21.79
CA VAL E 319 11.24 -42.07 22.88
C VAL E 319 10.91 -43.55 22.92
N VAL E 320 10.63 -44.17 21.76
CA VAL E 320 10.29 -45.59 21.78
C VAL E 320 11.47 -46.43 22.24
N GLU E 321 12.68 -46.10 21.76
CA GLU E 321 13.86 -46.88 22.17
C GLU E 321 14.13 -46.72 23.66
N CYS E 322 14.07 -45.49 24.16
CA CYS E 322 14.32 -45.24 25.58
C CYS E 322 13.25 -45.90 26.45
N ALA E 323 12.00 -45.85 26.02
CA ALA E 323 10.93 -46.49 26.79
C ALA E 323 11.11 -48.00 26.84
N ALA E 324 11.47 -48.60 25.71
CA ALA E 324 11.73 -50.05 25.70
C ALA E 324 12.88 -50.40 26.63
N ALA E 325 13.97 -49.62 26.57
CA ALA E 325 15.13 -49.90 27.41
C ALA E 325 14.78 -49.74 28.89
N ALA E 326 14.03 -48.70 29.24
CA ALA E 326 13.65 -48.47 30.63
C ALA E 326 12.73 -49.59 31.14
N ARG E 327 11.65 -49.87 30.41
CA ARG E 327 10.75 -50.95 30.79
C ARG E 327 11.50 -52.27 30.95
N GLN E 328 12.49 -52.52 30.09
CA GLN E 328 13.31 -53.71 30.24
C GLN E 328 13.94 -53.77 31.64
N LEU E 329 14.50 -52.65 32.09
CA LEU E 329 15.11 -52.53 33.40
C LEU E 329 14.13 -52.06 34.47
N GLY E 330 12.84 -51.98 34.15
CA GLY E 330 11.85 -51.56 35.11
C GLY E 330 11.87 -50.08 35.45
N GLY E 331 12.09 -49.23 34.46
CA GLY E 331 12.09 -47.79 34.68
C GLY E 331 11.02 -47.07 33.89
N HIS E 332 11.08 -45.73 33.89
CA HIS E 332 10.12 -44.91 33.17
C HIS E 332 10.84 -43.78 32.47
N VAL E 333 10.23 -43.28 31.40
CA VAL E 333 10.82 -42.19 30.61
C VAL E 333 9.80 -41.07 30.47
N TRP E 334 10.32 -39.87 30.21
CA TRP E 334 9.52 -38.68 29.99
C TRP E 334 9.84 -38.10 28.63
N ALA E 335 8.80 -37.70 27.89
CA ALA E 335 8.96 -37.04 26.61
C ALA E 335 9.13 -35.55 26.85
N ASP E 336 10.23 -34.98 26.36
CA ASP E 336 10.58 -33.58 26.59
C ASP E 336 10.78 -32.89 25.24
N GLY E 337 10.04 -31.81 25.03
CA GLY E 337 10.21 -30.99 23.85
C GLY E 337 9.47 -31.52 22.64
N GLY E 338 9.23 -30.63 21.68
CA GLY E 338 8.60 -30.99 20.43
C GLY E 338 7.10 -31.06 20.45
N VAL E 339 6.45 -30.65 21.54
CA VAL E 339 5.00 -30.73 21.67
C VAL E 339 4.40 -29.43 21.17
N ARG E 340 3.50 -29.53 20.18
CA ARG E 340 2.82 -28.37 19.64
C ARG E 340 1.32 -28.59 19.66
N HIS E 341 0.89 -29.84 19.58
CA HIS E 341 -0.51 -30.21 19.49
C HIS E 341 -0.75 -31.42 20.39
N PRO E 342 -2.01 -31.67 20.77
CA PRO E 342 -2.31 -32.88 21.55
C PRO E 342 -1.96 -34.16 20.82
N ARG E 343 -1.85 -34.13 19.49
CA ARG E 343 -1.38 -35.29 18.76
C ARG E 343 0.00 -35.73 19.22
N ASP E 344 0.88 -34.76 19.49
CA ASP E 344 2.22 -35.08 19.96
C ASP E 344 2.17 -35.78 21.32
N VAL E 345 1.34 -35.29 22.23
CA VAL E 345 1.21 -35.90 23.54
C VAL E 345 0.65 -37.32 23.42
N ALA E 346 -0.38 -37.50 22.59
CA ALA E 346 -0.96 -38.82 22.41
C ALA E 346 0.04 -39.80 21.82
N LEU E 347 0.83 -39.35 20.84
CA LEU E 347 1.82 -40.23 20.22
C LEU E 347 2.94 -40.57 21.20
N ALA E 348 3.36 -39.60 22.01
CA ALA E 348 4.39 -39.86 23.01
C ALA E 348 3.90 -40.86 24.05
N LEU E 349 2.65 -40.72 24.48
CA LEU E 349 2.09 -41.69 25.42
C LEU E 349 1.99 -43.08 24.78
N ALA E 350 1.54 -43.14 23.53
CA ALA E 350 1.49 -44.42 22.83
C ALA E 350 2.88 -44.98 22.59
N ALA E 351 3.88 -44.12 22.48
CA ALA E 351 5.26 -44.57 22.26
C ALA E 351 5.79 -45.36 23.45
N GLY E 352 5.31 -45.05 24.66
CA GLY E 352 5.74 -45.76 25.84
C GLY E 352 6.13 -44.84 26.98
N ALA E 353 6.09 -43.54 26.74
CA ALA E 353 6.43 -42.58 27.78
C ALA E 353 5.37 -42.55 28.87
N SER E 354 5.82 -42.30 30.10
CA SER E 354 4.91 -42.19 31.24
C SER E 354 4.34 -40.79 31.40
N ASN E 355 5.12 -39.76 31.07
CA ASN E 355 4.66 -38.39 31.15
C ASN E 355 5.23 -37.62 29.95
N VAL E 356 4.58 -36.51 29.63
CA VAL E 356 4.98 -35.65 28.52
C VAL E 356 5.24 -34.26 29.09
N MET E 357 6.50 -33.84 29.07
CA MET E 357 6.87 -32.53 29.59
C MET E 357 6.68 -31.48 28.50
N ILE E 358 5.77 -30.53 28.75
CA ILE E 358 5.47 -29.47 27.81
C ILE E 358 6.20 -28.20 28.23
N GLY E 359 6.82 -27.52 27.27
CA GLY E 359 7.61 -26.36 27.58
C GLY E 359 7.03 -25.04 27.10
N SER E 360 7.54 -24.54 25.97
CA SER E 360 7.20 -23.20 25.50
C SER E 360 5.74 -23.05 25.09
N TRP E 361 4.99 -24.15 24.93
CA TRP E 361 3.59 -24.05 24.57
C TRP E 361 2.80 -23.34 25.66
N PHE E 362 3.07 -23.66 26.92
CA PHE E 362 2.37 -23.04 28.04
C PHE E 362 2.81 -21.61 28.31
N ALA E 363 3.88 -21.14 27.66
CA ALA E 363 4.34 -19.78 27.89
C ALA E 363 3.34 -18.75 27.40
N GLY E 364 2.52 -19.09 26.40
CA GLY E 364 1.52 -18.18 25.90
C GLY E 364 0.21 -18.26 26.65
N THR E 365 0.28 -18.17 27.98
CA THR E 365 -0.89 -18.22 28.83
C THR E 365 -0.82 -17.11 29.87
N TYR E 366 -1.96 -16.85 30.51
CA TYR E 366 -2.01 -15.83 31.56
C TYR E 366 -1.13 -16.22 32.75
N GLU E 367 -1.14 -17.51 33.12
CA GLU E 367 -0.43 -17.95 34.31
C GLU E 367 1.09 -17.94 34.16
N SER E 368 1.60 -17.76 32.94
CA SER E 368 3.04 -17.75 32.76
C SER E 368 3.64 -16.49 33.40
N PRO E 369 4.84 -16.59 33.98
CA PRO E 369 5.43 -15.42 34.65
C PRO E 369 5.74 -14.27 33.72
N GLY E 370 5.86 -14.50 32.42
CA GLY E 370 6.18 -13.41 31.51
C GLY E 370 5.08 -12.36 31.48
N ASP E 371 5.48 -11.11 31.33
CA ASP E 371 4.53 -10.01 31.29
C ASP E 371 3.75 -10.03 29.97
N LEU E 372 2.46 -9.73 30.05
CA LEU E 372 1.62 -9.72 28.86
C LEU E 372 1.97 -8.53 27.98
N LEU E 373 2.07 -8.78 26.68
CA LEU E 373 2.40 -7.75 25.70
C LEU E 373 1.39 -7.79 24.57
N PHE E 374 1.19 -6.64 23.93
CA PHE E 374 0.26 -6.51 22.82
C PHE E 374 1.02 -6.18 21.54
N ASP E 375 0.64 -6.85 20.45
CA ASP E 375 1.31 -6.67 19.17
C ASP E 375 0.86 -5.37 18.53
N ARG E 376 1.33 -5.13 17.30
CA ARG E 376 0.93 -3.93 16.58
C ARG E 376 -0.57 -3.92 16.30
N ASP E 377 -1.15 -5.10 16.05
CA ASP E 377 -2.59 -5.23 15.81
C ASP E 377 -3.36 -5.49 17.10
N ASP E 378 -2.79 -5.12 18.26
CA ASP E 378 -3.42 -5.30 19.57
C ASP E 378 -3.68 -6.75 19.92
N ARG E 379 -3.01 -7.68 19.24
CA ARG E 379 -3.13 -9.09 19.57
C ARG E 379 -2.25 -9.42 20.77
N PRO E 380 -2.80 -9.98 21.84
CA PRO E 380 -1.97 -10.28 23.02
C PRO E 380 -0.96 -11.37 22.73
N TYR E 381 0.22 -11.25 23.33
CA TYR E 381 1.27 -12.25 23.18
C TYR E 381 2.23 -12.10 24.35
N LYS E 382 3.04 -13.15 24.54
CA LYS E 382 4.07 -13.14 25.58
C LYS E 382 5.35 -13.71 25.00
N GLU E 383 6.47 -13.18 25.46
CA GLU E 383 7.78 -13.63 24.99
C GLU E 383 8.27 -14.80 25.84
N SER E 384 8.85 -15.79 25.16
CA SER E 384 9.43 -16.96 25.80
C SER E 384 10.88 -17.11 25.38
N TYR E 385 11.67 -17.75 26.22
CA TYR E 385 13.10 -17.90 25.95
C TYR E 385 13.61 -19.18 26.59
N GLY E 386 14.72 -19.68 26.04
CA GLY E 386 15.30 -20.93 26.50
C GLY E 386 16.27 -20.75 27.67
N MET E 387 16.61 -21.88 28.28
CA MET E 387 17.40 -21.85 29.50
C MET E 387 18.89 -21.62 29.25
N ALA E 388 19.32 -21.81 28.00
CA ALA E 388 20.69 -21.53 27.57
C ALA E 388 21.73 -22.14 28.51
N SER E 389 22.63 -21.32 29.04
CA SER E 389 23.79 -21.81 29.76
C SER E 389 23.43 -22.58 31.02
N LYS E 390 22.26 -22.30 31.61
CA LYS E 390 21.83 -23.00 32.81
C LYS E 390 21.80 -24.51 32.62
N ARG E 391 21.64 -24.98 31.39
CA ARG E 391 21.65 -26.40 31.09
C ARG E 391 23.03 -26.91 30.69
N ALA E 392 24.03 -26.04 30.61
CA ALA E 392 25.36 -26.42 30.18
C ALA E 392 26.26 -26.67 31.38
N VAL E 393 27.37 -27.36 31.12
CA VAL E 393 28.36 -27.67 32.15
C VAL E 393 29.28 -26.47 32.34
N ALA E 394 29.38 -26.00 33.58
CA ALA E 394 30.24 -24.86 33.89
C ALA E 394 31.71 -25.27 33.87
N SER E 401 36.93 -12.68 37.94
CA SER E 401 37.72 -11.99 36.93
C SER E 401 36.90 -11.75 35.67
N SER E 402 36.68 -10.47 35.36
CA SER E 402 35.96 -10.09 34.14
C SER E 402 36.55 -10.76 32.90
N PHE E 403 37.87 -10.87 32.84
CA PHE E 403 38.52 -11.47 31.67
C PHE E 403 38.10 -12.93 31.51
N ASP E 404 38.15 -13.71 32.60
CA ASP E 404 37.75 -15.10 32.52
C ASP E 404 36.27 -15.24 32.22
N ARG E 405 35.45 -14.36 32.79
CA ARG E 405 34.02 -14.39 32.52
C ARG E 405 33.74 -14.16 31.04
N ALA E 406 34.38 -13.16 30.45
CA ALA E 406 34.19 -12.88 29.03
C ALA E 406 34.72 -14.01 28.17
N ARG E 407 35.87 -14.59 28.54
CA ARG E 407 36.41 -15.71 27.78
C ARG E 407 35.46 -16.91 27.80
N LYS E 408 34.88 -17.20 28.96
CA LYS E 408 33.92 -18.30 29.04
C LYS E 408 32.64 -17.98 28.26
N GLY E 409 32.18 -16.73 28.32
CA GLY E 409 30.96 -16.35 27.63
C GLY E 409 31.11 -16.13 26.14
N LEU E 410 32.35 -16.11 25.62
CA LEU E 410 32.54 -15.97 24.19
C LEU E 410 31.95 -17.14 23.42
N PHE E 411 32.14 -18.36 23.92
CA PHE E 411 31.65 -19.56 23.27
C PHE E 411 30.27 -19.98 23.76
N GLU E 412 29.70 -19.28 24.73
CA GLU E 412 28.39 -19.65 25.26
C GLU E 412 27.32 -19.42 24.22
N GLU E 413 26.33 -20.31 24.20
CA GLU E 413 25.23 -20.20 23.26
C GLU E 413 24.33 -19.03 23.61
N GLY E 414 23.81 -18.35 22.58
CA GLY E 414 22.93 -17.24 22.80
C GLY E 414 21.55 -17.68 23.26
N ILE E 415 20.82 -16.74 23.85
CA ILE E 415 19.48 -16.99 24.36
C ILE E 415 18.49 -16.79 23.21
N SER E 416 17.82 -17.87 22.81
CA SER E 416 16.82 -17.79 21.77
C SER E 416 15.53 -17.19 22.32
N THR E 417 14.77 -16.52 21.45
CA THR E 417 13.51 -15.91 21.84
C THR E 417 12.51 -16.03 20.70
N SER E 418 11.23 -16.05 21.06
CA SER E 418 10.16 -16.11 20.09
C SER E 418 8.88 -15.61 20.74
N ARG E 419 7.92 -15.25 19.90
CA ARG E 419 6.64 -14.71 20.36
C ARG E 419 5.60 -15.83 20.38
N MET E 420 4.89 -15.95 21.49
CA MET E 420 3.84 -16.94 21.66
C MET E 420 2.50 -16.21 21.78
N SER E 421 1.68 -16.32 20.76
CA SER E 421 0.39 -15.62 20.77
C SER E 421 -0.59 -16.31 21.71
N LEU E 422 -1.48 -15.51 22.29
CA LEU E 422 -2.49 -16.01 23.20
C LEU E 422 -3.79 -16.26 22.44
N ASP E 423 -4.32 -17.46 22.54
CA ASP E 423 -5.59 -17.78 21.90
C ASP E 423 -6.71 -17.07 22.64
N PRO E 424 -7.57 -16.31 21.95
CA PRO E 424 -8.66 -15.61 22.66
C PRO E 424 -9.60 -16.54 23.40
N ALA E 425 -9.84 -17.74 22.87
CA ALA E 425 -10.70 -18.72 23.52
C ALA E 425 -9.93 -19.63 24.47
N ARG E 426 -8.61 -19.61 24.44
CA ARG E 426 -7.76 -20.45 25.29
C ARG E 426 -6.66 -19.62 25.93
N GLY E 427 -7.05 -18.48 26.51
CA GLY E 427 -6.07 -17.62 27.16
C GLY E 427 -5.42 -18.26 28.36
N GLY E 428 -6.22 -18.97 29.18
CA GLY E 428 -5.67 -19.61 30.35
C GLY E 428 -5.08 -20.97 30.05
N VAL E 429 -4.21 -21.42 30.97
CA VAL E 429 -3.57 -22.72 30.80
C VAL E 429 -4.56 -23.86 31.03
N GLU E 430 -5.65 -23.60 31.77
CA GLU E 430 -6.66 -24.63 31.97
C GLU E 430 -7.34 -25.02 30.67
N ASP E 431 -7.54 -24.05 29.76
CA ASP E 431 -8.10 -24.38 28.46
C ASP E 431 -7.18 -25.30 27.66
N LEU E 432 -5.87 -25.04 27.71
CA LEU E 432 -4.92 -25.92 27.04
C LEU E 432 -4.91 -27.30 27.68
N LEU E 433 -5.02 -27.36 29.01
CA LEU E 433 -5.11 -28.64 29.69
C LEU E 433 -6.35 -29.41 29.25
N ASP E 434 -7.48 -28.72 29.13
CA ASP E 434 -8.71 -29.36 28.64
C ASP E 434 -8.52 -29.87 27.22
N HIS E 435 -7.89 -29.07 26.37
CA HIS E 435 -7.60 -29.48 25.00
C HIS E 435 -6.80 -30.77 24.97
N ILE E 436 -5.69 -30.79 25.72
CA ILE E 436 -4.79 -31.95 25.70
C ILE E 436 -5.47 -33.17 26.28
N THR E 437 -6.20 -33.00 27.40
CA THR E 437 -6.87 -34.14 28.01
C THR E 437 -7.96 -34.70 27.10
N SER E 438 -8.70 -33.82 26.42
CA SER E 438 -9.71 -34.30 25.48
C SER E 438 -9.07 -35.07 24.33
N GLY E 439 -7.95 -34.56 23.82
CA GLY E 439 -7.24 -35.28 22.76
C GLY E 439 -6.77 -36.66 23.20
N VAL E 440 -6.19 -36.73 24.40
CA VAL E 440 -5.69 -38.02 24.90
C VAL E 440 -6.83 -38.98 25.16
N ARG E 441 -7.95 -38.49 25.71
CA ARG E 441 -9.10 -39.36 25.96
C ARG E 441 -9.69 -39.88 24.66
N SER E 442 -9.77 -39.02 23.64
CA SER E 442 -10.27 -39.47 22.34
C SER E 442 -9.32 -40.50 21.73
N THR E 443 -8.01 -40.31 21.88
CA THR E 443 -7.05 -41.29 21.41
C THR E 443 -7.26 -42.64 22.11
N CYS E 444 -7.47 -42.61 23.43
CA CYS E 444 -7.68 -43.84 24.17
C CYS E 444 -8.97 -44.54 23.74
N THR E 445 -10.03 -43.78 23.51
CA THR E 445 -11.28 -44.37 23.05
C THR E 445 -11.12 -44.98 21.66
N TYR E 446 -10.39 -44.30 20.76
CA TYR E 446 -10.16 -44.86 19.44
C TYR E 446 -9.34 -46.14 19.51
N VAL E 447 -8.31 -46.16 20.35
CA VAL E 447 -7.50 -47.37 20.49
C VAL E 447 -8.30 -48.47 21.17
N GLY E 448 -9.10 -48.12 22.16
CA GLY E 448 -9.86 -49.09 22.92
C GLY E 448 -9.23 -49.43 24.25
N ALA E 449 -8.65 -48.43 24.90
CA ALA E 449 -7.92 -48.61 26.14
C ALA E 449 -8.56 -47.77 27.25
N ALA E 450 -8.67 -48.36 28.44
CA ALA E 450 -9.21 -47.66 29.59
C ALA E 450 -8.16 -46.93 30.41
N ASN E 451 -6.88 -47.14 30.14
CA ASN E 451 -5.81 -46.51 30.89
C ASN E 451 -4.56 -46.45 30.02
N LEU E 452 -3.59 -45.65 30.48
CA LEU E 452 -2.35 -45.47 29.72
C LEU E 452 -1.58 -46.77 29.47
N PRO E 453 -1.40 -47.66 30.45
CA PRO E 453 -0.72 -48.94 30.13
C PRO E 453 -1.44 -49.72 29.04
N GLU E 454 -2.77 -49.75 29.07
CA GLU E 454 -3.50 -50.41 27.99
C GLU E 454 -3.33 -49.66 26.67
N LEU E 455 -3.21 -48.33 26.73
CA LEU E 455 -2.94 -47.56 25.52
C LEU E 455 -1.61 -47.96 24.90
N HIS E 456 -0.58 -48.13 25.73
CA HIS E 456 0.72 -48.56 25.22
C HIS E 456 0.66 -49.99 24.71
N GLU E 457 -0.10 -50.86 25.38
CA GLU E 457 -0.12 -52.27 25.01
C GLU E 457 -0.88 -52.51 23.71
N LYS E 458 -2.03 -51.85 23.54
CA LYS E 458 -2.95 -52.15 22.43
C LYS E 458 -2.75 -51.27 21.21
N VAL E 459 -1.87 -50.27 21.27
CA VAL E 459 -1.74 -49.33 20.16
C VAL E 459 -1.06 -49.99 18.97
N VAL E 460 -1.49 -49.63 17.77
CA VAL E 460 -0.87 -50.06 16.52
C VAL E 460 -0.48 -48.81 15.74
N LEU E 461 0.78 -48.73 15.34
CA LEU E 461 1.32 -47.54 14.70
C LEU E 461 1.49 -47.76 13.20
N GLY E 462 1.52 -46.65 12.47
CA GLY E 462 1.75 -46.69 11.04
C GLY E 462 2.67 -45.56 10.62
N VAL E 463 3.15 -45.65 9.38
CA VAL E 463 4.08 -44.68 8.80
C VAL E 463 3.40 -44.02 7.62
N GLN E 464 3.49 -42.70 7.54
CA GLN E 464 2.89 -41.93 6.46
C GLN E 464 3.94 -41.01 5.86
N SER E 465 3.72 -40.62 4.61
CA SER E 465 4.62 -39.73 3.89
C SER E 465 4.26 -38.28 4.21
N ALA E 466 4.89 -37.35 3.48
CA ALA E 466 4.62 -35.92 3.70
C ALA E 466 3.18 -35.57 3.32
N ALA E 467 2.67 -36.16 2.24
CA ALA E 467 1.30 -35.88 1.82
C ALA E 467 0.29 -36.43 2.81
N GLY E 468 0.63 -37.50 3.53
CA GLY E 468 -0.30 -38.05 4.51
C GLY E 468 -0.55 -37.11 5.66
N PHE E 469 0.48 -36.37 6.08
CA PHE E 469 0.31 -35.44 7.20
C PHE E 469 -0.66 -34.32 6.85
N ALA E 470 -0.58 -33.80 5.62
CA ALA E 470 -1.46 -32.72 5.19
C ALA E 470 -2.91 -33.16 5.04
N GLU E 471 -3.17 -34.47 5.08
CA GLU E 471 -4.53 -34.97 4.95
C GLU E 471 -5.36 -34.54 6.17
N GLY E 472 -6.60 -34.17 5.92
CA GLY E 472 -7.48 -33.71 6.98
C GLY E 472 -7.65 -32.20 6.97
N HIS E 473 -8.26 -31.71 8.05
CA HIS E 473 -8.53 -30.28 8.16
C HIS E 473 -7.23 -29.50 8.28
N PRO E 474 -7.11 -28.37 7.57
CA PRO E 474 -5.91 -27.54 7.67
C PRO E 474 -5.46 -27.30 9.10
N LEU E 475 -4.17 -27.54 9.36
CA LEU E 475 -3.61 -27.31 10.68
C LEU E 475 -3.68 -25.82 11.01
N PRO E 476 -3.85 -25.46 12.30
CA PRO E 476 -3.96 -24.05 12.70
C PRO E 476 -2.70 -23.24 12.35
N VAL F 2 -5.59 -55.12 -6.33
CA VAL F 2 -4.98 -54.26 -7.35
C VAL F 2 -3.58 -54.74 -7.67
N ARG F 3 -3.04 -54.28 -8.80
CA ARG F 3 -1.71 -54.66 -9.25
C ARG F 3 -0.81 -53.42 -9.27
N PHE F 4 0.35 -53.54 -8.65
CA PHE F 4 1.34 -52.48 -8.63
C PHE F 4 2.51 -52.84 -9.53
N LEU F 5 3.29 -51.83 -9.91
CA LEU F 5 4.49 -52.06 -10.71
C LEU F 5 5.52 -52.81 -9.88
N ASP F 6 6.40 -53.54 -10.59
CA ASP F 6 7.42 -54.33 -9.92
C ASP F 6 8.36 -53.43 -9.14
N GLY F 7 8.62 -53.79 -7.88
CA GLY F 7 9.46 -53.01 -7.01
C GLY F 7 8.77 -51.87 -6.29
N HIS F 8 7.50 -51.63 -6.57
CA HIS F 8 6.76 -50.54 -5.93
C HIS F 8 6.07 -51.05 -4.67
N THR F 9 6.87 -51.27 -3.64
CA THR F 9 6.40 -51.73 -2.33
C THR F 9 6.94 -50.78 -1.28
N PRO F 10 6.29 -49.64 -1.08
CA PRO F 10 6.78 -48.66 -0.12
C PRO F 10 6.59 -49.14 1.32
N ALA F 11 7.34 -48.51 2.22
CA ALA F 11 7.29 -48.82 3.65
C ALA F 11 6.37 -47.88 4.41
N TYR F 12 5.35 -47.34 3.74
CA TYR F 12 4.40 -46.44 4.37
C TYR F 12 3.07 -46.51 3.63
N ASP F 13 2.01 -46.08 4.30
CA ASP F 13 0.70 -46.07 3.67
C ASP F 13 0.61 -44.96 2.63
N LEU F 14 -0.23 -45.17 1.63
CA LEU F 14 -0.31 -44.31 0.46
C LEU F 14 -1.60 -43.49 0.48
N THR F 15 -1.52 -42.29 -0.09
CA THR F 15 -2.66 -41.40 -0.25
C THR F 15 -3.00 -41.28 -1.73
N TYR F 16 -3.97 -40.41 -2.03
CA TYR F 16 -4.34 -40.18 -3.42
C TYR F 16 -3.23 -39.48 -4.19
N ASN F 17 -2.43 -38.66 -3.52
CA ASN F 17 -1.36 -37.92 -4.19
C ASN F 17 -0.12 -38.77 -4.42
N ASP F 18 -0.01 -39.93 -3.79
CA ASP F 18 1.19 -40.76 -3.89
C ASP F 18 1.06 -41.86 -4.94
N VAL F 19 -0.05 -41.92 -5.67
CA VAL F 19 -0.29 -43.01 -6.62
C VAL F 19 -0.68 -42.44 -7.97
N PHE F 20 -0.49 -43.25 -9.01
CA PHE F 20 -0.87 -42.89 -10.37
C PHE F 20 -1.28 -44.14 -11.11
N VAL F 21 -2.01 -43.95 -12.21
CA VAL F 21 -2.55 -45.05 -13.01
C VAL F 21 -1.73 -45.16 -14.29
N VAL F 22 -1.23 -46.36 -14.55
CA VAL F 22 -0.44 -46.63 -15.75
C VAL F 22 -1.37 -47.04 -16.88
N PRO F 23 -1.32 -46.38 -18.04
CA PRO F 23 -2.19 -46.76 -19.14
C PRO F 23 -1.86 -48.16 -19.66
N GLY F 24 -2.89 -48.83 -20.17
CA GLY F 24 -2.74 -50.14 -20.77
C GLY F 24 -3.41 -50.20 -22.13
N ARG F 25 -3.31 -51.36 -22.75
CA ARG F 25 -3.95 -51.59 -24.04
C ARG F 25 -5.46 -51.42 -23.91
N SER F 26 -6.04 -50.64 -24.81
CA SER F 26 -7.45 -50.27 -24.73
C SER F 26 -8.12 -50.43 -26.08
N ASP F 27 -9.42 -50.71 -26.04
CA ASP F 27 -10.26 -50.78 -27.23
C ASP F 27 -11.51 -49.92 -27.11
N VAL F 28 -11.63 -49.13 -26.05
CA VAL F 28 -12.79 -48.26 -25.87
C VAL F 28 -12.60 -47.03 -26.74
N ALA F 29 -13.55 -46.82 -27.66
CA ALA F 29 -13.40 -45.75 -28.64
C ALA F 29 -13.52 -44.37 -27.99
N SER F 30 -14.56 -44.17 -27.18
CA SER F 30 -14.86 -42.85 -26.63
C SER F 30 -15.34 -43.00 -25.19
N ARG F 31 -15.56 -41.85 -24.54
CA ARG F 31 -16.04 -41.84 -23.17
C ARG F 31 -17.44 -42.41 -23.06
N PHE F 32 -18.30 -42.14 -24.04
CA PHE F 32 -19.70 -42.55 -23.99
C PHE F 32 -19.89 -44.05 -24.03
N ASP F 33 -18.86 -44.82 -24.39
CA ASP F 33 -18.96 -46.27 -24.40
C ASP F 33 -18.79 -46.89 -23.02
N VAL F 34 -18.46 -46.08 -22.01
CA VAL F 34 -18.21 -46.58 -20.66
C VAL F 34 -19.51 -46.56 -19.87
N ASP F 35 -19.79 -47.66 -19.18
CA ASP F 35 -20.95 -47.76 -18.30
C ASP F 35 -20.51 -47.53 -16.86
N LEU F 36 -21.10 -46.53 -16.21
CA LEU F 36 -20.70 -46.13 -14.87
C LEU F 36 -21.65 -46.64 -13.79
N SER F 37 -22.54 -47.57 -14.13
CA SER F 37 -23.50 -48.07 -13.15
C SER F 37 -22.79 -48.87 -12.06
N THR F 38 -23.22 -48.66 -10.81
CA THR F 38 -22.65 -49.38 -9.68
C THR F 38 -23.32 -50.75 -9.52
N VAL F 39 -22.68 -51.61 -8.74
CA VAL F 39 -23.16 -52.97 -8.54
C VAL F 39 -23.28 -53.28 -7.06
N ASP F 40 -23.33 -52.23 -6.23
CA ASP F 40 -23.42 -52.41 -4.79
C ASP F 40 -24.85 -52.43 -4.29
N GLY F 41 -25.84 -52.33 -5.17
CA GLY F 41 -27.23 -52.34 -4.78
C GLY F 41 -27.81 -51.01 -4.38
N SER F 42 -27.00 -49.94 -4.38
CA SER F 42 -27.52 -48.62 -4.03
C SER F 42 -28.43 -48.05 -5.10
N GLY F 43 -28.37 -48.58 -6.31
CA GLY F 43 -29.20 -48.10 -7.40
C GLY F 43 -28.68 -46.88 -8.13
N THR F 44 -27.51 -46.38 -7.76
CA THR F 44 -26.94 -45.21 -8.42
C THR F 44 -26.33 -45.62 -9.76
N THR F 45 -26.65 -44.84 -10.80
CA THR F 45 -26.05 -45.08 -12.12
C THR F 45 -24.69 -44.40 -12.27
N ILE F 46 -24.31 -43.53 -11.34
CA ILE F 46 -22.98 -42.95 -11.33
C ILE F 46 -22.38 -43.16 -9.94
N PRO F 47 -21.06 -43.28 -9.81
CA PRO F 47 -20.43 -43.52 -8.51
C PRO F 47 -20.22 -42.26 -7.67
N VAL F 48 -21.28 -41.48 -7.49
CA VAL F 48 -21.23 -40.25 -6.72
C VAL F 48 -22.31 -40.29 -5.64
N VAL F 49 -21.91 -40.07 -4.40
CA VAL F 49 -22.82 -40.02 -3.26
C VAL F 49 -22.55 -38.74 -2.49
N VAL F 50 -23.62 -38.04 -2.12
CA VAL F 50 -23.50 -36.80 -1.36
C VAL F 50 -23.50 -37.12 0.13
N ALA F 51 -22.58 -36.53 0.86
CA ALA F 51 -22.42 -36.82 2.27
C ALA F 51 -23.61 -36.32 3.08
N ASN F 52 -23.84 -36.96 4.22
CA ASN F 52 -24.96 -36.62 5.11
C ASN F 52 -24.55 -35.49 6.03
N MET F 53 -24.49 -34.29 5.45
CA MET F 53 -24.18 -33.07 6.18
C MET F 53 -25.30 -32.07 5.97
N THR F 54 -25.64 -31.32 7.04
CA THR F 54 -26.67 -30.30 6.94
C THR F 54 -26.25 -29.16 6.02
N ALA F 55 -24.95 -28.97 5.80
CA ALA F 55 -24.47 -27.93 4.91
C ALA F 55 -24.46 -28.34 3.44
N VAL F 56 -24.67 -29.62 3.15
CA VAL F 56 -24.64 -30.14 1.79
C VAL F 56 -25.98 -30.77 1.40
N ALA F 57 -26.49 -31.66 2.23
CA ALA F 57 -27.72 -32.37 1.91
C ALA F 57 -28.93 -31.45 2.05
N GLY F 58 -29.79 -31.47 1.04
CA GLY F 58 -30.99 -30.65 1.06
C GLY F 58 -31.95 -31.11 -0.03
N ARG F 59 -33.13 -30.48 -0.04
CA ARG F 59 -34.15 -30.87 -1.00
C ARG F 59 -33.69 -30.62 -2.44
N ARG F 60 -33.23 -29.41 -2.73
CA ARG F 60 -32.78 -29.08 -4.08
C ARG F 60 -31.58 -29.93 -4.48
N MET F 61 -30.62 -30.08 -3.58
CA MET F 61 -29.45 -30.90 -3.87
C MET F 61 -29.85 -32.35 -4.11
N ALA F 62 -30.75 -32.89 -3.28
CA ALA F 62 -31.19 -34.26 -3.44
C ALA F 62 -31.86 -34.46 -4.79
N GLU F 63 -32.76 -33.55 -5.15
CA GLU F 63 -33.45 -33.67 -6.44
C GLU F 63 -32.47 -33.59 -7.60
N THR F 64 -31.56 -32.62 -7.57
CA THR F 64 -30.62 -32.44 -8.68
C THR F 64 -29.70 -33.64 -8.82
N VAL F 65 -29.20 -34.17 -7.69
CA VAL F 65 -28.28 -35.30 -7.76
C VAL F 65 -29.01 -36.56 -8.19
N ALA F 66 -30.23 -36.78 -7.68
CA ALA F 66 -30.97 -37.98 -8.05
C ALA F 66 -31.39 -37.95 -9.52
N ARG F 67 -31.66 -36.76 -10.07
CA ARG F 67 -32.03 -36.69 -11.48
C ARG F 67 -30.88 -37.10 -12.38
N ARG F 68 -29.65 -36.84 -11.98
CA ARG F 68 -28.48 -37.17 -12.79
C ARG F 68 -27.91 -38.55 -12.50
N GLY F 69 -28.50 -39.30 -11.57
CA GLY F 69 -28.10 -40.67 -11.31
C GLY F 69 -27.48 -40.92 -9.95
N GLY F 70 -27.12 -39.87 -9.21
CA GLY F 70 -26.55 -40.04 -7.89
C GLY F 70 -27.62 -40.17 -6.82
N ILE F 71 -27.14 -40.25 -5.57
CA ILE F 71 -28.02 -40.35 -4.42
C ILE F 71 -27.51 -39.40 -3.34
N VAL F 72 -28.42 -38.98 -2.46
CA VAL F 72 -28.12 -38.07 -1.37
C VAL F 72 -28.61 -38.68 -0.08
N VAL F 73 -27.75 -38.72 0.94
CA VAL F 73 -28.09 -39.23 2.26
C VAL F 73 -28.46 -38.05 3.15
N LEU F 74 -29.67 -38.08 3.70
CA LEU F 74 -30.11 -37.01 4.58
C LEU F 74 -29.33 -37.05 5.91
N PRO F 75 -29.07 -35.89 6.50
CA PRO F 75 -28.32 -35.87 7.77
C PRO F 75 -29.09 -36.56 8.89
N GLN F 76 -28.34 -37.16 9.81
CA GLN F 76 -28.95 -37.83 10.95
C GLN F 76 -29.48 -36.81 11.94
N ASP F 77 -30.35 -37.29 12.83
CA ASP F 77 -31.01 -36.49 13.87
C ASP F 77 -31.94 -35.42 13.31
N LEU F 78 -32.17 -35.43 11.99
CA LEU F 78 -33.12 -34.49 11.41
C LEU F 78 -34.54 -34.86 11.84
N PRO F 79 -35.41 -33.88 12.08
CA PRO F 79 -36.79 -34.20 12.48
C PRO F 79 -37.50 -35.05 11.45
N ILE F 80 -38.31 -36.00 11.94
CA ILE F 80 -38.95 -36.97 11.06
C ILE F 80 -39.95 -36.29 10.13
N THR F 81 -40.64 -35.25 10.59
CA THR F 81 -41.59 -34.55 9.74
C THR F 81 -40.89 -33.91 8.55
N ALA F 82 -39.77 -33.23 8.80
CA ALA F 82 -39.01 -32.62 7.72
C ALA F 82 -38.49 -33.67 6.76
N VAL F 83 -38.08 -34.83 7.29
CA VAL F 83 -37.66 -35.93 6.42
C VAL F 83 -38.80 -36.38 5.53
N SER F 84 -40.01 -36.48 6.09
CA SER F 84 -41.16 -36.89 5.30
C SER F 84 -41.46 -35.90 4.19
N GLU F 85 -41.44 -34.60 4.51
CA GLU F 85 -41.68 -33.59 3.47
C GLU F 85 -40.60 -33.63 2.40
N THR F 86 -39.34 -33.79 2.81
CA THR F 86 -38.25 -33.85 1.83
C THR F 86 -38.39 -35.06 0.92
N VAL F 87 -38.73 -36.22 1.48
CA VAL F 87 -38.89 -37.43 0.67
C VAL F 87 -40.06 -37.27 -0.29
N ASP F 88 -41.18 -36.72 0.18
CA ASP F 88 -42.32 -36.52 -0.69
C ASP F 88 -42.00 -35.55 -1.82
N PHE F 89 -41.31 -34.46 -1.51
CA PHE F 89 -40.94 -33.49 -2.53
C PHE F 89 -39.99 -34.11 -3.56
N VAL F 90 -39.02 -34.89 -3.09
CA VAL F 90 -38.07 -35.51 -4.02
C VAL F 90 -38.78 -36.52 -4.91
N LYS F 91 -39.65 -37.35 -4.34
CA LYS F 91 -40.34 -38.37 -5.13
C LYS F 91 -41.47 -37.80 -5.97
N SER F 92 -41.86 -36.55 -5.76
CA SER F 92 -42.89 -35.91 -6.57
C SER F 92 -42.32 -35.14 -7.76
N ARG F 93 -41.01 -35.19 -7.97
CA ARG F 93 -40.39 -34.44 -9.06
C ARG F 93 -40.46 -35.21 -10.37
N ASP F 94 -40.23 -34.49 -11.46
CA ASP F 94 -40.18 -35.08 -12.79
C ASP F 94 -38.76 -35.57 -13.09
N LEU F 95 -38.69 -36.65 -13.87
CA LEU F 95 -37.41 -37.27 -14.18
C LEU F 95 -36.59 -36.52 -15.21
N VAL F 96 -37.19 -35.56 -15.92
CA VAL F 96 -36.53 -34.84 -17.00
C VAL F 96 -36.52 -33.34 -16.75
N VAL F 97 -37.66 -32.78 -16.36
CA VAL F 97 -37.84 -31.34 -16.24
C VAL F 97 -37.47 -30.90 -14.83
N ASP F 98 -36.59 -29.91 -14.72
CA ASP F 98 -36.15 -29.40 -13.43
C ASP F 98 -37.21 -28.50 -12.81
N THR F 99 -37.13 -28.34 -11.50
CA THR F 99 -38.05 -27.49 -10.76
C THR F 99 -37.47 -26.08 -10.65
N PRO F 100 -38.12 -25.07 -11.21
CA PRO F 100 -37.58 -23.70 -11.15
C PRO F 100 -38.02 -22.98 -9.89
N VAL F 101 -37.44 -21.80 -9.68
CA VAL F 101 -37.83 -20.93 -8.59
C VAL F 101 -39.14 -20.24 -8.94
N THR F 102 -40.12 -20.34 -8.05
CA THR F 102 -41.44 -19.76 -8.27
C THR F 102 -41.60 -18.49 -7.45
N LEU F 103 -42.28 -17.51 -8.03
CA LEU F 103 -42.51 -16.23 -7.37
C LEU F 103 -43.96 -15.81 -7.58
N SER F 104 -44.44 -14.96 -6.67
CA SER F 104 -45.75 -14.36 -6.76
C SER F 104 -45.64 -12.89 -7.13
N PRO F 105 -46.63 -12.31 -7.81
CA PRO F 105 -46.55 -10.89 -8.17
C PRO F 105 -46.48 -9.96 -6.97
N GLU F 106 -46.95 -10.39 -5.79
CA GLU F 106 -46.90 -9.58 -4.59
C GLU F 106 -45.58 -9.70 -3.84
N ASP F 107 -44.67 -10.55 -4.29
CA ASP F 107 -43.41 -10.73 -3.61
C ASP F 107 -42.52 -9.50 -3.78
N SER F 108 -41.59 -9.34 -2.83
CA SER F 108 -40.67 -8.22 -2.86
C SER F 108 -39.56 -8.45 -3.88
N VAL F 109 -38.94 -7.35 -4.32
CA VAL F 109 -37.83 -7.45 -5.25
C VAL F 109 -36.61 -8.07 -4.58
N SER F 110 -36.38 -7.73 -3.30
CA SER F 110 -35.26 -8.31 -2.57
C SER F 110 -35.40 -9.82 -2.43
N ASP F 111 -36.62 -10.29 -2.15
CA ASP F 111 -36.86 -11.71 -2.05
C ASP F 111 -36.59 -12.41 -3.38
N ALA F 112 -37.04 -11.80 -4.49
CA ALA F 112 -36.77 -12.37 -5.80
C ALA F 112 -35.28 -12.44 -6.09
N ASN F 113 -34.55 -11.37 -5.77
CA ASN F 113 -33.11 -11.36 -6.00
C ASN F 113 -32.42 -12.45 -5.19
N ALA F 114 -32.78 -12.57 -3.90
CA ALA F 114 -32.19 -13.59 -3.05
C ALA F 114 -32.52 -14.99 -3.55
N LEU F 115 -33.75 -15.20 -4.02
CA LEU F 115 -34.15 -16.52 -4.50
C LEU F 115 -33.58 -16.86 -5.87
N LEU F 116 -33.14 -15.84 -6.63
CA LEU F 116 -32.59 -16.11 -7.95
C LEU F 116 -31.39 -17.04 -7.91
N HIS F 117 -30.65 -17.03 -6.81
CA HIS F 117 -29.44 -17.84 -6.68
C HIS F 117 -29.71 -19.22 -6.07
N LYS F 118 -30.97 -19.55 -5.78
CA LYS F 118 -31.29 -20.85 -5.23
C LYS F 118 -31.16 -21.97 -6.26
N ARG F 119 -31.15 -21.65 -7.55
CA ARG F 119 -31.02 -22.63 -8.61
C ARG F 119 -30.01 -22.13 -9.63
N ALA F 120 -29.51 -23.07 -10.44
CA ALA F 120 -28.54 -22.77 -11.48
C ALA F 120 -29.17 -22.31 -12.78
N HIS F 121 -30.50 -22.25 -12.85
CA HIS F 121 -31.16 -21.82 -14.07
C HIS F 121 -30.90 -20.36 -14.39
N GLY F 122 -30.67 -19.53 -13.37
CA GLY F 122 -30.42 -18.12 -13.57
C GLY F 122 -31.66 -17.27 -13.74
N ALA F 123 -32.85 -17.85 -13.65
CA ALA F 123 -34.08 -17.08 -13.79
C ALA F 123 -35.17 -17.75 -12.97
N ALA F 124 -36.19 -16.97 -12.63
CA ALA F 124 -37.33 -17.45 -11.85
C ALA F 124 -38.62 -17.20 -12.62
N VAL F 125 -39.57 -18.11 -12.44
CA VAL F 125 -40.84 -18.08 -13.16
C VAL F 125 -41.90 -17.49 -12.21
N VAL F 126 -42.51 -16.39 -12.64
CA VAL F 126 -43.61 -15.80 -11.89
C VAL F 126 -44.88 -16.58 -12.16
N VAL F 127 -45.56 -17.01 -11.10
CA VAL F 127 -46.72 -17.89 -11.20
C VAL F 127 -47.93 -17.16 -10.60
N PHE F 128 -49.00 -17.08 -11.37
CA PHE F 128 -50.26 -16.50 -10.92
C PHE F 128 -51.37 -17.50 -11.20
N GLU F 129 -52.04 -17.96 -10.14
CA GLU F 129 -53.10 -18.96 -10.24
C GLU F 129 -52.61 -20.22 -10.95
N GLY F 130 -51.35 -20.58 -10.69
CA GLY F 130 -50.75 -21.76 -11.29
C GLY F 130 -50.27 -21.59 -12.71
N ARG F 131 -50.41 -20.40 -13.29
CA ARG F 131 -50.05 -20.17 -14.68
C ARG F 131 -48.85 -19.23 -14.77
N PRO F 132 -47.81 -19.59 -15.50
CA PRO F 132 -46.69 -18.66 -15.69
C PRO F 132 -47.13 -17.39 -16.41
N ILE F 133 -46.60 -16.26 -15.96
CA ILE F 133 -47.01 -14.97 -16.53
C ILE F 133 -45.78 -14.15 -16.91
N GLY F 134 -44.61 -14.58 -16.49
CA GLY F 134 -43.40 -13.83 -16.81
C GLY F 134 -42.19 -14.47 -16.20
N LEU F 135 -41.04 -13.82 -16.43
CA LEU F 135 -39.74 -14.30 -15.98
C LEU F 135 -39.00 -13.17 -15.27
N VAL F 136 -38.26 -13.52 -14.23
CA VAL F 136 -37.47 -12.57 -13.45
C VAL F 136 -36.00 -12.96 -13.57
N THR F 137 -35.17 -12.03 -14.01
CA THR F 137 -33.73 -12.23 -14.14
C THR F 137 -33.00 -11.16 -13.34
N GLU F 138 -31.69 -11.37 -13.18
CA GLU F 138 -30.88 -10.42 -12.41
C GLU F 138 -30.83 -9.05 -13.09
N ALA F 139 -30.94 -9.02 -14.42
CA ALA F 139 -30.93 -7.74 -15.13
C ALA F 139 -32.18 -6.92 -14.85
N ASN F 140 -33.32 -7.59 -14.68
CA ASN F 140 -34.57 -6.87 -14.44
C ASN F 140 -34.58 -6.20 -13.08
N CYS F 141 -34.09 -6.89 -12.05
CA CYS F 141 -34.11 -6.34 -10.70
C CYS F 141 -33.08 -5.25 -10.49
N ALA F 142 -32.05 -5.17 -11.35
CA ALA F 142 -31.02 -4.16 -11.18
C ALA F 142 -31.58 -2.77 -11.46
N GLY F 143 -31.30 -1.83 -10.55
CA GLY F 143 -31.77 -0.48 -10.69
C GLY F 143 -33.17 -0.22 -10.18
N VAL F 144 -33.89 -1.25 -9.75
CA VAL F 144 -35.25 -1.12 -9.25
C VAL F 144 -35.21 -1.00 -7.75
N ASP F 145 -36.17 -0.25 -7.19
CA ASP F 145 -36.28 -0.13 -5.75
C ASP F 145 -36.43 -1.50 -5.11
N ARG F 146 -35.68 -1.72 -4.02
CA ARG F 146 -35.61 -3.05 -3.42
C ARG F 146 -36.96 -3.48 -2.85
N PHE F 147 -37.81 -2.54 -2.45
CA PHE F 147 -39.06 -2.87 -1.81
C PHE F 147 -40.26 -2.71 -2.73
N ALA F 148 -40.03 -2.62 -4.04
CA ALA F 148 -41.13 -2.67 -5.00
C ALA F 148 -41.70 -4.08 -5.06
N ARG F 149 -42.72 -4.25 -5.90
CA ARG F 149 -43.37 -5.54 -6.04
C ARG F 149 -42.89 -6.24 -7.31
N VAL F 150 -43.13 -7.55 -7.37
CA VAL F 150 -42.75 -8.32 -8.55
C VAL F 150 -43.52 -7.83 -9.77
N ARG F 151 -44.80 -7.49 -9.59
CA ARG F 151 -45.61 -7.00 -10.69
C ARG F 151 -45.06 -5.70 -11.28
N ASP F 152 -44.29 -4.93 -10.51
CA ASP F 152 -43.66 -3.73 -11.05
C ASP F 152 -42.51 -4.08 -11.98
N ILE F 153 -41.85 -5.21 -11.74
CA ILE F 153 -40.73 -5.63 -12.58
C ILE F 153 -41.22 -5.94 -13.99
N ALA F 154 -40.49 -5.44 -14.98
CA ALA F 154 -40.85 -5.69 -16.38
C ALA F 154 -40.58 -7.15 -16.73
N LEU F 155 -41.61 -7.99 -16.62
CA LEU F 155 -41.45 -9.41 -16.85
C LEU F 155 -41.13 -9.68 -18.32
N SER F 156 -40.13 -10.52 -18.57
CA SER F 156 -39.67 -10.81 -19.92
C SER F 156 -40.39 -12.02 -20.50
N ASP F 157 -40.49 -12.03 -21.82
CA ASP F 157 -41.13 -13.14 -22.51
C ASP F 157 -40.31 -14.42 -22.35
N PHE F 158 -40.99 -15.56 -22.47
CA PHE F 158 -40.36 -16.86 -22.24
C PHE F 158 -40.80 -17.84 -23.31
N VAL F 159 -39.89 -18.74 -23.68
CA VAL F 159 -40.18 -19.80 -24.63
C VAL F 159 -40.94 -20.91 -23.92
N THR F 160 -42.09 -21.29 -24.46
CA THR F 160 -42.98 -22.26 -23.83
C THR F 160 -43.09 -23.49 -24.73
N ALA F 161 -42.97 -24.67 -24.12
CA ALA F 161 -43.13 -25.94 -24.81
C ALA F 161 -43.91 -26.90 -23.92
N PRO F 162 -44.76 -27.75 -24.50
CA PRO F 162 -45.52 -28.70 -23.69
C PRO F 162 -44.62 -29.79 -23.12
N VAL F 163 -45.08 -30.38 -22.01
CA VAL F 163 -44.36 -31.49 -21.42
C VAL F 163 -44.43 -32.71 -22.35
N GLY F 164 -43.40 -33.55 -22.28
CA GLY F 164 -43.28 -34.69 -23.15
C GLY F 164 -42.59 -34.41 -24.46
N THR F 165 -42.25 -33.16 -24.74
CA THR F 165 -41.53 -32.82 -25.96
C THR F 165 -40.11 -33.39 -25.91
N ASP F 166 -39.64 -33.87 -27.06
CA ASP F 166 -38.29 -34.41 -27.14
C ASP F 166 -37.28 -33.31 -26.81
N PRO F 167 -36.24 -33.62 -26.02
CA PRO F 167 -35.26 -32.58 -25.65
C PRO F 167 -34.58 -31.93 -26.85
N ARG F 168 -34.48 -32.63 -27.98
CA ARG F 168 -33.87 -32.03 -29.16
C ARG F 168 -34.66 -30.81 -29.63
N GLU F 169 -35.98 -30.92 -29.67
CA GLU F 169 -36.80 -29.79 -30.09
C GLU F 169 -36.66 -28.62 -29.11
N VAL F 170 -36.66 -28.91 -27.81
CA VAL F 170 -36.53 -27.86 -26.81
C VAL F 170 -35.18 -27.16 -26.95
N PHE F 171 -34.12 -27.93 -27.21
CA PHE F 171 -32.81 -27.35 -27.49
C PHE F 171 -32.85 -26.48 -28.73
N ASP F 172 -33.58 -26.92 -29.76
CA ASP F 172 -33.66 -26.16 -31.00
C ASP F 172 -34.36 -24.82 -30.79
N LEU F 173 -35.47 -24.81 -30.04
CA LEU F 173 -36.20 -23.56 -29.83
C LEU F 173 -35.42 -22.53 -29.02
N LEU F 174 -34.44 -22.98 -28.22
CA LEU F 174 -33.65 -22.08 -27.40
C LEU F 174 -32.38 -21.61 -28.09
N GLU F 175 -32.27 -21.83 -29.41
CA GLU F 175 -31.05 -21.43 -30.13
C GLU F 175 -30.86 -19.93 -30.10
N HIS F 176 -31.93 -19.17 -30.32
CA HIS F 176 -31.85 -17.71 -30.37
C HIS F 176 -32.64 -17.03 -29.26
N ALA F 177 -33.10 -17.79 -28.26
CA ALA F 177 -33.86 -17.20 -27.18
C ALA F 177 -32.95 -16.29 -26.34
N PRO F 178 -33.41 -15.08 -25.98
CA PRO F 178 -32.57 -14.22 -25.14
C PRO F 178 -32.28 -14.81 -23.77
N ILE F 179 -33.19 -15.59 -23.21
CA ILE F 179 -33.00 -16.25 -21.93
C ILE F 179 -32.99 -17.75 -22.16
N ASP F 180 -31.95 -18.42 -21.67
CA ASP F 180 -31.72 -19.84 -21.97
C ASP F 180 -32.46 -20.73 -20.97
N VAL F 181 -33.77 -20.51 -20.87
CA VAL F 181 -34.66 -21.36 -20.10
C VAL F 181 -35.94 -21.57 -20.89
N ALA F 182 -36.48 -22.78 -20.83
CA ALA F 182 -37.73 -23.13 -21.51
C ALA F 182 -38.69 -23.68 -20.47
N VAL F 183 -39.85 -23.03 -20.34
CA VAL F 183 -40.85 -23.45 -19.37
C VAL F 183 -41.71 -24.55 -19.99
N MET F 184 -41.93 -25.62 -19.23
CA MET F 184 -42.77 -26.73 -19.66
C MET F 184 -44.13 -26.62 -18.99
N THR F 185 -45.19 -26.64 -19.80
CA THR F 185 -46.55 -26.47 -19.31
C THR F 185 -47.35 -27.75 -19.52
N ALA F 186 -48.11 -28.13 -18.49
CA ALA F 186 -48.93 -29.32 -18.55
C ALA F 186 -50.07 -29.11 -19.55
N PRO F 187 -50.70 -30.21 -20.01
CA PRO F 187 -51.85 -30.05 -20.92
C PRO F 187 -52.97 -29.21 -20.34
N ASP F 188 -53.13 -29.21 -19.01
CA ASP F 188 -54.04 -28.27 -18.37
C ASP F 188 -53.58 -26.84 -18.62
N GLY F 189 -52.28 -26.59 -18.54
CA GLY F 189 -51.72 -25.26 -18.71
C GLY F 189 -50.98 -24.74 -17.49
N THR F 190 -50.87 -25.52 -16.42
CA THR F 190 -50.15 -25.08 -15.24
C THR F 190 -48.64 -25.31 -15.40
N LEU F 191 -47.87 -24.73 -14.49
CA LEU F 191 -46.42 -24.87 -14.54
C LEU F 191 -46.01 -26.28 -14.16
N ALA F 192 -45.22 -26.92 -15.01
CA ALA F 192 -44.66 -28.23 -14.72
C ALA F 192 -43.16 -28.20 -14.42
N GLY F 193 -42.46 -27.17 -14.85
CA GLY F 193 -41.04 -27.07 -14.61
C GLY F 193 -40.37 -26.20 -15.65
N VAL F 194 -39.04 -26.23 -15.65
CA VAL F 194 -38.24 -25.47 -16.58
C VAL F 194 -37.17 -26.38 -17.16
N LEU F 195 -36.68 -26.02 -18.35
CA LEU F 195 -35.64 -26.77 -19.02
C LEU F 195 -34.68 -25.80 -19.70
N THR F 196 -33.42 -26.21 -19.80
CA THR F 196 -32.38 -25.41 -20.42
C THR F 196 -31.69 -26.22 -21.51
N ARG F 197 -30.88 -25.54 -22.32
CA ARG F 197 -30.12 -26.22 -23.35
C ARG F 197 -29.15 -27.22 -22.74
N THR F 198 -28.43 -26.81 -21.68
CA THR F 198 -27.52 -27.72 -21.00
C THR F 198 -28.29 -28.86 -20.35
N GLY F 199 -29.45 -28.57 -19.75
CA GLY F 199 -30.27 -29.63 -19.19
C GLY F 199 -30.79 -30.58 -20.25
N ALA F 200 -31.18 -30.05 -21.40
CA ALA F 200 -31.62 -30.91 -22.50
C ALA F 200 -30.49 -31.82 -22.98
N ILE F 201 -29.28 -31.28 -23.05
CA ILE F 201 -28.13 -32.11 -23.43
C ILE F 201 -27.88 -33.19 -22.37
N ARG F 202 -27.94 -32.83 -21.09
CA ARG F 202 -27.68 -33.78 -20.02
C ARG F 202 -28.75 -34.86 -19.95
N ALA F 203 -29.97 -34.55 -20.39
CA ALA F 203 -31.06 -35.52 -20.30
C ALA F 203 -30.75 -36.78 -21.09
N GLY F 204 -30.05 -36.65 -22.21
CA GLY F 204 -29.68 -37.79 -23.02
C GLY F 204 -28.41 -38.51 -22.61
N ILE F 205 -27.72 -38.03 -21.58
CA ILE F 205 -26.46 -38.61 -21.13
C ILE F 205 -26.63 -39.34 -19.81
N TYR F 206 -27.28 -38.71 -18.83
CA TYR F 206 -27.44 -39.26 -17.49
C TYR F 206 -28.78 -39.97 -17.38
N THR F 207 -28.75 -41.20 -16.88
CA THR F 207 -29.97 -41.95 -16.60
C THR F 207 -30.33 -41.77 -15.14
N PRO F 208 -31.50 -41.21 -14.82
CA PRO F 208 -31.84 -40.97 -13.41
C PRO F 208 -31.92 -42.26 -12.62
N ALA F 209 -31.52 -42.17 -11.35
CA ALA F 209 -31.61 -43.29 -10.42
C ALA F 209 -33.01 -43.33 -9.82
N VAL F 210 -33.75 -44.39 -10.11
CA VAL F 210 -35.15 -44.50 -9.70
C VAL F 210 -35.36 -45.81 -8.96
N ASP F 211 -36.40 -45.83 -8.13
CA ASP F 211 -36.77 -47.01 -7.38
C ASP F 211 -37.66 -47.91 -8.24
N ALA F 212 -38.29 -48.92 -7.61
CA ALA F 212 -39.16 -49.82 -8.34
C ALA F 212 -40.41 -49.12 -8.87
N LYS F 213 -40.80 -48.00 -8.28
CA LYS F 213 -41.99 -47.27 -8.72
C LYS F 213 -41.66 -46.17 -9.72
N GLY F 214 -40.40 -46.01 -10.10
CA GLY F 214 -40.02 -44.98 -11.05
C GLY F 214 -39.88 -43.60 -10.48
N ARG F 215 -39.59 -43.48 -9.18
CA ARG F 215 -39.40 -42.19 -8.53
C ARG F 215 -37.96 -42.06 -8.06
N LEU F 216 -37.51 -40.80 -7.97
CA LEU F 216 -36.12 -40.52 -7.61
C LEU F 216 -35.78 -41.11 -6.25
N ARG F 217 -34.59 -41.70 -6.16
CA ARG F 217 -34.15 -42.37 -4.94
C ARG F 217 -33.60 -41.35 -3.95
N ILE F 218 -33.67 -41.71 -2.67
CA ILE F 218 -33.16 -40.87 -1.59
C ILE F 218 -32.80 -41.77 -0.41
N ALA F 219 -31.85 -41.32 0.41
CA ALA F 219 -31.37 -42.09 1.54
C ALA F 219 -31.36 -41.21 2.78
N ALA F 220 -31.39 -41.86 3.94
CA ALA F 220 -31.39 -41.18 5.23
C ALA F 220 -30.37 -41.85 6.15
N ALA F 221 -29.82 -41.05 7.07
CA ALA F 221 -28.80 -41.52 7.99
C ALA F 221 -29.33 -41.56 9.42
N VAL F 222 -28.83 -42.52 10.20
CA VAL F 222 -29.21 -42.68 11.59
C VAL F 222 -27.96 -42.74 12.45
N GLY F 223 -28.10 -42.32 13.70
CA GLY F 223 -27.02 -42.45 14.67
C GLY F 223 -27.08 -43.76 15.41
N ILE F 224 -26.20 -43.89 16.40
CA ILE F 224 -26.15 -45.07 17.25
C ILE F 224 -26.60 -44.79 18.67
N ASN F 225 -27.01 -43.56 18.97
CA ASN F 225 -27.53 -43.22 20.27
C ASN F 225 -29.04 -43.42 20.33
N GLY F 226 -29.54 -43.72 21.52
CA GLY F 226 -30.97 -43.94 21.68
C GLY F 226 -31.42 -45.24 21.03
N ASP F 227 -32.70 -45.28 20.66
CA ASP F 227 -33.29 -46.46 20.03
C ASP F 227 -32.99 -46.40 18.54
N VAL F 228 -31.97 -47.14 18.11
CA VAL F 228 -31.58 -47.14 16.70
C VAL F 228 -32.63 -47.86 15.87
N GLY F 229 -33.16 -48.98 16.37
CA GLY F 229 -34.11 -49.76 15.59
C GLY F 229 -35.39 -49.00 15.31
N ALA F 230 -35.92 -48.29 16.31
CA ALA F 230 -37.15 -47.53 16.11
C ALA F 230 -36.95 -46.43 15.07
N LYS F 231 -35.84 -45.70 15.16
CA LYS F 231 -35.57 -44.64 14.19
C LYS F 231 -35.40 -45.21 12.80
N ALA F 232 -34.68 -46.34 12.68
CA ALA F 232 -34.49 -46.95 11.37
C ALA F 232 -35.81 -47.41 10.78
N GLN F 233 -36.67 -48.02 11.58
CA GLN F 233 -37.97 -48.46 11.09
C GLN F 233 -38.82 -47.27 10.67
N ALA F 234 -38.80 -46.20 11.47
CA ALA F 234 -39.58 -45.01 11.13
C ALA F 234 -39.11 -44.37 9.83
N LEU F 235 -37.79 -44.31 9.63
CA LEU F 235 -37.27 -43.73 8.40
C LEU F 235 -37.56 -44.64 7.20
N ALA F 236 -37.51 -45.96 7.40
CA ALA F 236 -37.87 -46.87 6.33
C ALA F 236 -39.33 -46.71 5.93
N GLU F 237 -40.21 -46.54 6.92
CA GLU F 237 -41.61 -46.30 6.62
C GLU F 237 -41.83 -44.95 5.94
N ALA F 238 -40.92 -43.99 6.16
CA ALA F 238 -41.05 -42.67 5.56
C ALA F 238 -40.75 -42.67 4.07
N GLY F 239 -40.18 -43.75 3.53
CA GLY F 239 -39.89 -43.84 2.11
C GLY F 239 -38.42 -43.83 1.74
N ALA F 240 -37.51 -43.91 2.71
CA ALA F 240 -36.09 -43.94 2.40
C ALA F 240 -35.73 -45.23 1.66
N ASP F 241 -34.89 -45.09 0.63
CA ASP F 241 -34.48 -46.23 -0.18
C ASP F 241 -33.20 -46.90 0.32
N LEU F 242 -32.49 -46.28 1.26
CA LEU F 242 -31.26 -46.86 1.78
C LEU F 242 -30.95 -46.22 3.12
N LEU F 243 -30.43 -47.02 4.05
CA LEU F 243 -30.16 -46.57 5.42
C LEU F 243 -28.66 -46.57 5.67
N VAL F 244 -28.18 -45.49 6.30
CA VAL F 244 -26.78 -45.33 6.67
C VAL F 244 -26.71 -45.13 8.17
N ILE F 245 -25.85 -45.91 8.84
CA ILE F 245 -25.59 -45.76 10.26
C ILE F 245 -24.17 -45.21 10.39
N ASP F 246 -24.07 -43.91 10.66
CA ASP F 246 -22.79 -43.19 10.62
C ASP F 246 -22.33 -42.88 12.03
N THR F 247 -21.05 -43.14 12.31
CA THR F 247 -20.43 -42.78 13.56
C THR F 247 -18.95 -42.53 13.33
N ALA F 248 -18.33 -41.80 14.26
CA ALA F 248 -16.92 -41.45 14.10
C ALA F 248 -16.03 -42.68 14.13
N HIS F 249 -16.29 -43.60 15.05
CA HIS F 249 -15.49 -44.82 15.21
C HIS F 249 -16.44 -46.01 15.06
N GLY F 250 -16.39 -46.66 13.89
CA GLY F 250 -17.31 -47.75 13.61
C GLY F 250 -16.90 -49.11 14.14
N HIS F 251 -15.69 -49.23 14.67
CA HIS F 251 -15.22 -50.52 15.20
C HIS F 251 -15.38 -50.53 16.72
N GLN F 252 -16.64 -50.51 17.16
CA GLN F 252 -16.96 -50.54 18.57
C GLN F 252 -18.20 -51.38 18.80
N ALA F 253 -18.40 -51.76 20.07
CA ALA F 253 -19.53 -52.62 20.43
C ALA F 253 -20.87 -51.97 20.08
N LYS F 254 -21.08 -50.74 20.53
CA LYS F 254 -22.30 -49.99 20.24
C LYS F 254 -22.69 -50.08 18.77
N MET F 255 -21.74 -49.79 17.88
CA MET F 255 -22.00 -49.86 16.44
C MET F 255 -22.54 -51.23 16.04
N LEU F 256 -21.86 -52.29 16.48
CA LEU F 256 -22.27 -53.65 16.10
C LEU F 256 -23.66 -53.97 16.64
N ASP F 257 -23.95 -53.55 17.88
CA ASP F 257 -25.28 -53.78 18.44
C ASP F 257 -26.35 -53.04 17.65
N ALA F 258 -26.07 -51.81 17.24
CA ALA F 258 -27.01 -51.06 16.40
C ALA F 258 -27.21 -51.75 15.07
N ILE F 259 -26.14 -52.27 14.46
CA ILE F 259 -26.27 -52.99 13.19
C ILE F 259 -27.16 -54.21 13.37
N LYS F 260 -26.94 -54.96 14.45
CA LYS F 260 -27.74 -56.16 14.69
C LYS F 260 -29.21 -55.79 14.90
N ALA F 261 -29.47 -54.73 15.67
CA ALA F 261 -30.85 -54.31 15.92
C ALA F 261 -31.53 -53.88 14.63
N VAL F 262 -30.83 -53.14 13.78
CA VAL F 262 -31.42 -52.70 12.52
C VAL F 262 -31.68 -53.90 11.60
N ALA F 263 -30.72 -54.83 11.52
CA ALA F 263 -30.87 -55.98 10.64
C ALA F 263 -31.95 -56.94 11.13
N SER F 264 -32.21 -56.96 12.44
CA SER F 264 -33.25 -57.83 12.96
C SER F 264 -34.65 -57.43 12.50
N LEU F 265 -34.84 -56.19 12.07
CA LEU F 265 -36.16 -55.73 11.64
C LEU F 265 -36.53 -56.23 10.25
N ASP F 266 -35.56 -56.69 9.46
CA ASP F 266 -35.80 -57.20 8.11
C ASP F 266 -36.52 -56.18 7.25
N LEU F 267 -36.03 -54.93 7.29
CA LEU F 267 -36.65 -53.87 6.49
C LEU F 267 -36.46 -54.10 5.00
N GLY F 268 -35.42 -54.83 4.61
CA GLY F 268 -35.16 -55.12 3.21
C GLY F 268 -34.32 -54.08 2.50
N LEU F 269 -34.02 -52.95 3.14
CA LEU F 269 -33.19 -51.92 2.52
C LEU F 269 -31.71 -52.22 2.72
N PRO F 270 -30.86 -51.77 1.81
CA PRO F 270 -29.41 -51.92 2.01
C PRO F 270 -28.95 -51.12 3.22
N LEU F 271 -27.93 -51.65 3.90
CA LEU F 271 -27.40 -51.07 5.12
C LEU F 271 -25.97 -50.60 4.89
N VAL F 272 -25.68 -49.37 5.27
CA VAL F 272 -24.35 -48.79 5.17
C VAL F 272 -23.88 -48.45 6.58
N ALA F 273 -22.69 -48.93 6.94
CA ALA F 273 -22.15 -48.74 8.27
C ALA F 273 -20.69 -48.29 8.19
N GLY F 274 -20.29 -47.49 9.16
CA GLY F 274 -18.92 -47.00 9.21
C GLY F 274 -18.72 -46.16 10.46
N ASN F 275 -17.51 -45.63 10.58
CA ASN F 275 -16.45 -45.81 9.60
C ASN F 275 -15.30 -46.62 10.18
N VAL F 276 -14.69 -47.46 9.34
CA VAL F 276 -13.52 -48.25 9.73
C VAL F 276 -12.46 -48.11 8.64
N VAL F 277 -11.21 -48.31 9.05
CA VAL F 277 -10.08 -48.20 8.13
C VAL F 277 -9.21 -49.45 8.23
N SER F 278 -9.79 -50.55 8.69
CA SER F 278 -9.06 -51.80 8.86
C SER F 278 -9.90 -52.95 8.31
N ALA F 279 -9.20 -54.02 7.90
CA ALA F 279 -9.88 -55.20 7.38
C ALA F 279 -10.70 -55.88 8.48
N GLU F 280 -10.18 -55.91 9.71
CA GLU F 280 -10.91 -56.51 10.81
C GLU F 280 -12.22 -55.76 11.08
N GLY F 281 -12.19 -54.43 10.98
CA GLY F 281 -13.41 -53.67 11.16
C GLY F 281 -14.46 -53.98 10.11
N THR F 282 -14.04 -54.11 8.85
CA THR F 282 -14.97 -54.46 7.78
C THR F 282 -15.53 -55.86 7.99
N ARG F 283 -14.68 -56.81 8.42
CA ARG F 283 -15.16 -58.16 8.68
C ARG F 283 -16.18 -58.16 9.81
N ASP F 284 -15.93 -57.38 10.87
CA ASP F 284 -16.87 -57.31 11.98
C ASP F 284 -18.19 -56.67 11.56
N LEU F 285 -18.12 -55.60 10.75
CA LEU F 285 -19.35 -54.92 10.33
C LEU F 285 -20.17 -55.78 9.38
N ILE F 286 -19.52 -56.45 8.44
CA ILE F 286 -20.24 -57.27 7.47
C ILE F 286 -20.90 -58.45 8.17
N GLU F 287 -20.18 -59.12 9.07
CA GLU F 287 -20.77 -60.23 9.80
C GLU F 287 -21.92 -59.79 10.68
N ALA F 288 -21.89 -58.55 11.15
CA ALA F 288 -22.99 -58.04 11.98
C ALA F 288 -24.26 -57.81 11.17
N GLY F 289 -24.15 -57.71 9.85
CA GLY F 289 -25.34 -57.55 9.02
C GLY F 289 -25.29 -56.36 8.07
N ALA F 290 -24.15 -55.67 8.03
CA ALA F 290 -24.01 -54.51 7.15
C ALA F 290 -23.63 -54.96 5.74
N SER F 291 -24.44 -54.54 4.75
CA SER F 291 -24.15 -54.89 3.37
C SER F 291 -23.01 -54.05 2.80
N ILE F 292 -22.95 -52.77 3.17
CA ILE F 292 -21.96 -51.84 2.65
C ILE F 292 -21.22 -51.23 3.84
N VAL F 293 -19.90 -51.16 3.74
CA VAL F 293 -19.05 -50.64 4.81
C VAL F 293 -18.53 -49.28 4.39
N LYS F 294 -18.68 -48.29 5.27
CA LYS F 294 -18.17 -46.95 5.03
C LYS F 294 -16.72 -46.87 5.50
N VAL F 295 -15.85 -46.34 4.64
CA VAL F 295 -14.41 -46.37 4.87
C VAL F 295 -13.88 -44.96 4.96
N GLY F 296 -13.11 -44.68 6.00
CA GLY F 296 -12.41 -43.41 6.12
C GLY F 296 -12.53 -42.77 7.49
N VAL F 297 -11.39 -42.54 8.14
CA VAL F 297 -11.34 -41.87 9.44
C VAL F 297 -10.15 -40.92 9.42
N GLY F 298 -10.40 -39.63 9.23
CA GLY F 298 -9.33 -38.66 9.17
C GLY F 298 -9.28 -37.78 7.93
N PRO F 299 -9.49 -38.34 6.72
CA PRO F 299 -9.36 -37.50 5.52
C PRO F 299 -10.53 -36.55 5.29
N GLY F 300 -11.49 -36.47 6.20
CA GLY F 300 -12.54 -35.47 6.05
C GLY F 300 -11.97 -34.07 6.09
N ALA F 301 -12.53 -33.20 5.24
CA ALA F 301 -12.03 -31.83 5.15
C ALA F 301 -12.27 -31.04 6.42
N MET F 302 -13.25 -31.44 7.23
CA MET F 302 -13.54 -30.80 8.50
C MET F 302 -13.21 -31.67 9.69
N CYS F 303 -12.53 -32.80 9.46
CA CYS F 303 -12.17 -33.72 10.54
C CYS F 303 -10.83 -33.30 11.14
N THR F 304 -10.80 -33.15 12.46
CA THR F 304 -9.61 -32.74 13.19
C THR F 304 -9.04 -33.87 14.04
N THR F 305 -9.42 -35.12 13.74
CA THR F 305 -8.98 -36.24 14.54
C THR F 305 -7.46 -36.41 14.50
N ARG F 306 -6.87 -36.18 13.32
CA ARG F 306 -5.42 -36.33 13.20
C ARG F 306 -4.67 -35.28 13.98
N MET F 307 -5.25 -34.10 14.16
CA MET F 307 -4.60 -33.04 14.92
C MET F 307 -4.92 -33.11 16.40
N MET F 308 -6.13 -33.57 16.75
CA MET F 308 -6.50 -33.71 18.15
C MET F 308 -5.95 -34.99 18.77
N THR F 309 -5.83 -36.06 17.98
CA THR F 309 -5.53 -37.39 18.52
C THR F 309 -4.42 -38.12 17.78
N GLY F 310 -4.05 -37.71 16.57
CA GLY F 310 -3.10 -38.48 15.80
C GLY F 310 -3.64 -39.79 15.28
N VAL F 311 -4.93 -40.04 15.43
CA VAL F 311 -5.55 -41.29 14.99
C VAL F 311 -6.10 -41.08 13.58
N GLY F 312 -5.80 -42.02 12.69
CA GLY F 312 -6.23 -41.92 11.32
C GLY F 312 -5.45 -42.88 10.45
N ARG F 313 -5.64 -42.72 9.14
CA ARG F 313 -4.96 -43.56 8.17
C ARG F 313 -5.07 -42.94 6.78
N PRO F 314 -4.02 -42.97 5.97
CA PRO F 314 -4.13 -42.49 4.59
C PRO F 314 -5.22 -43.24 3.84
N GLN F 315 -5.95 -42.50 2.99
CA GLN F 315 -7.20 -43.02 2.44
C GLN F 315 -6.97 -44.17 1.47
N PHE F 316 -5.93 -44.11 0.64
CA PHE F 316 -5.78 -45.10 -0.42
C PHE F 316 -5.54 -46.50 0.15
N SER F 317 -4.61 -46.62 1.10
CA SER F 317 -4.31 -47.94 1.67
C SER F 317 -5.51 -48.49 2.43
N ALA F 318 -6.18 -47.64 3.20
CA ALA F 318 -7.37 -48.08 3.93
C ALA F 318 -8.44 -48.56 2.97
N VAL F 319 -8.67 -47.82 1.87
CA VAL F 319 -9.70 -48.20 0.92
C VAL F 319 -9.36 -49.51 0.24
N VAL F 320 -8.09 -49.70 -0.18
CA VAL F 320 -7.75 -50.95 -0.85
C VAL F 320 -7.88 -52.13 0.10
N GLU F 321 -7.42 -51.97 1.36
CA GLU F 321 -7.53 -53.07 2.31
C GLU F 321 -8.98 -53.41 2.61
N CYS F 322 -9.80 -52.39 2.85
CA CYS F 322 -11.21 -52.62 3.15
C CYS F 322 -11.94 -53.23 1.97
N ALA F 323 -11.63 -52.79 0.75
CA ALA F 323 -12.26 -53.35 -0.43
C ALA F 323 -11.88 -54.81 -0.61
N ALA F 324 -10.60 -55.14 -0.42
CA ALA F 324 -10.19 -56.54 -0.51
C ALA F 324 -10.90 -57.39 0.53
N ALA F 325 -10.98 -56.90 1.77
CA ALA F 325 -11.64 -57.66 2.83
C ALA F 325 -13.12 -57.86 2.52
N ALA F 326 -13.79 -56.81 2.05
CA ALA F 326 -15.21 -56.91 1.73
C ALA F 326 -15.46 -57.88 0.59
N ARG F 327 -14.75 -57.69 -0.54
CA ARG F 327 -14.89 -58.59 -1.67
C ARG F 327 -14.63 -60.03 -1.26
N GLN F 328 -13.67 -60.25 -0.35
CA GLN F 328 -13.43 -61.60 0.16
C GLN F 328 -14.71 -62.18 0.76
N LEU F 329 -15.41 -61.39 1.57
CA LEU F 329 -16.67 -61.80 2.18
C LEU F 329 -17.88 -61.44 1.34
N GLY F 330 -17.68 -60.97 0.11
CA GLY F 330 -18.80 -60.62 -0.76
C GLY F 330 -19.52 -59.36 -0.36
N GLY F 331 -18.78 -58.32 0.04
CA GLY F 331 -19.39 -57.05 0.39
C GLY F 331 -18.91 -55.91 -0.48
N HIS F 332 -19.27 -54.68 -0.11
CA HIS F 332 -18.87 -53.50 -0.85
C HIS F 332 -18.45 -52.41 0.14
N VAL F 333 -17.61 -51.49 -0.34
CA VAL F 333 -17.11 -50.40 0.48
C VAL F 333 -17.34 -49.08 -0.24
N TRP F 334 -17.40 -48.01 0.55
CA TRP F 334 -17.56 -46.65 0.05
C TRP F 334 -16.39 -45.80 0.51
N ALA F 335 -15.86 -44.99 -0.41
CA ALA F 335 -14.81 -44.04 -0.09
C ALA F 335 -15.43 -42.75 0.43
N ASP F 336 -15.05 -42.34 1.64
CA ASP F 336 -15.62 -41.18 2.30
C ASP F 336 -14.52 -40.21 2.66
N GLY F 337 -14.64 -38.97 2.19
CA GLY F 337 -13.73 -37.91 2.56
C GLY F 337 -12.47 -37.90 1.70
N GLY F 338 -11.81 -36.74 1.69
CA GLY F 338 -10.56 -36.58 0.99
C GLY F 338 -10.66 -36.31 -0.49
N VAL F 339 -11.86 -36.09 -1.01
CA VAL F 339 -12.06 -35.86 -2.44
C VAL F 339 -11.97 -34.38 -2.72
N ARG F 340 -11.06 -33.99 -3.62
CA ARG F 340 -10.91 -32.59 -4.00
C ARG F 340 -10.98 -32.46 -5.52
N HIS F 341 -10.59 -33.51 -6.22
CA HIS F 341 -10.49 -33.51 -7.68
C HIS F 341 -11.04 -34.82 -8.20
N PRO F 342 -11.43 -34.87 -9.48
CA PRO F 342 -11.86 -36.16 -10.06
C PRO F 342 -10.79 -37.23 -10.02
N ARG F 343 -9.51 -36.86 -9.91
CA ARG F 343 -8.45 -37.84 -9.73
C ARG F 343 -8.70 -38.68 -8.50
N ASP F 344 -9.15 -38.06 -7.40
CA ASP F 344 -9.43 -38.81 -6.18
C ASP F 344 -10.54 -39.82 -6.40
N VAL F 345 -11.61 -39.44 -7.10
CA VAL F 345 -12.71 -40.35 -7.36
C VAL F 345 -12.24 -41.51 -8.24
N ALA F 346 -11.46 -41.20 -9.28
CA ALA F 346 -10.97 -42.25 -10.16
C ALA F 346 -10.07 -43.23 -9.42
N LEU F 347 -9.19 -42.70 -8.56
CA LEU F 347 -8.29 -43.57 -7.80
C LEU F 347 -9.06 -44.42 -6.79
N ALA F 348 -10.08 -43.84 -6.15
CA ALA F 348 -10.89 -44.61 -5.21
C ALA F 348 -11.64 -45.73 -5.93
N LEU F 349 -12.18 -45.43 -7.11
CA LEU F 349 -12.86 -46.47 -7.88
C LEU F 349 -11.88 -47.55 -8.31
N ALA F 350 -10.69 -47.16 -8.76
CA ALA F 350 -9.67 -48.15 -9.12
C ALA F 350 -9.19 -48.92 -7.90
N ALA F 351 -9.25 -48.31 -6.72
CA ALA F 351 -8.83 -48.99 -5.49
C ALA F 351 -9.72 -50.17 -5.17
N GLY F 352 -10.99 -50.12 -5.56
CA GLY F 352 -11.91 -51.22 -5.31
C GLY F 352 -13.22 -50.77 -4.71
N ALA F 353 -13.35 -49.48 -4.44
CA ALA F 353 -14.58 -48.96 -3.87
C ALA F 353 -15.71 -49.00 -4.90
N SER F 354 -16.93 -49.21 -4.40
CA SER F 354 -18.11 -49.22 -5.26
C SER F 354 -18.69 -47.83 -5.48
N ASN F 355 -18.61 -46.97 -4.47
CA ASN F 355 -19.08 -45.59 -4.58
C ASN F 355 -18.11 -44.67 -3.86
N VAL F 356 -18.15 -43.40 -4.22
CA VAL F 356 -17.29 -42.38 -3.63
C VAL F 356 -18.20 -41.30 -3.05
N MET F 357 -18.22 -41.19 -1.73
CA MET F 357 -19.03 -40.21 -1.04
C MET F 357 -18.29 -38.88 -0.99
N ILE F 358 -18.85 -37.86 -1.64
CA ILE F 358 -18.26 -36.52 -1.69
C ILE F 358 -18.97 -35.63 -0.68
N GLY F 359 -18.19 -34.88 0.09
CA GLY F 359 -18.75 -34.05 1.14
C GLY F 359 -18.69 -32.56 0.89
N SER F 360 -17.71 -31.89 1.49
CA SER F 360 -17.65 -30.43 1.48
C SER F 360 -17.40 -29.85 0.11
N TRP F 361 -16.99 -30.65 -0.88
CA TRP F 361 -16.77 -30.13 -2.22
C TRP F 361 -18.06 -29.60 -2.82
N PHE F 362 -19.17 -30.31 -2.63
CA PHE F 362 -20.46 -29.91 -3.17
C PHE F 362 -21.08 -28.75 -2.39
N ALA F 363 -20.51 -28.36 -1.25
CA ALA F 363 -21.08 -27.27 -0.47
C ALA F 363 -20.95 -25.93 -1.20
N GLY F 364 -19.96 -25.79 -2.08
CA GLY F 364 -19.79 -24.57 -2.83
C GLY F 364 -20.59 -24.56 -4.12
N THR F 365 -21.88 -24.86 -4.03
CA THR F 365 -22.77 -24.89 -5.17
C THR F 365 -24.06 -24.16 -4.84
N TYR F 366 -24.82 -23.83 -5.89
CA TYR F 366 -26.11 -23.17 -5.69
C TYR F 366 -27.09 -24.07 -4.94
N GLU F 367 -27.08 -25.37 -5.24
CA GLU F 367 -28.06 -26.28 -4.67
C GLU F 367 -27.81 -26.57 -3.19
N SER F 368 -26.67 -26.18 -2.64
CA SER F 368 -26.40 -26.45 -1.24
C SER F 368 -27.31 -25.60 -0.36
N PRO F 369 -27.75 -26.13 0.79
CA PRO F 369 -28.68 -25.37 1.64
C PRO F 369 -28.09 -24.09 2.21
N GLY F 370 -26.76 -23.97 2.27
CA GLY F 370 -26.17 -22.77 2.83
C GLY F 370 -26.50 -21.54 2.01
N ASP F 371 -26.68 -20.41 2.71
CA ASP F 371 -26.99 -19.17 2.03
C ASP F 371 -25.79 -18.63 1.28
N LEU F 372 -26.03 -18.09 0.09
CA LEU F 372 -24.95 -17.55 -0.71
C LEU F 372 -24.40 -16.26 -0.10
N LEU F 373 -23.08 -16.16 -0.05
CA LEU F 373 -22.40 -14.99 0.51
C LEU F 373 -21.37 -14.48 -0.48
N PHE F 374 -21.09 -13.19 -0.40
CA PHE F 374 -20.12 -12.54 -1.27
C PHE F 374 -18.93 -12.04 -0.46
N ASP F 375 -17.73 -12.28 -0.98
CA ASP F 375 -16.51 -11.90 -0.30
C ASP F 375 -16.28 -10.39 -0.43
N ARG F 376 -15.13 -9.94 0.09
CA ARG F 376 -14.80 -8.52 -0.02
C ARG F 376 -14.62 -8.10 -1.47
N ASP F 377 -14.11 -8.98 -2.32
CA ASP F 377 -13.95 -8.71 -3.74
C ASP F 377 -15.17 -9.15 -4.56
N ASP F 378 -16.33 -9.27 -3.92
CA ASP F 378 -17.59 -9.64 -4.57
C ASP F 378 -17.54 -11.05 -5.16
N ARG F 379 -16.58 -11.87 -4.73
CA ARG F 379 -16.52 -13.25 -5.19
C ARG F 379 -17.53 -14.10 -4.41
N PRO F 380 -18.43 -14.80 -5.08
CA PRO F 380 -19.43 -15.60 -4.35
C PRO F 380 -18.78 -16.77 -3.63
N TYR F 381 -19.32 -17.09 -2.45
CA TYR F 381 -18.83 -18.22 -1.66
C TYR F 381 -19.93 -18.63 -0.69
N LYS F 382 -19.77 -19.84 -0.15
CA LYS F 382 -20.69 -20.37 0.84
C LYS F 382 -19.90 -21.03 1.96
N GLU F 383 -20.40 -20.92 3.18
CA GLU F 383 -19.75 -21.50 4.33
C GLU F 383 -20.20 -22.95 4.53
N SER F 384 -19.24 -23.81 4.86
CA SER F 384 -19.50 -25.21 5.14
C SER F 384 -18.95 -25.56 6.51
N TYR F 385 -19.53 -26.58 7.13
CA TYR F 385 -19.13 -26.97 8.48
C TYR F 385 -19.36 -28.46 8.67
N GLY F 386 -18.63 -29.03 9.63
CA GLY F 386 -18.69 -30.45 9.90
C GLY F 386 -19.78 -30.83 10.88
N MET F 387 -20.05 -32.13 10.94
CA MET F 387 -21.18 -32.63 11.72
C MET F 387 -20.88 -32.69 13.21
N ALA F 388 -19.60 -32.60 13.60
CA ALA F 388 -19.18 -32.54 15.00
C ALA F 388 -19.84 -33.62 15.85
N SER F 389 -20.51 -33.19 16.92
CA SER F 389 -20.98 -34.13 17.94
C SER F 389 -22.02 -35.11 17.40
N LYS F 390 -22.73 -34.75 16.34
CA LYS F 390 -23.73 -35.65 15.75
C LYS F 390 -23.13 -36.99 15.36
N ARG F 391 -21.83 -37.04 15.09
CA ARG F 391 -21.15 -38.29 14.76
C ARG F 391 -20.54 -38.97 15.97
N ALA F 392 -20.64 -38.37 17.15
CA ALA F 392 -20.02 -38.90 18.37
C ALA F 392 -21.04 -39.68 19.18
N VAL F 393 -20.53 -40.50 20.10
CA VAL F 393 -21.37 -41.30 20.97
C VAL F 393 -21.81 -40.45 22.16
N ALA F 394 -23.13 -40.39 22.37
CA ALA F 394 -23.68 -39.61 23.47
C ALA F 394 -23.45 -40.32 24.81
N SER F 401 -30.44 -30.92 32.88
CA SER F 401 -29.61 -30.17 33.82
C SER F 401 -28.52 -29.41 33.07
N SER F 402 -28.59 -28.08 33.17
CA SER F 402 -27.58 -27.22 32.55
C SER F 402 -26.16 -27.63 32.96
N PHE F 403 -25.98 -28.01 34.22
CA PHE F 403 -24.66 -28.39 34.70
C PHE F 403 -24.13 -29.61 33.95
N ASP F 404 -24.96 -30.66 33.82
CA ASP F 404 -24.53 -31.84 33.10
C ASP F 404 -24.30 -31.55 31.62
N ARG F 405 -25.15 -30.70 31.03
CA ARG F 405 -24.98 -30.33 29.63
C ARG F 405 -23.64 -29.63 29.42
N ALA F 406 -23.30 -28.67 30.29
CA ALA F 406 -22.03 -27.97 30.17
C ALA F 406 -20.86 -28.91 30.41
N ARG F 407 -20.98 -29.81 31.38
CA ARG F 407 -19.90 -30.77 31.65
C ARG F 407 -19.66 -31.66 30.44
N LYS F 408 -20.73 -32.13 29.79
CA LYS F 408 -20.58 -32.96 28.60
C LYS F 408 -20.00 -32.16 27.44
N GLY F 409 -20.43 -30.90 27.29
CA GLY F 409 -19.95 -30.08 26.21
C GLY F 409 -18.57 -29.49 26.40
N LEU F 410 -17.99 -29.60 27.59
CA LEU F 410 -16.65 -29.10 27.82
C LEU F 410 -15.63 -29.84 26.97
N PHE F 411 -15.76 -31.16 26.87
CA PHE F 411 -14.83 -31.99 26.10
C PHE F 411 -15.29 -32.21 24.66
N GLU F 412 -16.45 -31.70 24.28
CA GLU F 412 -16.95 -31.90 22.92
C GLU F 412 -16.09 -31.14 21.92
N GLU F 413 -15.90 -31.74 20.75
CA GLU F 413 -15.10 -31.12 19.71
C GLU F 413 -15.82 -29.92 19.11
N GLY F 414 -15.05 -28.88 18.78
CA GLY F 414 -15.63 -27.70 18.18
C GLY F 414 -16.04 -27.93 16.74
N ILE F 415 -16.91 -27.05 16.25
CA ILE F 415 -17.42 -27.12 14.90
C ILE F 415 -16.45 -26.39 13.98
N SER F 416 -15.82 -27.13 13.08
CA SER F 416 -14.90 -26.53 12.11
C SER F 416 -15.69 -25.84 11.01
N THR F 417 -15.08 -24.80 10.43
CA THR F 417 -15.71 -24.05 9.35
C THR F 417 -14.66 -23.60 8.35
N SER F 418 -15.08 -23.43 7.10
CA SER F 418 -14.20 -22.97 6.04
C SER F 418 -15.05 -22.40 4.93
N ARG F 419 -14.41 -21.59 4.07
CA ARG F 419 -15.08 -20.94 2.97
C ARG F 419 -14.86 -21.75 1.69
N MET F 420 -15.95 -22.02 0.97
CA MET F 420 -15.91 -22.75 -0.30
C MET F 420 -16.33 -21.80 -1.41
N SER F 421 -15.36 -21.42 -2.24
CA SER F 421 -15.64 -20.48 -3.32
C SER F 421 -16.42 -21.16 -4.44
N LEU F 422 -17.27 -20.38 -5.11
CA LEU F 422 -18.08 -20.87 -6.22
C LEU F 422 -17.36 -20.58 -7.54
N ASP F 423 -17.17 -21.62 -8.33
CA ASP F 423 -16.56 -21.44 -9.64
C ASP F 423 -17.54 -20.74 -10.57
N PRO F 424 -17.14 -19.64 -11.22
CA PRO F 424 -18.08 -18.94 -12.11
C PRO F 424 -18.60 -19.80 -13.24
N ALA F 425 -17.77 -20.71 -13.77
CA ALA F 425 -18.20 -21.62 -14.83
C ALA F 425 -18.81 -22.91 -14.30
N ARG F 426 -18.69 -23.18 -13.00
CA ARG F 426 -19.22 -24.39 -12.39
C ARG F 426 -20.00 -24.05 -11.12
N GLY F 427 -20.89 -23.06 -11.22
CA GLY F 427 -21.67 -22.67 -10.07
C GLY F 427 -22.60 -23.76 -9.59
N GLY F 428 -23.25 -24.46 -10.53
CA GLY F 428 -24.16 -25.51 -10.16
C GLY F 428 -23.46 -26.83 -9.90
N VAL F 429 -24.16 -27.71 -9.16
CA VAL F 429 -23.61 -29.02 -8.85
C VAL F 429 -23.59 -29.92 -10.09
N GLU F 430 -24.43 -29.64 -11.08
CA GLU F 430 -24.42 -30.42 -12.31
C GLU F 430 -23.11 -30.26 -13.06
N ASP F 431 -22.51 -29.06 -13.02
CA ASP F 431 -21.20 -28.87 -13.65
C ASP F 431 -20.13 -29.72 -12.97
N LEU F 432 -20.15 -29.78 -11.64
CA LEU F 432 -19.21 -30.63 -10.93
C LEU F 432 -19.45 -32.10 -11.25
N LEU F 433 -20.71 -32.51 -11.37
CA LEU F 433 -21.02 -33.87 -11.76
C LEU F 433 -20.48 -34.18 -13.15
N ASP F 434 -20.62 -33.24 -14.09
CA ASP F 434 -20.07 -33.42 -15.42
C ASP F 434 -18.55 -33.54 -15.37
N HIS F 435 -17.91 -32.70 -14.56
CA HIS F 435 -16.46 -32.76 -14.39
C HIS F 435 -16.03 -34.13 -13.90
N ILE F 436 -16.66 -34.62 -12.84
CA ILE F 436 -16.26 -35.90 -12.24
C ILE F 436 -16.53 -37.05 -13.19
N THR F 437 -17.70 -37.04 -13.86
CA THR F 437 -18.02 -38.12 -14.78
C THR F 437 -17.07 -38.13 -15.97
N SER F 438 -16.71 -36.96 -16.50
CA SER F 438 -15.74 -36.90 -17.58
C SER F 438 -14.39 -37.45 -17.14
N GLY F 439 -13.96 -37.08 -15.93
CA GLY F 439 -12.70 -37.62 -15.43
C GLY F 439 -12.72 -39.13 -15.30
N VAL F 440 -13.80 -39.68 -14.74
CA VAL F 440 -13.90 -41.13 -14.55
C VAL F 440 -13.96 -41.84 -15.90
N ARG F 441 -14.69 -41.28 -16.86
CA ARG F 441 -14.78 -41.89 -18.19
C ARG F 441 -13.43 -41.88 -18.89
N SER F 442 -12.69 -40.77 -18.77
CA SER F 442 -11.36 -40.71 -19.35
C SER F 442 -10.42 -41.72 -18.69
N THR F 443 -10.54 -41.87 -17.36
CA THR F 443 -9.75 -42.89 -16.67
C THR F 443 -10.06 -44.28 -17.19
N CYS F 444 -11.35 -44.58 -17.38
CA CYS F 444 -11.74 -45.90 -17.88
C CYS F 444 -11.22 -46.13 -19.29
N THR F 445 -11.28 -45.10 -20.15
CA THR F 445 -10.76 -45.25 -21.50
C THR F 445 -9.25 -45.46 -21.50
N TYR F 446 -8.53 -44.74 -20.63
CA TYR F 446 -7.08 -44.93 -20.53
C TYR F 446 -6.75 -46.34 -20.05
N VAL F 447 -7.47 -46.84 -19.05
CA VAL F 447 -7.22 -48.19 -18.55
C VAL F 447 -7.63 -49.22 -19.59
N GLY F 448 -8.75 -48.98 -20.28
CA GLY F 448 -9.25 -49.93 -21.25
C GLY F 448 -10.39 -50.77 -20.72
N ALA F 449 -11.25 -50.15 -19.91
CA ALA F 449 -12.35 -50.84 -19.25
C ALA F 449 -13.68 -50.22 -19.67
N ALA F 450 -14.67 -51.07 -19.91
CA ALA F 450 -16.00 -50.63 -20.28
C ALA F 450 -16.92 -50.43 -19.08
N ASN F 451 -16.49 -50.83 -17.88
CA ASN F 451 -17.33 -50.70 -16.70
C ASN F 451 -16.43 -50.69 -15.47
N LEU F 452 -17.01 -50.29 -14.34
CA LEU F 452 -16.25 -50.19 -13.09
C LEU F 452 -15.62 -51.51 -12.65
N PRO F 453 -16.30 -52.66 -12.68
CA PRO F 453 -15.59 -53.91 -12.34
C PRO F 453 -14.38 -54.17 -13.22
N GLU F 454 -14.49 -53.90 -14.52
CA GLU F 454 -13.32 -54.03 -15.39
C GLU F 454 -12.25 -53.01 -15.04
N LEU F 455 -12.66 -51.82 -14.61
CA LEU F 455 -11.69 -50.82 -14.17
C LEU F 455 -10.90 -51.32 -12.97
N HIS F 456 -11.58 -51.95 -12.01
CA HIS F 456 -10.88 -52.50 -10.85
C HIS F 456 -10.01 -53.69 -11.24
N GLU F 457 -10.46 -54.50 -12.19
CA GLU F 457 -9.71 -55.71 -12.55
C GLU F 457 -8.46 -55.38 -13.35
N LYS F 458 -8.55 -54.46 -14.30
CA LYS F 458 -7.47 -54.23 -15.26
C LYS F 458 -6.52 -53.10 -14.87
N VAL F 459 -6.79 -52.39 -13.77
CA VAL F 459 -5.98 -51.22 -13.42
C VAL F 459 -4.61 -51.67 -12.92
N VAL F 460 -3.59 -50.89 -13.26
CA VAL F 460 -2.23 -51.08 -12.76
C VAL F 460 -1.80 -49.79 -12.09
N LEU F 461 -1.35 -49.90 -10.83
CA LEU F 461 -1.03 -48.72 -10.03
C LEU F 461 0.48 -48.54 -9.92
N GLY F 462 0.88 -47.31 -9.62
CA GLY F 462 2.28 -46.99 -9.41
C GLY F 462 2.44 -46.04 -8.24
N VAL F 463 3.68 -45.88 -7.80
CA VAL F 463 4.03 -45.03 -6.68
C VAL F 463 4.95 -43.92 -7.19
N GLN F 464 4.66 -42.69 -6.78
CA GLN F 464 5.45 -41.53 -7.17
C GLN F 464 5.84 -40.73 -5.93
N SER F 465 6.92 -39.96 -6.07
CA SER F 465 7.43 -39.15 -4.98
C SER F 465 6.71 -37.80 -4.97
N ALA F 466 7.19 -36.87 -4.14
CA ALA F 466 6.57 -35.55 -4.07
C ALA F 466 6.73 -34.79 -5.38
N ALA F 467 7.90 -34.91 -6.02
CA ALA F 467 8.14 -34.22 -7.28
C ALA F 467 7.26 -34.77 -8.40
N GLY F 468 6.90 -36.06 -8.32
CA GLY F 468 6.05 -36.63 -9.34
C GLY F 468 4.65 -36.03 -9.37
N PHE F 469 4.12 -35.69 -8.20
CA PHE F 469 2.78 -35.10 -8.13
C PHE F 469 2.75 -33.74 -8.80
N ALA F 470 3.79 -32.92 -8.61
CA ALA F 470 3.84 -31.60 -9.21
C ALA F 470 4.02 -31.64 -10.72
N GLU F 471 4.32 -32.80 -11.29
CA GLU F 471 4.48 -32.92 -12.73
C GLU F 471 3.14 -32.68 -13.43
N GLY F 472 3.19 -31.97 -14.55
CA GLY F 472 1.99 -31.64 -15.29
C GLY F 472 1.57 -30.20 -15.10
N HIS F 473 0.37 -29.90 -15.57
CA HIS F 473 -0.15 -28.55 -15.49
C HIS F 473 -0.39 -28.15 -14.04
N PRO F 474 -0.01 -26.93 -13.65
CA PRO F 474 -0.24 -26.45 -12.28
C PRO F 474 -1.66 -26.74 -11.79
N LEU F 475 -1.75 -27.32 -10.61
CA LEU F 475 -3.05 -27.61 -10.01
C LEU F 475 -3.78 -26.30 -9.72
N PRO F 476 -5.12 -26.30 -9.80
CA PRO F 476 -5.89 -25.07 -9.56
C PRO F 476 -5.70 -24.50 -8.15
N VAL G 2 20.78 -48.32 -18.56
CA VAL G 2 21.56 -47.38 -17.77
C VAL G 2 22.10 -48.07 -16.52
N ARG G 3 23.09 -47.43 -15.88
CA ARG G 3 23.72 -47.96 -14.69
C ARG G 3 23.45 -47.01 -13.53
N PHE G 4 22.97 -47.56 -12.42
CA PHE G 4 22.73 -46.81 -11.20
C PHE G 4 23.78 -47.17 -10.15
N LEU G 5 23.92 -46.29 -9.15
CA LEU G 5 24.82 -46.55 -8.05
C LEU G 5 24.31 -47.72 -7.21
N ASP G 6 25.25 -48.39 -6.55
CA ASP G 6 24.89 -49.56 -5.75
C ASP G 6 23.95 -49.15 -4.61
N GLY G 7 22.87 -49.91 -4.45
CA GLY G 7 21.88 -49.61 -3.44
C GLY G 7 20.83 -48.61 -3.84
N HIS G 8 20.94 -48.01 -5.02
CA HIS G 8 19.98 -47.00 -5.47
C HIS G 8 18.86 -47.67 -6.27
N THR G 9 17.99 -48.36 -5.54
CA THR G 9 16.83 -49.05 -6.10
C THR G 9 15.59 -48.57 -5.35
N PRO G 10 15.05 -47.42 -5.71
CA PRO G 10 13.89 -46.89 -5.00
C PRO G 10 12.63 -47.70 -5.30
N ALA G 11 11.64 -47.53 -4.42
CA ALA G 11 10.36 -48.22 -4.55
C ALA G 11 9.31 -47.34 -5.22
N TYR G 12 9.73 -46.43 -6.08
CA TYR G 12 8.81 -45.54 -6.78
C TYR G 12 9.46 -45.11 -8.09
N ASP G 13 8.63 -44.64 -9.02
CA ASP G 13 9.13 -44.16 -10.29
C ASP G 13 9.83 -42.81 -10.10
N LEU G 14 10.78 -42.53 -10.98
CA LEU G 14 11.66 -41.38 -10.85
C LEU G 14 11.33 -40.33 -11.91
N THR G 15 11.56 -39.07 -11.55
CA THR G 15 11.39 -37.94 -12.44
C THR G 15 12.75 -37.33 -12.74
N TYR G 16 12.74 -36.21 -13.48
CA TYR G 16 13.98 -35.52 -13.78
C TYR G 16 14.60 -34.91 -12.54
N ASN G 17 13.80 -34.51 -11.56
CA ASN G 17 14.30 -33.88 -10.35
C ASN G 17 14.84 -34.88 -9.33
N ASP G 18 14.57 -36.17 -9.51
CA ASP G 18 14.97 -37.19 -8.55
C ASP G 18 16.26 -37.89 -8.93
N VAL G 19 16.91 -37.49 -10.03
CA VAL G 19 18.10 -38.18 -10.52
C VAL G 19 19.22 -37.17 -10.76
N PHE G 20 20.44 -37.69 -10.78
CA PHE G 20 21.62 -36.88 -11.06
C PHE G 20 22.65 -37.75 -11.76
N VAL G 21 23.60 -37.10 -12.42
CA VAL G 21 24.63 -37.76 -13.20
C VAL G 21 25.94 -37.69 -12.44
N VAL G 22 26.57 -38.85 -12.23
CA VAL G 22 27.85 -38.93 -11.53
C VAL G 22 28.98 -38.80 -12.54
N PRO G 23 29.91 -37.86 -12.33
CA PRO G 23 31.02 -37.71 -13.27
C PRO G 23 31.92 -38.94 -13.28
N GLY G 24 32.52 -39.18 -14.45
CA GLY G 24 33.47 -40.26 -14.61
C GLY G 24 34.74 -39.78 -15.27
N ARG G 25 35.66 -40.72 -15.46
CA ARG G 25 36.92 -40.41 -16.13
C ARG G 25 36.64 -39.95 -17.56
N SER G 26 37.25 -38.83 -17.94
CA SER G 26 36.97 -38.19 -19.21
C SER G 26 38.27 -37.81 -19.91
N ASP G 27 38.22 -37.79 -21.24
CA ASP G 27 39.32 -37.33 -22.07
C ASP G 27 38.89 -36.27 -23.08
N VAL G 28 37.65 -35.82 -23.01
CA VAL G 28 37.15 -34.78 -23.92
C VAL G 28 37.68 -33.43 -23.45
N ALA G 29 38.43 -32.76 -24.31
CA ALA G 29 39.08 -31.52 -23.92
C ALA G 29 38.07 -30.40 -23.71
N SER G 30 37.17 -30.20 -24.67
CA SER G 30 36.27 -29.05 -24.65
C SER G 30 34.90 -29.48 -25.14
N ARG G 31 33.94 -28.55 -25.08
CA ARG G 31 32.59 -28.82 -25.55
C ARG G 31 32.55 -29.06 -27.05
N PHE G 32 33.37 -28.33 -27.81
CA PHE G 32 33.32 -28.41 -29.26
C PHE G 32 33.76 -29.75 -29.81
N ASP G 33 34.39 -30.60 -28.99
CA ASP G 33 34.79 -31.92 -29.45
C ASP G 33 33.64 -32.93 -29.42
N VAL G 34 32.48 -32.55 -28.91
CA VAL G 34 31.34 -33.45 -28.78
C VAL G 34 30.49 -33.35 -30.04
N ASP G 35 30.10 -34.51 -30.57
CA ASP G 35 29.21 -34.59 -31.73
C ASP G 35 27.80 -34.87 -31.24
N LEU G 36 26.86 -33.99 -31.57
CA LEU G 36 25.48 -34.08 -31.10
C LEU G 36 24.53 -34.65 -32.13
N SER G 37 25.04 -35.22 -33.22
CA SER G 37 24.17 -35.74 -34.27
C SER G 37 23.39 -36.95 -33.77
N THR G 38 22.12 -37.02 -34.13
CA THR G 38 21.27 -38.14 -33.76
C THR G 38 21.45 -39.29 -34.73
N VAL G 39 20.98 -40.47 -34.31
CA VAL G 39 21.13 -41.69 -35.11
C VAL G 39 19.77 -42.36 -35.30
N ASP G 40 18.69 -41.62 -35.09
CA ASP G 40 17.35 -42.16 -35.22
C ASP G 40 16.77 -42.00 -36.62
N GLY G 41 17.53 -41.42 -37.56
CA GLY G 41 17.07 -41.23 -38.91
C GLY G 41 16.28 -39.96 -39.15
N SER G 42 16.04 -39.16 -38.11
CA SER G 42 15.30 -37.91 -38.29
C SER G 42 16.11 -36.86 -39.05
N GLY G 43 17.44 -37.03 -39.12
CA GLY G 43 18.28 -36.09 -39.81
C GLY G 43 18.68 -34.86 -39.02
N THR G 44 18.28 -34.77 -37.76
CA THR G 44 18.63 -33.63 -36.93
C THR G 44 20.07 -33.76 -36.43
N THR G 45 20.83 -32.68 -36.55
CA THR G 45 22.19 -32.66 -36.04
C THR G 45 22.25 -32.31 -34.56
N ILE G 46 21.15 -31.85 -33.98
CA ILE G 46 21.06 -31.60 -32.55
C ILE G 46 19.83 -32.32 -32.02
N PRO G 47 19.82 -32.77 -30.76
CA PRO G 47 18.69 -33.52 -30.20
C PRO G 47 17.55 -32.62 -29.69
N VAL G 48 17.09 -31.71 -30.54
CA VAL G 48 16.02 -30.79 -30.20
C VAL G 48 14.93 -30.88 -31.25
N VAL G 49 13.70 -31.13 -30.82
CA VAL G 49 12.54 -31.19 -31.70
C VAL G 49 11.46 -30.28 -31.13
N VAL G 50 10.84 -29.48 -31.98
CA VAL G 50 9.79 -28.56 -31.58
C VAL G 50 8.45 -29.29 -31.66
N ALA G 51 7.64 -29.15 -30.61
CA ALA G 51 6.37 -29.86 -30.53
C ALA G 51 5.39 -29.34 -31.57
N ASN G 52 4.45 -30.21 -31.95
CA ASN G 52 3.43 -29.90 -32.96
C ASN G 52 2.25 -29.19 -32.29
N MET G 53 2.49 -27.92 -31.93
CA MET G 53 1.48 -27.06 -31.34
C MET G 53 1.33 -25.81 -32.19
N THR G 54 0.08 -25.35 -32.34
CA THR G 54 -0.16 -24.12 -33.10
C THR G 54 0.43 -22.90 -32.42
N ALA G 55 0.67 -22.96 -31.11
CA ALA G 55 1.27 -21.85 -30.39
C ALA G 55 2.79 -21.82 -30.50
N VAL G 56 3.41 -22.89 -31.00
CA VAL G 56 4.87 -22.99 -31.10
C VAL G 56 5.32 -23.16 -32.54
N ALA G 57 4.73 -24.11 -33.25
CA ALA G 57 5.16 -24.40 -34.62
C ALA G 57 4.69 -23.30 -35.57
N GLY G 58 5.59 -22.83 -36.41
CA GLY G 58 5.27 -21.80 -37.38
C GLY G 58 6.37 -21.71 -38.42
N ARG G 59 6.14 -20.85 -39.42
CA ARG G 59 7.09 -20.70 -40.51
C ARG G 59 8.44 -20.18 -40.00
N ARG G 60 8.41 -19.06 -39.26
CA ARG G 60 9.65 -18.48 -38.75
C ARG G 60 10.35 -19.43 -37.79
N MET G 61 9.59 -20.05 -36.89
CA MET G 61 10.18 -21.00 -35.95
C MET G 61 10.77 -22.20 -36.69
N ALA G 62 10.05 -22.72 -37.68
CA ALA G 62 10.57 -23.86 -38.45
C ALA G 62 11.87 -23.50 -39.14
N GLU G 63 11.91 -22.34 -39.80
CA GLU G 63 13.12 -21.94 -40.50
C GLU G 63 14.29 -21.76 -39.53
N THR G 64 14.05 -21.07 -38.41
CA THR G 64 15.13 -20.81 -37.46
C THR G 64 15.65 -22.10 -36.84
N VAL G 65 14.75 -23.02 -36.48
CA VAL G 65 15.18 -24.27 -35.86
C VAL G 65 15.90 -25.15 -36.87
N ALA G 66 15.39 -25.23 -38.11
CA ALA G 66 16.02 -26.06 -39.12
C ALA G 66 17.39 -25.53 -39.52
N ARG G 67 17.57 -24.21 -39.51
CA ARG G 67 18.88 -23.65 -39.84
C ARG G 67 19.93 -24.05 -38.83
N ARG G 68 19.56 -24.20 -37.56
CA ARG G 68 20.50 -24.55 -36.51
C ARG G 68 20.65 -26.05 -36.29
N GLY G 69 19.92 -26.87 -37.03
CA GLY G 69 20.07 -28.31 -36.97
C GLY G 69 18.87 -29.07 -36.43
N GLY G 70 17.91 -28.38 -35.83
CA GLY G 70 16.73 -29.04 -35.32
C GLY G 70 15.67 -29.23 -36.38
N ILE G 71 14.52 -29.75 -35.94
CA ILE G 71 13.37 -29.98 -36.82
C ILE G 71 12.12 -29.51 -36.10
N VAL G 72 11.11 -29.16 -36.88
CA VAL G 72 9.82 -28.68 -36.36
C VAL G 72 8.71 -29.52 -36.99
N VAL G 73 7.81 -30.03 -36.16
CA VAL G 73 6.66 -30.79 -36.62
C VAL G 73 5.46 -29.87 -36.69
N LEU G 74 4.85 -29.77 -37.86
CA LEU G 74 3.69 -28.92 -38.03
C LEU G 74 2.49 -29.51 -37.30
N PRO G 75 1.60 -28.66 -36.77
CA PRO G 75 0.44 -29.17 -36.04
C PRO G 75 -0.49 -29.96 -36.94
N GLN G 76 -1.16 -30.94 -36.36
CA GLN G 76 -2.11 -31.75 -37.10
C GLN G 76 -3.38 -30.96 -37.39
N ASP G 77 -4.17 -31.46 -38.34
CA ASP G 77 -5.42 -30.86 -38.79
C ASP G 77 -5.24 -29.49 -39.43
N LEU G 78 -4.00 -29.07 -39.67
CA LEU G 78 -3.76 -27.81 -40.36
C LEU G 78 -4.16 -27.95 -41.83
N PRO G 79 -4.72 -26.91 -42.44
CA PRO G 79 -5.11 -27.01 -43.85
C PRO G 79 -3.94 -27.35 -44.75
N ILE G 80 -4.20 -28.18 -45.76
CA ILE G 80 -3.13 -28.69 -46.62
C ILE G 80 -2.49 -27.56 -47.43
N THR G 81 -3.28 -26.57 -47.85
CA THR G 81 -2.71 -25.47 -48.60
C THR G 81 -1.70 -24.69 -47.77
N ALA G 82 -2.05 -24.39 -46.52
CA ALA G 82 -1.13 -23.69 -45.64
C ALA G 82 0.12 -24.51 -45.38
N VAL G 83 -0.03 -25.84 -45.26
CA VAL G 83 1.12 -26.72 -45.11
C VAL G 83 2.02 -26.62 -46.34
N SER G 84 1.42 -26.59 -47.52
CA SER G 84 2.22 -26.48 -48.75
C SER G 84 2.99 -25.18 -48.80
N GLU G 85 2.33 -24.06 -48.47
CA GLU G 85 3.04 -22.78 -48.47
C GLU G 85 4.15 -22.76 -47.42
N THR G 86 3.89 -23.32 -46.23
CA THR G 86 4.91 -23.34 -45.19
C THR G 86 6.12 -24.18 -45.63
N VAL G 87 5.87 -25.35 -46.23
CA VAL G 87 6.96 -26.20 -46.67
C VAL G 87 7.76 -25.52 -47.77
N ASP G 88 7.07 -24.88 -48.73
CA ASP G 88 7.79 -24.19 -49.80
C ASP G 88 8.62 -23.04 -49.24
N PHE G 89 8.07 -22.27 -48.31
CA PHE G 89 8.82 -21.16 -47.72
C PHE G 89 10.03 -21.66 -46.96
N VAL G 90 9.87 -22.75 -46.20
CA VAL G 90 10.99 -23.28 -45.42
C VAL G 90 12.08 -23.80 -46.35
N LYS G 91 11.70 -24.54 -47.40
CA LYS G 91 12.68 -25.11 -48.31
C LYS G 91 13.26 -24.08 -49.27
N SER G 92 12.69 -22.89 -49.35
CA SER G 92 13.23 -21.83 -50.20
C SER G 92 14.19 -20.91 -49.46
N ARG G 93 14.51 -21.19 -48.20
CA ARG G 93 15.38 -20.33 -47.42
C ARG G 93 16.84 -20.67 -47.67
N ASP G 94 17.71 -19.74 -47.28
CA ASP G 94 19.15 -19.92 -47.37
C ASP G 94 19.67 -20.61 -46.12
N LEU G 95 20.72 -21.43 -46.31
CA LEU G 95 21.27 -22.21 -45.21
C LEU G 95 22.11 -21.40 -44.24
N VAL G 96 22.49 -20.17 -44.59
CA VAL G 96 23.37 -19.35 -43.77
C VAL G 96 22.71 -18.02 -43.41
N VAL G 97 22.12 -17.35 -44.39
CA VAL G 97 21.59 -16.00 -44.20
C VAL G 97 20.14 -16.08 -43.74
N ASP G 98 19.82 -15.39 -42.65
CA ASP G 98 18.48 -15.37 -42.10
C ASP G 98 17.57 -14.47 -42.92
N THR G 99 16.27 -14.71 -42.80
CA THR G 99 15.26 -13.91 -43.49
C THR G 99 14.82 -12.76 -42.59
N PRO G 100 15.03 -11.51 -42.98
CA PRO G 100 14.64 -10.38 -42.13
C PRO G 100 13.19 -9.97 -42.39
N VAL G 101 12.72 -9.05 -41.54
CA VAL G 101 11.40 -8.46 -41.71
C VAL G 101 11.46 -7.42 -42.82
N THR G 102 10.57 -7.53 -43.80
CA THR G 102 10.53 -6.64 -44.93
C THR G 102 9.38 -5.65 -44.79
N LEU G 103 9.63 -4.41 -45.21
CA LEU G 103 8.62 -3.36 -45.14
C LEU G 103 8.61 -2.57 -46.43
N SER G 104 7.48 -1.93 -46.71
CA SER G 104 7.31 -1.04 -47.84
C SER G 104 7.27 0.41 -47.37
N PRO G 105 7.70 1.36 -48.20
CA PRO G 105 7.66 2.77 -47.78
C PRO G 105 6.25 3.28 -47.50
N GLU G 106 5.22 2.65 -48.05
CA GLU G 106 3.84 3.07 -47.81
C GLU G 106 3.24 2.43 -46.56
N ASP G 107 3.98 1.57 -45.87
CA ASP G 107 3.45 0.91 -44.68
C ASP G 107 3.34 1.90 -43.53
N SER G 108 2.45 1.58 -42.59
CA SER G 108 2.23 2.42 -41.42
C SER G 108 3.35 2.22 -40.40
N VAL G 109 3.51 3.23 -39.55
CA VAL G 109 4.52 3.15 -38.48
C VAL G 109 4.12 2.12 -37.45
N SER G 110 2.81 2.01 -37.15
CA SER G 110 2.35 1.02 -36.19
C SER G 110 2.61 -0.40 -36.71
N ASP G 111 2.39 -0.63 -38.00
CA ASP G 111 2.67 -1.95 -38.57
C ASP G 111 4.15 -2.27 -38.48
N ALA G 112 5.01 -1.29 -38.75
CA ALA G 112 6.45 -1.51 -38.64
C ALA G 112 6.84 -1.84 -37.21
N ASN G 113 6.30 -1.10 -36.25
CA ASN G 113 6.61 -1.36 -34.84
C ASN G 113 6.18 -2.75 -34.43
N ALA G 114 4.96 -3.14 -34.81
CA ALA G 114 4.46 -4.48 -34.47
C ALA G 114 5.29 -5.56 -35.13
N LEU G 115 5.73 -5.35 -36.38
CA LEU G 115 6.52 -6.34 -37.08
C LEU G 115 7.96 -6.40 -36.61
N LEU G 116 8.45 -5.35 -35.94
CA LEU G 116 9.83 -5.34 -35.48
C LEU G 116 10.12 -6.51 -34.53
N HIS G 117 9.11 -6.98 -33.80
CA HIS G 117 9.30 -8.05 -32.83
C HIS G 117 9.06 -9.43 -33.42
N LYS G 118 8.80 -9.53 -34.73
CA LYS G 118 8.60 -10.84 -35.34
C LYS G 118 9.90 -11.62 -35.48
N ARG G 119 11.05 -10.95 -35.39
CA ARG G 119 12.34 -11.61 -35.50
C ARG G 119 13.27 -11.09 -34.40
N ALA G 120 14.33 -11.84 -34.15
CA ALA G 120 15.30 -11.48 -33.12
C ALA G 120 16.38 -10.54 -33.63
N HIS G 121 16.35 -10.16 -34.92
CA HIS G 121 17.36 -9.27 -35.46
C HIS G 121 17.28 -7.88 -34.85
N GLY G 122 16.08 -7.45 -34.43
CA GLY G 122 15.91 -6.14 -33.85
C GLY G 122 15.75 -5.01 -34.84
N ALA G 123 15.75 -5.30 -36.14
CA ALA G 123 15.59 -4.27 -37.15
C ALA G 123 14.91 -4.87 -38.37
N ALA G 124 14.30 -4.01 -39.17
CA ALA G 124 13.61 -4.41 -40.39
C ALA G 124 14.20 -3.67 -41.58
N VAL G 125 14.21 -4.35 -42.72
CA VAL G 125 14.79 -3.82 -43.95
C VAL G 125 13.67 -3.31 -44.84
N VAL G 126 13.72 -2.03 -45.18
CA VAL G 126 12.77 -1.42 -46.10
C VAL G 126 13.16 -1.80 -47.52
N VAL G 127 12.21 -2.33 -48.28
CA VAL G 127 12.47 -2.85 -49.62
C VAL G 127 11.62 -2.08 -50.61
N PHE G 128 12.26 -1.53 -51.64
CA PHE G 128 11.59 -0.83 -52.72
C PHE G 128 12.05 -1.43 -54.04
N GLU G 129 11.11 -2.00 -54.80
CA GLU G 129 11.41 -2.66 -56.07
C GLU G 129 12.47 -3.75 -55.89
N GLY G 130 12.40 -4.45 -54.76
CA GLY G 130 13.34 -5.51 -54.46
C GLY G 130 14.69 -5.07 -53.94
N ARG G 131 14.91 -3.76 -53.80
CA ARG G 131 16.21 -3.24 -53.40
C ARG G 131 16.12 -2.61 -52.02
N PRO G 132 16.99 -2.97 -51.08
CA PRO G 132 16.99 -2.32 -49.77
C PRO G 132 17.31 -0.84 -49.90
N ILE G 133 16.60 -0.02 -49.12
CA ILE G 133 16.76 1.43 -49.20
C ILE G 133 17.00 2.03 -47.82
N GLY G 134 16.79 1.24 -46.77
CA GLY G 134 16.97 1.75 -45.43
C GLY G 134 16.64 0.69 -44.40
N LEU G 135 16.76 1.11 -43.14
CA LEU G 135 16.54 0.25 -41.99
C LEU G 135 15.60 0.93 -41.00
N VAL G 136 14.75 0.13 -40.36
CA VAL G 136 13.81 0.62 -39.36
C VAL G 136 14.12 -0.05 -38.04
N THR G 137 14.34 0.75 -37.01
CA THR G 137 14.62 0.26 -35.66
C THR G 137 13.62 0.87 -34.68
N GLU G 138 13.60 0.34 -33.47
CA GLU G 138 12.66 0.82 -32.45
C GLU G 138 12.95 2.27 -32.07
N ALA G 139 14.20 2.71 -32.18
CA ALA G 139 14.53 4.10 -31.86
C ALA G 139 13.95 5.06 -32.89
N ASN G 140 13.89 4.66 -34.15
CA ASN G 140 13.39 5.54 -35.20
C ASN G 140 11.89 5.79 -35.04
N CYS G 141 11.13 4.74 -34.72
CA CYS G 141 9.68 4.88 -34.61
C CYS G 141 9.25 5.60 -33.34
N ALA G 142 10.12 5.67 -32.34
CA ALA G 142 9.77 6.33 -31.09
C ALA G 142 9.60 7.84 -31.30
N GLY G 143 8.50 8.39 -30.82
CA GLY G 143 8.22 9.80 -30.95
C GLY G 143 7.57 10.22 -32.24
N VAL G 144 7.39 9.30 -33.19
CA VAL G 144 6.80 9.60 -34.48
C VAL G 144 5.31 9.27 -34.42
N ASP G 145 4.51 10.02 -35.16
CA ASP G 145 3.08 9.77 -35.24
C ASP G 145 2.84 8.34 -35.70
N ARG G 146 1.91 7.66 -35.03
CA ARG G 146 1.70 6.24 -35.28
C ARG G 146 1.18 5.97 -36.70
N PHE G 147 0.48 6.93 -37.29
CA PHE G 147 -0.14 6.74 -38.59
C PHE G 147 0.64 7.42 -39.72
N ALA G 148 1.88 7.83 -39.48
CA ALA G 148 2.73 8.30 -40.55
C ALA G 148 3.13 7.13 -41.44
N ARG G 149 3.92 7.43 -42.48
CA ARG G 149 4.37 6.43 -43.43
C ARG G 149 5.81 6.02 -43.12
N VAL G 150 6.21 4.87 -43.67
CA VAL G 150 7.58 4.40 -43.47
C VAL G 150 8.56 5.37 -44.11
N ARG G 151 8.21 5.93 -45.26
CA ARG G 151 9.08 6.90 -45.94
C ARG G 151 9.33 8.14 -45.09
N ASP G 152 8.43 8.46 -44.17
CA ASP G 152 8.66 9.59 -43.27
C ASP G 152 9.72 9.26 -42.23
N ILE G 153 9.85 7.99 -41.86
CA ILE G 153 10.84 7.59 -40.87
C ILE G 153 12.24 7.81 -41.43
N ALA G 154 13.12 8.38 -40.59
CA ALA G 154 14.49 8.62 -41.00
C ALA G 154 15.25 7.30 -41.09
N LEU G 155 15.30 6.72 -42.29
CA LEU G 155 15.93 5.43 -42.48
C LEU G 155 17.44 5.53 -42.24
N SER G 156 17.96 4.58 -41.47
CA SER G 156 19.38 4.58 -41.08
C SER G 156 20.21 3.79 -42.08
N ASP G 157 21.48 4.16 -42.18
CA ASP G 157 22.40 3.48 -43.07
C ASP G 157 22.65 2.06 -42.58
N PHE G 158 23.04 1.18 -43.50
CA PHE G 158 23.22 -0.23 -43.21
C PHE G 158 24.49 -0.74 -43.86
N VAL G 159 25.13 -1.69 -43.20
CA VAL G 159 26.33 -2.34 -43.74
C VAL G 159 25.89 -3.40 -44.74
N THR G 160 26.44 -3.34 -45.95
CA THR G 160 26.05 -4.22 -47.04
C THR G 160 27.23 -5.09 -47.44
N ALA G 161 26.98 -6.39 -47.60
CA ALA G 161 27.98 -7.34 -48.07
C ALA G 161 27.34 -8.30 -49.05
N PRO G 162 28.06 -8.73 -50.08
CA PRO G 162 27.50 -9.68 -51.04
C PRO G 162 27.31 -11.07 -50.42
N VAL G 163 26.38 -11.82 -51.01
CA VAL G 163 26.15 -13.19 -50.59
C VAL G 163 27.38 -14.04 -50.94
N GLY G 164 27.61 -15.08 -50.13
CA GLY G 164 28.77 -15.93 -50.30
C GLY G 164 30.00 -15.46 -49.55
N THR G 165 29.94 -14.28 -48.92
CA THR G 165 31.07 -13.79 -48.15
C THR G 165 31.27 -14.66 -46.91
N ASP G 166 32.54 -14.88 -46.56
CA ASP G 166 32.85 -15.68 -45.39
C ASP G 166 32.30 -14.98 -44.14
N PRO G 167 31.71 -15.73 -43.21
CA PRO G 167 31.14 -15.09 -42.01
C PRO G 167 32.15 -14.30 -41.19
N ARG G 168 33.43 -14.66 -41.26
CA ARG G 168 34.44 -13.91 -40.52
C ARG G 168 34.51 -12.46 -41.00
N GLU G 169 34.49 -12.25 -42.31
CA GLU G 169 34.52 -10.89 -42.84
C GLU G 169 33.28 -10.10 -42.42
N VAL G 170 32.10 -10.74 -42.50
CA VAL G 170 30.87 -10.07 -42.11
C VAL G 170 30.91 -9.69 -40.63
N PHE G 171 31.44 -10.58 -39.79
CA PHE G 171 31.63 -10.25 -38.38
C PHE G 171 32.58 -9.09 -38.21
N ASP G 172 33.64 -9.04 -39.03
CA ASP G 172 34.62 -7.96 -38.92
C ASP G 172 34.00 -6.61 -39.28
N LEU G 173 33.20 -6.56 -40.35
CA LEU G 173 32.61 -5.29 -40.77
C LEU G 173 31.60 -4.75 -39.75
N LEU G 174 31.03 -5.60 -38.92
CA LEU G 174 30.05 -5.18 -37.94
C LEU G 174 30.67 -4.83 -36.59
N GLU G 175 32.00 -4.70 -36.53
CA GLU G 175 32.67 -4.41 -35.26
C GLU G 175 32.24 -3.05 -34.71
N HIS G 176 32.16 -2.04 -35.57
CA HIS G 176 31.82 -0.69 -35.14
C HIS G 176 30.51 -0.20 -35.75
N ALA G 177 29.74 -1.07 -36.38
CA ALA G 177 28.48 -0.65 -36.97
C ALA G 177 27.49 -0.25 -35.88
N PRO G 178 26.79 0.88 -36.03
CA PRO G 178 25.80 1.25 -35.01
C PRO G 178 24.66 0.26 -34.86
N ILE G 179 24.28 -0.43 -35.94
CA ILE G 179 23.24 -1.44 -35.91
C ILE G 179 23.88 -2.78 -36.26
N ASP G 180 23.66 -3.78 -35.40
CA ASP G 180 24.34 -5.06 -35.52
C ASP G 180 23.59 -6.01 -36.45
N VAL G 181 23.35 -5.53 -37.67
CA VAL G 181 22.78 -6.34 -38.74
C VAL G 181 23.51 -6.01 -40.03
N ALA G 182 23.75 -7.05 -40.85
CA ALA G 182 24.40 -6.89 -42.13
C ALA G 182 23.50 -7.47 -43.21
N VAL G 183 23.12 -6.64 -44.18
CA VAL G 183 22.24 -7.07 -45.25
C VAL G 183 23.07 -7.73 -46.35
N MET G 184 22.62 -8.89 -46.82
CA MET G 184 23.28 -9.62 -47.90
C MET G 184 22.51 -9.39 -49.19
N THR G 185 23.21 -8.94 -50.22
CA THR G 185 22.61 -8.61 -51.51
C THR G 185 23.10 -9.55 -52.59
N ALA G 186 22.17 -10.02 -53.41
CA ALA G 186 22.51 -10.93 -54.50
C ALA G 186 23.33 -10.20 -55.56
N PRO G 187 24.03 -10.94 -56.43
CA PRO G 187 24.78 -10.28 -57.51
C PRO G 187 23.91 -9.40 -58.39
N ASP G 188 22.63 -9.74 -58.54
CA ASP G 188 21.70 -8.84 -59.21
C ASP G 188 21.58 -7.52 -58.42
N GLY G 189 21.53 -7.62 -57.10
CA GLY G 189 21.35 -6.47 -56.23
C GLY G 189 20.09 -6.50 -55.39
N THR G 190 19.28 -7.55 -55.47
CA THR G 190 18.07 -7.63 -54.66
C THR G 190 18.41 -8.14 -53.26
N LEU G 191 17.43 -8.03 -52.36
CA LEU G 191 17.60 -8.48 -50.99
C LEU G 191 17.65 -10.01 -50.93
N ALA G 192 18.70 -10.54 -50.32
CA ALA G 192 18.83 -11.97 -50.09
C ALA G 192 18.63 -12.38 -48.63
N GLY G 193 18.81 -11.45 -47.70
CA GLY G 193 18.64 -11.76 -46.30
C GLY G 193 19.45 -10.80 -45.44
N VAL G 194 19.54 -11.14 -44.16
CA VAL G 194 20.29 -10.34 -43.19
C VAL G 194 21.16 -11.28 -42.37
N LEU G 195 22.23 -10.71 -41.81
CA LEU G 195 23.16 -11.46 -40.98
C LEU G 195 23.61 -10.58 -39.82
N THR G 196 23.90 -11.22 -38.69
CA THR G 196 24.35 -10.55 -37.49
C THR G 196 25.66 -11.14 -37.02
N ARG G 197 26.30 -10.46 -36.07
CA ARG G 197 27.53 -10.99 -35.49
C ARG G 197 27.29 -12.32 -34.79
N THR G 198 26.21 -12.40 -33.99
CA THR G 198 25.87 -13.65 -33.33
C THR G 198 25.50 -14.72 -34.34
N GLY G 199 24.77 -14.35 -35.40
CA GLY G 199 24.47 -15.30 -36.45
C GLY G 199 25.71 -15.78 -37.18
N ALA G 200 26.64 -14.87 -37.43
CA ALA G 200 27.90 -15.25 -38.07
C ALA G 200 28.68 -16.22 -37.20
N ILE G 201 28.69 -15.99 -35.88
CA ILE G 201 29.35 -16.92 -34.97
C ILE G 201 28.65 -18.28 -34.99
N ARG G 202 27.32 -18.27 -34.95
CA ARG G 202 26.58 -19.53 -34.92
C ARG G 202 26.73 -20.32 -36.23
N ALA G 203 26.97 -19.61 -37.34
CA ALA G 203 27.09 -20.30 -38.63
C ALA G 203 28.22 -21.33 -38.63
N GLY G 204 29.31 -21.05 -37.91
CA GLY G 204 30.42 -21.97 -37.83
C GLY G 204 30.31 -23.04 -36.77
N ILE G 205 29.23 -23.05 -35.98
CA ILE G 205 29.05 -24.00 -34.90
C ILE G 205 27.96 -25.02 -35.22
N TYR G 206 26.82 -24.55 -35.71
CA TYR G 206 25.67 -25.40 -36.00
C TYR G 206 25.66 -25.79 -37.47
N THR G 207 25.52 -27.09 -37.74
CA THR G 207 25.37 -27.59 -39.10
C THR G 207 23.90 -27.75 -39.41
N PRO G 208 23.36 -27.04 -40.40
CA PRO G 208 21.92 -27.13 -40.67
C PRO G 208 21.51 -28.55 -41.06
N ALA G 209 20.29 -28.92 -40.66
CA ALA G 209 19.71 -30.20 -41.01
C ALA G 209 19.05 -30.09 -42.37
N VAL G 210 19.56 -30.82 -43.35
CA VAL G 210 19.10 -30.72 -44.74
C VAL G 210 18.73 -32.11 -45.25
N ASP G 211 17.88 -32.11 -46.27
CA ASP G 211 17.45 -33.35 -46.91
C ASP G 211 18.47 -33.74 -47.98
N ALA G 212 18.09 -34.70 -48.83
CA ALA G 212 18.98 -35.15 -49.90
C ALA G 212 19.21 -34.07 -50.94
N LYS G 213 18.31 -33.10 -51.06
CA LYS G 213 18.46 -32.02 -52.03
C LYS G 213 19.13 -30.78 -51.45
N GLY G 214 19.54 -30.81 -50.19
CA GLY G 214 20.20 -29.68 -49.58
C GLY G 214 19.28 -28.58 -49.11
N ARG G 215 18.03 -28.91 -48.79
CA ARG G 215 17.06 -27.94 -48.31
C ARG G 215 16.67 -28.27 -46.88
N LEU G 216 16.27 -27.23 -46.14
CA LEU G 216 15.95 -27.39 -44.72
C LEU G 216 14.83 -28.40 -44.53
N ARG G 217 14.98 -29.24 -43.52
CA ARG G 217 14.02 -30.30 -43.25
C ARG G 217 12.82 -29.76 -42.48
N ILE G 218 11.69 -30.45 -42.63
CA ILE G 218 10.46 -30.08 -41.93
C ILE G 218 9.61 -31.33 -41.80
N ALA G 219 8.76 -31.36 -40.76
CA ALA G 219 7.91 -32.50 -40.48
C ALA G 219 6.48 -32.04 -40.26
N ALA G 220 5.54 -32.97 -40.45
CA ALA G 220 4.13 -32.70 -40.27
C ALA G 220 3.50 -33.81 -39.45
N ALA G 221 2.43 -33.46 -38.73
CA ALA G 221 1.74 -34.39 -37.85
C ALA G 221 0.35 -34.71 -38.37
N VAL G 222 -0.10 -35.93 -38.11
CA VAL G 222 -1.42 -36.39 -38.53
C VAL G 222 -2.14 -36.98 -37.31
N GLY G 223 -3.46 -36.91 -37.35
CA GLY G 223 -4.29 -37.54 -36.34
C GLY G 223 -4.65 -38.96 -36.71
N ILE G 224 -5.50 -39.56 -35.88
CA ILE G 224 -5.99 -40.92 -36.11
C ILE G 224 -7.45 -40.95 -36.49
N ASN G 225 -8.10 -39.79 -36.60
CA ASN G 225 -9.49 -39.72 -37.02
C ASN G 225 -9.59 -39.57 -38.52
N GLY G 226 -10.68 -40.09 -39.09
CA GLY G 226 -10.87 -40.02 -40.52
C GLY G 226 -9.93 -40.94 -41.28
N ASP G 227 -9.64 -40.57 -42.52
CA ASP G 227 -8.76 -41.36 -43.38
C ASP G 227 -7.32 -40.96 -43.08
N VAL G 228 -6.64 -41.76 -42.25
CA VAL G 228 -5.27 -41.44 -41.88
C VAL G 228 -4.33 -41.64 -43.07
N GLY G 229 -4.54 -42.70 -43.85
CA GLY G 229 -3.66 -43.00 -44.97
C GLY G 229 -3.67 -41.91 -46.03
N ALA G 230 -4.86 -41.42 -46.38
CA ALA G 230 -4.97 -40.37 -47.38
C ALA G 230 -4.26 -39.09 -46.94
N LYS G 231 -4.47 -38.69 -45.68
CA LYS G 231 -3.81 -37.50 -45.17
C LYS G 231 -2.30 -37.67 -45.12
N ALA G 232 -1.83 -38.85 -44.70
CA ALA G 232 -0.40 -39.11 -44.67
C ALA G 232 0.22 -39.06 -46.05
N GLN G 233 -0.46 -39.67 -47.04
CA GLN G 233 0.05 -39.62 -48.41
C GLN G 233 0.07 -38.20 -48.95
N ALA G 234 -0.99 -37.43 -48.68
CA ALA G 234 -1.05 -36.06 -49.15
C ALA G 234 0.06 -35.21 -48.54
N LEU G 235 0.33 -35.39 -47.24
CA LEU G 235 1.38 -34.63 -46.60
C LEU G 235 2.76 -35.06 -47.09
N ALA G 236 2.94 -36.36 -47.36
CA ALA G 236 4.20 -36.83 -47.94
C ALA G 236 4.43 -36.24 -49.31
N GLU G 237 3.37 -36.15 -50.13
CA GLU G 237 3.51 -35.52 -51.44
C GLU G 237 3.77 -34.03 -51.31
N ALA G 238 3.36 -33.41 -50.21
CA ALA G 238 3.56 -31.97 -50.01
C ALA G 238 5.01 -31.62 -49.73
N GLY G 239 5.86 -32.60 -49.43
CA GLY G 239 7.27 -32.35 -49.17
C GLY G 239 7.72 -32.57 -47.74
N ALA G 240 6.87 -33.14 -46.88
CA ALA G 240 7.28 -33.39 -45.51
C ALA G 240 8.37 -34.47 -45.46
N ASP G 241 9.37 -34.25 -44.61
CA ASP G 241 10.49 -35.17 -44.49
C ASP G 241 10.27 -36.23 -43.41
N LEU G 242 9.25 -36.08 -42.57
CA LEU G 242 9.00 -37.04 -41.51
C LEU G 242 7.56 -36.89 -41.05
N LEU G 243 6.92 -38.02 -40.74
CA LEU G 243 5.52 -38.06 -40.37
C LEU G 243 5.36 -38.46 -38.91
N VAL G 244 4.50 -37.75 -38.20
CA VAL G 244 4.19 -38.03 -36.79
C VAL G 244 2.70 -38.28 -36.67
N ILE G 245 2.34 -39.39 -36.03
CA ILE G 245 0.94 -39.71 -35.74
C ILE G 245 0.78 -39.55 -34.23
N ASP G 246 0.16 -38.44 -33.81
CA ASP G 246 0.09 -38.07 -32.41
C ASP G 246 -1.32 -38.27 -31.88
N THR G 247 -1.43 -38.89 -30.71
CA THR G 247 -2.70 -39.04 -30.02
C THR G 247 -2.43 -39.09 -28.52
N ALA G 248 -3.48 -38.82 -27.74
CA ALA G 248 -3.33 -38.76 -26.30
C ALA G 248 -2.96 -40.12 -25.72
N HIS G 249 -3.62 -41.18 -26.19
CA HIS G 249 -3.37 -42.54 -25.71
C HIS G 249 -2.97 -43.39 -26.91
N GLY G 250 -1.67 -43.68 -27.03
CA GLY G 250 -1.16 -44.41 -28.17
C GLY G 250 -1.27 -45.91 -28.10
N HIS G 251 -1.66 -46.46 -26.94
CA HIS G 251 -1.79 -47.91 -26.81
C HIS G 251 -3.25 -48.32 -26.96
N GLN G 252 -3.76 -48.13 -28.18
CA GLN G 252 -5.13 -48.49 -28.50
C GLN G 252 -5.20 -49.05 -29.90
N ALA G 253 -6.33 -49.71 -30.19
CA ALA G 253 -6.53 -50.36 -31.49
C ALA G 253 -6.46 -49.36 -32.63
N LYS G 254 -7.24 -48.28 -32.53
CA LYS G 254 -7.25 -47.22 -33.55
C LYS G 254 -5.84 -46.81 -33.94
N MET G 255 -4.99 -46.49 -32.96
CA MET G 255 -3.62 -46.10 -33.23
C MET G 255 -2.90 -47.14 -34.08
N LEU G 256 -2.97 -48.41 -33.67
CA LEU G 256 -2.27 -49.46 -34.40
C LEU G 256 -2.80 -49.60 -35.83
N ASP G 257 -4.11 -49.50 -36.00
CA ASP G 257 -4.68 -49.57 -37.35
C ASP G 257 -4.19 -48.41 -38.21
N ALA G 258 -4.13 -47.21 -37.63
CA ALA G 258 -3.60 -46.07 -38.37
C ALA G 258 -2.13 -46.28 -38.75
N ILE G 259 -1.34 -46.84 -37.83
CA ILE G 259 0.06 -47.12 -38.12
C ILE G 259 0.17 -48.10 -39.28
N LYS G 260 -0.64 -49.17 -39.24
CA LYS G 260 -0.60 -50.16 -40.31
C LYS G 260 -1.01 -49.54 -41.64
N ALA G 261 -2.05 -48.71 -41.65
CA ALA G 261 -2.49 -48.07 -42.88
C ALA G 261 -1.43 -47.16 -43.45
N VAL G 262 -0.76 -46.39 -42.59
CA VAL G 262 0.29 -45.48 -43.06
C VAL G 262 1.48 -46.28 -43.60
N ALA G 263 1.87 -47.34 -42.89
CA ALA G 263 3.02 -48.13 -43.31
C ALA G 263 2.74 -48.91 -44.59
N SER G 264 1.47 -49.25 -44.85
CA SER G 264 1.14 -49.97 -46.06
C SER G 264 1.38 -49.14 -47.32
N LEU G 265 1.43 -47.82 -47.21
CA LEU G 265 1.64 -46.97 -48.38
C LEU G 265 3.08 -46.97 -48.87
N ASP G 266 4.03 -47.39 -48.03
CA ASP G 266 5.45 -47.43 -48.38
C ASP G 266 5.94 -46.06 -48.85
N LEU G 267 5.60 -45.03 -48.07
CA LEU G 267 6.04 -43.68 -48.42
C LEU G 267 7.54 -43.51 -48.29
N GLY G 268 8.19 -44.32 -47.45
CA GLY G 268 9.62 -44.25 -47.26
C GLY G 268 10.08 -43.27 -46.21
N LEU G 269 9.19 -42.48 -45.64
CA LEU G 269 9.55 -41.53 -44.60
C LEU G 269 9.53 -42.20 -43.23
N PRO G 270 10.34 -41.71 -42.30
CA PRO G 270 10.28 -42.25 -40.93
C PRO G 270 8.94 -41.96 -40.28
N LEU G 271 8.51 -42.88 -39.42
CA LEU G 271 7.21 -42.79 -38.76
C LEU G 271 7.40 -42.62 -37.27
N VAL G 272 6.71 -41.65 -36.70
CA VAL G 272 6.74 -41.39 -35.26
C VAL G 272 5.34 -41.57 -34.72
N ALA G 273 5.19 -42.39 -33.68
CA ALA G 273 3.90 -42.71 -33.10
C ALA G 273 3.96 -42.60 -31.59
N GLY G 274 2.83 -42.23 -31.00
CA GLY G 274 2.74 -42.10 -29.56
C GLY G 274 1.33 -41.71 -29.17
N ASN G 275 1.15 -41.53 -27.85
CA ASN G 275 2.22 -41.67 -26.88
C ASN G 275 1.96 -42.85 -25.95
N VAL G 276 3.03 -43.54 -25.56
CA VAL G 276 2.96 -44.65 -24.62
C VAL G 276 4.02 -44.46 -23.55
N VAL G 277 3.78 -45.05 -22.38
CA VAL G 277 4.71 -44.93 -21.26
C VAL G 277 5.02 -46.33 -20.72
N SER G 278 4.84 -47.35 -21.54
CA SER G 278 5.06 -48.73 -21.13
C SER G 278 5.85 -49.46 -22.22
N ALA G 279 6.59 -50.49 -21.79
CA ALA G 279 7.35 -51.29 -22.74
C ALA G 279 6.44 -52.04 -23.70
N GLU G 280 5.30 -52.54 -23.20
CA GLU G 280 4.36 -53.24 -24.07
C GLU G 280 3.81 -52.32 -25.15
N GLY G 281 3.54 -51.06 -24.80
CA GLY G 281 3.07 -50.12 -25.80
C GLY G 281 4.10 -49.88 -26.89
N THR G 282 5.37 -49.74 -26.52
CA THR G 282 6.42 -49.55 -27.51
C THR G 282 6.57 -50.79 -28.39
N ARG G 283 6.49 -51.98 -27.79
CA ARG G 283 6.56 -53.20 -28.57
C ARG G 283 5.40 -53.29 -29.56
N ASP G 284 4.20 -52.92 -29.14
CA ASP G 284 3.05 -52.95 -30.03
C ASP G 284 3.20 -51.93 -31.16
N LEU G 285 3.67 -50.73 -30.84
CA LEU G 285 3.80 -49.69 -31.87
C LEU G 285 4.90 -50.03 -32.87
N ILE G 286 6.03 -50.55 -32.39
CA ILE G 286 7.14 -50.88 -33.30
C ILE G 286 6.74 -52.02 -34.22
N GLU G 287 6.11 -53.06 -33.68
CA GLU G 287 5.68 -54.18 -34.51
C GLU G 287 4.63 -53.74 -35.54
N ALA G 288 3.83 -52.73 -35.21
CA ALA G 288 2.83 -52.23 -36.14
C ALA G 288 3.46 -51.50 -37.33
N GLY G 289 4.71 -51.06 -37.20
CA GLY G 289 5.39 -50.40 -38.31
C GLY G 289 5.97 -49.05 -37.98
N ALA G 290 5.90 -48.64 -36.71
CA ALA G 290 6.43 -47.35 -36.30
C ALA G 290 7.93 -47.46 -36.04
N SER G 291 8.71 -46.61 -36.72
CA SER G 291 10.15 -46.61 -36.52
C SER G 291 10.55 -45.92 -35.22
N ILE G 292 9.85 -44.85 -34.86
CA ILE G 292 10.16 -44.07 -33.67
C ILE G 292 8.90 -43.99 -32.81
N VAL G 293 9.07 -44.21 -31.51
CA VAL G 293 7.96 -44.22 -30.55
C VAL G 293 8.02 -42.95 -29.73
N LYS G 294 6.89 -42.25 -29.63
CA LYS G 294 6.79 -41.04 -28.82
C LYS G 294 6.41 -41.43 -27.39
N VAL G 295 7.15 -40.90 -26.42
CA VAL G 295 7.04 -41.33 -25.03
C VAL G 295 6.61 -40.14 -24.18
N GLY G 296 5.58 -40.36 -23.35
CA GLY G 296 5.17 -39.38 -22.37
C GLY G 296 3.67 -39.14 -22.35
N VAL G 297 3.06 -39.37 -21.18
CA VAL G 297 1.64 -39.11 -20.96
C VAL G 297 1.48 -38.50 -19.58
N GLY G 298 1.28 -37.19 -19.53
CA GLY G 298 1.15 -36.51 -18.25
C GLY G 298 2.11 -35.36 -17.99
N PRO G 299 3.40 -35.48 -18.34
CA PRO G 299 4.33 -34.39 -18.02
C PRO G 299 4.22 -33.17 -18.91
N GLY G 300 3.26 -33.13 -19.83
CA GLY G 300 3.05 -31.93 -20.61
C GLY G 300 2.68 -30.76 -19.72
N ALA G 301 3.22 -29.58 -20.06
CA ALA G 301 2.96 -28.40 -19.24
C ALA G 301 1.50 -27.97 -19.29
N MET G 302 0.77 -28.34 -20.35
CA MET G 302 -0.64 -28.03 -20.48
C MET G 302 -1.52 -29.26 -20.35
N CYS G 303 -0.96 -30.41 -19.96
CA CYS G 303 -1.71 -31.64 -19.83
C CYS G 303 -2.31 -31.73 -18.43
N THR G 304 -3.62 -31.96 -18.37
CA THR G 304 -4.34 -32.07 -17.11
C THR G 304 -4.81 -33.49 -16.84
N THR G 305 -4.21 -34.48 -17.50
CA THR G 305 -4.64 -35.86 -17.34
C THR G 305 -4.45 -36.34 -15.91
N ARG G 306 -3.35 -35.93 -15.27
CA ARG G 306 -3.08 -36.38 -13.90
C ARG G 306 -4.07 -35.79 -12.92
N MET G 307 -4.61 -34.61 -13.20
CA MET G 307 -5.58 -33.98 -12.32
C MET G 307 -7.01 -34.39 -12.65
N MET G 308 -7.30 -34.64 -13.92
CA MET G 308 -8.64 -35.09 -14.32
C MET G 308 -8.83 -36.57 -14.10
N THR G 309 -7.78 -37.38 -14.23
CA THR G 309 -7.91 -38.83 -14.25
C THR G 309 -6.93 -39.56 -13.36
N GLY G 310 -5.86 -38.92 -12.90
CA GLY G 310 -4.84 -39.64 -12.16
C GLY G 310 -4.01 -40.59 -12.99
N VAL G 311 -4.18 -40.58 -14.31
CA VAL G 311 -3.45 -41.46 -15.22
C VAL G 311 -2.20 -40.75 -15.69
N GLY G 312 -1.08 -41.44 -15.63
CA GLY G 312 0.19 -40.86 -16.03
C GLY G 312 1.34 -41.69 -15.50
N ARG G 313 2.54 -41.13 -15.64
CA ARG G 313 3.75 -41.80 -15.18
C ARG G 313 4.90 -40.79 -15.14
N PRO G 314 5.76 -40.85 -14.13
CA PRO G 314 6.95 -39.98 -14.12
C PRO G 314 7.80 -40.22 -15.37
N GLN G 315 8.36 -39.12 -15.89
CA GLN G 315 8.94 -39.16 -17.22
C GLN G 315 10.20 -40.02 -17.28
N PHE G 316 11.05 -39.96 -16.26
CA PHE G 316 12.35 -40.62 -16.35
C PHE G 316 12.21 -42.13 -16.45
N SER G 317 11.39 -42.73 -15.58
CA SER G 317 11.22 -44.18 -15.60
C SER G 317 10.56 -44.63 -16.90
N ALA G 318 9.54 -43.90 -17.35
CA ALA G 318 8.89 -44.25 -18.61
C ALA G 318 9.87 -44.18 -19.76
N VAL G 319 10.70 -43.14 -19.80
CA VAL G 319 11.65 -42.98 -20.89
C VAL G 319 12.69 -44.10 -20.88
N VAL G 320 13.22 -44.44 -19.70
CA VAL G 320 14.24 -45.49 -19.66
C VAL G 320 13.64 -46.83 -20.07
N GLU G 321 12.42 -47.15 -19.59
CA GLU G 321 11.80 -48.41 -19.95
C GLU G 321 11.50 -48.49 -21.43
N CYS G 322 10.94 -47.41 -22.00
CA CYS G 322 10.62 -47.39 -23.42
C CYS G 322 11.87 -47.46 -24.27
N ALA G 323 12.94 -46.77 -23.86
CA ALA G 323 14.18 -46.81 -24.61
C ALA G 323 14.78 -48.22 -24.59
N ALA G 324 14.77 -48.87 -23.43
CA ALA G 324 15.27 -50.24 -23.37
C ALA G 324 14.46 -51.16 -24.26
N ALA G 325 13.13 -51.05 -24.21
CA ALA G 325 12.28 -51.89 -25.04
C ALA G 325 12.53 -51.65 -26.52
N ALA G 326 12.65 -50.39 -26.93
CA ALA G 326 12.88 -50.07 -28.33
C ALA G 326 14.23 -50.60 -28.80
N ARG G 327 15.30 -50.26 -28.07
CA ARG G 327 16.63 -50.75 -28.42
C ARG G 327 16.65 -52.27 -28.51
N GLN G 328 15.91 -52.95 -27.63
CA GLN G 328 15.80 -54.41 -27.72
C GLN G 328 15.30 -54.82 -29.10
N LEU G 329 14.25 -54.15 -29.58
CA LEU G 329 13.69 -54.42 -30.91
C LEU G 329 14.31 -53.57 -32.00
N GLY G 330 15.38 -52.83 -31.69
CA GLY G 330 16.04 -52.01 -32.69
C GLY G 330 15.28 -50.77 -33.10
N GLY G 331 14.65 -50.10 -32.13
CA GLY G 331 13.93 -48.86 -32.42
C GLY G 331 14.48 -47.66 -31.68
N HIS G 332 13.77 -46.54 -31.74
CA HIS G 332 14.18 -45.33 -31.06
C HIS G 332 12.96 -44.69 -30.40
N VAL G 333 13.23 -43.89 -29.36
CA VAL G 333 12.18 -43.22 -28.62
C VAL G 333 12.49 -41.73 -28.53
N TRP G 334 11.43 -40.95 -28.33
CA TRP G 334 11.52 -39.50 -28.16
C TRP G 334 10.94 -39.10 -26.82
N ALA G 335 11.63 -38.21 -26.12
CA ALA G 335 11.14 -37.66 -24.86
C ALA G 335 10.24 -36.46 -25.17
N ASP G 336 9.01 -36.50 -24.69
CA ASP G 336 8.01 -35.48 -24.97
C ASP G 336 7.47 -34.92 -23.66
N GLY G 337 7.57 -33.61 -23.50
CA GLY G 337 6.99 -32.94 -22.35
C GLY G 337 7.89 -32.98 -21.13
N GLY G 338 7.63 -32.05 -20.22
CA GLY G 338 8.35 -31.99 -18.95
C GLY G 338 9.68 -31.29 -18.99
N VAL G 339 10.05 -30.67 -20.10
CA VAL G 339 11.34 -30.01 -20.25
C VAL G 339 11.21 -28.56 -19.81
N ARG G 340 12.02 -28.16 -18.84
CA ARG G 340 12.02 -26.78 -18.35
C ARG G 340 13.43 -26.21 -18.38
N HIS G 341 14.43 -27.08 -18.25
CA HIS G 341 15.83 -26.69 -18.16
C HIS G 341 16.65 -27.65 -19.01
N PRO G 342 17.87 -27.25 -19.39
CA PRO G 342 18.74 -28.18 -20.12
C PRO G 342 19.08 -29.43 -19.34
N ARG G 343 18.95 -29.40 -18.02
CA ARG G 343 19.12 -30.61 -17.22
C ARG G 343 18.14 -31.69 -17.66
N ASP G 344 16.90 -31.32 -17.94
CA ASP G 344 15.91 -32.29 -18.39
C ASP G 344 16.32 -32.94 -19.72
N VAL G 345 16.81 -32.12 -20.66
CA VAL G 345 17.24 -32.65 -21.95
C VAL G 345 18.43 -33.59 -21.77
N ALA G 346 19.40 -33.18 -20.94
CA ALA G 346 20.57 -34.02 -20.72
C ALA G 346 20.19 -35.35 -20.06
N LEU G 347 19.27 -35.32 -19.10
CA LEU G 347 18.85 -36.55 -18.44
C LEU G 347 18.06 -37.44 -19.38
N ALA G 348 17.21 -36.85 -20.23
CA ALA G 348 16.47 -37.65 -21.20
C ALA G 348 17.40 -38.31 -22.20
N LEU G 349 18.43 -37.57 -22.65
CA LEU G 349 19.41 -38.17 -23.56
C LEU G 349 20.19 -39.28 -22.86
N ALA G 350 20.59 -39.06 -21.62
CA ALA G 350 21.27 -40.12 -20.86
C ALA G 350 20.34 -41.29 -20.57
N ALA G 351 19.03 -41.04 -20.49
CA ALA G 351 18.08 -42.12 -20.24
C ALA G 351 18.03 -43.11 -21.39
N GLY G 352 18.30 -42.65 -22.62
CA GLY G 352 18.31 -43.54 -23.76
C GLY G 352 17.52 -42.99 -24.94
N ALA G 353 16.90 -41.84 -24.75
CA ALA G 353 16.13 -41.22 -25.82
C ALA G 353 17.04 -40.72 -26.93
N SER G 354 16.54 -40.77 -28.16
CA SER G 354 17.28 -40.28 -29.31
C SER G 354 17.08 -38.78 -29.55
N ASN G 355 15.88 -38.27 -29.25
CA ASN G 355 15.59 -36.86 -29.39
C ASN G 355 14.70 -36.43 -28.23
N VAL G 356 14.70 -35.13 -27.96
CA VAL G 356 13.91 -34.54 -26.88
C VAL G 356 12.99 -33.50 -27.51
N MET G 357 11.69 -33.76 -27.50
CA MET G 357 10.72 -32.85 -28.06
C MET G 357 10.35 -31.79 -27.02
N ILE G 358 10.66 -30.54 -27.31
CA ILE G 358 10.38 -29.41 -26.43
C ILE G 358 9.12 -28.71 -26.90
N GLY G 359 8.23 -28.39 -25.96
CA GLY G 359 6.95 -27.79 -26.31
C GLY G 359 6.80 -26.34 -25.90
N SER G 360 6.09 -26.11 -24.79
CA SER G 360 5.71 -24.77 -24.38
C SER G 360 6.89 -23.89 -23.99
N TRP G 361 8.08 -24.47 -23.79
CA TRP G 361 9.24 -23.65 -23.45
C TRP G 361 9.59 -22.69 -24.58
N PHE G 362 9.52 -23.16 -25.82
CA PHE G 362 9.83 -22.33 -26.98
C PHE G 362 8.73 -21.33 -27.31
N ALA G 363 7.57 -21.42 -26.66
CA ALA G 363 6.48 -20.48 -26.95
C ALA G 363 6.83 -19.07 -26.51
N GLY G 364 7.70 -18.92 -25.51
CA GLY G 364 8.10 -17.60 -25.06
C GLY G 364 9.28 -17.04 -25.83
N THR G 365 9.18 -17.06 -27.16
CA THR G 365 10.23 -16.56 -28.03
C THR G 365 9.62 -15.67 -29.11
N TYR G 366 10.48 -14.91 -29.77
CA TYR G 366 10.03 -14.05 -30.87
C TYR G 366 9.49 -14.88 -32.03
N GLU G 367 10.13 -16.00 -32.32
CA GLU G 367 9.77 -16.79 -33.49
C GLU G 367 8.45 -17.54 -33.33
N SER G 368 7.89 -17.59 -32.12
CA SER G 368 6.64 -18.29 -31.92
C SER G 368 5.50 -17.54 -32.61
N PRO G 369 4.52 -18.26 -33.16
CA PRO G 369 3.42 -17.58 -33.88
C PRO G 369 2.57 -16.68 -33.00
N GLY G 370 2.57 -16.88 -31.68
CA GLY G 370 1.73 -16.06 -30.82
C GLY G 370 2.17 -14.61 -30.85
N ASP G 371 1.18 -13.72 -30.76
CA ASP G 371 1.46 -12.29 -30.76
C ASP G 371 2.11 -11.86 -29.46
N LEU G 372 3.09 -10.97 -29.57
CA LEU G 372 3.80 -10.48 -28.39
C LEU G 372 2.89 -9.58 -27.55
N LEU G 373 2.90 -9.80 -26.24
CA LEU G 373 2.10 -9.03 -25.31
C LEU G 373 2.98 -8.51 -24.19
N PHE G 374 2.56 -7.39 -23.60
CA PHE G 374 3.28 -6.76 -22.51
C PHE G 374 2.46 -6.80 -21.24
N ASP G 375 3.10 -7.15 -20.13
CA ASP G 375 2.42 -7.27 -18.85
C ASP G 375 2.14 -5.88 -18.27
N ARG G 376 1.60 -5.86 -17.04
CA ARG G 376 1.34 -4.59 -16.37
C ARG G 376 2.64 -3.82 -16.11
N ASP G 377 3.72 -4.53 -15.81
CA ASP G 377 5.02 -3.92 -15.60
C ASP G 377 5.85 -3.81 -16.88
N ASP G 378 5.19 -3.83 -18.04
CA ASP G 378 5.83 -3.71 -19.35
C ASP G 378 6.78 -4.86 -19.65
N ARG G 379 6.66 -5.97 -18.91
CA ARG G 379 7.48 -7.14 -19.18
C ARG G 379 6.90 -7.91 -20.37
N PRO G 380 7.67 -8.18 -21.41
CA PRO G 380 7.12 -8.90 -22.56
C PRO G 380 6.79 -10.35 -22.21
N TYR G 381 5.72 -10.85 -22.81
CA TYR G 381 5.29 -12.23 -22.61
C TYR G 381 4.40 -12.65 -23.77
N LYS G 382 4.23 -13.96 -23.91
CA LYS G 382 3.36 -14.51 -24.93
C LYS G 382 2.53 -15.64 -24.31
N GLU G 383 1.29 -15.76 -24.77
CA GLU G 383 0.39 -16.78 -24.29
C GLU G 383 0.57 -18.08 -25.07
N SER G 384 0.55 -19.19 -24.34
CA SER G 384 0.65 -20.52 -24.92
C SER G 384 -0.54 -21.36 -24.48
N TYR G 385 -0.89 -22.35 -25.28
CA TYR G 385 -2.05 -23.18 -24.98
C TYR G 385 -1.85 -24.57 -25.56
N GLY G 386 -2.56 -25.54 -24.98
CA GLY G 386 -2.43 -26.92 -25.38
C GLY G 386 -3.34 -27.30 -26.53
N MET G 387 -3.07 -28.48 -27.10
CA MET G 387 -3.75 -28.91 -28.31
C MET G 387 -5.14 -29.44 -28.04
N ALA G 388 -5.46 -29.77 -26.79
CA ALA G 388 -6.78 -30.20 -26.36
C ALA G 388 -7.36 -31.29 -27.26
N SER G 389 -8.54 -31.05 -27.82
CA SER G 389 -9.29 -32.10 -28.48
C SER G 389 -8.58 -32.62 -29.73
N LYS G 390 -7.70 -31.82 -30.33
CA LYS G 390 -6.97 -32.26 -31.51
C LYS G 390 -6.18 -33.55 -31.26
N ARG G 391 -5.82 -33.81 -30.00
CA ARG G 391 -5.12 -35.04 -29.64
C ARG G 391 -6.05 -36.16 -29.22
N ALA G 392 -7.35 -35.91 -29.17
CA ALA G 392 -8.34 -36.88 -28.70
C ALA G 392 -8.97 -37.61 -29.87
N VAL G 393 -9.59 -38.74 -29.56
CA VAL G 393 -10.26 -39.55 -30.57
C VAL G 393 -11.67 -38.99 -30.80
N ALA G 394 -11.98 -38.69 -32.06
CA ALA G 394 -13.29 -38.15 -32.41
C ALA G 394 -14.35 -39.23 -32.35
N SER G 401 -25.15 -31.16 -36.90
CA SER G 401 -26.19 -30.92 -35.91
C SER G 401 -25.62 -30.24 -34.67
N SER G 402 -26.08 -29.01 -34.42
CA SER G 402 -25.66 -28.27 -33.24
C SER G 402 -25.84 -29.09 -31.96
N PHE G 403 -26.93 -29.85 -31.87
CA PHE G 403 -27.19 -30.64 -30.68
C PHE G 403 -26.10 -31.69 -30.46
N ASP G 404 -25.75 -32.43 -31.51
CA ASP G 404 -24.70 -33.44 -31.38
C ASP G 404 -23.36 -32.79 -31.09
N ARG G 405 -23.08 -31.64 -31.70
CA ARG G 405 -21.83 -30.94 -31.45
C ARG G 405 -21.72 -30.53 -29.98
N ALA G 406 -22.79 -29.97 -29.43
CA ALA G 406 -22.78 -29.57 -28.02
C ALA G 406 -22.68 -30.78 -27.11
N ARG G 407 -23.37 -31.87 -27.44
CA ARG G 407 -23.28 -33.08 -26.63
C ARG G 407 -21.87 -33.63 -26.61
N LYS G 408 -21.20 -33.64 -27.76
CA LYS G 408 -19.82 -34.11 -27.81
C LYS G 408 -18.90 -33.16 -27.06
N GLY G 409 -19.12 -31.86 -27.17
CA GLY G 409 -18.27 -30.89 -26.50
C GLY G 409 -18.52 -30.70 -25.03
N LEU G 410 -19.60 -31.29 -24.50
CA LEU G 410 -19.85 -31.19 -23.07
C LEU G 410 -18.76 -31.87 -22.26
N PHE G 411 -18.31 -33.05 -22.71
CA PHE G 411 -17.29 -33.81 -22.01
C PHE G 411 -15.88 -33.51 -22.50
N GLU G 412 -15.73 -32.65 -23.51
CA GLU G 412 -14.41 -32.34 -24.04
C GLU G 412 -13.60 -31.55 -23.02
N GLU G 413 -12.30 -31.83 -22.99
CA GLU G 413 -11.41 -31.14 -22.05
C GLU G 413 -11.22 -29.68 -22.46
N GLY G 414 -11.13 -28.81 -21.47
CA GLY G 414 -10.92 -27.40 -21.75
C GLY G 414 -9.50 -27.12 -22.21
N ILE G 415 -9.34 -25.96 -22.85
CA ILE G 415 -8.05 -25.52 -23.36
C ILE G 415 -7.31 -24.81 -22.24
N SER G 416 -6.20 -25.38 -21.80
CA SER G 416 -5.37 -24.77 -20.77
C SER G 416 -4.56 -23.63 -21.36
N THR G 417 -4.25 -22.63 -20.53
CA THR G 417 -3.46 -21.49 -20.96
C THR G 417 -2.55 -21.04 -19.83
N SER G 418 -1.43 -20.43 -20.20
CA SER G 418 -0.48 -19.90 -19.24
C SER G 418 0.38 -18.86 -19.93
N ARG G 419 1.02 -18.01 -19.12
CA ARG G 419 1.86 -16.94 -19.61
C ARG G 419 3.33 -17.38 -19.60
N MET G 420 4.01 -17.18 -20.72
CA MET G 420 5.43 -17.52 -20.85
C MET G 420 6.21 -16.22 -21.03
N SER G 421 6.97 -15.84 -20.00
CA SER G 421 7.73 -14.60 -20.06
C SER G 421 8.94 -14.74 -20.98
N LEU G 422 9.31 -13.64 -21.61
CA LEU G 422 10.45 -13.60 -22.51
C LEU G 422 11.69 -13.12 -21.75
N ASP G 423 12.74 -13.91 -21.81
CA ASP G 423 14.00 -13.51 -21.18
C ASP G 423 14.62 -12.37 -21.96
N PRO G 424 14.97 -11.25 -21.31
CA PRO G 424 15.57 -10.13 -22.06
C PRO G 424 16.86 -10.50 -22.77
N ALA G 425 17.67 -11.39 -22.18
CA ALA G 425 18.90 -11.83 -22.81
C ALA G 425 18.71 -13.05 -23.71
N ARG G 426 17.55 -13.69 -23.67
CA ARG G 426 17.25 -14.88 -24.47
C ARG G 426 15.90 -14.74 -25.14
N GLY G 427 15.66 -13.59 -25.77
CA GLY G 427 14.39 -13.36 -26.43
C GLY G 427 14.17 -14.30 -27.60
N GLY G 428 15.21 -14.53 -28.39
CA GLY G 428 15.09 -15.42 -29.53
C GLY G 428 15.25 -16.88 -29.17
N VAL G 429 14.73 -17.75 -30.05
CA VAL G 429 14.84 -19.18 -29.83
C VAL G 429 16.26 -19.67 -30.02
N GLU G 430 17.08 -18.93 -30.78
CA GLU G 430 18.48 -19.33 -30.95
C GLU G 430 19.24 -19.26 -29.64
N ASP G 431 18.92 -18.30 -28.78
CA ASP G 431 19.56 -18.23 -27.47
C ASP G 431 19.22 -19.45 -26.62
N LEU G 432 17.95 -19.89 -26.66
CA LEU G 432 17.58 -21.10 -25.94
C LEU G 432 18.26 -22.33 -26.53
N LEU G 433 18.40 -22.37 -27.85
CA LEU G 433 19.13 -23.48 -28.48
C LEU G 433 20.58 -23.49 -28.02
N ASP G 434 21.21 -22.32 -27.95
CA ASP G 434 22.59 -22.24 -27.45
C ASP G 434 22.67 -22.72 -26.01
N HIS G 435 21.70 -22.30 -25.18
CA HIS G 435 21.65 -22.73 -23.79
C HIS G 435 21.60 -24.25 -23.69
N ILE G 436 20.66 -24.87 -24.41
CA ILE G 436 20.46 -26.32 -24.33
C ILE G 436 21.68 -27.06 -24.88
N THR G 437 22.24 -26.59 -26.00
CA THR G 437 23.39 -27.27 -26.58
C THR G 437 24.60 -27.16 -25.66
N SER G 438 24.80 -26.00 -25.03
CA SER G 438 25.90 -25.86 -24.07
C SER G 438 25.71 -26.80 -22.89
N GLY G 439 24.49 -26.91 -22.39
CA GLY G 439 24.24 -27.83 -21.29
C GLY G 439 24.52 -29.27 -21.68
N VAL G 440 24.07 -29.69 -22.86
CA VAL G 440 24.28 -31.07 -23.29
C VAL G 440 25.77 -31.34 -23.52
N ARG G 441 26.48 -30.38 -24.11
CA ARG G 441 27.91 -30.57 -24.34
C ARG G 441 28.67 -30.65 -23.02
N SER G 442 28.31 -29.83 -22.04
CA SER G 442 28.94 -29.92 -20.73
C SER G 442 28.64 -31.26 -20.06
N THR G 443 27.41 -31.75 -20.22
CA THR G 443 27.07 -33.07 -19.68
C THR G 443 27.93 -34.14 -20.33
N CYS G 444 28.11 -34.08 -21.64
CA CYS G 444 28.92 -35.08 -22.34
C CYS G 444 30.37 -35.01 -21.88
N THR G 445 30.91 -33.80 -21.71
CA THR G 445 32.29 -33.67 -21.24
C THR G 445 32.43 -34.22 -19.81
N TYR G 446 31.46 -33.96 -18.95
CA TYR G 446 31.52 -34.49 -17.59
C TYR G 446 31.46 -36.02 -17.60
N VAL G 447 30.59 -36.60 -18.42
CA VAL G 447 30.50 -38.05 -18.50
C VAL G 447 31.75 -38.62 -19.14
N GLY G 448 32.27 -37.96 -20.17
CA GLY G 448 33.43 -38.46 -20.88
C GLY G 448 33.07 -39.11 -22.19
N ALA G 449 32.07 -38.57 -22.88
CA ALA G 449 31.54 -39.15 -24.11
C ALA G 449 31.68 -38.15 -25.25
N ALA G 450 32.09 -38.66 -26.42
CA ALA G 450 32.23 -37.83 -27.61
C ALA G 450 30.95 -37.77 -28.44
N ASN G 451 29.95 -38.59 -28.13
CA ASN G 451 28.71 -38.60 -28.91
C ASN G 451 27.59 -39.14 -28.03
N LEU G 452 26.37 -38.96 -28.50
CA LEU G 452 25.20 -39.39 -27.74
C LEU G 452 25.17 -40.89 -27.44
N PRO G 453 25.47 -41.80 -28.37
CA PRO G 453 25.54 -43.22 -27.99
C PRO G 453 26.53 -43.50 -26.88
N GLU G 454 27.70 -42.85 -26.91
CA GLU G 454 28.65 -43.00 -25.82
C GLU G 454 28.11 -42.38 -24.53
N LEU G 455 27.34 -41.30 -24.64
CA LEU G 455 26.71 -40.72 -23.46
C LEU G 455 25.75 -41.70 -22.81
N HIS G 456 24.96 -42.41 -23.62
CA HIS G 456 24.04 -43.41 -23.08
C HIS G 456 24.80 -44.60 -22.51
N GLU G 457 25.90 -44.98 -23.15
CA GLU G 457 26.62 -46.18 -22.71
C GLU G 457 27.39 -45.94 -21.41
N LYS G 458 28.05 -44.79 -21.28
CA LYS G 458 28.98 -44.55 -20.18
C LYS G 458 28.35 -43.83 -18.99
N VAL G 459 27.09 -43.42 -19.08
CA VAL G 459 26.49 -42.61 -18.02
C VAL G 459 26.23 -43.48 -16.79
N VAL G 460 26.41 -42.90 -15.62
CA VAL G 460 26.07 -43.53 -14.34
C VAL G 460 25.11 -42.61 -13.61
N LEU G 461 23.96 -43.16 -13.20
CA LEU G 461 22.89 -42.38 -12.61
C LEU G 461 22.84 -42.58 -11.10
N GLY G 462 22.24 -41.60 -10.41
CA GLY G 462 22.04 -41.68 -8.98
C GLY G 462 20.67 -41.16 -8.60
N VAL G 463 20.30 -41.43 -7.35
CA VAL G 463 19.01 -41.03 -6.81
C VAL G 463 19.24 -40.07 -5.65
N GLN G 464 18.50 -38.97 -5.64
CA GLN G 464 18.62 -37.96 -4.60
C GLN G 464 17.24 -37.66 -4.02
N SER G 465 17.23 -37.16 -2.79
CA SER G 465 15.99 -36.81 -2.11
C SER G 465 15.58 -35.39 -2.48
N ALA G 466 14.55 -34.87 -1.80
CA ALA G 466 14.08 -33.51 -2.08
C ALA G 466 15.14 -32.47 -1.73
N ALA G 467 15.86 -32.68 -0.63
CA ALA G 467 16.90 -31.74 -0.24
C ALA G 467 18.06 -31.74 -1.23
N GLY G 468 18.31 -32.86 -1.89
CA GLY G 468 19.40 -32.92 -2.86
C GLY G 468 19.17 -32.03 -4.05
N PHE G 469 17.91 -31.92 -4.49
CA PHE G 469 17.60 -31.08 -5.65
C PHE G 469 17.87 -29.62 -5.35
N ALA G 470 17.53 -29.15 -4.16
CA ALA G 470 17.74 -27.76 -3.78
C ALA G 470 19.22 -27.41 -3.63
N GLU G 471 20.09 -28.41 -3.61
CA GLU G 471 21.53 -28.14 -3.48
C GLU G 471 22.04 -27.42 -4.72
N GLY G 472 22.92 -26.46 -4.51
CA GLY G 472 23.46 -25.66 -5.60
C GLY G 472 22.84 -24.28 -5.66
N HIS G 473 23.15 -23.60 -6.76
CA HIS G 473 22.67 -22.23 -6.94
C HIS G 473 21.14 -22.22 -7.07
N PRO G 474 20.47 -21.27 -6.42
CA PRO G 474 19.01 -21.16 -6.54
C PRO G 474 18.52 -21.24 -7.97
N LEU G 475 17.53 -22.11 -8.20
CA LEU G 475 16.96 -22.24 -9.52
C LEU G 475 16.26 -20.94 -9.93
N PRO G 476 16.24 -20.60 -11.22
CA PRO G 476 15.62 -19.35 -11.68
C PRO G 476 14.14 -19.26 -11.36
N VAL H 2 32.41 -44.54 8.66
CA VAL H 2 31.45 -44.06 9.64
C VAL H 2 30.48 -45.16 10.00
N ARG H 3 29.77 -44.98 11.11
CA ARG H 3 28.79 -45.95 11.60
C ARG H 3 27.41 -45.34 11.57
N PHE H 4 26.46 -46.05 10.97
CA PHE H 4 25.07 -45.63 10.93
C PHE H 4 24.22 -46.50 11.85
N LEU H 5 23.05 -45.99 12.19
CA LEU H 5 22.11 -46.75 13.01
C LEU H 5 21.60 -47.97 12.24
N ASP H 6 21.22 -49.00 12.99
CA ASP H 6 20.73 -50.23 12.36
C ASP H 6 19.47 -49.95 11.55
N GLY H 7 19.44 -50.46 10.32
CA GLY H 7 18.33 -50.24 9.43
C GLY H 7 18.36 -48.94 8.65
N HIS H 8 19.34 -48.08 8.89
CA HIS H 8 19.45 -46.80 8.20
C HIS H 8 20.31 -46.94 6.96
N THR H 9 19.73 -47.59 5.95
CA THR H 9 20.39 -47.81 4.66
C THR H 9 19.46 -47.29 3.56
N PRO H 10 19.46 -45.98 3.32
CA PRO H 10 18.56 -45.43 2.31
C PRO H 10 18.96 -45.81 0.90
N ALA H 11 18.01 -45.68 -0.03
CA ALA H 11 18.23 -45.99 -1.42
C ALA H 11 18.56 -44.75 -2.24
N TYR H 12 19.17 -43.74 -1.61
CA TYR H 12 19.54 -42.51 -2.29
C TYR H 12 20.72 -41.88 -1.56
N ASP H 13 21.43 -41.01 -2.26
CA ASP H 13 22.56 -40.31 -1.65
C ASP H 13 22.06 -39.27 -0.66
N LEU H 14 22.89 -38.98 0.33
CA LEU H 14 22.51 -38.14 1.46
C LEU H 14 23.21 -36.79 1.40
N THR H 15 22.54 -35.77 1.92
CA THR H 15 23.07 -34.42 2.02
C THR H 15 23.30 -34.08 3.49
N TYR H 16 23.69 -32.83 3.74
CA TYR H 16 23.88 -32.38 5.11
C TYR H 16 22.56 -32.31 5.88
N ASN H 17 21.46 -32.03 5.17
CA ASN H 17 20.16 -31.90 5.83
C ASN H 17 19.50 -33.24 6.10
N ASP H 18 19.99 -34.32 5.53
CA ASP H 18 19.39 -35.64 5.67
C ASP H 18 20.03 -36.48 6.77
N VAL H 19 21.02 -35.95 7.49
CA VAL H 19 21.74 -36.72 8.48
C VAL H 19 21.78 -35.97 9.81
N PHE H 20 22.02 -36.73 10.87
CA PHE H 20 22.14 -36.17 12.21
C PHE H 20 23.13 -37.01 13.00
N VAL H 21 23.65 -36.43 14.08
CA VAL H 21 24.66 -37.07 14.92
C VAL H 21 23.99 -37.52 16.21
N VAL H 22 24.15 -38.80 16.54
CA VAL H 22 23.59 -39.38 17.76
C VAL H 22 24.59 -39.22 18.89
N PRO H 23 24.20 -38.61 20.02
CA PRO H 23 25.13 -38.47 21.14
C PRO H 23 25.54 -39.80 21.72
N GLY H 24 26.76 -39.86 22.25
CA GLY H 24 27.28 -41.04 22.91
C GLY H 24 27.87 -40.69 24.27
N ARG H 25 28.38 -41.72 24.93
CA ARG H 25 29.01 -41.54 26.22
C ARG H 25 30.24 -40.64 26.07
N SER H 26 30.34 -39.63 26.93
CA SER H 26 31.37 -38.61 26.81
C SER H 26 32.02 -38.36 28.16
N ASP H 27 33.30 -37.95 28.10
CA ASP H 27 34.03 -37.54 29.29
C ASP H 27 34.68 -36.18 29.12
N VAL H 28 34.41 -35.48 28.02
CA VAL H 28 34.97 -34.15 27.79
C VAL H 28 34.19 -33.14 28.61
N ALA H 29 34.88 -32.45 29.51
CA ALA H 29 34.20 -31.55 30.45
C ALA H 29 33.63 -30.33 29.73
N SER H 30 34.44 -29.67 28.90
CA SER H 30 34.04 -28.40 28.29
C SER H 30 34.55 -28.35 26.86
N ARG H 31 34.16 -27.28 26.15
CA ARG H 31 34.59 -27.09 24.78
C ARG H 31 36.10 -26.89 24.68
N PHE H 32 36.68 -26.18 25.65
CA PHE H 32 38.10 -25.83 25.59
C PHE H 32 39.02 -27.03 25.69
N ASP H 33 38.51 -28.19 26.09
CA ASP H 33 39.33 -29.40 26.17
C ASP H 33 39.50 -30.08 24.82
N VAL H 34 38.83 -29.59 23.78
CA VAL H 34 38.88 -30.21 22.46
C VAL H 34 40.00 -29.57 21.65
N ASP H 35 40.81 -30.41 21.00
CA ASP H 35 41.87 -29.96 20.12
C ASP H 35 41.38 -30.04 18.67
N LEU H 36 41.41 -28.91 17.97
CA LEU H 36 40.87 -28.82 16.62
C LEU H 36 41.96 -28.83 15.55
N SER H 37 43.19 -29.17 15.92
CA SER H 37 44.28 -29.17 14.95
C SER H 37 44.08 -30.26 13.91
N THR H 38 44.37 -29.91 12.65
CA THR H 38 44.25 -30.87 11.55
C THR H 38 45.52 -31.72 11.45
N VAL H 39 45.41 -32.83 10.71
CA VAL H 39 46.51 -33.77 10.57
C VAL H 39 46.79 -34.04 9.10
N ASP H 40 46.31 -33.15 8.23
CA ASP H 40 46.50 -33.32 6.79
C ASP H 40 47.76 -32.64 6.27
N GLY H 41 48.54 -32.02 7.14
CA GLY H 41 49.76 -31.35 6.73
C GLY H 41 49.59 -29.92 6.27
N SER H 42 48.36 -29.40 6.23
CA SER H 42 48.14 -28.02 5.82
C SER H 42 48.64 -27.02 6.85
N GLY H 43 48.84 -27.46 8.10
CA GLY H 43 49.31 -26.58 9.14
C GLY H 43 48.23 -25.76 9.83
N THR H 44 46.98 -25.93 9.45
CA THR H 44 45.89 -25.17 10.07
C THR H 44 45.55 -25.77 11.43
N THR H 45 45.42 -24.90 12.43
CA THR H 45 45.01 -25.34 13.76
C THR H 45 43.50 -25.44 13.90
N ILE H 46 42.74 -24.92 12.94
CA ILE H 46 41.29 -25.08 12.91
C ILE H 46 40.90 -25.62 11.54
N PRO H 47 39.81 -26.39 11.43
CA PRO H 47 39.41 -26.98 10.15
C PRO H 47 38.60 -26.04 9.26
N VAL H 48 39.13 -24.83 9.04
CA VAL H 48 38.47 -23.83 8.22
C VAL H 48 39.45 -23.37 7.14
N VAL H 49 39.01 -23.43 5.88
CA VAL H 49 39.79 -22.98 4.74
C VAL H 49 38.92 -22.05 3.92
N VAL H 50 39.48 -20.92 3.50
CA VAL H 50 38.77 -19.94 2.69
C VAL H 50 38.96 -20.28 1.22
N ALA H 51 37.86 -20.27 0.47
CA ALA H 51 37.90 -20.66 -0.94
C ALA H 51 38.68 -19.66 -1.77
N ASN H 52 39.23 -20.15 -2.88
CA ASN H 52 40.03 -19.34 -3.79
C ASN H 52 39.12 -18.60 -4.77
N MET H 53 38.45 -17.57 -4.24
CA MET H 53 37.58 -16.71 -5.02
C MET H 53 38.05 -15.26 -4.87
N THR H 54 37.98 -14.51 -5.97
CA THR H 54 38.35 -13.09 -5.91
C THR H 54 37.40 -12.28 -5.04
N ALA H 55 36.18 -12.76 -4.82
CA ALA H 55 35.23 -12.07 -3.97
C ALA H 55 35.42 -12.36 -2.49
N VAL H 56 36.24 -13.35 -2.15
CA VAL H 56 36.47 -13.75 -0.76
C VAL H 56 37.92 -13.61 -0.36
N ALA H 57 38.83 -14.16 -1.16
CA ALA H 57 40.25 -14.14 -0.82
C ALA H 57 40.83 -12.75 -1.01
N GLY H 58 41.58 -12.29 -0.02
CA GLY H 58 42.20 -10.98 -0.09
C GLY H 58 43.24 -10.85 1.01
N ARG H 59 43.94 -9.71 0.98
CA ARG H 59 45.01 -9.49 1.95
C ARG H 59 44.47 -9.45 3.37
N ARG H 60 43.46 -8.62 3.62
CA ARG H 60 42.90 -8.50 4.95
C ARG H 60 42.29 -9.81 5.41
N MET H 61 41.53 -10.47 4.53
CA MET H 61 40.93 -11.75 4.88
C MET H 61 42.01 -12.79 5.16
N ALA H 62 43.06 -12.84 4.34
CA ALA H 62 44.14 -13.80 4.57
C ALA H 62 44.79 -13.58 5.92
N GLU H 63 45.11 -12.32 6.24
CA GLU H 63 45.75 -12.02 7.51
C GLU H 63 44.85 -12.40 8.68
N THR H 64 43.57 -12.01 8.61
CA THR H 64 42.67 -12.28 9.72
C THR H 64 42.47 -13.78 9.92
N VAL H 65 42.30 -14.53 8.83
CA VAL H 65 42.08 -15.97 8.95
C VAL H 65 43.34 -16.68 9.44
N ALA H 66 44.50 -16.28 8.92
CA ALA H 66 45.76 -16.92 9.34
C ALA H 66 46.08 -16.62 10.79
N ARG H 67 45.72 -15.43 11.28
CA ARG H 67 45.98 -15.12 12.68
C ARG H 67 45.19 -16.02 13.62
N ARG H 68 43.98 -16.43 13.22
CA ARG H 68 43.13 -17.27 14.06
C ARG H 68 43.34 -18.76 13.84
N GLY H 69 44.23 -19.15 12.93
CA GLY H 69 44.58 -20.54 12.74
C GLY H 69 44.19 -21.13 11.40
N GLY H 70 43.36 -20.43 10.62
CA GLY H 70 42.97 -20.92 9.32
C GLY H 70 43.96 -20.56 8.23
N ILE H 71 43.61 -20.91 7.00
CA ILE H 71 44.43 -20.61 5.84
C ILE H 71 43.53 -20.09 4.72
N VAL H 72 44.11 -19.30 3.83
CA VAL H 72 43.40 -18.72 2.70
C VAL H 72 44.16 -19.06 1.42
N VAL H 73 43.44 -19.56 0.43
CA VAL H 73 44.02 -19.89 -0.88
C VAL H 73 43.74 -18.73 -1.82
N LEU H 74 44.80 -18.17 -2.39
CA LEU H 74 44.66 -17.06 -3.31
C LEU H 74 44.03 -17.54 -4.62
N PRO H 75 43.23 -16.71 -5.28
CA PRO H 75 42.59 -17.11 -6.53
C PRO H 75 43.62 -17.38 -7.63
N GLN H 76 43.27 -18.31 -8.51
CA GLN H 76 44.14 -18.63 -9.63
C GLN H 76 44.12 -17.53 -10.67
N ASP H 77 45.12 -17.55 -11.55
CA ASP H 77 45.29 -16.57 -12.63
C ASP H 77 45.55 -15.15 -12.12
N LEU H 78 45.75 -14.99 -10.82
CA LEU H 78 46.09 -13.67 -10.29
C LEU H 78 47.51 -13.30 -10.71
N PRO H 79 47.77 -12.02 -11.00
CA PRO H 79 49.12 -11.63 -11.42
C PRO H 79 50.16 -11.98 -10.35
N ILE H 80 51.33 -12.40 -10.81
CA ILE H 80 52.36 -12.87 -9.90
C ILE H 80 52.88 -11.75 -9.00
N THR H 81 52.96 -10.52 -9.53
CA THR H 81 53.43 -9.40 -8.72
C THR H 81 52.48 -9.15 -7.55
N ALA H 82 51.17 -9.14 -7.82
CA ALA H 82 50.19 -8.94 -6.75
C ALA H 82 50.26 -10.08 -5.73
N VAL H 83 50.49 -11.30 -6.20
CA VAL H 83 50.67 -12.43 -5.29
C VAL H 83 51.88 -12.20 -4.40
N SER H 84 52.98 -11.70 -4.97
CA SER H 84 54.18 -11.45 -4.18
C SER H 84 53.92 -10.39 -3.11
N GLU H 85 53.26 -9.29 -3.49
CA GLU H 85 52.95 -8.26 -2.49
C GLU H 85 52.02 -8.79 -1.41
N THR H 86 51.01 -9.58 -1.79
CA THR H 86 50.09 -10.13 -0.81
C THR H 86 50.81 -11.07 0.17
N VAL H 87 51.70 -11.93 -0.35
CA VAL H 87 52.43 -12.85 0.50
C VAL H 87 53.35 -12.09 1.44
N ASP H 88 54.05 -11.07 0.93
CA ASP H 88 54.93 -10.28 1.78
C ASP H 88 54.14 -9.56 2.87
N PHE H 89 53.00 -8.97 2.52
CA PHE H 89 52.19 -8.28 3.51
C PHE H 89 51.67 -9.24 4.57
N VAL H 90 51.22 -10.43 4.16
CA VAL H 90 50.71 -11.40 5.11
C VAL H 90 51.81 -11.88 6.04
N LYS H 91 52.99 -12.18 5.50
CA LYS H 91 54.09 -12.69 6.32
C LYS H 91 54.78 -11.59 7.13
N SER H 92 54.48 -10.32 6.86
CA SER H 92 55.04 -9.22 7.64
C SER H 92 54.15 -8.79 8.79
N ARG H 93 53.03 -9.48 9.03
CA ARG H 93 52.12 -9.10 10.08
C ARG H 93 52.54 -9.68 11.42
N ASP H 94 51.97 -9.11 12.49
CA ASP H 94 52.21 -9.60 13.84
C ASP H 94 51.23 -10.71 14.18
N LEU H 95 51.69 -11.66 14.99
CA LEU H 95 50.90 -12.83 15.34
C LEU H 95 49.80 -12.53 16.37
N VAL H 96 49.83 -11.36 17.03
CA VAL H 96 48.88 -11.03 18.08
C VAL H 96 48.13 -9.74 17.76
N VAL H 97 48.84 -8.71 17.33
CA VAL H 97 48.26 -7.38 17.14
C VAL H 97 47.74 -7.25 15.71
N ASP H 98 46.49 -6.84 15.59
CA ASP H 98 45.87 -6.67 14.28
C ASP H 98 46.35 -5.39 13.61
N THR H 99 46.21 -5.35 12.28
CA THR H 99 46.57 -4.19 11.51
C THR H 99 45.38 -3.27 11.34
N PRO H 100 45.41 -2.05 11.85
CA PRO H 100 44.27 -1.13 11.73
C PRO H 100 44.31 -0.35 10.43
N VAL H 101 43.21 0.37 10.19
CA VAL H 101 43.13 1.27 9.05
C VAL H 101 43.90 2.53 9.36
N THR H 102 44.82 2.91 8.46
CA THR H 102 45.66 4.08 8.64
C THR H 102 45.18 5.22 7.76
N LEU H 103 45.26 6.44 8.29
CA LEU H 103 44.83 7.63 7.57
C LEU H 103 45.86 8.73 7.75
N SER H 104 45.87 9.65 6.79
CA SER H 104 46.71 10.84 6.85
C SER H 104 45.85 12.07 7.15
N PRO H 105 46.43 13.09 7.80
CA PRO H 105 45.64 14.30 8.08
C PRO H 105 45.13 15.02 6.85
N GLU H 106 45.76 14.83 5.70
CA GLU H 106 45.32 15.46 4.46
C GLU H 106 44.26 14.66 3.72
N ASP H 107 43.88 13.49 4.23
CA ASP H 107 42.88 12.66 3.57
C ASP H 107 41.50 13.29 3.69
N SER H 108 40.63 12.92 2.76
CA SER H 108 39.26 13.43 2.74
C SER H 108 38.41 12.71 3.78
N VAL H 109 37.32 13.37 4.18
CA VAL H 109 36.39 12.77 5.14
C VAL H 109 35.66 11.59 4.49
N SER H 110 35.31 11.72 3.21
CA SER H 110 34.63 10.62 2.52
C SER H 110 35.53 9.39 2.45
N ASP H 111 36.82 9.58 2.16
CA ASP H 111 37.74 8.46 2.12
C ASP H 111 37.85 7.79 3.49
N ALA H 112 37.90 8.58 4.56
CA ALA H 112 37.95 8.02 5.91
C ALA H 112 36.69 7.22 6.21
N ASN H 113 35.52 7.77 5.85
CA ASN H 113 34.27 7.07 6.10
C ASN H 113 34.23 5.74 5.34
N ALA H 114 34.62 5.76 4.06
CA ALA H 114 34.62 4.54 3.27
C ALA H 114 35.61 3.52 3.81
N LEU H 115 36.77 3.98 4.29
CA LEU H 115 37.78 3.06 4.82
C LEU H 115 37.44 2.54 6.20
N LEU H 116 36.54 3.23 6.92
CA LEU H 116 36.18 2.78 8.28
C LEU H 116 35.61 1.37 8.28
N HIS H 117 34.98 0.96 7.19
CA HIS H 117 34.35 -0.35 7.11
C HIS H 117 35.27 -1.43 6.54
N LYS H 118 36.54 -1.09 6.27
CA LYS H 118 37.47 -2.09 5.77
C LYS H 118 37.91 -3.07 6.84
N ARG H 119 37.71 -2.75 8.12
CA ARG H 119 38.08 -3.62 9.22
C ARG H 119 36.95 -3.65 10.24
N ALA H 120 36.97 -4.67 11.09
CA ALA H 120 35.96 -4.85 12.12
C ALA H 120 36.27 -4.08 13.40
N HIS H 121 37.40 -3.36 13.44
CA HIS H 121 37.75 -2.60 14.65
C HIS H 121 36.77 -1.46 14.90
N GLY H 122 36.18 -0.90 13.84
CA GLY H 122 35.24 0.20 13.99
C GLY H 122 35.88 1.56 14.12
N ALA H 123 37.21 1.66 14.03
CA ALA H 123 37.89 2.94 14.12
C ALA H 123 39.18 2.88 13.31
N ALA H 124 39.68 4.05 12.94
CA ALA H 124 40.90 4.17 12.16
C ALA H 124 41.89 5.06 12.91
N VAL H 125 43.17 4.75 12.77
CA VAL H 125 44.24 5.45 13.45
C VAL H 125 44.87 6.44 12.48
N VAL H 126 44.85 7.72 12.85
CA VAL H 126 45.51 8.75 12.05
C VAL H 126 47.00 8.72 12.35
N VAL H 127 47.82 8.65 11.30
CA VAL H 127 49.26 8.48 11.42
C VAL H 127 49.94 9.68 10.77
N PHE H 128 50.83 10.32 11.54
CA PHE H 128 51.62 11.44 11.04
C PHE H 128 53.09 11.14 11.36
N GLU H 129 53.90 11.04 10.30
CA GLU H 129 55.32 10.71 10.43
C GLU H 129 55.52 9.40 11.20
N GLY H 130 54.61 8.45 10.98
CA GLY H 130 54.69 7.16 11.63
C GLY H 130 54.16 7.12 13.05
N ARG H 131 53.68 8.25 13.58
CA ARG H 131 53.23 8.32 14.96
C ARG H 131 51.74 8.55 15.02
N PRO H 132 50.99 7.74 15.78
CA PRO H 132 49.55 7.99 15.94
C PRO H 132 49.30 9.34 16.60
N ILE H 133 48.29 10.04 16.11
CA ILE H 133 47.98 11.37 16.62
C ILE H 133 46.50 11.48 16.99
N GLY H 134 45.70 10.50 16.59
CA GLY H 134 44.28 10.56 16.88
C GLY H 134 43.55 9.37 16.32
N LEU H 135 42.24 9.37 16.53
CA LEU H 135 41.36 8.29 16.11
C LEU H 135 40.17 8.86 15.37
N VAL H 136 39.71 8.14 14.35
CA VAL H 136 38.56 8.53 13.56
C VAL H 136 37.49 7.46 13.69
N THR H 137 36.30 7.86 14.11
CA THR H 137 35.15 6.97 14.25
C THR H 137 33.98 7.50 13.44
N GLU H 138 32.96 6.65 13.29
CA GLU H 138 31.80 7.03 12.50
C GLU H 138 31.05 8.22 13.11
N ALA H 139 31.12 8.36 14.44
CA ALA H 139 30.45 9.49 15.09
C ALA H 139 31.14 10.81 14.75
N ASN H 140 32.46 10.81 14.60
CA ASN H 140 33.19 12.04 14.32
C ASN H 140 32.86 12.56 12.93
N CYS H 141 32.80 11.67 11.94
CA CYS H 141 32.56 12.11 10.56
C CYS H 141 31.11 12.52 10.32
N ALA H 142 30.19 12.11 11.18
CA ALA H 142 28.78 12.45 10.99
C ALA H 142 28.58 13.95 11.20
N GLY H 143 27.88 14.59 10.26
CA GLY H 143 27.60 15.99 10.32
C GLY H 143 28.69 16.90 9.79
N VAL H 144 29.83 16.35 9.39
CA VAL H 144 30.95 17.12 8.89
C VAL H 144 30.88 17.14 7.37
N ASP H 145 31.34 18.24 6.77
CA ASP H 145 31.38 18.35 5.32
C ASP H 145 32.20 17.21 4.74
N ARG H 146 31.67 16.59 3.68
CA ARG H 146 32.29 15.38 3.14
C ARG H 146 33.68 15.66 2.57
N PHE H 147 33.94 16.88 2.12
CA PHE H 147 35.21 17.21 1.48
C PHE H 147 36.16 17.98 2.38
N ALA H 148 35.90 18.00 3.69
CA ALA H 148 36.86 18.55 4.62
C ALA H 148 38.06 17.62 4.75
N ARG H 149 39.02 18.01 5.58
CA ARG H 149 40.23 17.24 5.78
C ARG H 149 40.14 16.45 7.08
N VAL H 150 41.02 15.44 7.19
CA VAL H 150 41.05 14.63 8.40
C VAL H 150 41.46 15.49 9.60
N ARG H 151 42.39 16.42 9.38
CA ARG H 151 42.83 17.30 10.46
C ARG H 151 41.71 18.17 10.99
N ASP H 152 40.66 18.42 10.20
CA ASP H 152 39.51 19.17 10.69
C ASP H 152 38.67 18.32 11.65
N ILE H 153 38.67 17.00 11.47
CA ILE H 153 37.90 16.12 12.33
C ILE H 153 38.47 16.16 13.74
N ALA H 154 37.58 16.27 14.73
CA ALA H 154 37.99 16.29 16.13
C ALA H 154 38.49 14.91 16.55
N LEU H 155 39.80 14.70 16.46
CA LEU H 155 40.38 13.40 16.77
C LEU H 155 40.23 13.07 18.25
N SER H 156 39.77 11.86 18.54
CA SER H 156 39.50 11.43 19.90
C SER H 156 40.73 10.78 20.52
N ASP H 157 40.81 10.87 21.85
CA ASP H 157 41.92 10.26 22.58
C ASP H 157 41.85 8.74 22.48
N PHE H 158 43.00 8.10 22.65
CA PHE H 158 43.12 6.66 22.48
C PHE H 158 43.97 6.07 23.60
N VAL H 159 43.62 4.85 24.00
CA VAL H 159 44.41 4.13 25.00
C VAL H 159 45.63 3.52 24.32
N THR H 160 46.81 3.79 24.88
CA THR H 160 48.07 3.37 24.28
C THR H 160 48.78 2.40 25.22
N ALA H 161 49.27 1.30 24.67
CA ALA H 161 50.03 0.31 25.42
C ALA H 161 51.19 -0.16 24.56
N PRO H 162 52.35 -0.45 25.17
CA PRO H 162 53.49 -0.93 24.38
C PRO H 162 53.27 -2.34 23.88
N VAL H 163 53.98 -2.67 22.79
CA VAL H 163 53.93 -4.02 22.25
C VAL H 163 54.57 -4.99 23.23
N GLY H 164 54.11 -6.23 23.20
CA GLY H 164 54.57 -7.25 24.13
C GLY H 164 53.81 -7.30 25.44
N THR H 165 52.88 -6.37 25.66
CA THR H 165 52.08 -6.39 26.87
C THR H 165 51.15 -7.59 26.87
N ASP H 166 50.96 -8.19 28.04
CA ASP H 166 50.07 -9.33 28.16
C ASP H 166 48.65 -8.90 27.79
N PRO H 167 47.91 -9.73 27.04
CA PRO H 167 46.55 -9.34 26.64
C PRO H 167 45.61 -9.07 27.81
N ARG H 168 45.87 -9.68 28.97
CA ARG H 168 45.02 -9.41 30.14
C ARG H 168 45.08 -7.94 30.54
N GLU H 169 46.29 -7.37 30.56
CA GLU H 169 46.42 -5.96 30.92
C GLU H 169 45.73 -5.06 29.89
N VAL H 170 45.90 -5.37 28.61
CA VAL H 170 45.25 -4.57 27.57
C VAL H 170 43.74 -4.64 27.69
N PHE H 171 43.22 -5.82 28.01
CA PHE H 171 41.79 -5.96 28.26
C PHE H 171 41.36 -5.14 29.48
N ASP H 172 42.21 -5.11 30.50
CA ASP H 172 41.88 -4.36 31.71
C ASP H 172 41.82 -2.86 31.44
N LEU H 173 42.77 -2.33 30.67
CA LEU H 173 42.78 -0.89 30.41
C LEU H 173 41.60 -0.44 29.56
N LEU H 174 40.99 -1.34 28.79
CA LEU H 174 39.86 -1.00 27.94
C LEU H 174 38.52 -1.20 28.63
N GLU H 175 38.51 -1.39 29.95
CA GLU H 175 37.27 -1.62 30.67
C GLU H 175 36.34 -0.43 30.59
N HIS H 176 36.87 0.78 30.75
CA HIS H 176 36.08 2.00 30.74
C HIS H 176 36.44 2.93 29.58
N ALA H 177 37.22 2.47 28.63
CA ALA H 177 37.60 3.31 27.50
C ALA H 177 36.38 3.60 26.64
N PRO H 178 36.15 4.86 26.22
CA PRO H 178 35.02 5.16 25.35
C PRO H 178 35.07 4.43 24.02
N ILE H 179 36.26 4.19 23.49
CA ILE H 179 36.44 3.48 22.22
C ILE H 179 37.18 2.18 22.53
N ASP H 180 36.62 1.06 22.07
CA ASP H 180 37.13 -0.27 22.43
C ASP H 180 38.24 -0.71 21.47
N VAL H 181 39.25 0.13 21.35
CA VAL H 181 40.46 -0.19 20.60
C VAL H 181 41.67 0.31 21.39
N ALA H 182 42.74 -0.47 21.38
CA ALA H 182 43.98 -0.12 22.05
C ALA H 182 45.12 -0.15 21.04
N VAL H 183 45.78 0.98 20.86
CA VAL H 183 46.88 1.09 19.90
C VAL H 183 48.17 0.59 20.55
N MET H 184 48.90 -0.26 19.83
CA MET H 184 50.17 -0.78 20.30
C MET H 184 51.30 -0.03 19.60
N THR H 185 52.22 0.52 20.40
CA THR H 185 53.31 1.32 19.90
C THR H 185 54.65 0.63 20.15
N ALA H 186 55.50 0.64 19.14
CA ALA H 186 56.82 0.03 19.25
C ALA H 186 57.70 0.82 20.21
N PRO H 187 58.77 0.21 20.72
CA PRO H 187 59.68 0.97 21.60
C PRO H 187 60.23 2.23 20.97
N ASP H 188 60.38 2.25 19.64
CA ASP H 188 60.71 3.49 18.96
C ASP H 188 59.59 4.51 19.15
N GLY H 189 58.34 4.06 19.08
CA GLY H 189 57.19 4.94 19.18
C GLY H 189 56.30 4.96 17.95
N THR H 190 56.60 4.19 16.91
CA THR H 190 55.78 4.15 15.72
C THR H 190 54.60 3.21 15.91
N LEU H 191 53.64 3.29 15.00
CA LEU H 191 52.46 2.44 15.06
C LEU H 191 52.82 1.00 14.74
N ALA H 192 52.44 0.08 15.64
CA ALA H 192 52.62 -1.35 15.41
C ALA H 192 51.32 -2.08 15.14
N GLY H 193 50.19 -1.52 15.53
CA GLY H 193 48.91 -2.16 15.29
C GLY H 193 47.89 -1.70 16.31
N VAL H 194 46.75 -2.39 16.31
CA VAL H 194 45.66 -2.09 17.23
C VAL H 194 45.18 -3.40 17.86
N LEU H 195 44.57 -3.27 19.03
CA LEU H 195 44.04 -4.42 19.76
C LEU H 195 42.72 -4.03 20.39
N THR H 196 41.83 -5.02 20.54
CA THR H 196 40.51 -4.82 21.12
C THR H 196 40.32 -5.82 22.25
N ARG H 197 39.27 -5.59 23.05
CA ARG H 197 38.93 -6.53 24.12
C ARG H 197 38.61 -7.90 23.55
N THR H 198 37.79 -7.95 22.51
CA THR H 198 37.48 -9.22 21.87
C THR H 198 38.71 -9.86 21.26
N GLY H 199 39.57 -9.05 20.64
CA GLY H 199 40.82 -9.57 20.11
C GLY H 199 41.74 -10.09 21.20
N ALA H 200 41.79 -9.38 22.33
CA ALA H 200 42.60 -9.86 23.46
C ALA H 200 42.07 -11.19 23.98
N ILE H 201 40.75 -11.34 24.04
CA ILE H 201 40.18 -12.61 24.47
C ILE H 201 40.51 -13.71 23.47
N ARG H 202 40.38 -13.42 22.17
CA ARG H 202 40.66 -14.43 21.15
C ARG H 202 42.13 -14.82 21.11
N ALA H 203 43.02 -13.92 21.51
CA ALA H 203 44.45 -14.22 21.47
C ALA H 203 44.81 -15.43 22.32
N GLY H 204 44.12 -15.62 23.44
CA GLY H 204 44.36 -16.76 24.29
C GLY H 204 43.63 -18.03 23.94
N ILE H 205 42.81 -18.01 22.89
CA ILE H 205 42.01 -19.16 22.48
C ILE H 205 42.54 -19.77 21.19
N TYR H 206 42.80 -18.93 20.19
CA TYR H 206 43.23 -19.40 18.87
C TYR H 206 44.75 -19.33 18.77
N THR H 207 45.35 -20.43 18.32
CA THR H 207 46.78 -20.48 18.05
C THR H 207 47.02 -20.21 16.58
N PRO H 208 47.74 -19.15 16.23
CA PRO H 208 47.93 -18.84 14.81
C PRO H 208 48.66 -19.94 14.07
N ALA H 209 48.30 -20.12 12.80
CA ALA H 209 48.94 -21.09 11.93
C ALA H 209 50.17 -20.45 11.31
N VAL H 210 51.36 -20.97 11.64
CA VAL H 210 52.61 -20.38 11.23
C VAL H 210 53.46 -21.45 10.53
N ASP H 211 54.39 -20.98 9.70
CA ASP H 211 55.31 -21.84 8.99
C ASP H 211 56.52 -22.15 9.87
N ALA H 212 57.57 -22.72 9.28
CA ALA H 212 58.78 -23.03 10.04
C ALA H 212 59.50 -21.79 10.52
N LYS H 213 59.29 -20.64 9.88
CA LYS H 213 59.93 -19.39 10.27
C LYS H 213 59.08 -18.56 11.23
N GLY H 214 57.90 -19.04 11.62
CA GLY H 214 57.07 -18.30 12.53
C GLY H 214 56.25 -17.20 11.89
N ARG H 215 55.94 -17.31 10.60
CA ARG H 215 55.15 -16.32 9.89
C ARG H 215 53.84 -16.94 9.44
N LEU H 216 52.82 -16.09 9.29
CA LEU H 216 51.49 -16.56 8.95
C LEU H 216 51.49 -17.30 7.61
N ARG H 217 50.77 -18.41 7.56
CA ARG H 217 50.74 -19.25 6.38
C ARG H 217 49.77 -18.69 5.35
N ILE H 218 50.02 -19.02 4.08
CA ILE H 218 49.17 -18.60 2.98
C ILE H 218 49.32 -19.61 1.85
N ALA H 219 48.29 -19.74 1.03
CA ALA H 219 48.26 -20.69 -0.07
C ALA H 219 47.83 -19.99 -1.36
N ALA H 220 48.21 -20.58 -2.48
CA ALA H 220 47.87 -20.05 -3.80
C ALA H 220 47.34 -21.18 -4.67
N ALA H 221 46.48 -20.81 -5.62
CA ALA H 221 45.83 -21.77 -6.51
C ALA H 221 46.34 -21.60 -7.94
N VAL H 222 46.39 -22.71 -8.67
CA VAL H 222 46.83 -22.72 -10.06
C VAL H 222 45.77 -23.44 -10.89
N GLY H 223 45.69 -23.06 -12.17
CA GLY H 223 44.85 -23.75 -13.13
C GLY H 223 45.57 -24.88 -13.81
N ILE H 224 44.88 -25.49 -14.78
CA ILE H 224 45.44 -26.58 -15.57
C ILE H 224 45.71 -26.15 -17.01
N ASN H 225 45.45 -24.91 -17.36
CA ASN H 225 45.74 -24.40 -18.70
C ASN H 225 47.14 -23.82 -18.75
N GLY H 226 47.75 -23.88 -19.94
CA GLY H 226 49.09 -23.37 -20.11
C GLY H 226 50.12 -24.24 -19.41
N ASP H 227 51.25 -23.61 -19.05
CA ASP H 227 52.33 -24.31 -18.37
C ASP H 227 52.03 -24.35 -16.88
N VAL H 228 51.51 -25.48 -16.41
CA VAL H 228 51.16 -25.60 -15.01
C VAL H 228 52.42 -25.67 -14.14
N GLY H 229 53.44 -26.39 -14.60
CA GLY H 229 54.65 -26.55 -13.81
C GLY H 229 55.38 -25.24 -13.57
N ALA H 230 55.49 -24.41 -14.61
CA ALA H 230 56.17 -23.12 -14.46
C ALA H 230 55.44 -22.23 -13.48
N LYS H 231 54.11 -22.15 -13.58
CA LYS H 231 53.34 -21.34 -12.65
C LYS H 231 53.45 -21.86 -11.22
N ALA H 232 53.39 -23.18 -11.05
CA ALA H 232 53.52 -23.76 -9.72
C ALA H 232 54.88 -23.46 -9.11
N GLN H 233 55.94 -23.60 -9.91
CA GLN H 233 57.29 -23.30 -9.40
C GLN H 233 57.42 -21.82 -9.06
N ALA H 234 56.87 -20.94 -9.89
CA ALA H 234 56.95 -19.51 -9.63
C ALA H 234 56.21 -19.14 -8.35
N LEU H 235 55.03 -19.74 -8.14
CA LEU H 235 54.28 -19.45 -6.91
C LEU H 235 54.96 -20.03 -5.69
N ALA H 236 55.59 -21.20 -5.83
CA ALA H 236 56.35 -21.77 -4.72
C ALA H 236 57.53 -20.87 -4.35
N GLU H 237 58.21 -20.33 -5.35
CA GLU H 237 59.31 -19.41 -5.08
C GLU H 237 58.80 -18.10 -4.46
N ALA H 238 57.54 -17.74 -4.72
CA ALA H 238 56.97 -16.51 -4.17
C ALA H 238 56.71 -16.59 -2.68
N GLY H 239 56.75 -17.79 -2.09
CA GLY H 239 56.52 -17.95 -0.67
C GLY H 239 55.24 -18.66 -0.28
N ALA H 240 54.52 -19.24 -1.23
CA ALA H 240 53.30 -19.95 -0.90
C ALA H 240 53.62 -21.22 -0.11
N ASP H 241 52.81 -21.47 0.92
CA ASP H 241 53.02 -22.63 1.79
C ASP H 241 52.25 -23.87 1.33
N LEU H 242 51.34 -23.74 0.37
CA LEU H 242 50.56 -24.88 -0.10
C LEU H 242 49.99 -24.53 -1.47
N LEU H 243 49.96 -25.53 -2.35
CA LEU H 243 49.51 -25.34 -3.73
C LEU H 243 48.21 -26.10 -3.97
N VAL H 244 47.28 -25.43 -4.64
CA VAL H 244 45.99 -26.02 -5.00
C VAL H 244 45.84 -25.95 -6.52
N ILE H 245 45.51 -27.08 -7.13
CA ILE H 245 45.21 -27.14 -8.56
C ILE H 245 43.71 -27.38 -8.68
N ASP H 246 42.97 -26.32 -9.02
CA ASP H 246 41.52 -26.34 -8.99
C ASP H 246 40.97 -26.36 -10.41
N THR H 247 39.99 -27.24 -10.66
CA THR H 247 39.30 -27.30 -11.93
C THR H 247 37.89 -27.81 -11.69
N ALA H 248 36.99 -27.54 -12.64
CA ALA H 248 35.60 -27.93 -12.48
C ALA H 248 35.44 -29.44 -12.44
N HIS H 249 36.14 -30.15 -13.33
CA HIS H 249 36.07 -31.61 -13.42
C HIS H 249 37.48 -32.16 -13.23
N GLY H 250 37.76 -32.69 -12.05
CA GLY H 250 39.08 -33.16 -11.72
C GLY H 250 39.42 -34.56 -12.19
N HIS H 251 38.44 -35.30 -12.69
CA HIS H 251 38.69 -36.67 -13.15
C HIS H 251 38.85 -36.67 -14.68
N GLN H 252 39.93 -36.03 -15.13
CA GLN H 252 40.24 -35.96 -16.55
C GLN H 252 41.75 -36.08 -16.76
N ALA H 253 42.12 -36.35 -18.01
CA ALA H 253 43.53 -36.55 -18.35
C ALA H 253 44.36 -35.31 -18.05
N LYS H 254 43.92 -34.15 -18.55
CA LYS H 254 44.61 -32.88 -18.31
C LYS H 254 44.97 -32.70 -16.83
N MET H 255 43.99 -32.88 -15.95
CA MET H 255 44.23 -32.75 -14.51
C MET H 255 45.38 -33.65 -14.05
N LEU H 256 45.34 -34.93 -14.43
CA LEU H 256 46.37 -35.87 -14.02
C LEU H 256 47.74 -35.47 -14.55
N ASP H 257 47.80 -35.02 -15.80
CA ASP H 257 49.07 -34.58 -16.37
C ASP H 257 49.61 -33.37 -15.63
N ALA H 258 48.74 -32.43 -15.27
CA ALA H 258 49.16 -31.28 -14.48
C ALA H 258 49.69 -31.70 -13.11
N ILE H 259 49.01 -32.67 -12.49
CA ILE H 259 49.45 -33.17 -11.18
C ILE H 259 50.84 -33.79 -11.31
N LYS H 260 51.05 -34.59 -12.35
CA LYS H 260 52.35 -35.23 -12.55
C LYS H 260 53.43 -34.19 -12.80
N ALA H 261 53.13 -33.18 -13.62
CA ALA H 261 54.12 -32.14 -13.90
C ALA H 261 54.48 -31.37 -12.64
N VAL H 262 53.49 -31.05 -11.81
CA VAL H 262 53.77 -30.31 -10.57
C VAL H 262 54.57 -31.18 -9.61
N ALA H 263 54.21 -32.45 -9.48
CA ALA H 263 54.92 -33.33 -8.55
C ALA H 263 56.33 -33.64 -9.01
N SER H 264 56.60 -33.58 -10.32
CA SER H 264 57.94 -33.84 -10.82
C SER H 264 58.94 -32.78 -10.39
N LEU H 265 58.47 -31.59 -10.02
CA LEU H 265 59.37 -30.51 -9.62
C LEU H 265 59.93 -30.70 -8.22
N ASP H 266 59.31 -31.55 -7.40
CA ASP H 266 59.75 -31.81 -6.03
C ASP H 266 59.86 -30.52 -5.22
N LEU H 267 58.81 -29.70 -5.30
CA LEU H 267 58.81 -28.44 -4.57
C LEU H 267 58.74 -28.66 -3.06
N GLY H 268 58.21 -29.80 -2.63
CA GLY H 268 58.10 -30.11 -1.22
C GLY H 268 56.85 -29.61 -0.53
N LEU H 269 56.03 -28.82 -1.22
CA LEU H 269 54.80 -28.31 -0.64
C LEU H 269 53.67 -29.32 -0.82
N PRO H 270 52.68 -29.32 0.09
CA PRO H 270 51.52 -30.18 -0.10
C PRO H 270 50.72 -29.78 -1.33
N LEU H 271 50.12 -30.78 -1.98
CA LEU H 271 49.38 -30.59 -3.21
C LEU H 271 47.92 -30.90 -2.98
N VAL H 272 47.04 -29.99 -3.41
CA VAL H 272 45.60 -30.16 -3.32
C VAL H 272 45.03 -30.16 -4.74
N ALA H 273 44.25 -31.19 -5.07
CA ALA H 273 43.71 -31.36 -6.40
C ALA H 273 42.23 -31.69 -6.32
N GLY H 274 41.48 -31.25 -7.32
CA GLY H 274 40.05 -31.51 -7.38
C GLY H 274 39.47 -30.94 -8.65
N ASN H 275 38.16 -31.09 -8.79
CA ASN H 275 37.32 -31.74 -7.78
C ASN H 275 36.74 -33.05 -8.31
N VAL H 276 36.63 -34.04 -7.44
CA VAL H 276 36.01 -35.32 -7.78
C VAL H 276 35.02 -35.69 -6.69
N VAL H 277 34.04 -36.51 -7.06
CA VAL H 277 32.99 -36.94 -6.14
C VAL H 277 32.87 -38.46 -6.18
N SER H 278 33.94 -39.14 -6.59
CA SER H 278 33.93 -40.59 -6.70
C SER H 278 35.22 -41.14 -6.12
N ALA H 279 35.15 -42.39 -5.64
CA ALA H 279 36.33 -43.05 -5.09
C ALA H 279 37.40 -43.27 -6.16
N GLU H 280 36.97 -43.61 -7.38
CA GLU H 280 37.93 -43.81 -8.46
C GLU H 280 38.68 -42.52 -8.77
N GLY H 281 37.99 -41.38 -8.75
CA GLY H 281 38.67 -40.12 -8.96
C GLY H 281 39.72 -39.82 -7.91
N THR H 282 39.39 -40.08 -6.65
CA THR H 282 40.37 -39.88 -5.59
C THR H 282 41.56 -40.82 -5.74
N ARG H 283 41.30 -42.08 -6.10
CA ARG H 283 42.40 -43.02 -6.32
C ARG H 283 43.29 -42.55 -7.46
N ASP H 284 42.70 -42.06 -8.54
CA ASP H 284 43.49 -41.57 -9.67
C ASP H 284 44.30 -40.34 -9.28
N LEU H 285 43.70 -39.40 -8.53
CA LEU H 285 44.41 -38.19 -8.16
C LEU H 285 45.54 -38.47 -7.18
N ILE H 286 45.30 -39.34 -6.20
CA ILE H 286 46.33 -39.64 -5.21
C ILE H 286 47.51 -40.37 -5.86
N GLU H 287 47.23 -41.34 -6.72
CA GLU H 287 48.29 -42.05 -7.41
C GLU H 287 49.09 -41.12 -8.32
N ALA H 288 48.45 -40.08 -8.85
CA ALA H 288 49.14 -39.13 -9.70
C ALA H 288 50.12 -38.25 -8.92
N GLY H 289 49.97 -38.16 -7.60
CA GLY H 289 50.89 -37.40 -6.80
C GLY H 289 50.25 -36.36 -5.90
N ALA H 290 48.92 -36.32 -5.88
CA ALA H 290 48.20 -35.35 -5.04
C ALA H 290 48.09 -35.87 -3.62
N SER H 291 48.55 -35.07 -2.66
CA SER H 291 48.47 -35.45 -1.25
C SER H 291 47.06 -35.27 -0.70
N ILE H 292 46.36 -34.22 -1.14
CA ILE H 292 45.03 -33.89 -0.65
C ILE H 292 44.11 -33.77 -1.86
N VAL H 293 42.92 -34.38 -1.75
CA VAL H 293 41.94 -34.40 -2.83
C VAL H 293 40.80 -33.47 -2.45
N LYS H 294 40.44 -32.58 -3.38
CA LYS H 294 39.32 -31.66 -3.19
C LYS H 294 38.05 -32.34 -3.65
N VAL H 295 37.02 -32.29 -2.81
CA VAL H 295 35.79 -33.04 -3.02
C VAL H 295 34.62 -32.09 -3.15
N GLY H 296 33.82 -32.29 -4.20
CA GLY H 296 32.58 -31.55 -4.37
C GLY H 296 32.39 -30.99 -5.77
N VAL H 297 31.29 -31.39 -6.41
CA VAL H 297 30.92 -30.89 -7.73
C VAL H 297 29.42 -30.68 -7.75
N GLY H 298 28.98 -29.42 -7.62
CA GLY H 298 27.57 -29.12 -7.58
C GLY H 298 27.07 -28.33 -6.38
N PRO H 299 27.52 -28.65 -5.15
CA PRO H 299 26.99 -27.94 -3.98
C PRO H 299 27.50 -26.52 -3.81
N GLY H 300 28.31 -26.01 -4.74
CA GLY H 300 28.71 -24.62 -4.65
C GLY H 300 27.51 -23.69 -4.74
N ALA H 301 27.55 -22.63 -3.93
CA ALA H 301 26.43 -21.69 -3.90
C ALA H 301 26.26 -20.94 -5.21
N MET H 302 27.33 -20.83 -6.00
CA MET H 302 27.27 -20.18 -7.30
C MET H 302 27.42 -21.16 -8.46
N CYS H 303 27.41 -22.46 -8.17
CA CYS H 303 27.56 -23.48 -9.20
C CYS H 303 26.21 -23.82 -9.80
N THR H 304 26.12 -23.76 -11.14
CA THR H 304 24.89 -24.04 -11.86
C THR H 304 24.99 -25.33 -12.66
N THR H 305 25.94 -26.21 -12.30
CA THR H 305 26.12 -27.44 -13.05
C THR H 305 24.89 -28.33 -12.97
N ARG H 306 24.25 -28.39 -11.81
CA ARG H 306 23.08 -29.24 -11.66
C ARG H 306 21.91 -28.75 -12.49
N MET H 307 21.81 -27.44 -12.72
CA MET H 307 20.73 -26.88 -13.52
C MET H 307 21.06 -26.85 -15.00
N MET H 308 22.33 -26.66 -15.34
CA MET H 308 22.75 -26.65 -16.75
C MET H 308 22.93 -28.06 -17.30
N THR H 309 23.35 -29.01 -16.46
CA THR H 309 23.75 -30.33 -16.93
C THR H 309 23.16 -31.49 -16.16
N GLY H 310 22.62 -31.26 -14.97
CA GLY H 310 22.17 -32.37 -14.13
C GLY H 310 23.29 -33.22 -13.57
N VAL H 311 24.54 -32.79 -13.74
CA VAL H 311 25.69 -33.54 -13.23
C VAL H 311 26.04 -33.03 -11.85
N GLY H 312 26.25 -33.94 -10.92
CA GLY H 312 26.56 -33.58 -9.55
C GLY H 312 26.35 -34.76 -8.63
N ARG H 313 26.43 -34.48 -7.34
CA ARG H 313 26.23 -35.50 -6.31
C ARG H 313 26.01 -34.84 -4.97
N PRO H 314 25.10 -35.37 -4.14
CA PRO H 314 24.95 -34.84 -2.78
C PRO H 314 26.26 -34.90 -2.01
N GLN H 315 26.50 -33.87 -1.21
CA GLN H 315 27.84 -33.66 -0.65
C GLN H 315 28.21 -34.73 0.37
N PHE H 316 27.26 -35.16 1.21
CA PHE H 316 27.62 -36.04 2.32
C PHE H 316 28.13 -37.40 1.81
N SER H 317 27.39 -38.01 0.88
CA SER H 317 27.80 -39.31 0.36
C SER H 317 29.12 -39.23 -0.38
N ALA H 318 29.29 -38.19 -1.20
CA ALA H 318 30.54 -38.02 -1.91
C ALA H 318 31.71 -37.84 -0.94
N VAL H 319 31.51 -37.04 0.11
CA VAL H 319 32.58 -36.81 1.07
C VAL H 319 32.93 -38.09 1.81
N VAL H 320 31.94 -38.87 2.24
CA VAL H 320 32.25 -40.09 2.98
C VAL H 320 32.97 -41.09 2.07
N GLU H 321 32.51 -41.23 0.83
CA GLU H 321 33.16 -42.17 -0.09
C GLU H 321 34.59 -41.75 -0.39
N CYS H 322 34.79 -40.46 -0.68
CA CYS H 322 36.13 -39.97 -0.99
C CYS H 322 37.06 -40.09 0.22
N ALA H 323 36.55 -39.80 1.41
CA ALA H 323 37.37 -39.92 2.62
C ALA H 323 37.77 -41.37 2.87
N ALA H 324 36.83 -42.30 2.69
CA ALA H 324 37.18 -43.71 2.85
C ALA H 324 38.23 -44.14 1.84
N ALA H 325 38.06 -43.72 0.58
CA ALA H 325 39.03 -44.10 -0.45
C ALA H 325 40.41 -43.51 -0.16
N ALA H 326 40.46 -42.25 0.27
CA ALA H 326 41.73 -41.61 0.57
C ALA H 326 42.41 -42.28 1.75
N ARG H 327 41.70 -42.41 2.88
CA ARG H 327 42.26 -43.07 4.05
C ARG H 327 42.76 -44.47 3.70
N GLN H 328 42.05 -45.18 2.82
CA GLN H 328 42.53 -46.49 2.37
C GLN H 328 43.93 -46.37 1.78
N LEU H 329 44.15 -45.37 0.92
CA LEU H 329 45.45 -45.12 0.31
C LEU H 329 46.31 -44.16 1.12
N GLY H 330 45.89 -43.80 2.33
CA GLY H 330 46.67 -42.91 3.17
C GLY H 330 46.66 -41.47 2.73
N GLY H 331 45.52 -40.96 2.28
CA GLY H 331 45.41 -39.57 1.87
C GLY H 331 44.41 -38.79 2.69
N HIS H 332 44.11 -37.56 2.26
CA HIS H 332 43.15 -36.72 2.95
C HIS H 332 42.25 -36.03 1.93
N VAL H 333 41.07 -35.63 2.37
CA VAL H 333 40.09 -34.98 1.52
C VAL H 333 39.63 -33.68 2.17
N TRP H 334 39.14 -32.77 1.34
CA TRP H 334 38.60 -31.49 1.77
C TRP H 334 37.17 -31.36 1.30
N ALA H 335 36.29 -30.89 2.19
CA ALA H 335 34.90 -30.61 1.84
C ALA H 335 34.81 -29.21 1.25
N ASP H 336 34.28 -29.10 0.04
CA ASP H 336 34.20 -27.84 -0.69
C ASP H 336 32.76 -27.57 -1.08
N GLY H 337 32.25 -26.41 -0.67
CA GLY H 337 30.92 -25.97 -1.06
C GLY H 337 29.82 -26.56 -0.20
N GLY H 338 28.67 -25.88 -0.23
CA GLY H 338 27.50 -26.35 0.48
C GLY H 338 27.43 -26.00 1.94
N VAL H 339 28.35 -25.18 2.44
CA VAL H 339 28.40 -24.83 3.86
C VAL H 339 27.57 -23.56 4.07
N ARG H 340 26.58 -23.65 4.96
CA ARG H 340 25.74 -22.50 5.30
C ARG H 340 25.71 -22.29 6.80
N HIS H 341 25.90 -23.36 7.56
CA HIS H 341 25.80 -23.36 9.00
C HIS H 341 26.93 -24.19 9.58
N PRO H 342 27.26 -23.98 10.85
CA PRO H 342 28.29 -24.85 11.49
C PRO H 342 27.90 -26.32 11.52
N ARG H 343 26.60 -26.64 11.39
CA ARG H 343 26.19 -28.02 11.27
C ARG H 343 26.83 -28.69 10.07
N ASP H 344 26.92 -27.96 8.94
CA ASP H 344 27.55 -28.53 7.76
C ASP H 344 29.02 -28.84 8.00
N VAL H 345 29.74 -27.94 8.67
CA VAL H 345 31.15 -28.16 8.97
C VAL H 345 31.31 -29.36 9.89
N ALA H 346 30.48 -29.44 10.93
CA ALA H 346 30.57 -30.55 11.87
C ALA H 346 30.28 -31.89 11.17
N LEU H 347 29.27 -31.91 10.30
CA LEU H 347 28.94 -33.14 9.60
C LEU H 347 30.05 -33.53 8.62
N ALA H 348 30.65 -32.55 7.93
CA ALA H 348 31.74 -32.84 7.02
C ALA H 348 32.95 -33.40 7.77
N LEU H 349 33.26 -32.83 8.94
CA LEU H 349 34.34 -33.35 9.75
C LEU H 349 34.04 -34.76 10.24
N ALA H 350 32.80 -35.00 10.68
CA ALA H 350 32.41 -36.35 11.09
C ALA H 350 32.40 -37.31 9.91
N ALA H 351 32.17 -36.80 8.70
CA ALA H 351 32.15 -37.65 7.53
C ALA H 351 33.52 -38.24 7.24
N GLY H 352 34.59 -37.54 7.60
CA GLY H 352 35.94 -38.04 7.39
C GLY H 352 36.87 -37.02 6.76
N ALA H 353 36.32 -35.85 6.43
CA ALA H 353 37.13 -34.81 5.83
C ALA H 353 38.12 -34.24 6.84
N SER H 354 39.28 -33.82 6.34
CA SER H 354 40.30 -33.21 7.18
C SER H 354 40.10 -31.71 7.33
N ASN H 355 39.61 -31.04 6.29
CA ASN H 355 39.33 -29.61 6.34
C ASN H 355 38.03 -29.34 5.59
N VAL H 356 37.43 -28.20 5.90
CA VAL H 356 36.18 -27.77 5.26
C VAL H 356 36.43 -26.42 4.63
N MET H 357 36.40 -26.37 3.30
CA MET H 357 36.63 -25.14 2.57
C MET H 357 35.33 -24.36 2.47
N ILE H 358 35.28 -23.18 3.07
CA ILE H 358 34.11 -22.31 3.06
C ILE H 358 34.28 -21.23 2.01
N GLY H 359 33.24 -21.01 1.23
CA GLY H 359 33.32 -20.06 0.13
C GLY H 359 32.51 -18.79 0.31
N SER H 360 31.34 -18.73 -0.31
CA SER H 360 30.55 -17.50 -0.36
C SER H 360 30.02 -17.06 1.00
N TRP H 361 30.07 -17.91 2.01
CA TRP H 361 29.59 -17.51 3.34
C TRP H 361 30.44 -16.38 3.90
N PHE H 362 31.77 -16.45 3.72
CA PHE H 362 32.67 -15.43 4.22
C PHE H 362 32.63 -14.16 3.40
N ALA H 363 31.95 -14.16 2.24
CA ALA H 363 31.90 -12.96 1.41
C ALA H 363 31.12 -11.84 2.09
N GLY H 364 30.18 -12.17 2.96
CA GLY H 364 29.41 -11.17 3.68
C GLY H 364 30.08 -10.71 4.95
N THR H 365 31.35 -10.32 4.85
CA THR H 365 32.12 -9.85 5.99
C THR H 365 32.87 -8.59 5.61
N TYR H 366 33.36 -7.88 6.63
CA TYR H 366 34.14 -6.67 6.39
C TYR H 366 35.45 -6.99 5.67
N GLU H 367 36.09 -8.10 6.03
CA GLU H 367 37.40 -8.42 5.47
C GLU H 367 37.36 -8.86 4.02
N SER H 368 36.17 -9.12 3.47
CA SER H 368 36.08 -9.55 2.08
C SER H 368 36.46 -8.39 1.15
N PRO H 369 37.13 -8.69 0.04
CA PRO H 369 37.56 -7.60 -0.86
C PRO H 369 36.40 -6.81 -1.48
N GLY H 370 35.20 -7.38 -1.53
CA GLY H 370 34.09 -6.66 -2.14
C GLY H 370 33.75 -5.40 -1.39
N ASP H 371 33.35 -4.37 -2.12
CA ASP H 371 33.00 -3.10 -1.51
C ASP H 371 31.66 -3.21 -0.77
N LEU H 372 31.59 -2.57 0.39
CA LEU H 372 30.38 -2.61 1.18
C LEU H 372 29.27 -1.80 0.53
N LEU H 373 28.07 -2.38 0.48
CA LEU H 373 26.91 -1.73 -0.11
C LEU H 373 25.74 -1.76 0.87
N PHE H 374 24.86 -0.80 0.74
CA PHE H 374 23.68 -0.68 1.59
C PHE H 374 22.42 -0.88 0.77
N ASP H 375 21.49 -1.67 1.31
CA ASP H 375 20.25 -1.99 0.62
C ASP H 375 19.29 -0.79 0.69
N ARG H 376 18.08 -1.00 0.17
CA ARG H 376 17.07 0.06 0.22
C ARG H 376 16.70 0.41 1.65
N ASP H 377 16.68 -0.58 2.55
CA ASP H 377 16.40 -0.37 3.96
C ASP H 377 17.65 -0.10 4.78
N ASP H 378 18.73 0.36 4.13
CA ASP H 378 19.99 0.69 4.78
C ASP H 378 20.65 -0.52 5.43
N ARG H 379 20.25 -1.73 5.06
CA ARG H 379 20.88 -2.93 5.57
C ARG H 379 22.18 -3.19 4.82
N PRO H 380 23.32 -3.31 5.50
CA PRO H 380 24.58 -3.54 4.79
C PRO H 380 24.62 -4.90 4.13
N TYR H 381 25.26 -4.96 2.97
CA TYR H 381 25.40 -6.22 2.23
C TYR H 381 26.57 -6.07 1.27
N LYS H 382 27.05 -7.22 0.78
CA LYS H 382 28.13 -7.25 -0.19
C LYS H 382 27.78 -8.27 -1.27
N GLU H 383 28.18 -7.97 -2.50
CA GLU H 383 27.92 -8.86 -3.62
C GLU H 383 29.03 -9.89 -3.76
N SER H 384 28.65 -11.13 -4.03
CA SER H 384 29.57 -12.22 -4.26
C SER H 384 29.29 -12.85 -5.62
N TYR H 385 30.32 -13.47 -6.20
CA TYR H 385 30.17 -14.07 -7.52
C TYR H 385 31.12 -15.25 -7.65
N GLY H 386 30.78 -16.15 -8.57
CA GLY H 386 31.56 -17.36 -8.78
C GLY H 386 32.70 -17.18 -9.75
N MET H 387 33.59 -18.17 -9.77
CA MET H 387 34.82 -18.08 -10.54
C MET H 387 34.61 -18.34 -12.02
N ALA H 388 33.48 -18.92 -12.39
CA ALA H 388 33.09 -19.14 -13.78
C ALA H 388 34.22 -19.78 -14.60
N SER H 389 34.60 -19.12 -15.70
CA SER H 389 35.49 -19.74 -16.68
C SER H 389 36.87 -20.04 -16.11
N LYS H 390 37.28 -19.32 -15.06
CA LYS H 390 38.59 -19.58 -14.46
C LYS H 390 38.75 -21.02 -14.00
N ARG H 391 37.64 -21.70 -13.71
CA ARG H 391 37.68 -23.11 -13.32
C ARG H 391 37.51 -24.06 -14.51
N ALA H 392 37.31 -23.54 -15.71
CA ALA H 392 37.06 -24.36 -16.89
C ALA H 392 38.33 -24.56 -17.68
N VAL H 393 38.31 -25.56 -18.56
CA VAL H 393 39.46 -25.87 -19.40
C VAL H 393 39.43 -24.97 -20.62
N ALA H 394 40.53 -24.26 -20.86
CA ALA H 394 40.63 -23.36 -22.01
C ALA H 394 40.80 -24.14 -23.30
N SER H 401 42.24 -12.87 -31.86
CA SER H 401 41.14 -12.68 -32.81
C SER H 401 39.81 -12.54 -32.09
N SER H 402 39.20 -11.36 -32.24
CA SER H 402 37.89 -11.09 -31.66
C SER H 402 36.88 -12.17 -32.02
N PHE H 403 36.93 -12.65 -33.28
CA PHE H 403 35.98 -13.67 -33.71
C PHE H 403 36.13 -14.95 -32.90
N ASP H 404 37.36 -15.44 -32.74
CA ASP H 404 37.59 -16.64 -31.96
C ASP H 404 37.22 -16.44 -30.50
N ARG H 405 37.52 -15.26 -29.96
CA ARG H 405 37.16 -14.96 -28.57
C ARG H 405 35.65 -15.02 -28.37
N ALA H 406 34.89 -14.39 -29.28
CA ALA H 406 33.44 -14.42 -29.18
C ALA H 406 32.89 -15.84 -29.37
N ARG H 407 33.47 -16.59 -30.29
CA ARG H 407 33.02 -17.97 -30.50
C ARG H 407 33.25 -18.81 -29.26
N LYS H 408 34.41 -18.65 -28.61
CA LYS H 408 34.67 -19.39 -27.38
C LYS H 408 33.76 -18.94 -26.26
N GLY H 409 33.49 -17.63 -26.16
CA GLY H 409 32.65 -17.12 -25.10
C GLY H 409 31.16 -17.30 -25.31
N LEU H 410 30.74 -17.75 -26.49
CA LEU H 410 29.32 -18.00 -26.72
C LEU H 410 28.81 -19.11 -25.82
N PHE H 411 29.58 -20.18 -25.67
CA PHE H 411 29.19 -21.32 -24.85
C PHE H 411 29.68 -21.22 -23.41
N GLU H 412 30.42 -20.19 -23.07
CA GLU H 412 30.94 -20.05 -21.71
C GLU H 412 29.79 -19.78 -20.73
N GLU H 413 29.92 -20.34 -19.53
CA GLU H 413 28.90 -20.17 -18.51
C GLU H 413 28.91 -18.74 -17.97
N GLY H 414 27.72 -18.22 -17.67
CA GLY H 414 27.62 -16.89 -17.13
C GLY H 414 28.09 -16.81 -15.69
N ILE H 415 28.39 -15.59 -15.26
CA ILE H 415 28.85 -15.34 -13.90
C ILE H 415 27.63 -15.15 -13.01
N SER H 416 27.44 -16.07 -12.07
CA SER H 416 26.34 -15.97 -11.12
C SER H 416 26.66 -14.93 -10.05
N THR H 417 25.61 -14.31 -9.51
CA THR H 417 25.76 -13.30 -8.49
C THR H 417 24.61 -13.40 -7.49
N SER H 418 24.89 -12.99 -6.26
CA SER H 418 23.87 -12.99 -5.20
C SER H 418 24.31 -12.01 -4.12
N ARG H 419 23.35 -11.60 -3.30
CA ARG H 419 23.58 -10.65 -2.22
C ARG H 419 23.78 -11.41 -0.91
N MET H 420 24.85 -11.06 -0.20
CA MET H 420 25.17 -11.66 1.10
C MET H 420 25.04 -10.58 2.16
N SER H 421 24.01 -10.69 2.99
CA SER H 421 23.76 -9.70 4.03
C SER H 421 24.78 -9.85 5.16
N LEU H 422 25.10 -8.72 5.79
CA LEU H 422 26.03 -8.69 6.91
C LEU H 422 25.26 -8.74 8.22
N ASP H 423 25.60 -9.70 9.07
CA ASP H 423 24.96 -9.79 10.37
C ASP H 423 25.45 -8.65 11.26
N PRO H 424 24.56 -7.88 11.86
CA PRO H 424 25.00 -6.76 12.72
C PRO H 424 25.87 -7.20 13.87
N ALA H 425 25.61 -8.37 14.45
CA ALA H 425 26.42 -8.90 15.54
C ALA H 425 27.60 -9.73 15.07
N ARG H 426 27.65 -10.08 13.79
CA ARG H 426 28.72 -10.89 13.22
C ARG H 426 29.23 -10.26 11.93
N GLY H 427 29.50 -8.96 11.98
CA GLY H 427 30.00 -8.27 10.78
C GLY H 427 31.36 -8.76 10.35
N GLY H 428 32.26 -9.01 11.31
CA GLY H 428 33.58 -9.48 10.97
C GLY H 428 33.65 -10.98 10.78
N VAL H 429 34.70 -11.41 10.08
CA VAL H 429 34.88 -12.84 9.84
C VAL H 429 35.29 -13.57 11.10
N GLU H 430 35.87 -12.86 12.07
CA GLU H 430 36.24 -13.49 13.34
C GLU H 430 35.02 -13.98 14.11
N ASP H 431 33.90 -13.25 14.01
CA ASP H 431 32.67 -13.71 14.65
C ASP H 431 32.17 -15.01 14.03
N LEU H 432 32.24 -15.11 12.69
CA LEU H 432 31.86 -16.35 12.03
C LEU H 432 32.80 -17.49 12.41
N LEU H 433 34.09 -17.20 12.54
CA LEU H 433 35.04 -18.20 12.98
C LEU H 433 34.71 -18.69 14.39
N ASP H 434 34.36 -17.75 15.28
CA ASP H 434 33.94 -18.14 16.63
C ASP H 434 32.70 -19.00 16.59
N HIS H 435 31.73 -18.63 15.76
CA HIS H 435 30.50 -19.42 15.60
C HIS H 435 30.83 -20.84 15.19
N ILE H 436 31.62 -20.99 14.13
CA ILE H 436 31.93 -22.32 13.60
C ILE H 436 32.74 -23.14 14.60
N THR H 437 33.73 -22.52 15.25
CA THR H 437 34.54 -23.25 16.21
C THR H 437 33.71 -23.68 17.41
N SER H 438 32.80 -22.83 17.89
CA SER H 438 31.92 -23.21 18.98
C SER H 438 31.04 -24.38 18.58
N GLY H 439 30.49 -24.34 17.36
CA GLY H 439 29.68 -25.46 16.90
C GLY H 439 30.46 -26.75 16.83
N VAL H 440 31.68 -26.71 16.29
CA VAL H 440 32.49 -27.92 16.18
C VAL H 440 32.88 -28.45 17.55
N ARG H 441 33.23 -27.55 18.48
CA ARG H 441 33.59 -27.99 19.82
C ARG H 441 32.41 -28.62 20.53
N SER H 442 31.21 -28.03 20.38
CA SER H 442 30.02 -28.63 20.98
C SER H 442 29.73 -30.00 20.36
N THR H 443 29.93 -30.13 19.05
CA THR H 443 29.75 -31.43 18.41
C THR H 443 30.72 -32.46 18.99
N CYS H 444 31.98 -32.06 19.18
CA CYS H 444 32.97 -32.98 19.72
C CYS H 444 32.62 -33.38 21.15
N THR H 445 32.16 -32.42 21.96
CA THR H 445 31.76 -32.76 23.33
C THR H 445 30.56 -33.70 23.34
N TYR H 446 29.58 -33.48 22.46
CA TYR H 446 28.44 -34.37 22.38
C TYR H 446 28.86 -35.78 21.96
N VAL H 447 29.73 -35.89 20.98
CA VAL H 447 30.21 -37.20 20.54
C VAL H 447 31.08 -37.84 21.63
N GLY H 448 31.90 -37.04 22.30
CA GLY H 448 32.80 -37.58 23.30
C GLY H 448 34.21 -37.75 22.78
N ALA H 449 34.66 -36.82 21.94
CA ALA H 449 35.96 -36.89 21.30
C ALA H 449 36.79 -35.67 21.67
N ALA H 450 38.08 -35.90 21.95
CA ALA H 450 39.01 -34.83 22.28
C ALA H 450 39.71 -34.25 21.05
N ASN H 451 39.57 -34.86 19.89
CA ASN H 451 40.23 -34.38 18.68
C ASN H 451 39.45 -34.87 17.47
N LEU H 452 39.78 -34.29 16.31
CA LEU H 452 39.08 -34.64 15.08
C LEU H 452 39.20 -36.12 14.69
N PRO H 453 40.37 -36.76 14.77
CA PRO H 453 40.39 -38.21 14.49
C PRO H 453 39.47 -39.01 15.39
N GLU H 454 39.40 -38.67 16.68
CA GLU H 454 38.45 -39.33 17.57
C GLU H 454 37.02 -38.99 17.20
N LEU H 455 36.77 -37.78 16.70
CA LEU H 455 35.44 -37.42 16.23
C LEU H 455 35.03 -38.31 15.06
N HIS H 456 35.95 -38.55 14.13
CA HIS H 456 35.63 -39.43 13.01
C HIS H 456 35.47 -40.87 13.45
N GLU H 457 36.25 -41.31 14.44
CA GLU H 457 36.21 -42.70 14.85
C GLU H 457 34.94 -43.02 15.64
N LYS H 458 34.55 -42.14 16.56
CA LYS H 458 33.50 -42.43 17.52
C LYS H 458 32.12 -41.95 17.08
N VAL H 459 32.00 -41.26 15.96
CA VAL H 459 30.72 -40.67 15.57
C VAL H 459 29.77 -41.76 15.11
N VAL H 460 28.48 -41.58 15.42
CA VAL H 460 27.42 -42.45 14.95
C VAL H 460 26.40 -41.58 14.22
N LEU H 461 26.08 -41.95 12.99
CA LEU H 461 25.22 -41.14 12.13
C LEU H 461 23.82 -41.75 12.03
N GLY H 462 22.86 -40.89 11.68
CA GLY H 462 21.50 -41.33 11.47
C GLY H 462 20.89 -40.63 10.26
N VAL H 463 19.74 -41.15 9.85
CA VAL H 463 19.02 -40.63 8.68
C VAL H 463 17.67 -40.11 9.14
N GLN H 464 17.31 -38.92 8.68
CA GLN H 464 16.04 -38.30 9.04
C GLN H 464 15.32 -37.86 7.77
N SER H 465 14.00 -37.73 7.88
CA SER H 465 13.16 -37.33 6.77
C SER H 465 13.11 -35.81 6.70
N ALA H 466 12.24 -35.27 5.83
CA ALA H 466 12.10 -33.83 5.69
C ALA H 466 11.56 -33.20 6.97
N ALA H 467 10.60 -33.86 7.63
CA ALA H 467 10.05 -33.33 8.86
C ALA H 467 11.07 -33.32 9.98
N GLY H 468 12.03 -34.25 9.96
CA GLY H 468 13.04 -34.27 11.01
C GLY H 468 13.94 -33.06 10.98
N PHE H 469 14.25 -32.55 9.79
CA PHE H 469 15.11 -31.36 9.69
C PHE H 469 14.44 -30.14 10.30
N ALA H 470 13.14 -29.97 10.08
CA ALA H 470 12.42 -28.83 10.62
C ALA H 470 12.28 -28.88 12.13
N GLU H 471 12.59 -30.01 12.75
CA GLU H 471 12.49 -30.13 14.20
C GLU H 471 13.52 -29.23 14.88
N GLY H 472 13.11 -28.59 15.97
CA GLY H 472 13.97 -27.67 16.67
C GLY H 472 13.62 -26.22 16.41
N HIS H 473 14.50 -25.34 16.86
CA HIS H 473 14.28 -23.90 16.72
C HIS H 473 14.29 -23.51 15.25
N PRO H 474 13.36 -22.66 14.82
CA PRO H 474 13.35 -22.19 13.42
C PRO H 474 14.72 -21.75 12.93
N LEU H 475 15.10 -22.27 11.77
CA LEU H 475 16.36 -21.89 11.17
C LEU H 475 16.35 -20.40 10.81
N PRO H 476 17.51 -19.72 10.87
CA PRO H 476 17.57 -18.28 10.56
C PRO H 476 17.12 -17.95 9.14
P 5GP I . 15.02 34.44 -0.36
O1P 5GP I . 15.53 35.08 -1.63
O2P 5GP I . 13.52 34.25 -0.27
O3P 5GP I . 15.77 33.18 0.00
O5' 5GP I . 15.39 35.46 0.80
C5' 5GP I . 16.74 35.81 1.06
C4' 5GP I . 16.85 36.93 2.06
O4' 5GP I . 16.17 36.56 3.28
C3' 5GP I . 18.26 37.29 2.51
O3' 5GP I . 18.94 38.12 1.59
C2' 5GP I . 18.01 37.95 3.86
O2' 5GP I . 17.58 39.29 3.70
C1' 5GP I . 16.84 37.12 4.39
N9 5GP I . 17.29 36.03 5.28
C8 5GP I . 18.10 34.96 4.97
N7 5GP I . 18.32 34.13 6.00
C5 5GP I . 17.61 34.70 7.05
C6 5GP I . 17.44 34.31 8.42
O6 5GP I . 17.92 33.32 8.98
N1 5GP I . 16.64 35.19 9.12
C2 5GP I . 16.05 36.32 8.60
N2 5GP I . 15.31 37.05 9.43
N3 5GP I . 16.20 36.71 7.34
C4 5GP I . 16.97 35.88 6.62
P 5GP J . 34.45 24.60 -2.59
O1P 5GP J . 33.21 24.59 -1.74
O2P 5GP J . 34.24 24.77 -4.08
O3P 5GP J . 35.51 25.54 -2.04
O5' 5GP J . 35.10 23.16 -2.41
C5' 5GP J . 35.41 22.65 -1.12
C4' 5GP J . 36.66 21.80 -1.14
O4' 5GP J . 36.52 20.77 -2.16
C3' 5GP J . 37.95 22.51 -1.50
O3' 5GP J . 38.52 23.21 -0.40
C2' 5GP J . 38.82 21.38 -2.03
O2' 5GP J . 39.36 20.62 -0.95
C1' 5GP J . 37.79 20.51 -2.75
N9 5GP J . 37.71 20.84 -4.18
C8 5GP J . 36.88 21.76 -4.78
N7 5GP J . 37.05 21.83 -6.12
C5 5GP J . 38.04 20.90 -6.38
C6 5GP J . 38.67 20.49 -7.61
O6 5GP J . 38.45 20.91 -8.75
N1 5GP J . 39.62 19.51 -7.40
C2 5GP J . 39.96 18.97 -6.19
N2 5GP J . 40.90 18.02 -6.19
N3 5GP J . 39.40 19.32 -5.04
C4 5GP J . 38.46 20.28 -5.20
P 5GP K . -7.19 27.92 -24.12
O1P 5GP K . -8.54 28.06 -24.80
O2P 5GP K . -7.16 28.17 -22.63
O3P 5GP K . -6.50 26.62 -24.50
O5' 5GP K . -6.27 29.04 -24.77
C5' 5GP K . -6.01 29.06 -26.16
C4' 5GP K . -5.28 30.31 -26.57
O4' 5GP K . -4.05 30.45 -25.83
C3' 5GP K . -4.84 30.37 -28.03
O3' 5GP K . -5.88 30.74 -28.92
C2' 5GP K . -3.69 31.36 -27.98
O2' 5GP K . -4.18 32.69 -27.94
C1' 5GP K . -3.06 31.05 -26.62
N9 5GP K . -1.92 30.12 -26.74
C8 5GP K . -1.93 28.83 -27.21
N7 5GP K . -0.72 28.24 -27.20
C5 5GP K . 0.11 29.22 -26.68
C6 5GP K . 1.53 29.22 -26.40
O6 5GP K . 2.33 28.30 -26.58
N1 5GP K . 1.95 30.42 -25.88
C2 5GP K . 1.16 31.52 -25.64
N2 5GP K . 1.75 32.59 -25.13
N3 5GP K . -0.16 31.54 -25.88
C4 5GP K . -0.61 30.39 -26.39
P 5GP L . -5.80 12.90 -40.00
O1P 5GP L . -5.06 13.43 -38.79
O2P 5GP L . -7.30 12.76 -39.86
O3P 5GP L . -5.42 13.62 -41.28
O5' 5GP L . -5.25 11.42 -40.22
C5' 5GP L . -3.87 11.17 -40.37
C4' 5GP L . -3.61 10.03 -41.32
O4' 5GP L . -4.37 8.87 -40.91
C3' 5GP L . -4.03 10.26 -42.76
O3' 5GP L . -3.09 11.01 -43.50
C2' 5GP L . -4.22 8.84 -43.29
O2' 5GP L . -2.96 8.24 -43.58
C1' 5GP L . -4.80 8.14 -42.04
N9 5GP L . -6.27 8.13 -42.06
C8 5GP L . -7.12 9.06 -41.54
N7 5GP L . -8.43 8.77 -41.71
C5 5GP L . -8.40 7.57 -42.40
C6 5GP L . -9.46 6.73 -42.89
O6 5GP L . -10.67 6.91 -42.79
N1 5GP L . -8.97 5.60 -43.53
C2 5GP L . -7.64 5.29 -43.69
N2 5GP L . -7.37 4.15 -44.34
N3 5GP L . -6.65 6.05 -43.25
C4 5GP L . -7.07 7.16 -42.62
P 5GP M . -30.27 22.24 -0.97
O1P 5GP M . -31.05 22.59 0.28
O2P 5GP M . -28.88 22.83 -1.07
O3P 5GP M . -30.29 20.76 -1.27
O5' 5GP M . -31.10 22.89 -2.16
C5' 5GP M . -32.43 22.49 -2.42
C4' 5GP M . -33.08 23.36 -3.48
O4' 5GP M . -32.29 23.33 -4.69
C3' 5GP M . -34.47 22.95 -3.92
O3' 5GP M . -35.49 23.36 -3.03
C2' 5GP M . -34.58 23.58 -5.31
O2' 5GP M . -34.87 24.96 -5.20
C1' 5GP M . -33.14 23.42 -5.82
N9 5GP M . -32.97 22.22 -6.65
C8 5GP M . -33.13 20.91 -6.28
N7 5GP M . -32.90 20.04 -7.28
C5 5GP M . -32.56 20.84 -8.35
C6 5GP M . -32.20 20.52 -9.71
O6 5GP M . -32.11 19.40 -10.22
N1 5GP M . -31.94 21.66 -10.45
C2 5GP M . -32.01 22.96 -9.99
N2 5GP M . -31.73 23.91 -10.87
N3 5GP M . -32.34 23.28 -8.74
C4 5GP M . -32.60 22.20 -7.97
P 5GP N . -42.17 4.08 1.91
O1P 5GP N . -41.07 4.66 1.05
O2P 5GP N . -42.10 4.39 3.40
O3P 5GP N . -43.55 4.35 1.34
O5' 5GP N . -42.00 2.51 1.80
C5' 5GP N . -42.00 1.86 0.54
C4' 5GP N . -42.65 0.49 0.62
O4' 5GP N . -42.04 -0.28 1.69
C3' 5GP N . -44.13 0.48 0.96
O3' 5GP N . -44.96 0.74 -0.16
C2' 5GP N . -44.32 -0.92 1.54
O2' 5GP N . -44.40 -1.89 0.50
C1' 5GP N . -43.01 -1.11 2.29
N9 5GP N . -43.12 -0.73 3.71
C8 5GP N . -42.88 0.51 4.26
N7 5GP N . -43.07 0.54 5.59
C5 5GP N . -43.46 -0.75 5.91
C6 5GP N . -43.81 -1.37 7.16
O6 5GP N . -43.85 -0.83 8.27
N1 5GP N . -44.14 -2.70 7.01
C2 5GP N . -44.15 -3.39 5.82
N2 5GP N . -44.50 -4.68 5.88
N3 5GP N . -43.83 -2.85 4.65
C4 5GP N . -43.50 -1.54 4.75
P 5GP O . -8.06 28.77 22.80
O1P 5GP O . -6.98 29.61 23.45
O2P 5GP O . -8.20 28.92 21.29
O3P 5GP O . -8.02 27.32 23.24
O5' 5GP O . -9.43 29.32 23.40
C5' 5GP O . -9.68 29.25 24.80
C4' 5GP O . -10.94 30.00 25.17
O4' 5GP O . -12.07 29.45 24.42
C3' 5GP O . -11.38 29.88 26.62
O3' 5GP O . -10.67 30.77 27.48
C2' 5GP O . -12.87 30.16 26.55
O2' 5GP O . -13.11 31.56 26.44
C1' 5GP O . -13.23 29.51 25.22
N9 5GP O . -13.76 28.14 25.38
C8 5GP O . -13.10 27.05 25.92
N7 5GP O . -13.86 25.94 25.93
C5 5GP O . -15.06 26.34 25.38
C6 5GP O . -16.28 25.62 25.13
O6 5GP O . -16.52 24.43 25.36
N1 5GP O . -17.25 26.43 24.55
C2 5GP O . -17.11 27.76 24.26
N2 5GP O . -18.16 28.37 23.71
N3 5GP O . -15.98 28.46 24.49
C4 5GP O . -15.02 27.71 25.04
P 5GP P . -1.92 15.80 39.33
O1P 5GP P . -2.81 15.83 38.12
O2P 5GP P . -0.54 16.42 39.17
O3P 5GP P . -2.62 16.28 40.58
O5' 5GP P . -1.65 14.25 39.61
C5' 5GP P . -2.73 13.35 39.80
C4' 5GP P . -2.39 12.28 40.81
O4' 5GP P . -1.14 11.63 40.43
C3' 5GP P . -2.16 12.75 42.23
O3' 5GP P . -3.35 12.95 42.95
C2' 5GP P . -1.28 11.64 42.80
O2' 5GP P . -2.06 10.51 43.15
C1' 5GP P . -0.42 11.27 41.59
N9 5GP P . 0.86 12.00 41.60
C8 5GP P . 1.13 13.21 41.01
N7 5GP P . 2.41 13.61 41.19
C5 5GP P . 2.98 12.60 41.93
C6 5GP P . 4.32 12.43 42.44
O6 5GP P . 5.27 13.19 42.33
N1 5GP P . 4.44 11.23 43.14
C2 5GP P . 3.45 10.31 43.34
N2 5GP P . 3.78 9.21 44.02
N3 5GP P . 2.22 10.44 42.87
C4 5GP P . 2.04 11.59 42.19
P 5GP Q . 9.34 -27.34 24.05
O1P 5GP Q . 8.30 -28.13 24.81
O2P 5GP Q . 9.41 -27.58 22.55
O3P 5GP Q . 9.32 -25.87 24.40
O5' 5GP Q . 10.75 -27.85 24.61
C5' 5GP Q . 11.07 -27.70 25.99
C4' 5GP Q . 12.35 -28.42 26.33
O4' 5GP Q . 13.43 -27.93 25.50
C3' 5GP Q . 12.86 -28.22 27.76
O3' 5GP Q . 12.21 -29.04 28.70
C2' 5GP Q . 14.35 -28.51 27.61
O2' 5GP Q . 14.58 -29.91 27.58
C1' 5GP Q . 14.64 -27.94 26.22
N9 5GP Q . 15.17 -26.56 26.28
C8 5GP Q . 14.55 -25.44 26.78
N7 5GP Q . 15.30 -24.33 26.68
C5 5GP Q . 16.47 -24.76 26.09
C6 5GP Q . 17.68 -24.06 25.73
O6 5GP Q . 17.92 -22.87 25.88
N1 5GP Q . 18.61 -24.91 25.16
C2 5GP Q . 18.45 -26.26 24.96
N2 5GP Q . 19.47 -26.91 24.39
N3 5GP Q . 17.35 -26.93 25.28
C4 5GP Q . 16.41 -26.15 25.84
P 5GP R . 4.08 -13.36 40.06
O1P 5GP R . 4.90 -13.47 38.80
O2P 5GP R . 2.70 -13.99 40.01
O3P 5GP R . 4.85 -13.77 41.30
O5' 5GP R . 3.82 -11.80 40.26
C5' 5GP R . 4.90 -10.89 40.33
C4' 5GP R . 4.62 -9.76 41.28
O4' 5GP R . 3.35 -9.14 40.94
C3' 5GP R . 4.46 -10.14 42.74
O3' 5GP R . 5.70 -10.30 43.41
C2' 5GP R . 3.62 -9.00 43.30
O2' 5GP R . 4.42 -7.84 43.53
C1' 5GP R . 2.70 -8.71 42.12
N9 5GP R . 1.42 -9.43 42.24
C8 5GP R . 1.12 -10.67 41.74
N7 5GP R . -0.14 -11.07 42.01
C5 5GP R . -0.68 -10.00 42.71
C6 5GP R . -1.99 -9.79 43.29
O6 5GP R . -2.94 -10.57 43.27
N1 5GP R . -2.09 -8.56 43.91
C2 5GP R . -1.08 -7.63 44.00
N2 5GP R . -1.37 -6.49 44.64
N3 5GP R . 0.13 -7.79 43.48
C4 5GP R . 0.28 -8.98 42.86
P 5GP S . -14.98 -34.37 2.58
O1P 5GP S . -15.56 -35.08 1.39
O2P 5GP S . -13.47 -34.18 2.58
O3P 5GP S . -15.72 -33.09 2.91
O5' 5GP S . -15.29 -35.32 3.83
C5' 5GP S . -16.62 -35.65 4.18
C4' 5GP S . -16.67 -36.71 5.25
O4' 5GP S . -15.93 -36.25 6.41
C3' 5GP S . -18.05 -37.04 5.80
O3' 5GP S . -18.78 -37.93 4.97
C2' 5GP S . -17.74 -37.60 7.17
O2' 5GP S . -17.31 -38.95 7.07
C1' 5GP S . -16.54 -36.74 7.58
N9 5GP S . -16.94 -35.60 8.43
C8 5GP S . -17.76 -34.55 8.09
N7 5GP S . -17.93 -33.66 9.09
C5 5GP S . -17.17 -34.17 10.12
C6 5GP S . -16.92 -33.69 11.46
O6 5GP S . -17.37 -32.67 11.98
N1 5GP S . -16.08 -34.53 12.16
C2 5GP S . -15.52 -35.69 11.69
N2 5GP S . -14.74 -36.37 12.53
N3 5GP S . -15.74 -36.17 10.46
C4 5GP S . -16.54 -35.38 9.73
P 5GP T . -34.52 -24.66 0.82
O1P 5GP T . -33.23 -24.59 1.59
O2P 5GP T . -34.40 -24.92 -0.68
O3P 5GP T . -35.54 -25.56 1.47
O5' 5GP T . -35.16 -23.20 0.94
C5' 5GP T . -35.41 -22.62 2.21
C4' 5GP T . -36.65 -21.77 2.20
O4' 5GP T . -36.58 -20.80 1.12
C3' 5GP T . -37.96 -22.50 1.96
O3' 5GP T . -38.46 -23.13 3.13
C2' 5GP T . -38.86 -21.40 1.41
O2' 5GP T . -39.35 -20.58 2.47
C1' 5GP T . -37.87 -20.58 0.59
N9 5GP T . -37.87 -21.00 -0.83
C8 5GP T . -37.08 -21.95 -1.42
N7 5GP T . -37.32 -22.11 -2.74
C5 5GP T . -38.31 -21.19 -3.00
C6 5GP T . -39.01 -20.86 -4.22
O6 5GP T . -38.85 -21.35 -5.33
N1 5GP T . -39.95 -19.86 -4.02
C2 5GP T . -40.23 -19.25 -2.82
N2 5GP T . -41.18 -18.30 -2.84
N3 5GP T . -39.60 -19.54 -1.68
C4 5GP T . -38.67 -20.49 -1.83
P 5GP U . 5.92 -29.36 -22.72
O1P 5GP U . 7.22 -29.56 -23.46
O2P 5GP U . 5.96 -29.53 -21.22
O3P 5GP U . 5.20 -28.10 -23.13
O5' 5GP U . 4.96 -30.53 -23.24
C5' 5GP U . 4.63 -30.63 -24.62
C4' 5GP U . 3.88 -31.90 -24.92
O4' 5GP U . 2.69 -31.98 -24.10
C3' 5GP U . 3.35 -32.05 -26.34
O3' 5GP U . 4.34 -32.47 -27.26
C2' 5GP U . 2.21 -33.04 -26.17
O2' 5GP U . 2.70 -34.37 -26.08
C1' 5GP U . 1.65 -32.63 -24.80
N9 5GP U . 0.51 -31.71 -24.92
C8 5GP U . 0.49 -30.46 -25.47
N7 5GP U . -0.72 -29.87 -25.41
C5 5GP U . -1.52 -30.80 -24.80
C6 5GP U . -2.92 -30.79 -24.45
O6 5GP U . -3.73 -29.88 -24.64
N1 5GP U . -3.31 -31.97 -23.83
C2 5GP U . -2.50 -33.04 -23.57
N2 5GP U . -3.06 -34.09 -22.96
N3 5GP U . -1.20 -33.08 -23.88
C4 5GP U . -0.78 -31.96 -24.48
P 5GP V . 3.62 -15.34 -39.38
O1P 5GP V . 2.95 -15.79 -38.11
O2P 5GP V . 5.13 -15.19 -39.33
O3P 5GP V . 3.17 -16.14 -40.59
O5' 5GP V . 3.06 -13.88 -39.66
C5' 5GP V . 1.67 -13.64 -39.76
C4' 5GP V . 1.35 -12.56 -40.76
O4' 5GP V . 2.15 -11.37 -40.46
C3' 5GP V . 1.70 -12.87 -42.20
O3' 5GP V . 0.72 -13.67 -42.85
C2' 5GP V . 1.87 -11.48 -42.82
O2' 5GP V . 0.60 -10.91 -43.09
C1' 5GP V . 2.51 -10.72 -41.66
N9 5GP V . 3.98 -10.70 -41.76
C8 5GP V . 4.86 -11.61 -41.22
N7 5GP V . 6.14 -11.33 -41.49
C5 5GP V . 6.08 -10.17 -42.24
C6 5GP V . 7.11 -9.35 -42.84
O6 5GP V . 8.33 -9.54 -42.80
N1 5GP V . 6.58 -8.27 -43.51
C2 5GP V . 5.25 -7.97 -43.64
N2 5GP V . 4.94 -6.88 -44.33
N3 5GP V . 4.28 -8.70 -43.10
C4 5GP V . 4.74 -9.77 -42.42
P 5GP W . 30.23 -22.29 -1.26
O1P 5GP W . 31.08 -22.56 -0.03
O2P 5GP W . 28.84 -22.88 -1.25
O3P 5GP W . 30.23 -20.82 -1.64
O5' 5GP W . 30.99 -23.01 -2.46
C5' 5GP W . 32.31 -22.63 -2.80
C4' 5GP W . 32.90 -23.58 -3.84
O4' 5GP W . 32.05 -23.61 -5.02
C3' 5GP W . 34.27 -23.19 -4.39
O3' 5GP W . 35.33 -23.56 -3.53
C2' 5GP W . 34.29 -23.90 -5.73
O2' 5GP W . 34.60 -25.27 -5.56
C1' 5GP W . 32.84 -23.77 -6.17
N9 5GP W . 32.61 -22.62 -7.07
C8 5GP W . 32.80 -21.29 -6.79
N7 5GP W . 32.50 -20.48 -7.82
C5 5GP W . 32.11 -21.35 -8.83
C6 5GP W . 31.68 -21.11 -10.17
O6 5GP W . 31.57 -20.03 -10.75
N1 5GP W . 31.38 -22.29 -10.84
C2 5GP W . 31.48 -23.55 -10.30
N2 5GP W . 31.14 -24.57 -11.09
N3 5GP W . 31.88 -23.81 -9.06
C4 5GP W . 32.18 -22.69 -8.37
P 5GP X . 42.25 -4.02 -0.14
O1P 5GP X . 41.10 -4.64 -0.91
O2P 5GP X . 42.26 -4.24 1.35
O3P 5GP X . 43.59 -4.31 -0.77
O5' 5GP X . 42.07 -2.44 -0.33
C5' 5GP X . 42.00 -1.87 -1.64
C4' 5GP X . 42.65 -0.52 -1.68
O4' 5GP X . 42.09 0.33 -0.64
C3' 5GP X . 44.15 -0.48 -1.42
O3' 5GP X . 44.92 -0.82 -2.57
C2' 5GP X . 44.37 0.95 -0.94
O2' 5GP X . 44.38 1.86 -2.03
C1' 5GP X . 43.09 1.19 -0.13
N9 5GP X . 43.28 0.89 1.31
C8 5GP X . 43.07 -0.30 1.94
N7 5GP X . 43.33 -0.26 3.26
C5 5GP X . 43.75 1.05 3.48
C6 5GP X . 44.16 1.74 4.67
O6 5GP X . 44.26 1.27 5.81
N1 5GP X . 44.48 3.06 4.41
C2 5GP X . 44.42 3.68 3.20
N2 5GP X . 44.76 4.96 3.15
N3 5GP X . 44.04 3.06 2.07
C4 5GP X . 43.71 1.78 2.27
#